data_4HQJ
#
_entry.id   4HQJ
#
_cell.length_a   109.073
_cell.length_b   219.578
_cell.length_c   261.958
_cell.angle_alpha   90.00
_cell.angle_beta   90.00
_cell.angle_gamma   90.00
#
_symmetry.space_group_name_H-M   'P 21 21 21'
#
loop_
_entity.id
_entity.type
_entity.pdbx_description
1 polymer 'Sodium/potassium-transporting ATPase subunit alpha-1'
2 polymer 'Sodium/potassium-transporting ATPase subunit beta-1'
3 polymer 'Na+/K+ ATPase gamma subunit transcript variant a'
4 non-polymer "ADENOSINE-5'-DIPHOSPHATE"
5 non-polymer 'TETRAFLUOROALUMINATE ION'
6 non-polymer 'MAGNESIUM ION'
7 non-polymer 'SODIUM ION'
8 non-polymer CHOLESTEROL
#
loop_
_entity_poly.entity_id
_entity_poly.type
_entity_poly.pdbx_seq_one_letter_code
_entity_poly.pdbx_strand_id
1 'polypeptide(L)'
;MGKGVGRDKYEPAAVSEHGDKKKAKKERDMDELKKEVSMDDHKLSLDELHRKYGTDLSRGLTPARAAEILARDGPNALTP
PPTTPEWVKFCRQLFGGFSMLLWIGAILCFLAYGIQAATEEEPQNDNLYLGVVLSAVVIITGCFSYYQEAKSSKIMESFK
NMVPQQALVIRNGEKMSINAEEVVVGDLVEVKGGDRIPADLRIISANGCKVDNSSLTGESEPQTRSPDFTNENPLETRNI
AFFSTNCVEGTARGIVVYTGDRTVMGRIATLASGLEGGQTPIAAEIEHFIHIITGVAVFLGVSFFILSLILEYTWLEAVI
FLIGIIVANVPEGLLATVTVCLTLTAKRMARKNCLVKNLEAVETLGSTSTICSDKTGTLTQNRMTVAHMWSDNQIHEADT
TENQSGVSFDKTSATWLALSRIAGLCNRAVFQANQENLPILKRAVAGDASESALLKCIELCCGSVKEMRERYTKIVEIPF
NSTNKYQLSIHKNPNTAEPRHLLVMKGAPERILDRCSSILIHGKEQPLDEELKDAFQNAYLELGGLGERVLGFCHLFLPD
EQFPEGFQFDTDDVNFPLDNLCFVGLISMIDPPRAAVPDAVGKCRSAGIKVIMVTGDHPITAKAIAKGVGIISEGNETVE
DIAARLNIPVSQVNPRDAKACVVHGSDLKDMTSEQLDDILKYHTEIVFARTSPQQKLIIVEGCQRQGAIVAVTGDGVNDS
PASKKADIGVAMGIAGSDVSKQAADMILLDDNFASIVTGVEEGRLIFDNLKKSIAYTLTSNIPEITPFLIFIIANIPLPL
GTVTILCIDLGTDMVPAISLAYEQAESDIMKRQPRNPKTDKLVNEQLISMAYGQIGMIQALGGFFTYFVILAENGFLPIH
LLGLRVNWDDRWINDVEDSYGQQWTYEQRKIVEFTCHTPFFVTIVVVQWADLVICKTRRNSVFQQGMKNKILIFGLFEET
ALAAFLSYCPGMGVALRMYPLKPTWWFCAFPYSLLIFVYDEVRKLIIRRRPGGWVEKETYY
;
A,C
2 'polypeptide(L)'
;MARGKAKEEGSWKKFIWNSEKKEFLGRTGGSWFKILLFYVIFYGCLAGIFIGTIQVMLLTISEFKPTYQDRVAPPGLTQI
PQSQKTEISFRPNDPQSYESYVVSIVRFLEKYKDLAQKDDMIFEDCGNVPSELKERGEYNNERGERKVCRSRLEWLGNCS
GLNDETYGYKDGKPCVIIKLNRVLGFKPKPPKNESLETYPVMKYNPYVLPVHCTGKRDEDKEKVGTMEYFGLGGYPGFPL
QYYPYYGKLLQPKYLQPLMAVQFTNLTMDTEIRIECKAYGENIGYSEKDRFQGRFDVKIEVKS
;
B,D
3 'polypeptide(L)' MAGLSTDDGGSPKGDVDPFYYDYETVRNGGLIFAALAFIVGLIILLSKRLRCGGKKHRPINEDEL G,E
#
# COMPACT_ATOMS: atom_id res chain seq x y z
N VAL A 37 28.87 1.90 -26.84
CA VAL A 37 30.12 1.19 -26.66
C VAL A 37 30.39 0.20 -27.80
N SER A 38 29.31 -0.21 -28.50
CA SER A 38 29.40 -1.18 -29.61
C SER A 38 30.17 -0.66 -30.83
N MET A 39 31.01 -1.51 -31.41
CA MET A 39 31.71 -1.15 -32.64
C MET A 39 31.31 -2.07 -33.79
N ASP A 40 31.61 -1.68 -35.03
CA ASP A 40 31.19 -2.47 -36.19
C ASP A 40 31.95 -2.16 -37.48
N ASP A 41 31.82 -3.06 -38.46
CA ASP A 41 32.45 -2.92 -39.77
C ASP A 41 31.41 -3.11 -40.88
N HIS A 42 30.16 -2.75 -40.59
CA HIS A 42 29.04 -2.90 -41.52
C HIS A 42 29.15 -1.91 -42.66
N LYS A 43 29.84 -0.81 -42.41
CA LYS A 43 30.06 0.20 -43.43
C LYS A 43 30.88 -0.37 -44.57
N LEU A 44 31.64 -1.42 -44.27
CA LEU A 44 32.59 -2.01 -45.22
C LEU A 44 31.89 -2.73 -46.39
N SER A 45 32.32 -2.42 -47.62
CA SER A 45 31.72 -2.99 -48.82
C SER A 45 31.89 -4.51 -48.89
N LEU A 46 31.08 -5.16 -49.73
CA LEU A 46 31.08 -6.62 -49.82
C LEU A 46 32.38 -7.19 -50.38
N ASP A 47 33.09 -6.35 -51.12
CA ASP A 47 34.40 -6.73 -51.61
C ASP A 47 35.46 -6.46 -50.53
N GLU A 48 35.21 -5.45 -49.70
CA GLU A 48 36.06 -5.16 -48.55
C GLU A 48 35.75 -6.18 -47.45
N LEU A 49 34.51 -6.64 -47.46
CA LEU A 49 34.06 -7.73 -46.60
C LEU A 49 34.73 -9.02 -47.05
N HIS A 50 34.87 -9.15 -48.37
CA HIS A 50 35.58 -10.26 -48.99
C HIS A 50 37.03 -10.31 -48.54
N ARG A 51 37.76 -9.21 -48.73
CA ARG A 51 39.16 -9.13 -48.31
C ARG A 51 39.34 -9.31 -46.81
N LYS A 52 38.43 -8.74 -46.01
CA LYS A 52 38.56 -8.79 -44.56
C LYS A 52 38.29 -10.18 -44.01
N TYR A 53 37.22 -10.81 -44.50
CA TYR A 53 36.79 -12.09 -43.97
C TYR A 53 37.15 -13.25 -44.89
N GLY A 54 37.96 -12.95 -45.90
CA GLY A 54 38.58 -13.95 -46.76
C GLY A 54 37.70 -15.10 -47.21
N THR A 55 36.40 -14.83 -47.21
CA THR A 55 35.41 -15.86 -47.51
C THR A 55 34.97 -15.74 -48.97
N ASP A 56 33.71 -16.05 -49.25
CA ASP A 56 33.21 -15.99 -50.61
C ASP A 56 31.77 -15.49 -50.61
N LEU A 57 31.42 -14.72 -51.63
CA LEU A 57 30.07 -14.18 -51.76
C LEU A 57 29.02 -15.31 -51.83
N SER A 58 29.35 -16.40 -52.52
CA SER A 58 28.38 -17.47 -52.73
C SER A 58 28.97 -18.88 -52.61
N ARG A 59 30.27 -19.01 -52.86
CA ARG A 59 30.92 -20.31 -52.76
C ARG A 59 31.14 -20.69 -51.29
N GLY A 60 30.91 -19.75 -50.38
CA GLY A 60 31.04 -20.01 -48.96
C GLY A 60 32.48 -20.15 -48.49
N LEU A 61 32.71 -21.01 -47.52
CA LEU A 61 34.05 -21.12 -46.93
C LEU A 61 34.65 -22.52 -47.05
N THR A 62 35.97 -22.63 -46.89
CA THR A 62 36.65 -23.92 -46.92
C THR A 62 36.34 -24.72 -45.66
N PRO A 63 36.03 -26.01 -45.81
CA PRO A 63 35.86 -26.91 -44.66
C PRO A 63 37.12 -26.92 -43.79
N ALA A 64 38.29 -27.09 -44.40
CA ALA A 64 39.56 -27.05 -43.69
C ALA A 64 39.70 -25.77 -42.86
N ARG A 65 39.33 -24.65 -43.48
CA ARG A 65 39.38 -23.33 -42.85
C ARG A 65 38.37 -23.18 -41.72
N ALA A 66 37.18 -23.73 -41.93
CA ALA A 66 36.12 -23.73 -40.92
C ALA A 66 36.54 -24.50 -39.67
N ALA A 67 37.23 -25.62 -39.87
CA ALA A 67 37.77 -26.38 -38.73
C ALA A 67 38.93 -25.63 -38.07
N GLU A 68 39.69 -24.89 -38.86
CA GLU A 68 40.77 -24.09 -38.30
C GLU A 68 40.24 -22.96 -37.41
N ILE A 69 39.21 -22.28 -37.86
CA ILE A 69 38.57 -21.22 -37.10
C ILE A 69 37.81 -21.79 -35.90
N LEU A 70 37.22 -22.97 -36.07
CA LEU A 70 36.55 -23.62 -34.96
C LEU A 70 37.57 -23.92 -33.88
N ALA A 71 38.75 -24.36 -34.30
CA ALA A 71 39.83 -24.65 -33.36
C ALA A 71 40.44 -23.37 -32.79
N ARG A 72 40.21 -22.25 -33.47
CA ARG A 72 40.77 -20.96 -33.02
C ARG A 72 39.88 -20.21 -32.02
N ASP A 73 38.61 -20.06 -32.36
CA ASP A 73 37.66 -19.27 -31.56
C ASP A 73 36.83 -20.13 -30.61
N GLY A 74 36.70 -21.40 -30.92
CA GLY A 74 35.89 -22.29 -30.10
C GLY A 74 34.42 -22.10 -30.37
N PRO A 75 33.59 -23.05 -29.89
CA PRO A 75 32.15 -23.12 -30.18
C PRO A 75 31.48 -21.77 -30.03
N ASN A 76 30.49 -21.50 -30.89
CA ASN A 76 29.81 -20.21 -30.83
C ASN A 76 28.56 -20.23 -29.96
N ALA A 77 28.72 -20.68 -28.73
CA ALA A 77 27.70 -20.51 -27.71
C ALA A 77 28.28 -19.61 -26.63
N LEU A 78 27.45 -18.76 -26.03
CA LEU A 78 27.93 -17.85 -25.01
C LEU A 78 28.41 -18.64 -23.80
N THR A 79 29.63 -18.38 -23.36
CA THR A 79 30.15 -18.98 -22.12
C THR A 79 29.19 -18.67 -20.97
N PRO A 80 28.58 -19.71 -20.37
CA PRO A 80 27.50 -19.57 -19.39
C PRO A 80 27.96 -18.82 -18.15
N PRO A 81 27.04 -18.30 -17.30
CA PRO A 81 27.36 -17.69 -16.00
C PRO A 81 28.16 -18.62 -15.07
N PRO A 82 28.26 -18.31 -13.76
CA PRO A 82 28.88 -19.36 -12.94
C PRO A 82 28.03 -20.63 -12.92
N THR A 83 27.20 -20.76 -11.91
CA THR A 83 26.06 -21.66 -11.97
C THR A 83 24.70 -20.99 -11.63
N THR A 84 24.58 -19.67 -11.47
CA THR A 84 25.39 -18.83 -10.58
C THR A 84 25.36 -19.37 -9.12
N PRO A 85 24.24 -19.22 -8.37
CA PRO A 85 24.44 -19.60 -6.96
C PRO A 85 24.53 -21.09 -6.69
N GLU A 86 25.64 -21.60 -6.14
CA GLU A 86 25.68 -23.03 -5.81
C GLU A 86 24.78 -23.45 -4.66
N TRP A 87 25.13 -24.58 -4.05
CA TRP A 87 24.34 -25.28 -3.02
C TRP A 87 24.05 -24.42 -1.78
N VAL A 88 24.78 -23.33 -1.63
CA VAL A 88 24.50 -22.38 -0.58
C VAL A 88 23.12 -21.76 -0.79
N LYS A 89 22.61 -21.82 -2.03
CA LYS A 89 21.25 -21.36 -2.32
C LYS A 89 20.24 -22.11 -1.44
N PHE A 90 20.56 -23.36 -1.12
CA PHE A 90 19.66 -24.18 -0.32
C PHE A 90 19.40 -23.49 1.02
N CYS A 91 20.42 -22.78 1.50
CA CYS A 91 20.30 -22.02 2.75
C CYS A 91 19.10 -21.08 2.74
N ARG A 92 18.90 -20.37 1.64
CA ARG A 92 17.80 -19.43 1.55
C ARG A 92 16.50 -20.19 1.68
N GLN A 93 16.46 -21.33 1.00
CA GLN A 93 15.29 -22.17 1.03
C GLN A 93 15.12 -22.73 2.43
N LEU A 94 16.25 -22.94 3.11
CA LEU A 94 16.23 -23.39 4.49
C LEU A 94 15.71 -22.27 5.39
N PHE A 95 15.98 -21.03 4.98
CA PHE A 95 15.55 -19.87 5.75
C PHE A 95 14.09 -19.55 5.46
N GLY A 96 13.75 -19.49 4.18
CA GLY A 96 12.45 -19.02 3.72
C GLY A 96 11.24 -19.69 4.33
N GLY A 97 10.08 -19.05 4.18
CA GLY A 97 8.82 -19.63 4.58
C GLY A 97 8.53 -20.88 3.75
N PHE A 98 7.55 -21.70 4.15
CA PHE A 98 6.68 -21.43 5.28
C PHE A 98 7.43 -21.67 6.58
N SER A 99 8.60 -22.28 6.45
CA SER A 99 9.49 -22.58 7.57
C SER A 99 9.96 -21.32 8.29
N MET A 100 9.76 -20.16 7.67
CA MET A 100 10.13 -18.90 8.30
C MET A 100 9.40 -18.75 9.62
N LEU A 101 8.11 -19.05 9.61
CA LEU A 101 7.31 -18.96 10.83
C LEU A 101 7.77 -19.99 11.84
N LEU A 102 8.25 -21.13 11.36
CA LEU A 102 8.81 -22.15 12.23
C LEU A 102 10.09 -21.63 12.89
N TRP A 103 10.82 -20.79 12.16
CA TRP A 103 12.07 -20.23 12.64
C TRP A 103 11.82 -19.14 13.68
N ILE A 104 10.84 -18.30 13.41
CA ILE A 104 10.42 -17.26 14.35
C ILE A 104 9.89 -17.90 15.64
N GLY A 105 9.11 -18.96 15.48
CA GLY A 105 8.58 -19.69 16.62
C GLY A 105 9.67 -20.35 17.43
N ALA A 106 10.63 -20.98 16.74
CA ALA A 106 11.74 -21.65 17.42
C ALA A 106 12.63 -20.67 18.19
N ILE A 107 13.07 -19.60 17.54
CA ILE A 107 13.88 -18.62 18.23
C ILE A 107 13.10 -17.98 19.38
N LEU A 108 11.79 -17.84 19.21
CA LEU A 108 10.95 -17.36 20.31
C LEU A 108 10.89 -18.37 21.45
N CYS A 109 11.03 -19.65 21.14
CA CYS A 109 11.07 -20.69 22.15
C CYS A 109 12.37 -20.65 22.94
N PHE A 110 13.49 -20.58 22.24
CA PHE A 110 14.78 -20.49 22.92
C PHE A 110 14.85 -19.22 23.76
N LEU A 111 14.31 -18.13 23.22
CA LEU A 111 14.19 -16.88 23.96
C LEU A 111 13.37 -17.10 25.24
N ALA A 112 12.25 -17.81 25.09
CA ALA A 112 11.36 -18.07 26.22
C ALA A 112 12.07 -18.87 27.32
N TYR A 113 12.87 -19.84 26.90
CA TYR A 113 13.60 -20.70 27.82
C TYR A 113 14.69 -19.94 28.55
N GLY A 114 15.37 -19.04 27.84
CA GLY A 114 16.34 -18.15 28.48
C GLY A 114 15.68 -17.27 29.54
N ILE A 115 14.55 -16.68 29.17
CA ILE A 115 13.79 -15.85 30.10
C ILE A 115 13.30 -16.66 31.31
N GLN A 116 13.01 -17.94 31.10
CA GLN A 116 12.57 -18.84 32.18
C GLN A 116 13.72 -19.27 33.10
N ALA A 117 14.91 -19.36 32.54
CA ALA A 117 16.10 -19.66 33.34
C ALA A 117 16.44 -18.46 34.21
N ALA A 118 16.34 -17.27 33.63
CA ALA A 118 16.61 -16.03 34.37
C ALA A 118 15.61 -15.78 35.51
N THR A 119 14.34 -15.64 35.17
CA THR A 119 13.29 -15.44 36.17
C THR A 119 12.92 -16.74 36.85
N GLU A 120 12.84 -16.69 38.18
CA GLU A 120 12.45 -17.86 38.98
C GLU A 120 13.44 -19.02 38.78
N GLU A 121 13.18 -20.14 39.45
CA GLU A 121 13.95 -21.36 39.25
C GLU A 121 13.08 -22.39 38.54
N GLU A 122 13.48 -22.78 37.33
CA GLU A 122 12.63 -23.65 36.54
C GLU A 122 13.33 -24.92 36.05
N PRO A 123 13.08 -26.05 36.74
CA PRO A 123 13.62 -27.35 36.32
C PRO A 123 13.03 -27.85 34.99
N GLN A 124 11.84 -27.38 34.62
CA GLN A 124 11.16 -27.87 33.42
C GLN A 124 11.90 -27.57 32.13
N ASN A 125 11.88 -28.53 31.22
CA ASN A 125 12.49 -28.35 29.91
C ASN A 125 11.64 -27.45 29.02
N ASP A 126 10.33 -27.63 29.10
CA ASP A 126 9.35 -26.71 28.49
C ASP A 126 9.54 -26.50 27.00
N ASN A 127 9.88 -25.27 26.62
CA ASN A 127 10.28 -24.94 25.26
C ASN A 127 11.53 -25.72 24.94
N LEU A 128 12.67 -25.02 24.87
CA LEU A 128 13.99 -25.63 24.62
C LEU A 128 13.94 -26.82 23.68
N TYR A 129 13.42 -27.92 24.19
CA TYR A 129 13.09 -29.11 23.40
C TYR A 129 12.26 -28.73 22.19
N LEU A 130 11.24 -27.91 22.43
CA LEU A 130 10.33 -27.46 21.39
C LEU A 130 11.08 -26.77 20.24
N GLY A 131 11.90 -25.77 20.58
CA GLY A 131 12.66 -25.04 19.59
C GLY A 131 13.61 -25.94 18.81
N VAL A 132 14.16 -26.93 19.51
CA VAL A 132 14.99 -27.95 18.89
C VAL A 132 14.19 -28.68 17.83
N VAL A 133 13.04 -29.21 18.22
CA VAL A 133 12.19 -29.97 17.30
C VAL A 133 11.79 -29.12 16.10
N LEU A 134 11.44 -27.87 16.33
CA LEU A 134 11.07 -26.96 15.24
C LEU A 134 12.21 -26.76 14.27
N SER A 135 13.39 -26.47 14.81
CA SER A 135 14.58 -26.27 13.98
C SER A 135 14.90 -27.51 13.15
N ALA A 136 14.77 -28.68 13.78
CA ALA A 136 14.99 -29.95 13.11
C ALA A 136 13.99 -30.15 11.97
N VAL A 137 12.74 -29.78 12.23
CA VAL A 137 11.69 -29.82 11.21
C VAL A 137 12.08 -28.96 10.01
N VAL A 138 12.52 -27.74 10.29
CA VAL A 138 12.95 -26.85 9.22
C VAL A 138 14.09 -27.44 8.42
N ILE A 139 15.11 -27.95 9.11
CA ILE A 139 16.24 -28.58 8.44
C ILE A 139 15.82 -29.76 7.55
N ILE A 140 14.99 -30.64 8.10
CA ILE A 140 14.50 -31.79 7.34
C ILE A 140 13.74 -31.33 6.09
N THR A 141 12.85 -30.36 6.30
CA THR A 141 12.12 -29.74 5.20
C THR A 141 13.08 -29.28 4.12
N GLY A 142 14.15 -28.63 4.54
CA GLY A 142 15.15 -28.10 3.63
C GLY A 142 15.81 -29.20 2.84
N CYS A 143 16.12 -30.30 3.52
CA CYS A 143 16.69 -31.44 2.83
C CYS A 143 15.73 -31.93 1.74
N PHE A 144 14.44 -32.05 2.08
CA PHE A 144 13.43 -32.45 1.10
C PHE A 144 13.46 -31.53 -0.12
N SER A 145 13.16 -30.26 0.13
CA SER A 145 13.07 -29.28 -0.95
C SER A 145 14.34 -29.23 -1.79
N TYR A 146 15.49 -29.44 -1.15
CA TYR A 146 16.74 -29.40 -1.89
C TYR A 146 16.91 -30.65 -2.74
N TYR A 147 16.46 -31.79 -2.25
CA TYR A 147 16.54 -33.04 -2.99
C TYR A 147 15.69 -32.96 -4.26
N GLN A 148 14.44 -32.52 -4.09
CA GLN A 148 13.53 -32.41 -5.23
C GLN A 148 13.98 -31.29 -6.20
N GLU A 149 14.64 -30.28 -5.64
CA GLU A 149 15.26 -29.23 -6.45
C GLU A 149 16.40 -29.82 -7.28
N ALA A 150 17.14 -30.75 -6.69
CA ALA A 150 18.25 -31.42 -7.37
C ALA A 150 17.75 -32.24 -8.56
N LYS A 151 16.81 -33.14 -8.30
CA LYS A 151 16.23 -33.95 -9.39
C LYS A 151 15.66 -33.05 -10.51
N SER A 152 14.83 -32.10 -10.13
CA SER A 152 14.21 -31.20 -11.11
C SER A 152 15.23 -30.42 -11.96
N SER A 153 16.28 -29.89 -11.32
CA SER A 153 17.32 -29.16 -12.04
C SER A 153 18.20 -30.06 -12.93
N LYS A 154 18.41 -31.31 -12.52
CA LYS A 154 19.13 -32.28 -13.35
C LYS A 154 18.35 -32.57 -14.62
N ILE A 155 17.04 -32.79 -14.46
CA ILE A 155 16.17 -32.99 -15.61
C ILE A 155 16.16 -31.77 -16.54
N MET A 156 15.91 -30.60 -15.98
CA MET A 156 15.83 -29.36 -16.75
C MET A 156 17.15 -28.98 -17.43
N GLU A 157 18.26 -29.44 -16.86
CA GLU A 157 19.56 -29.26 -17.50
C GLU A 157 19.77 -30.24 -18.65
N SER A 158 19.34 -31.49 -18.48
CA SER A 158 19.42 -32.48 -19.55
C SER A 158 18.58 -32.07 -20.77
N PHE A 159 17.44 -31.44 -20.49
CA PHE A 159 16.54 -30.97 -21.55
C PHE A 159 17.15 -29.88 -22.45
N LYS A 160 18.11 -29.11 -21.94
CA LYS A 160 18.73 -28.05 -22.74
C LYS A 160 19.68 -28.62 -23.81
N ASN A 161 20.29 -29.76 -23.49
CA ASN A 161 21.25 -30.42 -24.38
C ASN A 161 20.66 -31.56 -25.21
N MET A 162 19.44 -31.98 -24.87
CA MET A 162 18.74 -33.00 -25.66
C MET A 162 18.58 -32.66 -27.15
N VAL A 163 18.36 -31.39 -27.44
CA VAL A 163 18.13 -30.94 -28.82
C VAL A 163 18.91 -29.65 -29.18
N PRO A 164 20.04 -29.81 -29.87
CA PRO A 164 20.89 -28.67 -30.26
C PRO A 164 20.35 -27.95 -31.49
N GLN A 165 20.51 -26.63 -31.54
CA GLN A 165 20.02 -25.85 -32.69
C GLN A 165 20.95 -26.02 -33.85
N GLN A 166 20.51 -25.64 -35.03
CA GLN A 166 21.35 -25.81 -36.20
C GLN A 166 21.29 -24.66 -37.18
N ALA A 167 22.40 -24.49 -37.90
CA ALA A 167 22.59 -23.40 -38.83
C ALA A 167 22.92 -23.92 -40.22
N LEU A 168 22.42 -23.21 -41.24
CA LEU A 168 22.59 -23.62 -42.62
C LEU A 168 23.72 -22.83 -43.27
N VAL A 169 24.94 -23.35 -43.15
CA VAL A 169 26.11 -22.66 -43.67
C VAL A 169 26.41 -23.04 -45.12
N ILE A 170 27.25 -22.25 -45.76
CA ILE A 170 27.62 -22.52 -47.14
C ILE A 170 29.12 -22.71 -47.23
N ARG A 171 29.52 -23.87 -47.72
CA ARG A 171 30.92 -24.25 -47.79
C ARG A 171 31.12 -25.14 -49.02
N ASN A 172 32.26 -24.98 -49.69
CA ASN A 172 32.53 -25.67 -50.95
C ASN A 172 31.46 -25.46 -52.02
N GLY A 173 30.76 -24.33 -51.94
CA GLY A 173 29.72 -23.99 -52.88
C GLY A 173 28.39 -24.65 -52.57
N GLU A 174 28.38 -25.49 -51.54
CA GLU A 174 27.21 -26.29 -51.18
C GLU A 174 26.76 -26.01 -49.75
N LYS A 175 25.48 -26.24 -49.49
CA LYS A 175 24.92 -25.95 -48.18
C LYS A 175 24.97 -27.15 -47.22
N MET A 176 25.18 -26.82 -45.95
CA MET A 176 25.34 -27.77 -44.87
C MET A 176 24.45 -27.35 -43.73
N SER A 177 23.67 -28.27 -43.18
CA SER A 177 22.94 -27.96 -41.96
C SER A 177 23.73 -28.44 -40.76
N ILE A 178 24.69 -27.63 -40.33
CA ILE A 178 25.59 -28.02 -39.25
C ILE A 178 25.06 -27.58 -37.90
N ASN A 179 25.69 -28.05 -36.83
CA ASN A 179 25.35 -27.64 -35.48
C ASN A 179 25.54 -26.14 -35.28
N ALA A 180 24.67 -25.54 -34.48
CA ALA A 180 24.72 -24.11 -34.24
C ALA A 180 26.00 -23.69 -33.52
N GLU A 181 26.66 -24.63 -32.86
CA GLU A 181 27.86 -24.30 -32.11
C GLU A 181 29.10 -24.39 -32.98
N GLU A 182 28.92 -24.85 -34.22
CA GLU A 182 30.07 -25.10 -35.08
C GLU A 182 30.25 -24.05 -36.18
N VAL A 183 29.33 -23.09 -36.23
CA VAL A 183 29.46 -21.95 -37.15
C VAL A 183 30.69 -21.15 -36.78
N VAL A 184 31.49 -20.78 -37.77
CA VAL A 184 32.69 -20.02 -37.46
C VAL A 184 32.51 -18.55 -37.84
N VAL A 185 33.44 -17.70 -37.39
CA VAL A 185 33.43 -16.30 -37.80
C VAL A 185 33.69 -16.21 -39.30
N GLY A 186 32.81 -15.54 -40.03
CA GLY A 186 33.11 -15.22 -41.41
C GLY A 186 32.70 -16.21 -42.48
N ASP A 187 32.06 -17.31 -42.11
CA ASP A 187 31.49 -18.20 -43.13
C ASP A 187 30.09 -17.74 -43.51
N LEU A 188 29.66 -18.12 -44.70
CA LEU A 188 28.36 -17.70 -45.19
C LEU A 188 27.28 -18.46 -44.45
N VAL A 189 26.18 -17.80 -44.14
CA VAL A 189 25.10 -18.41 -43.38
C VAL A 189 23.75 -17.98 -43.94
N GLU A 190 22.90 -18.95 -44.25
CA GLU A 190 21.56 -18.65 -44.73
C GLU A 190 20.56 -18.77 -43.59
N VAL A 191 19.50 -17.98 -43.67
CA VAL A 191 18.54 -17.90 -42.59
C VAL A 191 17.14 -17.62 -43.08
N LYS A 192 16.47 -18.63 -43.61
CA LYS A 192 15.08 -18.49 -44.02
C LYS A 192 14.20 -18.09 -42.83
N GLY A 193 12.98 -17.64 -43.10
CA GLY A 193 12.04 -17.29 -42.05
C GLY A 193 11.70 -18.44 -41.13
N GLY A 194 11.54 -18.14 -39.85
CA GLY A 194 11.21 -19.15 -38.86
C GLY A 194 12.42 -19.67 -38.10
N ASP A 195 13.61 -19.18 -38.46
CA ASP A 195 14.85 -19.65 -37.85
C ASP A 195 15.51 -18.62 -36.94
N ARG A 196 16.20 -19.11 -35.92
CA ARG A 196 17.03 -18.24 -35.09
C ARG A 196 18.34 -17.94 -35.80
N ILE A 197 18.77 -16.70 -35.71
CA ILE A 197 20.00 -16.24 -36.34
C ILE A 197 21.22 -16.71 -35.54
N PRO A 198 21.91 -17.73 -36.05
CA PRO A 198 22.95 -18.52 -35.36
C PRO A 198 24.19 -17.73 -34.93
N ALA A 199 24.33 -16.50 -35.40
CA ALA A 199 25.46 -15.66 -35.03
C ALA A 199 25.24 -14.28 -35.64
N ASP A 200 26.16 -13.35 -35.42
CA ASP A 200 25.99 -12.01 -35.97
C ASP A 200 26.53 -11.94 -37.40
N LEU A 201 25.62 -11.64 -38.32
CA LEU A 201 25.87 -11.71 -39.75
C LEU A 201 25.78 -10.35 -40.42
N ARG A 202 26.50 -10.21 -41.53
CA ARG A 202 26.44 -9.01 -42.31
C ARG A 202 25.73 -9.39 -43.60
N ILE A 203 24.47 -9.01 -43.72
CA ILE A 203 23.66 -9.42 -44.87
C ILE A 203 24.25 -8.96 -46.21
N ILE A 204 24.64 -9.93 -47.02
CA ILE A 204 25.13 -9.64 -48.37
C ILE A 204 24.05 -9.95 -49.41
N SER A 205 23.01 -10.66 -48.99
CA SER A 205 21.94 -11.05 -49.91
C SER A 205 20.68 -11.47 -49.17
N ALA A 206 19.55 -10.88 -49.55
CA ALA A 206 18.29 -11.15 -48.88
C ALA A 206 17.10 -10.73 -49.73
N ASN A 207 16.01 -11.49 -49.59
CA ASN A 207 14.75 -11.18 -50.27
C ASN A 207 13.58 -11.21 -49.32
N GLY A 208 12.89 -10.07 -49.21
CA GLY A 208 11.72 -9.95 -48.36
C GLY A 208 11.98 -10.36 -46.92
N CYS A 209 13.24 -10.31 -46.50
CA CYS A 209 13.62 -10.79 -45.19
C CYS A 209 13.27 -9.81 -44.07
N LYS A 210 12.15 -10.06 -43.41
CA LYS A 210 11.83 -9.34 -42.19
C LYS A 210 12.20 -10.22 -41.00
N VAL A 211 13.21 -9.78 -40.24
CA VAL A 211 13.64 -10.50 -39.05
C VAL A 211 12.93 -9.91 -37.85
N ASP A 212 12.85 -10.67 -36.77
CA ASP A 212 12.37 -10.11 -35.50
C ASP A 212 13.54 -9.84 -34.58
N ASN A 213 13.74 -8.58 -34.22
CA ASN A 213 14.78 -8.22 -33.28
C ASN A 213 14.41 -8.69 -31.88
N SER A 214 13.13 -8.57 -31.54
CA SER A 214 12.63 -8.96 -30.23
C SER A 214 13.43 -8.31 -29.10
N SER A 215 14.36 -9.08 -28.54
CA SER A 215 15.04 -8.72 -27.31
C SER A 215 16.01 -7.55 -27.45
N LEU A 216 16.63 -7.41 -28.61
CA LEU A 216 17.59 -6.34 -28.83
C LEU A 216 16.90 -4.98 -28.91
N THR A 217 15.67 -4.96 -29.44
CA THR A 217 14.93 -3.70 -29.55
C THR A 217 13.84 -3.61 -28.52
N GLY A 218 13.40 -4.75 -28.01
CA GLY A 218 12.28 -4.78 -27.09
C GLY A 218 10.98 -4.66 -27.88
N GLU A 219 11.13 -4.61 -29.20
CA GLU A 219 9.99 -4.44 -30.09
C GLU A 219 9.55 -5.75 -30.75
N SER A 220 8.24 -6.00 -30.68
CA SER A 220 7.62 -7.18 -31.27
C SER A 220 7.54 -7.01 -32.79
N GLU A 221 7.56 -5.77 -33.24
CA GLU A 221 7.45 -5.48 -34.67
C GLU A 221 8.68 -5.96 -35.43
N PRO A 222 8.46 -6.66 -36.54
CA PRO A 222 9.56 -7.18 -37.35
C PRO A 222 10.29 -6.01 -37.98
N GLN A 223 11.57 -6.21 -38.30
CA GLN A 223 12.33 -5.19 -38.98
C GLN A 223 12.93 -5.76 -40.24
N THR A 224 12.77 -5.05 -41.35
CA THR A 224 13.25 -5.50 -42.64
C THR A 224 14.77 -5.64 -42.64
N ARG A 225 15.28 -6.39 -43.59
CA ARG A 225 16.70 -6.68 -43.65
C ARG A 225 17.22 -6.75 -45.07
N SER A 226 18.04 -5.77 -45.43
CA SER A 226 18.62 -5.68 -46.76
C SER A 226 20.13 -5.57 -46.66
N PRO A 227 20.84 -5.89 -47.76
CA PRO A 227 22.30 -5.71 -47.79
C PRO A 227 22.78 -4.27 -47.60
N ASP A 228 21.97 -3.27 -47.95
CA ASP A 228 22.37 -1.88 -47.80
C ASP A 228 22.37 -1.46 -46.34
N PHE A 229 23.38 -0.70 -45.92
CA PHE A 229 23.39 -0.17 -44.57
C PHE A 229 22.53 1.11 -44.54
N THR A 230 21.91 1.38 -43.40
CA THR A 230 21.02 2.54 -43.27
C THR A 230 21.44 3.51 -42.17
N ASN A 231 22.03 2.98 -41.10
CA ASN A 231 22.50 3.82 -39.99
C ASN A 231 23.93 3.53 -39.61
N GLU A 232 24.62 4.55 -39.07
CA GLU A 232 25.94 4.33 -38.51
C GLU A 232 25.84 3.36 -37.35
N ASN A 233 24.72 3.44 -36.64
CA ASN A 233 24.45 2.56 -35.53
C ASN A 233 24.15 1.13 -35.98
N PRO A 234 24.98 0.17 -35.52
CA PRO A 234 24.87 -1.23 -35.92
C PRO A 234 23.52 -1.84 -35.52
N LEU A 235 22.91 -1.31 -34.46
CA LEU A 235 21.67 -1.88 -33.93
C LEU A 235 20.47 -1.55 -34.82
N GLU A 236 20.55 -0.43 -35.52
CA GLU A 236 19.41 0.07 -36.29
C GLU A 236 19.54 -0.17 -37.79
N THR A 237 20.76 -0.46 -38.24
CA THR A 237 20.99 -0.73 -39.65
C THR A 237 20.37 -2.06 -40.08
N ARG A 238 20.14 -2.22 -41.39
CA ARG A 238 19.43 -3.39 -41.93
C ARG A 238 20.36 -4.46 -42.51
N ASN A 239 21.67 -4.20 -42.50
CA ASN A 239 22.63 -5.16 -43.05
C ASN A 239 23.25 -6.07 -41.98
N ILE A 240 22.75 -5.94 -40.76
CA ILE A 240 23.34 -6.61 -39.61
C ILE A 240 22.32 -7.45 -38.84
N ALA A 241 22.42 -8.77 -39.00
CA ALA A 241 21.65 -9.69 -38.17
C ALA A 241 22.45 -10.00 -36.91
N PHE A 242 21.77 -10.30 -35.81
CA PHE A 242 22.46 -10.59 -34.55
C PHE A 242 21.92 -11.80 -33.84
N PHE A 243 22.71 -12.29 -32.87
CA PHE A 243 22.38 -13.49 -32.14
C PHE A 243 21.03 -13.34 -31.45
N SER A 244 20.41 -14.47 -31.13
CA SER A 244 19.21 -14.52 -30.31
C SER A 244 18.03 -13.70 -30.86
N THR A 245 18.04 -13.49 -32.17
CA THR A 245 16.87 -12.94 -32.83
C THR A 245 16.48 -13.95 -33.91
N ASN A 246 15.26 -13.84 -34.42
CA ASN A 246 14.82 -14.80 -35.42
C ASN A 246 14.10 -14.18 -36.61
N CYS A 247 14.34 -14.75 -37.77
CA CYS A 247 13.74 -14.27 -38.99
C CYS A 247 12.28 -14.65 -39.09
N VAL A 248 11.38 -13.67 -38.93
CA VAL A 248 9.95 -13.92 -39.06
C VAL A 248 9.56 -14.38 -40.46
N GLU A 249 9.98 -13.65 -41.49
CA GLU A 249 9.60 -14.02 -42.86
C GLU A 249 10.65 -13.64 -43.90
N GLY A 250 10.47 -14.15 -45.12
CA GLY A 250 11.42 -13.90 -46.18
C GLY A 250 12.69 -14.69 -45.98
N THR A 251 13.69 -14.44 -46.83
CA THR A 251 14.96 -15.15 -46.75
C THR A 251 16.15 -14.19 -46.73
N ALA A 252 17.27 -14.68 -46.23
CA ALA A 252 18.49 -13.89 -46.20
C ALA A 252 19.71 -14.78 -46.14
N ARG A 253 20.86 -14.18 -46.44
CA ARG A 253 22.13 -14.87 -46.36
C ARG A 253 23.20 -13.84 -46.04
N GLY A 254 24.08 -14.16 -45.10
CA GLY A 254 25.08 -13.22 -44.65
C GLY A 254 26.34 -13.86 -44.10
N ILE A 255 27.43 -13.10 -44.11
CA ILE A 255 28.69 -13.57 -43.59
C ILE A 255 28.75 -13.28 -42.10
N VAL A 256 29.23 -14.25 -41.33
CA VAL A 256 29.28 -14.13 -39.87
C VAL A 256 30.37 -13.17 -39.40
N VAL A 257 29.98 -11.96 -39.06
CA VAL A 257 30.94 -10.97 -38.55
C VAL A 257 31.31 -11.25 -37.09
N TYR A 258 30.34 -11.72 -36.31
CA TYR A 258 30.62 -12.01 -34.91
C TYR A 258 30.18 -13.41 -34.46
N THR A 259 31.13 -14.20 -33.97
CA THR A 259 30.81 -15.52 -33.43
C THR A 259 31.04 -15.63 -31.93
N GLY A 260 30.20 -16.43 -31.29
CA GLY A 260 30.38 -16.79 -29.90
C GLY A 260 30.16 -15.66 -28.91
N ASP A 261 31.06 -15.60 -27.95
CA ASP A 261 30.93 -14.71 -26.80
C ASP A 261 30.80 -13.24 -27.22
N ARG A 262 31.68 -12.81 -28.11
CA ARG A 262 31.78 -11.41 -28.47
C ARG A 262 30.82 -11.00 -29.60
N THR A 263 29.52 -11.21 -29.37
CA THR A 263 28.53 -10.72 -30.33
C THR A 263 27.83 -9.49 -29.77
N VAL A 264 27.18 -8.74 -30.65
CA VAL A 264 26.64 -7.45 -30.28
C VAL A 264 25.53 -7.69 -29.26
N MET A 265 24.76 -8.74 -29.50
CA MET A 265 23.72 -9.13 -28.58
C MET A 265 24.31 -9.90 -27.41
N GLY A 266 25.52 -10.40 -27.59
CA GLY A 266 26.14 -11.30 -26.64
C GLY A 266 26.46 -10.72 -25.28
N ARG A 267 26.20 -9.42 -25.11
CA ARG A 267 26.48 -8.78 -23.84
C ARG A 267 25.28 -8.86 -22.90
N ILE A 268 24.07 -8.70 -23.42
CA ILE A 268 22.88 -8.70 -22.57
C ILE A 268 22.34 -10.08 -22.18
N ALA A 269 22.77 -11.12 -22.91
CA ALA A 269 22.27 -12.48 -22.66
C ALA A 269 22.78 -13.08 -21.34
N THR A 270 23.84 -12.48 -20.79
CA THR A 270 24.39 -12.87 -19.49
C THR A 270 24.62 -11.70 -18.51
N LEU A 271 25.00 -10.53 -19.05
CA LEU A 271 25.30 -9.37 -18.21
C LEU A 271 24.08 -8.78 -17.49
N ALA A 272 22.87 -9.09 -17.97
CA ALA A 272 21.65 -8.55 -17.36
C ALA A 272 20.45 -9.51 -17.38
N SER A 273 20.50 -10.49 -18.27
CA SER A 273 19.36 -11.40 -18.48
C SER A 273 19.02 -12.28 -17.28
N GLY A 274 17.83 -12.89 -17.33
CA GLY A 274 17.33 -13.74 -16.27
C GLY A 274 15.92 -14.21 -16.55
N LEU A 275 15.31 -14.88 -15.58
CA LEU A 275 13.94 -15.37 -15.71
C LEU A 275 12.93 -14.23 -15.49
N GLU A 276 11.96 -14.12 -16.41
CA GLU A 276 11.09 -12.95 -16.46
C GLU A 276 9.58 -13.23 -16.28
N GLY A 277 9.21 -13.80 -15.13
CA GLY A 277 7.81 -13.97 -14.74
C GLY A 277 6.95 -14.88 -15.61
N GLY A 278 5.64 -14.85 -15.40
CA GLY A 278 5.06 -14.01 -14.36
C GLY A 278 4.19 -14.80 -13.40
N GLN A 279 3.02 -15.21 -13.88
CA GLN A 279 2.09 -15.95 -13.05
C GLN A 279 1.77 -17.30 -13.68
N THR A 280 1.43 -18.26 -12.84
CA THR A 280 1.03 -19.58 -13.28
C THR A 280 -0.19 -20.01 -12.47
N PRO A 281 -1.28 -20.40 -13.16
CA PRO A 281 -2.60 -20.70 -12.58
C PRO A 281 -2.55 -21.54 -11.30
N ILE A 282 -2.03 -22.76 -11.43
CA ILE A 282 -1.93 -23.67 -10.29
C ILE A 282 -1.12 -23.03 -9.15
N ALA A 283 -0.01 -22.38 -9.50
CA ALA A 283 0.81 -21.71 -8.52
C ALA A 283 0.08 -20.53 -7.88
N ALA A 284 -0.80 -19.89 -8.65
CA ALA A 284 -1.54 -18.73 -8.17
C ALA A 284 -2.59 -19.13 -7.14
N GLU A 285 -3.25 -20.26 -7.38
CA GLU A 285 -4.20 -20.78 -6.40
C GLU A 285 -3.45 -21.30 -5.17
N ILE A 286 -2.21 -21.78 -5.41
CA ILE A 286 -1.30 -22.14 -4.32
C ILE A 286 -1.03 -20.96 -3.38
N GLU A 287 -0.62 -19.83 -3.95
CA GLU A 287 -0.35 -18.63 -3.16
C GLU A 287 -1.60 -18.08 -2.51
N HIS A 288 -2.72 -18.15 -3.22
CA HIS A 288 -3.99 -17.72 -2.66
C HIS A 288 -4.35 -18.53 -1.40
N PHE A 289 -4.12 -19.84 -1.48
CA PHE A 289 -4.30 -20.70 -0.33
C PHE A 289 -3.38 -20.29 0.79
N ILE A 290 -2.14 -19.99 0.43
CA ILE A 290 -1.17 -19.57 1.43
C ILE A 290 -1.60 -18.29 2.19
N HIS A 291 -2.11 -17.29 1.47
CA HIS A 291 -2.62 -16.07 2.11
C HIS A 291 -3.83 -16.37 3.00
N ILE A 292 -4.75 -17.18 2.49
CA ILE A 292 -5.90 -17.60 3.28
C ILE A 292 -5.48 -18.25 4.62
N ILE A 293 -4.66 -19.30 4.52
CA ILE A 293 -4.19 -20.06 5.66
C ILE A 293 -3.46 -19.18 6.67
N THR A 294 -2.53 -18.37 6.18
CA THR A 294 -1.86 -17.42 7.04
C THR A 294 -2.89 -16.59 7.80
N GLY A 295 -3.87 -16.05 7.08
CA GLY A 295 -4.93 -15.26 7.68
C GLY A 295 -5.66 -15.97 8.82
N VAL A 296 -6.10 -17.20 8.57
CA VAL A 296 -6.82 -17.93 9.61
C VAL A 296 -5.93 -18.29 10.80
N ALA A 297 -4.68 -18.64 10.52
CA ALA A 297 -3.75 -19.07 11.56
C ALA A 297 -3.38 -17.91 12.48
N VAL A 298 -3.26 -16.71 11.91
CA VAL A 298 -2.95 -15.55 12.72
C VAL A 298 -4.19 -15.03 13.45
N PHE A 299 -5.36 -15.11 12.82
CA PHE A 299 -6.58 -14.71 13.52
C PHE A 299 -6.77 -15.60 14.74
N LEU A 300 -6.70 -16.89 14.52
CA LEU A 300 -6.78 -17.84 15.63
C LEU A 300 -5.65 -17.60 16.62
N GLY A 301 -4.49 -17.18 16.13
CA GLY A 301 -3.35 -16.91 16.98
C GLY A 301 -3.54 -15.79 17.99
N VAL A 302 -3.81 -14.58 17.51
CA VAL A 302 -4.04 -13.45 18.40
C VAL A 302 -5.30 -13.67 19.24
N SER A 303 -6.32 -14.27 18.63
CA SER A 303 -7.56 -14.56 19.34
C SER A 303 -7.26 -15.42 20.56
N PHE A 304 -6.47 -16.46 20.34
CA PHE A 304 -6.11 -17.38 21.42
C PHE A 304 -5.07 -16.77 22.37
N PHE A 305 -4.45 -15.67 21.96
CA PHE A 305 -3.56 -14.97 22.87
C PHE A 305 -4.34 -14.09 23.84
N ILE A 306 -5.41 -13.46 23.36
CA ILE A 306 -6.31 -12.73 24.24
C ILE A 306 -7.04 -13.74 25.13
N LEU A 307 -7.33 -14.92 24.59
CA LEU A 307 -7.90 -15.98 25.39
C LEU A 307 -6.90 -16.45 26.43
N SER A 308 -5.63 -16.41 26.07
CA SER A 308 -4.58 -16.80 26.98
C SER A 308 -4.53 -15.82 28.15
N LEU A 309 -4.58 -14.53 27.82
CA LEU A 309 -4.57 -13.47 28.84
C LEU A 309 -5.81 -13.56 29.74
N ILE A 310 -6.94 -13.93 29.16
CA ILE A 310 -8.15 -14.15 29.95
C ILE A 310 -8.00 -15.43 30.78
N LEU A 311 -7.24 -16.39 30.26
CA LEU A 311 -6.96 -17.61 30.99
C LEU A 311 -5.92 -17.35 32.05
N GLU A 312 -5.33 -16.15 32.02
CA GLU A 312 -4.30 -15.78 32.98
C GLU A 312 -3.05 -16.65 32.87
N TYR A 313 -2.79 -17.18 31.67
CA TYR A 313 -1.54 -17.91 31.43
C TYR A 313 -0.37 -16.93 31.44
N THR A 314 0.83 -17.41 31.78
CA THR A 314 2.01 -16.55 31.76
C THR A 314 2.44 -16.21 30.34
N TRP A 315 3.02 -15.03 30.15
CA TRP A 315 3.45 -14.58 28.82
C TRP A 315 4.41 -15.58 28.20
N LEU A 316 5.29 -16.13 29.05
CA LEU A 316 6.21 -17.18 28.66
C LEU A 316 5.46 -18.37 28.07
N GLU A 317 4.22 -18.54 28.50
CA GLU A 317 3.38 -19.63 28.01
C GLU A 317 2.43 -19.14 26.92
N ALA A 318 2.06 -17.86 27.00
CA ALA A 318 1.14 -17.28 26.03
C ALA A 318 1.76 -17.18 24.64
N VAL A 319 3.04 -16.81 24.58
CA VAL A 319 3.75 -16.74 23.30
C VAL A 319 3.98 -18.14 22.72
N ILE A 320 4.26 -19.10 23.60
CA ILE A 320 4.49 -20.46 23.16
C ILE A 320 3.19 -21.05 22.62
N PHE A 321 2.08 -20.64 23.24
CA PHE A 321 0.77 -21.05 22.77
C PHE A 321 0.49 -20.46 21.40
N LEU A 322 0.84 -19.19 21.25
CA LEU A 322 0.68 -18.48 19.98
C LEU A 322 1.44 -19.21 18.87
N ILE A 323 2.72 -19.46 19.11
CA ILE A 323 3.56 -20.22 18.20
C ILE A 323 2.92 -21.54 17.89
N GLY A 324 2.41 -22.19 18.93
CA GLY A 324 1.74 -23.47 18.77
C GLY A 324 0.63 -23.40 17.75
N ILE A 325 -0.31 -22.49 17.96
CA ILE A 325 -1.47 -22.33 17.09
C ILE A 325 -1.06 -22.00 15.65
N ILE A 326 -0.18 -21.02 15.50
CA ILE A 326 0.29 -20.62 14.19
C ILE A 326 0.92 -21.81 13.42
N VAL A 327 1.89 -22.48 14.06
CA VAL A 327 2.57 -23.62 13.45
C VAL A 327 1.59 -24.75 13.13
N ALA A 328 0.57 -24.84 13.98
CA ALA A 328 -0.56 -25.71 13.73
C ALA A 328 -1.23 -25.35 12.38
N ASN A 329 -2.10 -24.34 12.38
CA ASN A 329 -2.90 -24.05 11.18
C ASN A 329 -2.17 -23.79 9.85
N VAL A 330 -0.86 -23.64 9.91
CA VAL A 330 -0.04 -23.40 8.73
C VAL A 330 0.68 -24.66 8.24
N PRO A 331 0.32 -25.16 7.04
CA PRO A 331 0.99 -26.33 6.47
C PRO A 331 2.40 -26.01 6.01
N GLU A 332 3.37 -26.53 6.76
CA GLU A 332 4.76 -26.49 6.37
C GLU A 332 4.83 -27.27 5.07
N GLY A 333 4.19 -28.43 5.10
CA GLY A 333 4.33 -29.45 4.09
C GLY A 333 3.86 -29.11 2.70
N LEU A 334 2.95 -28.16 2.56
CA LEU A 334 2.42 -27.80 1.25
C LEU A 334 3.57 -27.50 0.29
N LEU A 335 4.58 -26.80 0.79
CA LEU A 335 5.70 -26.37 -0.04
C LEU A 335 6.53 -27.53 -0.56
N ALA A 336 7.08 -28.30 0.36
CA ALA A 336 7.86 -29.48 0.00
C ALA A 336 7.01 -30.43 -0.86
N THR A 337 5.72 -30.51 -0.56
CA THR A 337 4.79 -31.34 -1.33
C THR A 337 4.76 -30.90 -2.77
N VAL A 338 4.55 -29.61 -2.97
CA VAL A 338 4.53 -29.04 -4.31
C VAL A 338 5.82 -29.38 -5.02
N THR A 339 6.95 -29.13 -4.36
CA THR A 339 8.27 -29.41 -4.97
C THR A 339 8.35 -30.88 -5.39
N VAL A 340 7.78 -31.74 -4.56
CA VAL A 340 7.71 -33.15 -4.86
C VAL A 340 6.94 -33.36 -6.16
N CYS A 341 5.71 -32.86 -6.21
CA CYS A 341 4.87 -32.97 -7.39
C CYS A 341 5.60 -32.54 -8.65
N LEU A 342 6.15 -31.32 -8.61
CA LEU A 342 6.90 -30.75 -9.73
C LEU A 342 8.00 -31.70 -10.17
N THR A 343 8.82 -32.14 -9.23
CA THR A 343 9.92 -33.03 -9.56
C THR A 343 9.45 -34.34 -10.18
N LEU A 344 8.39 -34.91 -9.62
CA LEU A 344 7.80 -36.14 -10.14
C LEU A 344 7.40 -35.98 -11.59
N THR A 345 6.52 -35.00 -11.84
CA THR A 345 6.06 -34.72 -13.19
C THR A 345 7.26 -34.52 -14.11
N ALA A 346 8.30 -33.88 -13.60
CA ALA A 346 9.50 -33.65 -14.40
C ALA A 346 10.18 -34.97 -14.79
N LYS A 347 10.27 -35.90 -13.87
CA LYS A 347 10.84 -37.22 -14.16
C LYS A 347 10.01 -37.92 -15.21
N ARG A 348 8.69 -37.88 -15.02
CA ARG A 348 7.76 -38.55 -15.92
C ARG A 348 7.75 -37.96 -17.33
N MET A 349 7.95 -36.65 -17.44
CA MET A 349 8.05 -36.02 -18.75
C MET A 349 9.39 -36.34 -19.36
N ALA A 350 10.41 -36.50 -18.52
CA ALA A 350 11.72 -36.87 -19.00
C ALA A 350 11.68 -38.25 -19.63
N ARG A 351 10.85 -39.14 -19.06
CA ARG A 351 10.78 -40.52 -19.56
C ARG A 351 10.10 -40.65 -20.94
N LYS A 352 9.17 -39.77 -21.26
CA LYS A 352 8.52 -39.82 -22.56
C LYS A 352 8.96 -38.67 -23.46
N ASN A 353 10.18 -38.20 -23.22
CA ASN A 353 10.87 -37.26 -24.09
C ASN A 353 10.29 -35.86 -24.29
N CYS A 354 9.05 -35.64 -23.88
CA CYS A 354 8.48 -34.31 -23.98
C CYS A 354 9.08 -33.35 -22.95
N LEU A 355 9.79 -32.32 -23.41
CA LEU A 355 10.31 -31.27 -22.53
C LEU A 355 9.23 -30.28 -22.16
N VAL A 356 9.22 -29.87 -20.90
CA VAL A 356 8.40 -28.75 -20.50
C VAL A 356 9.35 -27.69 -19.96
N LYS A 357 9.18 -26.46 -20.39
CA LYS A 357 10.01 -25.39 -19.89
C LYS A 357 9.58 -25.02 -18.49
N ASN A 358 8.27 -24.86 -18.32
CA ASN A 358 7.69 -24.45 -17.05
C ASN A 358 6.92 -25.61 -16.44
N LEU A 359 7.35 -26.07 -15.29
CA LEU A 359 6.76 -27.29 -14.75
C LEU A 359 5.27 -27.12 -14.46
N GLU A 360 4.91 -26.03 -13.80
CA GLU A 360 3.53 -25.73 -13.44
C GLU A 360 2.59 -25.77 -14.65
N ALA A 361 3.12 -25.42 -15.81
CA ALA A 361 2.33 -25.34 -17.03
C ALA A 361 1.73 -26.69 -17.38
N VAL A 362 2.36 -27.76 -16.92
CA VAL A 362 1.84 -29.08 -17.15
C VAL A 362 0.42 -29.18 -16.61
N GLU A 363 0.20 -28.63 -15.42
CA GLU A 363 -1.13 -28.61 -14.84
C GLU A 363 -2.07 -27.87 -15.78
N THR A 364 -1.59 -26.75 -16.28
CA THR A 364 -2.35 -25.93 -17.19
C THR A 364 -2.79 -26.79 -18.36
N LEU A 365 -1.87 -27.64 -18.82
CA LEU A 365 -2.14 -28.51 -19.95
C LEU A 365 -3.30 -29.46 -19.69
N GLY A 366 -3.40 -29.94 -18.44
CA GLY A 366 -4.49 -30.82 -18.07
C GLY A 366 -5.81 -30.09 -18.16
N SER A 367 -5.80 -28.85 -17.66
CA SER A 367 -7.00 -28.03 -17.60
C SER A 367 -7.54 -27.67 -18.99
N THR A 368 -6.80 -28.06 -20.03
CA THR A 368 -7.18 -27.79 -21.42
C THR A 368 -8.51 -28.45 -21.79
N SER A 369 -9.44 -27.62 -22.27
CA SER A 369 -10.75 -28.10 -22.69
C SER A 369 -10.90 -27.91 -24.19
N THR A 370 -9.81 -27.53 -24.84
CA THR A 370 -9.79 -27.38 -26.29
C THR A 370 -8.37 -27.36 -26.84
N ILE A 371 -8.01 -28.42 -27.56
CA ILE A 371 -6.75 -28.44 -28.29
C ILE A 371 -6.97 -27.93 -29.69
N CYS A 372 -6.20 -26.92 -30.06
CA CYS A 372 -6.14 -26.41 -31.43
C CYS A 372 -4.87 -26.91 -32.11
N SER A 373 -5.06 -27.65 -33.20
CA SER A 373 -3.95 -28.31 -33.85
C SER A 373 -3.77 -27.85 -35.27
N ASP A 374 -2.53 -27.58 -35.63
CA ASP A 374 -2.15 -27.37 -37.03
C ASP A 374 -2.21 -28.74 -37.71
N LYS A 375 -2.30 -28.77 -39.04
CA LYS A 375 -2.39 -30.05 -39.74
C LYS A 375 -1.03 -30.57 -40.18
N THR A 376 -0.46 -29.91 -41.17
CA THR A 376 0.81 -30.35 -41.73
C THR A 376 1.95 -30.15 -40.74
N GLY A 377 2.72 -31.21 -40.53
CA GLY A 377 3.86 -31.19 -39.63
C GLY A 377 3.47 -31.52 -38.22
N THR A 378 2.18 -31.40 -37.95
CA THR A 378 1.65 -31.51 -36.60
C THR A 378 0.87 -32.80 -36.42
N LEU A 379 -0.31 -32.85 -37.02
CA LEU A 379 -1.05 -34.11 -37.06
C LEU A 379 -0.32 -35.08 -37.98
N THR A 380 0.21 -34.56 -39.09
CA THR A 380 0.99 -35.40 -40.02
C THR A 380 2.47 -35.36 -39.69
N GLN A 381 3.24 -36.20 -40.37
CA GLN A 381 4.65 -36.32 -40.07
C GLN A 381 5.52 -35.40 -40.92
N ASN A 382 4.89 -34.61 -41.77
CA ASN A 382 5.59 -33.63 -42.59
C ASN A 382 6.66 -34.33 -43.43
N ARG A 383 6.41 -35.60 -43.74
CA ARG A 383 7.28 -36.36 -44.63
C ARG A 383 6.43 -36.73 -45.84
N MET A 384 6.98 -36.53 -47.04
CA MET A 384 6.15 -36.60 -48.25
C MET A 384 6.89 -37.09 -49.49
N THR A 385 6.16 -37.78 -50.35
CA THR A 385 6.65 -38.15 -51.67
C THR A 385 5.49 -38.07 -52.67
N VAL A 386 5.75 -37.50 -53.85
CA VAL A 386 4.70 -37.25 -54.84
C VAL A 386 4.06 -38.51 -55.41
N ALA A 387 2.74 -38.58 -55.34
CA ALA A 387 2.02 -39.74 -55.81
C ALA A 387 1.20 -39.44 -57.05
N HIS A 388 0.47 -38.33 -57.04
CA HIS A 388 -0.43 -38.01 -58.14
C HIS A 388 -0.21 -36.63 -58.76
N MET A 389 -0.61 -36.49 -60.02
CA MET A 389 -0.54 -35.21 -60.73
C MET A 389 -1.80 -35.02 -61.58
N TRP A 390 -2.00 -33.81 -62.09
CA TRP A 390 -3.13 -33.55 -62.98
C TRP A 390 -2.80 -32.51 -64.04
N SER A 391 -2.73 -32.94 -65.30
CA SER A 391 -2.51 -31.98 -66.39
C SER A 391 -3.30 -32.42 -67.60
N ASP A 392 -3.63 -31.46 -68.46
CA ASP A 392 -4.39 -31.74 -69.69
C ASP A 392 -5.69 -32.51 -69.41
N ASN A 393 -6.43 -32.06 -68.40
CA ASN A 393 -7.69 -32.72 -67.99
C ASN A 393 -7.48 -34.22 -67.74
N GLN A 394 -6.31 -34.57 -67.23
CA GLN A 394 -5.98 -35.97 -67.03
C GLN A 394 -5.30 -36.19 -65.68
N ILE A 395 -5.68 -37.29 -65.03
CA ILE A 395 -5.10 -37.72 -63.77
C ILE A 395 -3.93 -38.65 -64.01
N HIS A 396 -2.75 -38.24 -63.59
CA HIS A 396 -1.56 -39.07 -63.73
C HIS A 396 -1.11 -39.55 -62.36
N GLU A 397 -0.32 -40.62 -62.34
CA GLU A 397 0.27 -41.07 -61.08
C GLU A 397 1.80 -41.25 -61.16
N ALA A 398 2.45 -41.24 -59.99
CA ALA A 398 3.90 -41.44 -59.89
C ALA A 398 4.23 -42.60 -58.94
N ASP A 399 4.91 -43.63 -59.46
CA ASP A 399 5.26 -44.82 -58.68
C ASP A 399 6.11 -44.44 -57.47
N THR A 400 5.74 -44.94 -56.30
CA THR A 400 6.39 -44.54 -55.05
C THR A 400 7.44 -45.54 -54.54
N THR A 401 7.47 -46.73 -55.13
CA THR A 401 8.40 -47.78 -54.70
C THR A 401 9.85 -47.52 -55.15
N GLU A 402 10.60 -48.58 -55.35
CA GLU A 402 11.97 -48.48 -55.87
C GLU A 402 12.16 -49.39 -57.09
N ASN A 403 12.17 -48.81 -58.30
CA ASN A 403 11.58 -47.49 -58.65
C ASN A 403 12.39 -46.24 -58.05
N GLN A 404 11.94 -44.97 -57.99
CA GLN A 404 10.61 -44.38 -58.16
C GLN A 404 9.90 -44.61 -59.49
N SER A 405 10.61 -44.55 -60.61
CA SER A 405 10.02 -44.81 -61.93
C SER A 405 8.61 -44.22 -62.08
N GLY A 406 8.48 -42.90 -61.87
CA GLY A 406 7.17 -42.27 -61.70
C GLY A 406 6.41 -41.81 -62.94
N VAL A 407 6.83 -42.26 -64.12
CA VAL A 407 6.11 -42.00 -65.38
C VAL A 407 6.10 -43.25 -66.29
N SER A 408 5.02 -44.06 -66.31
CA SER A 408 3.75 -43.95 -65.55
C SER A 408 2.69 -42.94 -66.06
N PHE A 409 3.02 -42.18 -67.10
CA PHE A 409 2.01 -41.42 -67.82
C PHE A 409 2.44 -41.03 -69.24
N ASP A 410 3.55 -40.31 -69.36
CA ASP A 410 4.09 -39.88 -70.65
C ASP A 410 5.34 -39.04 -70.39
N LYS A 411 6.50 -39.65 -70.54
CA LYS A 411 7.74 -38.92 -70.28
C LYS A 411 8.00 -37.88 -71.37
N THR A 412 7.38 -38.07 -72.54
CA THR A 412 7.62 -37.19 -73.67
C THR A 412 6.72 -35.95 -73.74
N SER A 413 5.59 -35.95 -73.03
CA SER A 413 4.64 -34.83 -73.12
C SER A 413 5.28 -33.51 -72.71
N ALA A 414 4.90 -32.44 -73.39
CA ALA A 414 5.50 -31.13 -73.19
C ALA A 414 4.95 -30.46 -71.94
N THR A 415 3.67 -30.68 -71.68
CA THR A 415 3.02 -30.14 -70.50
C THR A 415 3.73 -30.64 -69.22
N TRP A 416 4.26 -31.86 -69.27
CA TRP A 416 5.07 -32.40 -68.17
C TRP A 416 6.41 -31.72 -68.09
N LEU A 417 6.94 -31.32 -69.24
CA LEU A 417 8.20 -30.60 -69.25
C LEU A 417 8.03 -29.23 -68.60
N ALA A 418 6.89 -28.58 -68.84
CA ALA A 418 6.62 -27.28 -68.23
C ALA A 418 6.34 -27.45 -66.75
N LEU A 419 5.56 -28.48 -66.42
CA LEU A 419 5.23 -28.78 -65.04
C LEU A 419 6.50 -29.01 -64.24
N SER A 420 7.34 -29.90 -64.75
CA SER A 420 8.62 -30.24 -64.17
C SER A 420 9.53 -29.01 -64.10
N ARG A 421 9.42 -28.15 -65.11
CA ARG A 421 10.23 -26.94 -65.15
C ARG A 421 9.86 -26.02 -63.99
N ILE A 422 8.57 -25.82 -63.77
CA ILE A 422 8.10 -25.00 -62.67
C ILE A 422 8.52 -25.63 -61.35
N ALA A 423 8.16 -26.90 -61.20
CA ALA A 423 8.44 -27.63 -59.97
C ALA A 423 9.90 -27.58 -59.59
N GLY A 424 10.78 -27.53 -60.60
CA GLY A 424 12.21 -27.47 -60.35
C GLY A 424 12.72 -26.07 -60.08
N LEU A 425 12.28 -25.12 -60.90
CA LEU A 425 12.77 -23.75 -60.85
C LEU A 425 12.17 -23.00 -59.67
N CYS A 426 10.87 -23.20 -59.48
CA CYS A 426 10.17 -22.51 -58.41
C CYS A 426 10.56 -23.05 -57.05
N ASN A 427 11.15 -24.24 -57.04
CA ASN A 427 11.62 -24.88 -55.80
C ASN A 427 12.91 -24.28 -55.25
N ARG A 428 12.88 -23.93 -53.97
CA ARG A 428 14.01 -23.26 -53.33
C ARG A 428 14.96 -24.22 -52.62
N ALA A 429 14.52 -25.44 -52.40
CA ALA A 429 15.34 -26.40 -51.68
C ALA A 429 16.36 -27.04 -52.60
N VAL A 430 17.50 -27.41 -52.04
CA VAL A 430 18.51 -28.19 -52.78
C VAL A 430 19.08 -29.27 -51.86
N PHE A 431 19.74 -30.25 -52.47
CA PHE A 431 20.34 -31.33 -51.71
C PHE A 431 21.55 -30.85 -50.93
N GLN A 432 21.75 -31.42 -49.75
CA GLN A 432 22.85 -31.02 -48.89
C GLN A 432 24.16 -31.57 -49.41
N ALA A 433 25.27 -30.99 -48.97
CA ALA A 433 26.57 -31.38 -49.49
C ALA A 433 26.88 -32.83 -49.21
N ASN A 434 27.71 -33.43 -50.07
CA ASN A 434 28.19 -34.79 -49.93
C ASN A 434 27.08 -35.83 -49.84
N GLN A 435 26.02 -35.60 -50.60
CA GLN A 435 24.84 -36.44 -50.59
C GLN A 435 24.57 -37.06 -51.96
N GLU A 436 25.48 -36.88 -52.91
CA GLU A 436 25.17 -37.22 -54.29
C GLU A 436 25.18 -38.71 -54.59
N ASN A 437 25.97 -39.48 -53.85
CA ASN A 437 26.05 -40.91 -54.10
C ASN A 437 24.86 -41.70 -53.55
N LEU A 438 23.99 -41.03 -52.78
CA LEU A 438 22.82 -41.69 -52.19
C LEU A 438 21.60 -41.62 -53.09
N PRO A 439 20.69 -42.60 -52.97
CA PRO A 439 19.41 -42.60 -53.68
C PRO A 439 18.65 -41.32 -53.43
N ILE A 440 18.01 -40.80 -54.47
CA ILE A 440 17.32 -39.53 -54.40
C ILE A 440 16.32 -39.50 -53.26
N LEU A 441 15.61 -40.61 -53.08
CA LEU A 441 14.61 -40.70 -52.02
C LEU A 441 15.28 -40.64 -50.65
N LYS A 442 16.49 -41.18 -50.57
CA LYS A 442 17.16 -41.37 -49.28
C LYS A 442 18.19 -40.30 -48.89
N ARG A 443 18.34 -39.27 -49.72
CA ARG A 443 19.32 -38.22 -49.44
C ARG A 443 18.73 -37.06 -48.67
N ALA A 444 19.59 -36.34 -47.96
CA ALA A 444 19.17 -35.25 -47.08
C ALA A 444 18.96 -33.93 -47.82
N VAL A 445 17.82 -33.30 -47.56
CA VAL A 445 17.38 -32.13 -48.31
C VAL A 445 17.23 -30.94 -47.36
N ALA A 446 17.60 -29.76 -47.82
CA ALA A 446 17.39 -28.55 -47.03
C ALA A 446 16.25 -27.71 -47.60
N GLY A 447 15.05 -27.89 -47.07
CA GLY A 447 13.86 -27.16 -47.53
C GLY A 447 12.62 -27.74 -46.90
N ASP A 448 11.46 -27.12 -47.10
CA ASP A 448 10.23 -27.62 -46.50
C ASP A 448 9.70 -28.84 -47.25
N ALA A 449 8.81 -29.59 -46.59
CA ALA A 449 8.36 -30.91 -47.06
C ALA A 449 7.83 -30.94 -48.49
N SER A 450 7.06 -29.91 -48.84
CA SER A 450 6.49 -29.77 -50.15
C SER A 450 7.60 -29.66 -51.21
N GLU A 451 8.46 -28.66 -51.03
CA GLU A 451 9.55 -28.42 -51.97
C GLU A 451 10.55 -29.58 -51.98
N SER A 452 10.68 -30.27 -50.86
CA SER A 452 11.57 -31.41 -50.80
C SER A 452 11.04 -32.55 -51.65
N ALA A 453 9.74 -32.82 -51.48
CA ALA A 453 9.06 -33.83 -52.29
C ALA A 453 9.18 -33.52 -53.78
N LEU A 454 8.89 -32.27 -54.14
CA LEU A 454 9.06 -31.85 -55.52
C LEU A 454 10.47 -32.14 -55.99
N LEU A 455 11.44 -31.72 -55.18
CA LEU A 455 12.86 -31.86 -55.50
C LEU A 455 13.20 -33.30 -55.84
N LYS A 456 12.84 -34.20 -54.94
CA LYS A 456 13.13 -35.60 -55.15
C LYS A 456 12.41 -36.13 -56.40
N CYS A 457 11.18 -35.67 -56.59
CA CYS A 457 10.36 -36.20 -57.67
C CYS A 457 10.84 -35.78 -59.05
N ILE A 458 11.32 -34.55 -59.18
CA ILE A 458 11.87 -34.11 -60.46
C ILE A 458 13.25 -34.70 -60.67
N GLU A 459 14.09 -34.63 -59.63
CA GLU A 459 15.45 -35.16 -59.73
C GLU A 459 15.43 -36.64 -60.08
N LEU A 460 14.34 -37.30 -59.74
CA LEU A 460 14.23 -38.71 -60.06
C LEU A 460 13.47 -39.00 -61.36
N CYS A 461 12.31 -38.37 -61.55
CA CYS A 461 11.43 -38.68 -62.68
C CYS A 461 11.84 -38.06 -64.01
N CYS A 462 12.50 -36.90 -63.95
CA CYS A 462 12.90 -36.18 -65.15
C CYS A 462 14.42 -36.13 -65.32
N GLY A 463 15.07 -35.33 -64.49
CA GLY A 463 16.51 -35.13 -64.59
C GLY A 463 17.05 -34.32 -63.42
N SER A 464 18.34 -34.00 -63.46
CA SER A 464 18.99 -33.26 -62.38
C SER A 464 18.44 -31.84 -62.20
N VAL A 465 17.83 -31.60 -61.04
CA VAL A 465 17.22 -30.32 -60.73
C VAL A 465 18.27 -29.20 -60.67
N LYS A 466 19.38 -29.47 -60.01
CA LYS A 466 20.45 -28.49 -59.90
C LYS A 466 20.91 -28.05 -61.29
N GLU A 467 20.98 -29.01 -62.20
CA GLU A 467 21.37 -28.71 -63.57
C GLU A 467 20.37 -27.79 -64.26
N MET A 468 19.08 -27.96 -63.95
CA MET A 468 18.05 -27.12 -64.55
C MET A 468 17.90 -25.79 -63.81
N ARG A 469 18.52 -25.71 -62.64
CA ARG A 469 18.59 -24.46 -61.90
C ARG A 469 19.64 -23.64 -62.61
N GLU A 470 20.77 -24.28 -62.91
CA GLU A 470 21.87 -23.62 -63.58
C GLU A 470 21.54 -23.27 -65.03
N ARG A 471 20.70 -24.10 -65.66
CA ARG A 471 20.28 -23.87 -67.03
C ARG A 471 19.41 -22.62 -67.07
N TYR A 472 18.34 -22.65 -66.28
CA TYR A 472 17.44 -21.51 -66.16
C TYR A 472 17.89 -20.60 -65.02
N THR A 473 18.74 -19.64 -65.35
CA THR A 473 19.29 -18.72 -64.36
C THR A 473 18.21 -17.87 -63.74
N LYS A 474 18.16 -17.85 -62.41
CA LYS A 474 17.12 -17.14 -61.68
C LYS A 474 17.51 -15.69 -61.55
N ILE A 475 16.80 -14.80 -62.24
CA ILE A 475 17.12 -13.37 -62.17
C ILE A 475 16.50 -12.68 -60.97
N VAL A 476 15.23 -12.94 -60.69
CA VAL A 476 14.66 -12.37 -59.48
C VAL A 476 13.73 -13.35 -58.81
N GLU A 477 13.53 -13.19 -57.51
CA GLU A 477 12.80 -14.17 -56.71
C GLU A 477 11.78 -13.55 -55.77
N ILE A 478 10.67 -14.25 -55.57
CA ILE A 478 9.78 -13.92 -54.48
C ILE A 478 9.79 -15.02 -53.44
N PRO A 479 10.12 -14.65 -52.20
CA PRO A 479 10.16 -15.56 -51.05
C PRO A 479 8.81 -16.24 -50.85
N PHE A 480 8.78 -17.31 -50.07
CA PHE A 480 7.49 -17.91 -49.75
C PHE A 480 6.95 -17.41 -48.42
N ASN A 481 5.70 -16.96 -48.45
CA ASN A 481 5.03 -16.57 -47.22
C ASN A 481 3.69 -17.27 -47.06
N SER A 482 3.45 -17.79 -45.87
CA SER A 482 2.16 -18.36 -45.51
C SER A 482 1.08 -17.32 -45.72
N THR A 483 1.32 -16.12 -45.20
CA THR A 483 0.41 -15.00 -45.38
C THR A 483 0.10 -14.85 -46.87
N ASN A 484 1.14 -14.82 -47.70
CA ASN A 484 0.96 -14.64 -49.14
C ASN A 484 0.26 -15.83 -49.79
N LYS A 485 0.52 -17.02 -49.26
CA LYS A 485 -0.09 -18.28 -49.73
C LYS A 485 0.48 -18.84 -51.04
N TYR A 486 1.54 -18.22 -51.55
CA TYR A 486 2.13 -18.60 -52.84
C TYR A 486 3.62 -18.37 -52.92
N GLN A 487 4.27 -18.97 -53.91
CA GLN A 487 5.69 -18.71 -54.12
C GLN A 487 6.03 -18.70 -55.61
N LEU A 488 6.86 -17.75 -56.05
CA LEU A 488 7.18 -17.61 -57.47
C LEU A 488 8.60 -17.12 -57.78
N SER A 489 9.10 -17.51 -58.94
CA SER A 489 10.44 -17.15 -59.37
C SER A 489 10.42 -16.64 -60.80
N ILE A 490 11.28 -15.66 -61.10
CA ILE A 490 11.48 -15.22 -62.48
C ILE A 490 12.90 -15.56 -62.91
N HIS A 491 12.98 -16.41 -63.93
CA HIS A 491 14.25 -16.93 -64.46
C HIS A 491 14.48 -16.48 -65.89
N LYS A 492 15.73 -16.59 -66.34
CA LYS A 492 16.08 -16.12 -67.68
C LYS A 492 15.51 -17.02 -68.77
N ASN A 493 15.81 -16.66 -70.01
CA ASN A 493 15.41 -17.45 -71.18
C ASN A 493 16.59 -18.17 -71.81
N PRO A 494 16.97 -19.32 -71.24
CA PRO A 494 18.05 -20.09 -71.88
C PRO A 494 17.53 -20.68 -73.19
N ASN A 495 16.25 -21.04 -73.21
CA ASN A 495 15.61 -21.54 -74.44
C ASN A 495 15.72 -20.52 -75.57
N THR A 496 15.91 -21.02 -76.79
CA THR A 496 16.06 -20.12 -77.93
C THR A 496 14.71 -19.50 -78.34
N ALA A 497 13.63 -20.25 -78.12
CA ALA A 497 12.30 -19.80 -78.53
C ALA A 497 11.40 -19.50 -77.34
N GLU A 498 11.92 -18.69 -76.42
CA GLU A 498 11.12 -18.20 -75.32
C GLU A 498 11.40 -16.71 -75.23
N PRO A 499 11.39 -16.00 -76.37
CA PRO A 499 12.15 -14.73 -76.55
C PRO A 499 11.96 -13.69 -75.43
N ARG A 500 12.11 -14.11 -74.17
CA ARG A 500 11.91 -13.22 -73.03
C ARG A 500 12.08 -13.99 -71.72
N HIS A 501 12.14 -13.25 -70.63
CA HIS A 501 12.21 -13.88 -69.33
C HIS A 501 10.99 -14.76 -69.08
N LEU A 502 11.14 -15.78 -68.23
CA LEU A 502 10.04 -16.66 -67.83
C LEU A 502 9.68 -16.58 -66.35
N LEU A 503 8.40 -16.34 -66.07
CA LEU A 503 7.89 -16.37 -64.71
C LEU A 503 7.33 -17.77 -64.42
N VAL A 504 7.57 -18.29 -63.21
CA VAL A 504 6.94 -19.53 -62.77
C VAL A 504 6.38 -19.31 -61.37
N MET A 505 5.29 -20.01 -61.06
CA MET A 505 4.62 -19.79 -59.79
C MET A 505 3.83 -21.00 -59.35
N LYS A 506 4.07 -21.42 -58.11
CA LYS A 506 3.31 -22.52 -57.54
C LYS A 506 2.69 -22.08 -56.21
N GLY A 507 1.62 -22.74 -55.82
CA GLY A 507 1.02 -22.43 -54.54
C GLY A 507 -0.34 -23.04 -54.38
N ALA A 508 -1.13 -22.45 -53.51
CA ALA A 508 -2.51 -22.86 -53.31
C ALA A 508 -3.22 -22.85 -54.65
N PRO A 509 -3.63 -24.04 -55.11
CA PRO A 509 -4.22 -24.28 -56.43
C PRO A 509 -5.32 -23.29 -56.80
N GLU A 510 -6.08 -22.84 -55.80
CA GLU A 510 -7.15 -21.89 -56.08
C GLU A 510 -6.64 -20.49 -56.44
N ARG A 511 -5.62 -20.00 -55.74
CA ARG A 511 -5.07 -18.68 -56.03
C ARG A 511 -4.49 -18.71 -57.43
N ILE A 512 -3.90 -19.83 -57.79
CA ILE A 512 -3.34 -20.04 -59.11
C ILE A 512 -4.45 -20.04 -60.18
N LEU A 513 -5.51 -20.79 -59.93
CA LEU A 513 -6.66 -20.84 -60.84
C LEU A 513 -7.25 -19.44 -61.05
N ASP A 514 -7.27 -18.64 -60.00
CA ASP A 514 -7.76 -17.25 -60.07
C ASP A 514 -6.85 -16.40 -60.93
N ARG A 515 -5.56 -16.50 -60.66
CA ARG A 515 -4.57 -15.63 -61.31
C ARG A 515 -4.39 -15.91 -62.80
N CYS A 516 -4.75 -17.11 -63.23
CA CYS A 516 -4.55 -17.50 -64.63
C CYS A 516 -5.65 -17.00 -65.59
N SER A 517 -5.33 -17.03 -66.87
CA SER A 517 -6.26 -16.70 -67.94
C SER A 517 -6.24 -17.76 -69.03
N SER A 518 -5.32 -18.72 -68.90
CA SER A 518 -5.21 -19.83 -69.85
C SER A 518 -4.45 -21.01 -69.26
N ILE A 519 -4.61 -22.17 -69.90
CA ILE A 519 -4.02 -23.42 -69.43
C ILE A 519 -3.31 -24.11 -70.58
N LEU A 520 -2.18 -24.74 -70.30
CA LEU A 520 -1.49 -25.52 -71.32
C LEU A 520 -2.19 -26.85 -71.53
N ILE A 521 -2.54 -27.12 -72.78
CA ILE A 521 -3.11 -28.40 -73.17
C ILE A 521 -2.23 -29.05 -74.24
N HIS A 522 -1.58 -30.15 -73.87
CA HIS A 522 -0.62 -30.83 -74.74
C HIS A 522 0.47 -29.88 -75.27
N GLY A 523 0.83 -28.89 -74.46
CA GLY A 523 1.84 -27.92 -74.84
C GLY A 523 1.32 -26.68 -75.55
N LYS A 524 0.05 -26.69 -75.95
CA LYS A 524 -0.55 -25.52 -76.60
C LYS A 524 -1.54 -24.79 -75.69
N GLU A 525 -1.34 -23.48 -75.53
CA GLU A 525 -2.18 -22.67 -74.62
C GLU A 525 -3.65 -22.67 -75.03
N GLN A 526 -4.52 -22.47 -74.06
CA GLN A 526 -5.96 -22.50 -74.29
C GLN A 526 -6.68 -21.90 -73.07
N PRO A 527 -7.42 -20.79 -73.27
CA PRO A 527 -8.06 -20.03 -72.17
C PRO A 527 -8.86 -20.91 -71.18
N LEU A 528 -9.08 -20.45 -69.95
CA LEU A 528 -9.81 -21.24 -68.96
C LEU A 528 -11.29 -21.40 -69.36
N ASP A 529 -11.77 -22.64 -69.36
CA ASP A 529 -13.19 -22.91 -69.63
C ASP A 529 -13.93 -23.09 -68.33
N GLU A 530 -15.25 -23.23 -68.44
CA GLU A 530 -16.01 -23.77 -67.32
C GLU A 530 -15.59 -25.21 -67.17
N GLU A 531 -15.35 -25.87 -68.31
CA GLU A 531 -14.95 -27.27 -68.33
C GLU A 531 -13.64 -27.48 -67.58
N LEU A 532 -12.67 -26.62 -67.87
CA LEU A 532 -11.37 -26.72 -67.25
C LEU A 532 -11.42 -26.46 -65.74
N LYS A 533 -12.18 -25.47 -65.32
CA LYS A 533 -12.31 -25.18 -63.89
C LYS A 533 -13.07 -26.29 -63.16
N ASP A 534 -14.05 -26.89 -63.84
CA ASP A 534 -14.79 -28.01 -63.29
C ASP A 534 -13.91 -29.27 -63.15
N ALA A 535 -13.06 -29.50 -64.14
CA ALA A 535 -12.14 -30.63 -64.10
C ALA A 535 -11.09 -30.42 -63.03
N PHE A 536 -10.71 -29.16 -62.85
CA PHE A 536 -9.79 -28.76 -61.79
C PHE A 536 -10.38 -29.07 -60.43
N GLN A 537 -11.62 -28.64 -60.20
CA GLN A 537 -12.28 -28.90 -58.94
C GLN A 537 -12.49 -30.38 -58.71
N ASN A 538 -12.94 -31.09 -59.74
CA ASN A 538 -13.20 -32.52 -59.62
C ASN A 538 -11.93 -33.31 -59.33
N ALA A 539 -10.84 -32.90 -59.96
CA ALA A 539 -9.55 -33.55 -59.72
C ALA A 539 -9.02 -33.22 -58.32
N TYR A 540 -9.30 -31.99 -57.88
CA TYR A 540 -8.89 -31.56 -56.56
C TYR A 540 -9.64 -32.35 -55.50
N LEU A 541 -10.91 -32.63 -55.76
CA LEU A 541 -11.69 -33.46 -54.85
C LEU A 541 -11.13 -34.87 -54.87
N GLU A 542 -10.82 -35.35 -56.07
CA GLU A 542 -10.39 -36.72 -56.23
C GLU A 542 -9.05 -36.99 -55.54
N LEU A 543 -8.14 -36.04 -55.61
CA LEU A 543 -6.82 -36.24 -55.05
C LEU A 543 -6.72 -35.76 -53.60
N GLY A 544 -7.47 -34.72 -53.28
CA GLY A 544 -7.52 -34.21 -51.92
C GLY A 544 -8.23 -35.20 -51.03
N GLY A 545 -9.18 -35.93 -51.62
CA GLY A 545 -9.95 -36.92 -50.90
C GLY A 545 -9.07 -38.02 -50.33
N LEU A 546 -7.94 -38.25 -50.99
CA LEU A 546 -6.96 -39.19 -50.48
C LEU A 546 -6.05 -38.52 -49.47
N GLY A 547 -6.40 -37.29 -49.10
CA GLY A 547 -5.66 -36.55 -48.09
C GLY A 547 -4.28 -36.13 -48.60
N GLU A 548 -4.18 -35.91 -49.90
CA GLU A 548 -2.93 -35.49 -50.50
C GLU A 548 -2.92 -33.97 -50.66
N ARG A 549 -1.78 -33.36 -50.37
CA ARG A 549 -1.63 -31.92 -50.54
C ARG A 549 -1.56 -31.62 -52.03
N VAL A 550 -2.36 -30.66 -52.47
CA VAL A 550 -2.51 -30.38 -53.88
C VAL A 550 -1.84 -29.06 -54.28
N LEU A 551 -0.58 -29.13 -54.68
CA LEU A 551 0.11 -27.95 -55.16
C LEU A 551 -0.29 -27.58 -56.59
N GLY A 552 -0.69 -26.33 -56.77
CA GLY A 552 -1.01 -25.80 -58.08
C GLY A 552 0.20 -25.16 -58.75
N PHE A 553 0.30 -25.32 -60.06
CA PHE A 553 1.46 -24.87 -60.84
C PHE A 553 1.06 -24.09 -62.09
N CYS A 554 1.74 -22.97 -62.33
CA CYS A 554 1.52 -22.16 -63.51
C CYS A 554 2.78 -21.39 -63.89
N HIS A 555 2.78 -20.81 -65.09
CA HIS A 555 3.91 -20.00 -65.57
C HIS A 555 3.51 -18.91 -66.56
N LEU A 556 4.46 -18.09 -66.96
CA LEU A 556 4.16 -17.00 -67.87
C LEU A 556 5.36 -16.61 -68.69
N PHE A 557 5.27 -16.90 -69.98
CA PHE A 557 6.22 -16.41 -70.94
C PHE A 557 5.87 -14.94 -71.15
N LEU A 558 6.61 -14.05 -70.50
CA LEU A 558 6.31 -12.63 -70.54
C LEU A 558 6.34 -12.01 -71.94
N PRO A 559 5.45 -11.04 -72.19
CA PRO A 559 5.48 -10.32 -73.47
C PRO A 559 6.81 -9.61 -73.70
N ASP A 560 7.35 -9.78 -74.89
CA ASP A 560 8.65 -9.25 -75.25
C ASP A 560 8.67 -7.72 -75.30
N GLU A 561 7.76 -7.16 -76.10
CA GLU A 561 7.69 -5.71 -76.33
C GLU A 561 7.57 -4.88 -75.04
N GLN A 562 7.10 -5.53 -73.98
CA GLN A 562 6.78 -4.87 -72.71
C GLN A 562 8.02 -4.46 -71.94
N PHE A 563 9.06 -5.29 -72.04
CA PHE A 563 10.30 -5.03 -71.30
C PHE A 563 11.54 -5.40 -72.15
N PRO A 564 12.66 -4.68 -71.97
CA PRO A 564 13.92 -5.10 -72.61
C PRO A 564 14.61 -6.16 -71.76
N GLU A 565 15.82 -6.57 -72.13
CA GLU A 565 16.51 -7.63 -71.40
C GLU A 565 17.07 -7.21 -70.03
N GLY A 566 17.56 -5.98 -69.94
CA GLY A 566 18.11 -5.48 -68.69
C GLY A 566 17.10 -4.67 -67.91
N PHE A 567 15.84 -5.07 -67.99
CA PHE A 567 14.78 -4.40 -67.25
C PHE A 567 14.98 -4.65 -65.76
N GLN A 568 14.86 -3.59 -64.97
CA GLN A 568 14.99 -3.68 -63.52
C GLN A 568 13.74 -4.32 -62.92
N PHE A 569 13.92 -5.27 -62.01
CA PHE A 569 12.77 -5.95 -61.41
C PHE A 569 12.57 -5.51 -59.99
N ASP A 570 11.33 -5.43 -59.55
CA ASP A 570 11.03 -4.93 -58.20
C ASP A 570 10.25 -5.93 -57.33
N THR A 571 10.86 -6.35 -56.23
CA THR A 571 10.23 -7.25 -55.26
C THR A 571 9.37 -6.48 -54.26
N ASP A 572 9.85 -5.32 -53.81
CA ASP A 572 9.08 -4.48 -52.88
C ASP A 572 7.86 -3.86 -53.56
N ASP A 573 8.09 -3.17 -54.67
CA ASP A 573 6.99 -2.69 -55.49
C ASP A 573 6.64 -3.76 -56.52
N VAL A 574 5.35 -3.99 -56.72
CA VAL A 574 4.91 -5.03 -57.65
C VAL A 574 4.88 -4.52 -59.09
N ASN A 575 6.05 -4.53 -59.74
CA ASN A 575 6.16 -4.10 -61.14
C ASN A 575 5.74 -5.20 -62.11
N PHE A 576 5.68 -6.43 -61.58
CA PHE A 576 5.38 -7.61 -62.38
C PHE A 576 3.97 -8.11 -62.17
N PRO A 577 3.20 -8.23 -63.27
CA PRO A 577 1.83 -8.71 -63.23
C PRO A 577 1.71 -10.18 -62.82
N LEU A 578 0.86 -10.43 -61.83
CA LEU A 578 0.66 -11.76 -61.29
C LEU A 578 -0.59 -12.34 -61.89
N ASP A 579 -1.18 -11.60 -62.82
CA ASP A 579 -2.47 -12.00 -63.37
C ASP A 579 -2.33 -12.59 -64.75
N ASN A 580 -3.42 -13.19 -65.23
CA ASN A 580 -3.51 -13.73 -66.58
C ASN A 580 -2.50 -14.83 -66.89
N LEU A 581 -2.01 -15.50 -65.85
CA LEU A 581 -0.97 -16.52 -66.01
C LEU A 581 -1.42 -17.67 -66.91
N CYS A 582 -0.49 -18.59 -67.17
CA CYS A 582 -0.79 -19.83 -67.90
C CYS A 582 -0.78 -21.00 -66.95
N PHE A 583 -1.96 -21.54 -66.69
CA PHE A 583 -2.04 -22.70 -65.81
C PHE A 583 -1.31 -23.85 -66.48
N VAL A 584 -0.66 -24.67 -65.66
CA VAL A 584 0.00 -25.87 -66.17
C VAL A 584 -0.68 -27.13 -65.63
N GLY A 585 -0.81 -27.22 -64.31
CA GLY A 585 -1.47 -28.36 -63.71
C GLY A 585 -1.30 -28.49 -62.22
N LEU A 586 -1.55 -29.69 -61.70
CA LEU A 586 -1.53 -29.95 -60.27
C LEU A 586 -0.57 -31.08 -59.95
N ILE A 587 -0.04 -31.04 -58.73
CA ILE A 587 0.78 -32.14 -58.20
C ILE A 587 0.41 -32.42 -56.75
N SER A 588 0.19 -33.70 -56.44
CA SER A 588 -0.16 -34.09 -55.08
C SER A 588 0.75 -35.19 -54.52
N MET A 589 1.03 -35.11 -53.22
CA MET A 589 1.82 -36.12 -52.53
C MET A 589 1.05 -36.65 -51.33
N ILE A 590 1.28 -37.92 -51.00
CA ILE A 590 0.59 -38.53 -49.88
C ILE A 590 1.18 -38.00 -48.58
N ASP A 591 0.30 -37.65 -47.66
CA ASP A 591 0.71 -37.17 -46.34
C ASP A 591 0.17 -38.09 -45.25
N PRO A 592 1.06 -38.89 -44.65
CA PRO A 592 0.74 -39.87 -43.61
C PRO A 592 0.81 -39.24 -42.21
N PRO A 593 -0.30 -39.33 -41.47
CA PRO A 593 -0.27 -38.91 -40.07
C PRO A 593 0.70 -39.79 -39.30
N ARG A 594 1.22 -39.28 -38.18
CA ARG A 594 2.01 -40.08 -37.25
C ARG A 594 1.11 -41.13 -36.64
N ALA A 595 1.67 -42.30 -36.34
CA ALA A 595 0.87 -43.43 -35.88
C ALA A 595 0.06 -43.05 -34.65
N ALA A 596 0.72 -42.40 -33.71
CA ALA A 596 0.10 -42.13 -32.42
C ALA A 596 -1.06 -41.14 -32.49
N VAL A 597 -1.12 -40.34 -33.56
CA VAL A 597 -2.08 -39.23 -33.64
C VAL A 597 -3.57 -39.59 -33.54
N PRO A 598 -4.03 -40.58 -34.32
CA PRO A 598 -5.46 -40.88 -34.24
C PRO A 598 -5.82 -41.36 -32.82
N ASP A 599 -4.89 -42.06 -32.20
CA ASP A 599 -5.07 -42.55 -30.84
C ASP A 599 -5.07 -41.39 -29.86
N ALA A 600 -4.19 -40.41 -30.10
CA ALA A 600 -4.07 -39.24 -29.25
C ALA A 600 -5.36 -38.45 -29.27
N VAL A 601 -5.76 -38.02 -30.47
CA VAL A 601 -7.05 -37.35 -30.66
C VAL A 601 -8.16 -38.17 -30.02
N GLY A 602 -8.08 -39.49 -30.16
CA GLY A 602 -9.06 -40.38 -29.56
C GLY A 602 -9.12 -40.22 -28.06
N LYS A 603 -7.94 -40.11 -27.42
CA LYS A 603 -7.85 -40.03 -25.97
C LYS A 603 -8.33 -38.68 -25.48
N CYS A 604 -7.98 -37.65 -26.22
CA CYS A 604 -8.35 -36.29 -25.86
C CYS A 604 -9.83 -36.06 -26.03
N ARG A 605 -10.42 -36.68 -27.06
CA ARG A 605 -11.84 -36.54 -27.30
C ARG A 605 -12.58 -37.44 -26.32
N SER A 606 -11.86 -38.48 -25.87
CA SER A 606 -12.28 -39.30 -24.75
C SER A 606 -12.08 -38.52 -23.48
N ALA A 607 -11.29 -37.45 -23.55
CA ALA A 607 -10.95 -36.63 -22.40
C ALA A 607 -11.89 -35.43 -22.18
N GLY A 608 -12.86 -35.28 -23.09
CA GLY A 608 -13.77 -34.14 -23.02
C GLY A 608 -13.07 -32.87 -23.45
N ILE A 609 -11.92 -33.05 -24.07
CA ILE A 609 -11.16 -31.96 -24.66
C ILE A 609 -11.55 -31.85 -26.13
N LYS A 610 -12.10 -30.70 -26.52
CA LYS A 610 -12.51 -30.48 -27.90
C LYS A 610 -11.29 -30.39 -28.81
N VAL A 611 -11.26 -31.20 -29.86
CA VAL A 611 -10.15 -31.14 -30.80
C VAL A 611 -10.52 -30.41 -32.07
N ILE A 612 -9.79 -29.33 -32.36
CA ILE A 612 -10.09 -28.46 -33.48
C ILE A 612 -8.87 -28.22 -34.36
N MET A 613 -8.95 -28.68 -35.61
CA MET A 613 -7.86 -28.52 -36.56
C MET A 613 -7.83 -27.09 -37.12
N VAL A 614 -6.66 -26.47 -37.08
CA VAL A 614 -6.48 -25.13 -37.64
C VAL A 614 -5.30 -25.09 -38.59
N THR A 615 -5.63 -25.16 -39.87
CA THR A 615 -4.63 -25.22 -40.93
C THR A 615 -4.91 -24.22 -42.05
N GLY A 616 -3.86 -23.90 -42.80
CA GLY A 616 -3.96 -22.99 -43.93
C GLY A 616 -3.85 -23.80 -45.19
N ASP A 617 -3.96 -25.11 -45.02
CA ASP A 617 -3.93 -26.04 -46.13
C ASP A 617 -5.34 -26.19 -46.72
N HIS A 618 -5.42 -27.09 -47.69
CA HIS A 618 -6.60 -27.31 -48.52
C HIS A 618 -7.82 -27.72 -47.71
N PRO A 619 -8.99 -27.16 -48.05
CA PRO A 619 -10.20 -27.42 -47.28
C PRO A 619 -10.60 -28.89 -47.37
N ILE A 620 -10.43 -29.45 -48.57
CA ILE A 620 -10.73 -30.85 -48.81
C ILE A 620 -9.72 -31.75 -48.12
N THR A 621 -8.44 -31.41 -48.26
CA THR A 621 -7.36 -32.14 -47.60
C THR A 621 -7.53 -32.16 -46.07
N ALA A 622 -7.78 -30.99 -45.48
CA ALA A 622 -7.98 -30.92 -44.04
C ALA A 622 -9.24 -31.65 -43.60
N LYS A 623 -10.27 -31.65 -44.44
CA LYS A 623 -11.44 -32.45 -44.12
C LYS A 623 -11.09 -33.93 -44.08
N ALA A 624 -10.36 -34.40 -45.09
CA ALA A 624 -9.99 -35.81 -45.20
C ALA A 624 -9.09 -36.26 -44.05
N ILE A 625 -8.04 -35.50 -43.81
CA ILE A 625 -7.15 -35.74 -42.68
C ILE A 625 -7.95 -35.77 -41.38
N ALA A 626 -8.89 -34.83 -41.24
CA ALA A 626 -9.73 -34.79 -40.04
C ALA A 626 -10.54 -36.06 -39.85
N LYS A 627 -11.20 -36.53 -40.90
CA LYS A 627 -11.92 -37.78 -40.81
C LYS A 627 -10.97 -38.90 -40.41
N GLY A 628 -9.76 -38.83 -40.97
CA GLY A 628 -8.76 -39.88 -40.79
C GLY A 628 -8.26 -40.04 -39.37
N VAL A 629 -7.83 -38.94 -38.76
CA VAL A 629 -7.24 -39.01 -37.44
C VAL A 629 -8.28 -38.81 -36.34
N GLY A 630 -9.53 -38.63 -36.76
CA GLY A 630 -10.64 -38.58 -35.81
C GLY A 630 -11.03 -37.22 -35.26
N ILE A 631 -10.68 -36.15 -35.96
CA ILE A 631 -11.16 -34.85 -35.55
C ILE A 631 -12.64 -34.77 -35.93
N ILE A 632 -12.98 -35.40 -37.04
CA ILE A 632 -14.36 -35.51 -37.50
C ILE A 632 -14.73 -36.96 -37.70
N SER A 633 -15.71 -37.43 -36.93
CA SER A 633 -16.14 -38.82 -36.99
C SER A 633 -17.30 -39.02 -37.97
N GLU A 634 -17.37 -40.23 -38.51
CA GLU A 634 -18.41 -40.61 -39.45
C GLU A 634 -19.76 -40.60 -38.75
N GLY A 635 -20.81 -40.24 -39.48
CA GLY A 635 -22.13 -40.10 -38.91
C GLY A 635 -22.39 -38.66 -38.49
N ASN A 636 -21.33 -37.86 -38.45
CA ASN A 636 -21.44 -36.43 -38.17
C ASN A 636 -21.17 -35.61 -39.43
N GLU A 637 -22.19 -35.51 -40.28
CA GLU A 637 -22.06 -34.83 -41.57
C GLU A 637 -21.95 -33.32 -41.43
N THR A 638 -21.15 -32.72 -42.31
CA THR A 638 -21.06 -31.26 -42.39
C THR A 638 -22.30 -30.77 -43.15
N VAL A 639 -22.45 -29.45 -43.28
CA VAL A 639 -23.62 -28.90 -43.97
C VAL A 639 -23.65 -29.36 -45.42
N GLU A 640 -22.47 -29.43 -46.05
CA GLU A 640 -22.32 -29.80 -47.45
C GLU A 640 -22.62 -31.28 -47.69
N ASP A 641 -22.20 -32.12 -46.76
CA ASP A 641 -22.46 -33.55 -46.84
C ASP A 641 -23.98 -33.73 -46.83
N ILE A 642 -24.65 -32.93 -46.00
CA ILE A 642 -26.10 -32.93 -45.90
C ILE A 642 -26.72 -32.45 -47.21
N ALA A 643 -26.10 -31.44 -47.82
CA ALA A 643 -26.58 -30.92 -49.09
C ALA A 643 -26.44 -31.94 -50.21
N ALA A 644 -25.45 -32.82 -50.09
CA ALA A 644 -25.23 -33.89 -51.04
C ALA A 644 -26.29 -34.96 -50.87
N ARG A 645 -26.37 -35.48 -49.64
CA ARG A 645 -27.33 -36.52 -49.29
C ARG A 645 -28.75 -36.11 -49.66
N LEU A 646 -29.09 -34.86 -49.44
CA LEU A 646 -30.46 -34.43 -49.61
C LEU A 646 -30.72 -33.76 -50.96
N ASN A 647 -29.68 -33.66 -51.79
CA ASN A 647 -29.79 -33.06 -53.13
C ASN A 647 -30.43 -31.67 -53.12
N ILE A 648 -30.03 -30.86 -52.14
CA ILE A 648 -30.53 -29.51 -52.02
C ILE A 648 -29.33 -28.57 -51.88
N PRO A 649 -29.51 -27.29 -52.22
CA PRO A 649 -28.40 -26.34 -52.12
C PRO A 649 -27.91 -26.23 -50.69
N VAL A 650 -26.62 -25.94 -50.51
CA VAL A 650 -26.02 -25.87 -49.19
C VAL A 650 -26.74 -24.84 -48.31
N SER A 651 -27.14 -23.72 -48.90
CA SER A 651 -27.78 -22.65 -48.14
C SER A 651 -29.15 -23.03 -47.59
N GLN A 652 -29.78 -24.04 -48.18
CA GLN A 652 -31.11 -24.48 -47.76
C GLN A 652 -31.03 -25.28 -46.47
N VAL A 653 -29.90 -25.96 -46.29
CA VAL A 653 -29.67 -26.81 -45.12
C VAL A 653 -29.52 -25.98 -43.85
N ASN A 654 -30.29 -26.33 -42.83
CA ASN A 654 -30.21 -25.72 -41.50
C ASN A 654 -28.82 -25.94 -40.86
N PRO A 655 -28.09 -24.84 -40.59
CA PRO A 655 -26.72 -24.94 -40.05
C PRO A 655 -26.65 -25.53 -38.63
N ARG A 656 -27.80 -25.56 -37.96
CA ARG A 656 -27.88 -26.14 -36.63
C ARG A 656 -28.13 -27.63 -36.76
N ASP A 657 -28.78 -28.02 -37.87
CA ASP A 657 -28.99 -29.43 -38.20
C ASP A 657 -27.63 -30.14 -38.30
N ALA A 658 -26.59 -29.35 -38.56
CA ALA A 658 -25.25 -29.87 -38.82
C ALA A 658 -24.41 -30.03 -37.57
N LYS A 659 -23.73 -31.17 -37.47
CA LYS A 659 -22.86 -31.49 -36.34
C LYS A 659 -21.49 -30.90 -36.54
N ALA A 660 -20.80 -31.38 -37.57
CA ALA A 660 -19.46 -30.94 -37.86
C ALA A 660 -19.46 -29.76 -38.80
N CYS A 661 -18.27 -29.20 -39.02
CA CYS A 661 -18.10 -28.10 -39.95
C CYS A 661 -16.64 -27.80 -40.29
N VAL A 662 -16.44 -27.30 -41.49
CA VAL A 662 -15.13 -26.84 -41.95
C VAL A 662 -15.26 -25.37 -42.37
N VAL A 663 -14.33 -24.54 -41.92
CA VAL A 663 -14.41 -23.13 -42.22
C VAL A 663 -13.29 -22.70 -43.15
N HIS A 664 -13.65 -22.12 -44.28
CA HIS A 664 -12.68 -21.62 -45.25
C HIS A 664 -12.09 -20.32 -44.72
N GLY A 665 -10.79 -20.15 -44.88
CA GLY A 665 -10.09 -18.96 -44.40
C GLY A 665 -10.71 -17.66 -44.85
N SER A 666 -11.22 -17.64 -46.07
CA SER A 666 -11.88 -16.45 -46.59
C SER A 666 -13.10 -16.09 -45.75
N ASP A 667 -13.88 -17.10 -45.39
CA ASP A 667 -15.04 -16.87 -44.55
C ASP A 667 -14.60 -16.33 -43.20
N LEU A 668 -13.49 -16.88 -42.71
CA LEU A 668 -12.92 -16.48 -41.42
C LEU A 668 -12.50 -15.01 -41.42
N LYS A 669 -11.99 -14.56 -42.55
CA LYS A 669 -11.51 -13.19 -42.69
C LYS A 669 -12.66 -12.20 -42.54
N ASP A 670 -13.85 -12.61 -42.97
CA ASP A 670 -15.02 -11.75 -42.90
C ASP A 670 -15.89 -12.06 -41.68
N MET A 671 -15.32 -12.80 -40.74
CA MET A 671 -16.02 -13.14 -39.50
C MET A 671 -15.98 -12.02 -38.46
N THR A 672 -17.15 -11.66 -37.95
CA THR A 672 -17.25 -10.83 -36.77
C THR A 672 -16.92 -11.72 -35.58
N SER A 673 -16.61 -11.13 -34.43
CA SER A 673 -16.29 -11.93 -33.25
C SER A 673 -17.47 -12.82 -32.86
N GLU A 674 -18.67 -12.31 -33.11
CA GLU A 674 -19.90 -13.01 -32.79
C GLU A 674 -20.10 -14.29 -33.60
N GLN A 675 -19.81 -14.22 -34.91
CA GLN A 675 -20.01 -15.35 -35.82
C GLN A 675 -19.03 -16.51 -35.58
N LEU A 676 -17.78 -16.15 -35.26
CA LEU A 676 -16.82 -17.13 -34.81
C LEU A 676 -17.27 -17.74 -33.50
N ASP A 677 -17.77 -16.89 -32.59
CA ASP A 677 -18.36 -17.39 -31.34
C ASP A 677 -19.42 -18.46 -31.64
N ASP A 678 -20.27 -18.20 -32.63
CA ASP A 678 -21.32 -19.14 -33.03
C ASP A 678 -20.78 -20.46 -33.57
N ILE A 679 -19.96 -20.38 -34.62
CA ILE A 679 -19.35 -21.56 -35.21
C ILE A 679 -18.71 -22.42 -34.14
N LEU A 680 -17.90 -21.79 -33.31
CA LEU A 680 -17.19 -22.48 -32.25
C LEU A 680 -18.12 -23.09 -31.22
N LYS A 681 -19.19 -22.38 -30.88
CA LYS A 681 -20.05 -22.84 -29.80
C LYS A 681 -20.97 -23.97 -30.25
N TYR A 682 -21.49 -23.88 -31.46
CA TYR A 682 -22.61 -24.73 -31.89
C TYR A 682 -22.25 -25.95 -32.70
N HIS A 683 -20.95 -26.11 -32.96
CA HIS A 683 -20.46 -27.23 -33.73
C HIS A 683 -19.46 -28.06 -32.96
N THR A 684 -19.67 -29.37 -32.97
CA THR A 684 -18.89 -30.30 -32.16
C THR A 684 -17.49 -30.56 -32.74
N GLU A 685 -17.43 -30.80 -34.03
CA GLU A 685 -16.16 -31.08 -34.66
C GLU A 685 -15.87 -29.98 -35.68
N ILE A 686 -14.77 -29.28 -35.46
CA ILE A 686 -14.48 -28.08 -36.25
C ILE A 686 -13.11 -28.15 -36.93
N VAL A 687 -13.08 -27.87 -38.23
CA VAL A 687 -11.82 -27.82 -38.96
C VAL A 687 -11.66 -26.50 -39.70
N PHE A 688 -10.73 -25.67 -39.26
CA PHE A 688 -10.43 -24.43 -39.98
C PHE A 688 -9.41 -24.66 -41.08
N ALA A 689 -9.72 -24.20 -42.29
CA ALA A 689 -8.82 -24.38 -43.43
C ALA A 689 -8.57 -23.06 -44.13
N ARG A 690 -7.45 -22.98 -44.84
CA ARG A 690 -7.06 -21.79 -45.58
C ARG A 690 -6.86 -20.58 -44.64
N THR A 691 -6.49 -20.86 -43.40
CA THR A 691 -6.37 -19.80 -42.40
C THR A 691 -5.01 -19.10 -42.41
N SER A 692 -5.05 -17.77 -42.25
CA SER A 692 -3.83 -16.98 -42.11
C SER A 692 -3.36 -17.16 -40.68
N PRO A 693 -2.09 -16.82 -40.39
CA PRO A 693 -1.58 -17.03 -39.03
C PRO A 693 -2.39 -16.25 -37.99
N GLN A 694 -2.76 -15.04 -38.35
CA GLN A 694 -3.56 -14.18 -37.50
C GLN A 694 -4.95 -14.76 -37.28
N GLN A 695 -5.39 -15.58 -38.23
CA GLN A 695 -6.68 -16.25 -38.11
C GLN A 695 -6.57 -17.41 -37.12
N LYS A 696 -5.41 -18.06 -37.08
CA LYS A 696 -5.12 -19.02 -36.03
C LYS A 696 -5.26 -18.29 -34.71
N LEU A 697 -4.55 -17.17 -34.60
CA LEU A 697 -4.60 -16.31 -33.42
C LEU A 697 -6.03 -15.97 -32.97
N ILE A 698 -6.84 -15.46 -33.89
CA ILE A 698 -8.20 -15.06 -33.57
C ILE A 698 -9.06 -16.25 -33.18
N ILE A 699 -8.77 -17.40 -33.79
CA ILE A 699 -9.45 -18.65 -33.46
C ILE A 699 -9.21 -19.02 -32.00
N VAL A 700 -7.94 -19.08 -31.62
CA VAL A 700 -7.58 -19.38 -30.26
C VAL A 700 -8.21 -18.36 -29.31
N GLU A 701 -8.17 -17.09 -29.69
CA GLU A 701 -8.73 -16.04 -28.86
C GLU A 701 -10.25 -16.14 -28.74
N GLY A 702 -10.87 -16.78 -29.73
CA GLY A 702 -12.28 -17.04 -29.69
C GLY A 702 -12.57 -18.18 -28.75
N CYS A 703 -11.63 -19.12 -28.69
CA CYS A 703 -11.76 -20.23 -27.75
C CYS A 703 -11.54 -19.73 -26.33
N GLN A 704 -10.76 -18.67 -26.20
CA GLN A 704 -10.54 -18.02 -24.92
C GLN A 704 -11.69 -17.09 -24.62
N ARG A 705 -12.49 -16.77 -25.63
CA ARG A 705 -13.65 -15.91 -25.45
C ARG A 705 -14.80 -16.73 -24.85
N GLN A 706 -14.66 -18.05 -24.89
CA GLN A 706 -15.68 -18.93 -24.33
C GLN A 706 -15.43 -19.24 -22.85
N GLY A 707 -14.30 -18.75 -22.34
CA GLY A 707 -13.91 -19.00 -20.96
C GLY A 707 -13.02 -20.22 -20.85
N ALA A 708 -12.78 -20.87 -21.99
CA ALA A 708 -12.09 -22.17 -22.03
C ALA A 708 -10.57 -22.09 -22.09
N ILE A 709 -9.92 -23.06 -21.45
CA ILE A 709 -8.48 -23.20 -21.49
C ILE A 709 -8.10 -23.94 -22.76
N VAL A 710 -7.12 -23.41 -23.49
CA VAL A 710 -6.77 -23.99 -24.78
C VAL A 710 -5.30 -24.33 -24.95
N ALA A 711 -5.05 -25.44 -25.63
CA ALA A 711 -3.71 -25.85 -25.96
C ALA A 711 -3.52 -25.63 -27.44
N VAL A 712 -2.29 -25.42 -27.87
CA VAL A 712 -2.00 -25.28 -29.29
C VAL A 712 -0.80 -26.12 -29.70
N THR A 713 -1.03 -26.99 -30.68
CA THR A 713 0.01 -27.90 -31.15
C THR A 713 0.36 -27.56 -32.59
N GLY A 714 1.65 -27.55 -32.91
CA GLY A 714 2.09 -27.15 -34.24
C GLY A 714 3.50 -27.55 -34.66
N ASP A 715 3.99 -26.89 -35.70
CA ASP A 715 5.34 -27.15 -36.22
C ASP A 715 5.87 -25.87 -36.85
N GLY A 716 5.02 -25.19 -37.61
CA GLY A 716 5.43 -24.17 -38.54
C GLY A 716 5.78 -22.86 -37.85
N VAL A 717 6.45 -21.98 -38.57
CA VAL A 717 6.73 -20.66 -38.06
C VAL A 717 5.40 -19.93 -37.87
N ASN A 718 4.49 -20.12 -38.82
CA ASN A 718 3.15 -19.53 -38.79
C ASN A 718 2.23 -20.03 -37.66
N ASP A 719 2.69 -21.05 -36.94
CA ASP A 719 1.97 -21.54 -35.77
C ASP A 719 2.25 -20.61 -34.58
N SER A 720 3.43 -20.00 -34.58
CA SER A 720 3.89 -19.20 -33.44
C SER A 720 2.89 -18.17 -32.86
N PRO A 721 2.14 -17.45 -33.72
CA PRO A 721 1.22 -16.50 -33.11
C PRO A 721 0.11 -17.23 -32.39
N ALA A 722 -0.30 -18.36 -32.96
CA ALA A 722 -1.34 -19.18 -32.38
C ALA A 722 -0.83 -19.77 -31.07
N SER A 723 0.37 -20.36 -31.12
CA SER A 723 0.90 -21.07 -29.96
C SER A 723 1.48 -20.15 -28.90
N LYS A 724 1.42 -18.84 -29.15
CA LYS A 724 1.82 -17.87 -28.14
C LYS A 724 0.65 -17.52 -27.23
N LYS A 725 -0.44 -17.07 -27.85
CA LYS A 725 -1.64 -16.64 -27.13
C LYS A 725 -2.23 -17.78 -26.29
N ALA A 726 -1.80 -19.01 -26.57
CA ALA A 726 -2.36 -20.18 -25.92
C ALA A 726 -2.06 -20.27 -24.44
N ASP A 727 -2.99 -20.87 -23.71
CA ASP A 727 -2.84 -21.14 -22.29
C ASP A 727 -1.71 -22.14 -22.08
N ILE A 728 -1.41 -22.88 -23.14
CA ILE A 728 -0.32 -23.84 -23.14
C ILE A 728 0.05 -24.16 -24.59
N GLY A 729 1.34 -24.03 -24.92
CA GLY A 729 1.79 -24.27 -26.28
C GLY A 729 2.63 -25.52 -26.44
N VAL A 730 2.40 -26.27 -27.52
CA VAL A 730 3.19 -27.46 -27.81
C VAL A 730 3.68 -27.47 -29.25
N ALA A 731 4.92 -27.91 -29.45
CA ALA A 731 5.55 -27.85 -30.76
C ALA A 731 6.50 -29.01 -31.01
N MET A 732 6.65 -29.37 -32.27
CA MET A 732 7.61 -30.39 -32.68
C MET A 732 9.01 -29.87 -32.49
N GLY A 733 9.88 -30.70 -31.94
CA GLY A 733 11.25 -30.31 -31.73
C GLY A 733 12.07 -30.59 -32.97
N ILE A 734 11.62 -31.58 -33.72
CA ILE A 734 12.28 -31.90 -34.97
C ILE A 734 11.63 -31.11 -36.10
N ALA A 735 10.35 -31.38 -36.34
CA ALA A 735 9.61 -30.80 -37.47
C ALA A 735 9.36 -29.30 -37.31
N GLY A 736 9.34 -28.84 -36.06
CA GLY A 736 9.07 -27.45 -35.75
C GLY A 736 10.11 -26.45 -36.23
N SER A 737 9.68 -25.19 -36.33
CA SER A 737 10.59 -24.08 -36.59
C SER A 737 11.26 -23.65 -35.30
N ASP A 738 12.28 -22.81 -35.43
CA ASP A 738 12.97 -22.31 -34.25
C ASP A 738 12.07 -21.32 -33.49
N VAL A 739 11.31 -20.51 -34.23
CA VAL A 739 10.41 -19.56 -33.59
C VAL A 739 9.28 -20.22 -32.81
N SER A 740 8.60 -21.16 -33.43
CA SER A 740 7.46 -21.80 -32.78
C SER A 740 7.88 -22.79 -31.69
N LYS A 741 9.09 -23.32 -31.79
CA LYS A 741 9.61 -24.19 -30.73
C LYS A 741 10.15 -23.34 -29.60
N GLN A 742 10.48 -22.09 -29.92
CA GLN A 742 10.85 -21.12 -28.89
C GLN A 742 9.60 -20.82 -28.10
N ALA A 743 8.62 -20.25 -28.80
CA ALA A 743 7.36 -19.77 -28.22
C ALA A 743 6.59 -20.78 -27.37
N ALA A 744 6.74 -22.06 -27.69
CA ALA A 744 5.97 -23.12 -27.02
C ALA A 744 6.41 -23.40 -25.58
N ASP A 745 5.49 -23.94 -24.78
CA ASP A 745 5.78 -24.27 -23.38
C ASP A 745 6.26 -25.71 -23.27
N MET A 746 5.99 -26.48 -24.32
CA MET A 746 6.31 -27.90 -24.37
C MET A 746 6.85 -28.33 -25.73
N ILE A 747 8.01 -28.97 -25.73
CA ILE A 747 8.64 -29.39 -26.97
C ILE A 747 8.78 -30.90 -27.06
N LEU A 748 8.25 -31.48 -28.11
CA LEU A 748 8.37 -32.91 -28.28
C LEU A 748 9.65 -33.22 -29.02
N LEU A 749 10.65 -33.69 -28.29
CA LEU A 749 11.96 -33.98 -28.88
C LEU A 749 11.90 -35.24 -29.72
N ASP A 750 10.83 -36.01 -29.54
CA ASP A 750 10.64 -37.23 -30.30
C ASP A 750 9.54 -37.00 -31.32
N ASP A 751 9.02 -35.77 -31.35
CA ASP A 751 7.96 -35.37 -32.28
C ASP A 751 6.69 -36.22 -32.09
N ASN A 752 6.61 -36.93 -30.97
CA ASN A 752 5.48 -37.81 -30.74
C ASN A 752 4.27 -37.05 -30.24
N PHE A 753 3.22 -37.02 -31.04
CA PHE A 753 2.02 -36.29 -30.69
C PHE A 753 1.37 -36.80 -29.41
N ALA A 754 1.40 -38.12 -29.22
CA ALA A 754 0.76 -38.75 -28.07
C ALA A 754 1.27 -38.18 -26.73
N SER A 755 2.48 -37.66 -26.74
CA SER A 755 3.06 -37.06 -25.54
C SER A 755 2.20 -35.95 -24.96
N ILE A 756 1.39 -35.30 -25.80
CA ILE A 756 0.50 -34.25 -25.30
C ILE A 756 -0.45 -34.88 -24.31
N VAL A 757 -1.05 -36.00 -24.71
CA VAL A 757 -2.01 -36.71 -23.88
C VAL A 757 -1.51 -37.00 -22.47
N THR A 758 -0.44 -37.80 -22.35
CA THR A 758 0.14 -38.09 -21.04
C THR A 758 0.43 -36.79 -20.34
N GLY A 759 0.92 -35.82 -21.11
CA GLY A 759 1.11 -34.47 -20.64
C GLY A 759 -0.08 -34.01 -19.83
N VAL A 760 -1.24 -33.87 -20.47
CA VAL A 760 -2.44 -33.39 -19.78
C VAL A 760 -2.79 -34.30 -18.61
N GLU A 761 -2.60 -35.59 -18.80
CA GLU A 761 -2.86 -36.55 -17.75
C GLU A 761 -2.08 -36.15 -16.50
N GLU A 762 -0.78 -35.90 -16.67
CA GLU A 762 0.08 -35.47 -15.57
C GLU A 762 -0.50 -34.25 -14.89
N GLY A 763 -0.95 -33.31 -15.72
CA GLY A 763 -1.48 -32.06 -15.25
C GLY A 763 -2.73 -32.24 -14.41
N ARG A 764 -3.50 -33.29 -14.71
CA ARG A 764 -4.64 -33.62 -13.88
C ARG A 764 -4.09 -34.06 -12.52
N LEU A 765 -3.17 -35.01 -12.56
CA LEU A 765 -2.61 -35.62 -11.34
C LEU A 765 -2.07 -34.58 -10.38
N ILE A 766 -1.29 -33.65 -10.91
CA ILE A 766 -0.80 -32.53 -10.11
C ILE A 766 -1.99 -31.86 -9.43
N PHE A 767 -2.87 -31.31 -10.25
CA PHE A 767 -4.08 -30.62 -9.79
C PHE A 767 -4.86 -31.52 -8.85
N ASP A 768 -4.71 -32.83 -9.06
CA ASP A 768 -5.42 -33.83 -8.27
C ASP A 768 -4.68 -34.11 -6.96
N ASN A 769 -3.38 -34.37 -7.06
CA ASN A 769 -2.65 -34.81 -5.89
C ASN A 769 -2.57 -33.70 -4.87
N LEU A 770 -2.11 -32.54 -5.32
CA LEU A 770 -2.03 -31.36 -4.47
C LEU A 770 -3.30 -31.19 -3.65
N LYS A 771 -4.43 -31.06 -4.34
CA LYS A 771 -5.72 -30.89 -3.67
C LYS A 771 -5.93 -31.92 -2.57
N LYS A 772 -5.69 -33.20 -2.91
CA LYS A 772 -5.79 -34.28 -1.94
C LYS A 772 -5.07 -33.94 -0.63
N SER A 773 -3.77 -33.64 -0.73
CA SER A 773 -2.97 -33.37 0.47
C SER A 773 -3.59 -32.23 1.27
N ILE A 774 -4.04 -31.20 0.55
CA ILE A 774 -4.61 -30.03 1.19
C ILE A 774 -5.72 -30.49 2.10
N ALA A 775 -6.63 -31.28 1.53
CA ALA A 775 -7.75 -31.82 2.28
C ALA A 775 -7.23 -32.38 3.60
N TYR A 776 -6.31 -33.34 3.50
CA TYR A 776 -5.77 -34.00 4.70
C TYR A 776 -5.35 -32.99 5.76
N THR A 777 -4.55 -32.01 5.35
CA THR A 777 -3.94 -31.12 6.33
C THR A 777 -5.01 -30.33 7.09
N LEU A 778 -6.06 -29.92 6.39
CA LEU A 778 -7.11 -29.12 7.02
C LEU A 778 -7.81 -29.91 8.11
N THR A 779 -7.91 -31.22 7.90
CA THR A 779 -8.67 -32.07 8.81
C THR A 779 -7.92 -32.16 10.13
N SER A 780 -6.61 -31.92 10.07
CA SER A 780 -5.77 -31.89 11.28
C SER A 780 -6.11 -30.65 12.11
N ASN A 781 -6.55 -29.58 11.46
CA ASN A 781 -6.75 -28.29 12.12
C ASN A 781 -7.87 -28.27 13.18
N ILE A 782 -9.11 -28.54 12.79
CA ILE A 782 -10.27 -28.45 13.71
C ILE A 782 -10.04 -29.07 15.10
N PRO A 783 -9.62 -30.36 15.16
CA PRO A 783 -9.47 -30.94 16.50
C PRO A 783 -8.29 -30.36 17.29
N GLU A 784 -7.45 -29.57 16.64
CA GLU A 784 -6.38 -28.89 17.36
C GLU A 784 -6.90 -27.61 18.00
N ILE A 785 -7.84 -26.96 17.32
CA ILE A 785 -8.35 -25.65 17.74
C ILE A 785 -9.51 -25.74 18.72
N THR A 786 -10.39 -26.70 18.49
CA THR A 786 -11.60 -26.88 19.31
C THR A 786 -11.43 -27.00 20.84
N PRO A 787 -10.44 -27.79 21.31
CA PRO A 787 -10.29 -27.94 22.76
C PRO A 787 -10.12 -26.63 23.57
N PHE A 788 -9.35 -25.67 23.07
CA PHE A 788 -9.18 -24.40 23.76
C PHE A 788 -10.49 -23.61 23.77
N LEU A 789 -11.34 -23.84 22.77
CA LEU A 789 -12.63 -23.16 22.69
C LEU A 789 -13.65 -23.81 23.62
N ILE A 790 -13.62 -25.14 23.71
CA ILE A 790 -14.48 -25.87 24.63
C ILE A 790 -13.99 -25.61 26.05
N PHE A 791 -12.71 -25.26 26.13
CA PHE A 791 -12.10 -24.88 27.38
C PHE A 791 -12.88 -23.73 28.01
N ILE A 792 -13.22 -22.74 27.19
CA ILE A 792 -13.98 -21.59 27.66
C ILE A 792 -15.38 -21.97 28.11
N ILE A 793 -16.04 -22.79 27.29
CA ILE A 793 -17.46 -23.09 27.48
C ILE A 793 -17.79 -23.64 28.87
N ALA A 794 -17.03 -24.63 29.34
CA ALA A 794 -17.15 -25.09 30.70
C ALA A 794 -15.75 -25.37 31.21
N ASN A 795 -15.53 -25.18 32.51
CA ASN A 795 -14.19 -25.39 33.07
C ASN A 795 -13.80 -26.86 33.05
N ILE A 796 -13.68 -27.39 31.84
CA ILE A 796 -13.25 -28.75 31.60
C ILE A 796 -11.74 -28.78 31.59
N PRO A 797 -11.15 -29.75 32.28
CA PRO A 797 -9.69 -29.92 32.35
C PRO A 797 -9.08 -29.96 30.95
N LEU A 798 -7.85 -29.48 30.83
CA LEU A 798 -7.17 -29.36 29.55
C LEU A 798 -7.10 -30.72 28.88
N PRO A 799 -7.69 -30.84 27.70
CA PRO A 799 -7.71 -32.11 26.95
C PRO A 799 -6.43 -32.32 26.15
N LEU A 800 -5.78 -31.22 25.77
CA LEU A 800 -4.46 -31.29 25.16
C LEU A 800 -3.61 -30.08 25.53
N GLY A 801 -2.30 -30.21 25.35
CA GLY A 801 -1.38 -29.13 25.64
C GLY A 801 -0.78 -28.58 24.37
N THR A 802 -0.04 -27.48 24.50
CA THR A 802 0.64 -26.87 23.38
C THR A 802 1.62 -27.86 22.79
N VAL A 803 2.38 -28.50 23.67
CA VAL A 803 3.36 -29.50 23.25
C VAL A 803 2.65 -30.65 22.55
N THR A 804 1.49 -31.03 23.07
CA THR A 804 0.70 -32.09 22.45
C THR A 804 0.21 -31.68 21.05
N ILE A 805 -0.21 -30.43 20.93
CA ILE A 805 -0.65 -29.89 19.66
C ILE A 805 0.46 -29.91 18.61
N LEU A 806 1.64 -29.42 18.97
CA LEU A 806 2.76 -29.44 18.03
C LEU A 806 3.19 -30.87 17.73
N CYS A 807 3.02 -31.75 18.73
CA CYS A 807 3.27 -33.18 18.54
C CYS A 807 2.41 -33.69 17.40
N ILE A 808 1.13 -33.37 17.47
CA ILE A 808 0.21 -33.76 16.41
C ILE A 808 0.61 -33.14 15.07
N ASP A 809 0.71 -31.82 15.04
CA ASP A 809 0.93 -31.10 13.80
C ASP A 809 2.26 -31.46 13.14
N LEU A 810 3.19 -32.04 13.89
CA LEU A 810 4.47 -32.40 13.30
C LEU A 810 4.60 -33.89 12.96
N GLY A 811 4.06 -34.76 13.79
CA GLY A 811 4.15 -36.18 13.51
C GLY A 811 3.14 -36.59 12.46
N THR A 812 2.04 -35.86 12.43
CA THR A 812 0.86 -36.26 11.68
C THR A 812 0.69 -35.51 10.36
N ASP A 813 1.49 -34.45 10.16
CA ASP A 813 1.41 -33.63 8.93
C ASP A 813 2.70 -33.55 8.08
N MET A 814 3.85 -33.85 8.69
CA MET A 814 5.11 -33.90 7.94
C MET A 814 5.12 -35.04 6.93
N VAL A 815 5.19 -36.27 7.43
CA VAL A 815 5.21 -37.43 6.55
C VAL A 815 3.97 -37.54 5.66
N PRO A 816 2.75 -37.56 6.26
CA PRO A 816 1.55 -37.85 5.44
C PRO A 816 1.26 -36.84 4.33
N ALA A 817 1.31 -35.55 4.64
CA ALA A 817 1.03 -34.54 3.63
C ALA A 817 1.94 -34.73 2.42
N ILE A 818 3.20 -35.06 2.66
CA ILE A 818 4.14 -35.34 1.58
C ILE A 818 3.75 -36.65 0.86
N SER A 819 3.35 -37.66 1.63
CA SER A 819 3.06 -38.99 1.06
C SER A 819 1.91 -38.93 0.07
N LEU A 820 0.96 -38.04 0.34
CA LEU A 820 -0.17 -37.84 -0.56
C LEU A 820 0.31 -37.57 -1.99
N ALA A 821 1.46 -36.91 -2.11
CA ALA A 821 2.00 -36.53 -3.40
C ALA A 821 2.28 -37.73 -4.29
N TYR A 822 2.51 -38.87 -3.66
CA TYR A 822 3.02 -40.02 -4.37
C TYR A 822 1.94 -40.91 -4.98
N GLU A 823 0.68 -40.57 -4.73
CA GLU A 823 -0.40 -41.41 -5.22
C GLU A 823 -0.69 -41.17 -6.69
N GLN A 824 -0.97 -42.25 -7.39
CA GLN A 824 -1.31 -42.19 -8.81
C GLN A 824 -2.79 -41.80 -8.99
N ALA A 825 -3.14 -41.33 -10.17
CA ALA A 825 -4.51 -40.89 -10.44
C ALA A 825 -5.45 -42.06 -10.46
N GLU A 826 -6.46 -42.02 -9.59
CA GLU A 826 -7.31 -43.18 -9.32
C GLU A 826 -7.89 -43.83 -10.56
N SER A 827 -9.04 -43.38 -11.01
CA SER A 827 -9.57 -43.91 -12.25
C SER A 827 -8.54 -43.54 -13.32
N ASP A 828 -8.23 -42.27 -13.58
CA ASP A 828 -8.95 -41.08 -13.15
C ASP A 828 -9.81 -40.83 -14.35
N ILE A 829 -9.15 -40.94 -15.51
CA ILE A 829 -9.74 -40.83 -16.84
C ILE A 829 -10.56 -39.58 -16.90
N MET A 830 -9.95 -38.48 -17.28
CA MET A 830 -10.70 -37.27 -17.31
C MET A 830 -10.64 -36.89 -18.76
N LYS A 831 -11.72 -37.06 -19.53
CA LYS A 831 -13.16 -37.26 -19.14
C LYS A 831 -13.54 -38.33 -18.11
N ARG A 832 -14.00 -37.92 -16.92
CA ARG A 832 -14.54 -36.59 -16.54
C ARG A 832 -13.86 -35.31 -17.04
N GLN A 833 -14.53 -34.61 -17.97
CA GLN A 833 -13.99 -33.44 -18.65
C GLN A 833 -13.34 -32.46 -17.69
N PRO A 834 -12.24 -31.83 -18.12
CA PRO A 834 -11.48 -30.85 -17.33
C PRO A 834 -12.32 -29.75 -16.69
N ARG A 835 -12.14 -29.50 -15.40
CA ARG A 835 -12.96 -28.54 -14.65
C ARG A 835 -12.48 -27.09 -14.78
N ASN A 836 -13.44 -26.19 -15.03
CA ASN A 836 -13.15 -24.76 -15.14
C ASN A 836 -12.47 -24.29 -13.87
N PRO A 837 -11.44 -23.45 -14.01
CA PRO A 837 -10.78 -22.86 -12.85
C PRO A 837 -11.77 -22.00 -12.08
N LYS A 838 -12.79 -21.53 -12.80
CA LYS A 838 -13.86 -20.74 -12.20
C LYS A 838 -14.82 -21.65 -11.44
N THR A 839 -15.04 -22.85 -11.97
CA THR A 839 -15.95 -23.82 -11.35
C THR A 839 -15.41 -24.37 -10.04
N ASP A 840 -14.16 -24.85 -10.08
CA ASP A 840 -13.47 -25.31 -8.88
C ASP A 840 -11.94 -25.22 -8.99
N LYS A 841 -11.31 -24.91 -7.86
CA LYS A 841 -9.88 -24.65 -7.80
C LYS A 841 -9.12 -25.78 -7.13
N LEU A 842 -7.97 -25.43 -6.56
CA LEU A 842 -7.17 -26.39 -5.81
C LEU A 842 -7.62 -26.31 -4.38
N VAL A 843 -8.20 -25.16 -4.04
CA VAL A 843 -8.81 -24.99 -2.72
C VAL A 843 -10.25 -24.58 -2.91
N ASN A 844 -11.09 -25.58 -3.16
CA ASN A 844 -12.52 -25.39 -3.25
C ASN A 844 -13.07 -24.94 -1.89
N GLU A 845 -14.03 -24.01 -1.92
CA GLU A 845 -14.74 -23.65 -0.71
C GLU A 845 -15.58 -24.85 -0.21
N GLN A 846 -15.94 -25.73 -1.15
CA GLN A 846 -16.66 -26.96 -0.82
C GLN A 846 -15.74 -27.98 -0.11
N LEU A 847 -14.48 -28.04 -0.52
CA LEU A 847 -13.52 -28.96 0.08
C LEU A 847 -13.47 -28.70 1.58
N ILE A 848 -13.50 -27.44 1.97
CA ILE A 848 -13.39 -27.08 3.37
C ILE A 848 -14.61 -27.49 4.19
N SER A 849 -15.75 -27.71 3.54
CA SER A 849 -16.97 -28.11 4.24
C SER A 849 -16.97 -29.59 4.70
N MET A 850 -16.40 -30.48 3.91
CA MET A 850 -16.28 -31.88 4.33
C MET A 850 -14.92 -32.11 4.98
N ALA A 851 -14.04 -31.12 4.90
CA ALA A 851 -12.76 -31.20 5.60
C ALA A 851 -12.86 -30.73 7.06
N TYR A 852 -13.67 -29.70 7.28
CA TYR A 852 -13.87 -29.18 8.62
C TYR A 852 -15.19 -29.68 9.20
N GLY A 853 -16.26 -29.59 8.42
CA GLY A 853 -17.58 -29.96 8.89
C GLY A 853 -17.79 -31.45 8.97
N GLN A 854 -16.97 -32.20 8.26
CA GLN A 854 -17.08 -33.65 8.26
C GLN A 854 -15.91 -34.34 9.00
N ILE A 855 -14.75 -34.44 8.36
CA ILE A 855 -13.68 -35.25 8.90
C ILE A 855 -13.13 -34.70 10.21
N GLY A 856 -12.63 -33.46 10.16
CA GLY A 856 -12.12 -32.78 11.33
C GLY A 856 -12.99 -32.95 12.56
N MET A 857 -14.31 -32.77 12.39
CA MET A 857 -15.27 -32.94 13.47
C MET A 857 -15.20 -34.33 14.07
N ILE A 858 -15.13 -35.32 13.21
CA ILE A 858 -15.03 -36.69 13.69
C ILE A 858 -13.75 -36.92 14.49
N GLN A 859 -12.59 -36.55 13.91
CA GLN A 859 -11.32 -36.71 14.63
C GLN A 859 -11.39 -36.04 16.00
N ALA A 860 -12.07 -34.91 16.01
CA ALA A 860 -12.28 -34.15 17.25
C ALA A 860 -13.11 -34.92 18.28
N LEU A 861 -14.33 -35.32 17.93
CA LEU A 861 -15.19 -36.02 18.89
C LEU A 861 -14.56 -37.32 19.38
N GLY A 862 -13.72 -37.90 18.52
CA GLY A 862 -12.92 -39.05 18.92
C GLY A 862 -11.97 -38.67 20.04
N GLY A 863 -11.18 -37.62 19.80
CA GLY A 863 -10.29 -37.11 20.82
C GLY A 863 -10.96 -36.83 22.15
N PHE A 864 -12.05 -36.07 22.13
CA PHE A 864 -12.81 -35.76 23.34
C PHE A 864 -13.33 -37.03 24.04
N PHE A 865 -13.81 -38.00 23.25
CA PHE A 865 -14.26 -39.27 23.83
C PHE A 865 -13.14 -39.98 24.59
N THR A 866 -12.02 -40.21 23.91
CA THR A 866 -10.90 -40.90 24.53
C THR A 866 -10.46 -40.18 25.80
N TYR A 867 -10.35 -38.86 25.73
CA TYR A 867 -10.00 -38.05 26.90
C TYR A 867 -10.98 -38.22 28.08
N PHE A 868 -12.27 -38.26 27.75
CA PHE A 868 -13.28 -38.52 28.76
C PHE A 868 -13.18 -39.90 29.38
N VAL A 869 -12.74 -40.88 28.60
CA VAL A 869 -12.53 -42.22 29.12
C VAL A 869 -11.31 -42.26 30.04
N ILE A 870 -10.23 -41.57 29.66
CA ILE A 870 -9.08 -41.47 30.56
C ILE A 870 -9.55 -40.92 31.86
N LEU A 871 -10.07 -39.69 31.81
CA LEU A 871 -10.46 -38.99 33.04
C LEU A 871 -11.53 -39.74 33.83
N ALA A 872 -12.38 -40.48 33.13
CA ALA A 872 -13.35 -41.32 33.79
C ALA A 872 -12.66 -42.50 34.48
N GLU A 873 -11.65 -43.06 33.82
CA GLU A 873 -10.95 -44.22 34.37
C GLU A 873 -10.07 -43.84 35.55
N ASN A 874 -10.04 -42.55 35.89
CA ASN A 874 -9.29 -42.11 37.04
C ASN A 874 -10.17 -41.51 38.12
N GLY A 875 -11.46 -41.86 38.11
CA GLY A 875 -12.37 -41.44 39.16
C GLY A 875 -13.21 -40.22 38.86
N PHE A 876 -12.84 -39.50 37.81
CA PHE A 876 -13.54 -38.28 37.39
C PHE A 876 -14.54 -38.57 36.26
N LEU A 877 -15.79 -38.79 36.62
CA LEU A 877 -16.85 -38.99 35.65
C LEU A 877 -16.92 -37.80 34.72
N PRO A 878 -17.32 -38.03 33.45
CA PRO A 878 -17.41 -36.93 32.49
C PRO A 878 -18.33 -35.79 32.95
N ILE A 879 -19.43 -36.13 33.61
CA ILE A 879 -20.40 -35.14 34.08
C ILE A 879 -19.82 -34.25 35.17
N HIS A 880 -18.88 -34.82 35.92
CA HIS A 880 -18.26 -34.17 37.07
C HIS A 880 -17.18 -33.21 36.59
N LEU A 881 -16.77 -33.38 35.33
CA LEU A 881 -15.57 -32.75 34.81
C LEU A 881 -15.70 -31.27 34.49
N LEU A 882 -16.92 -30.81 34.21
CA LEU A 882 -17.13 -29.39 33.92
C LEU A 882 -17.13 -28.57 35.22
N GLY A 883 -16.43 -27.44 35.20
CA GLY A 883 -16.37 -26.55 36.36
C GLY A 883 -15.13 -26.76 37.22
N LEU A 884 -14.20 -27.58 36.73
CA LEU A 884 -13.08 -28.07 37.53
C LEU A 884 -11.85 -27.16 37.55
N ARG A 885 -11.59 -26.44 36.47
CA ARG A 885 -10.38 -25.60 36.35
C ARG A 885 -10.24 -24.63 37.52
N VAL A 886 -11.40 -24.18 38.01
CA VAL A 886 -11.49 -23.35 39.22
C VAL A 886 -10.52 -23.81 40.31
N ASN A 887 -10.38 -25.12 40.46
CA ASN A 887 -9.43 -25.68 41.41
C ASN A 887 -8.45 -26.62 40.71
N TRP A 888 -8.85 -27.14 39.56
CA TRP A 888 -8.02 -28.07 38.81
C TRP A 888 -6.66 -27.47 38.51
N ASP A 889 -6.64 -26.37 37.77
CA ASP A 889 -5.39 -25.70 37.45
C ASP A 889 -4.80 -24.95 38.66
N ASP A 890 -5.54 -24.89 39.77
CA ASP A 890 -5.04 -24.27 41.00
C ASP A 890 -3.94 -25.11 41.65
N ARG A 891 -2.78 -24.48 41.86
CA ARG A 891 -1.57 -25.19 42.28
C ARG A 891 -1.50 -25.51 43.77
N TRP A 892 -2.11 -24.66 44.58
CA TRP A 892 -2.00 -24.84 46.02
C TRP A 892 -3.24 -25.50 46.61
N ILE A 893 -4.24 -25.76 45.77
CA ILE A 893 -5.42 -26.48 46.22
C ILE A 893 -5.30 -27.97 45.84
N ASN A 894 -5.02 -28.80 46.83
CA ASN A 894 -4.81 -30.24 46.65
C ASN A 894 -5.97 -31.05 47.24
N ASP A 895 -7.08 -30.37 47.52
CA ASP A 895 -8.23 -31.02 48.11
C ASP A 895 -9.28 -31.38 47.07
N VAL A 896 -8.89 -31.40 45.80
CA VAL A 896 -9.82 -31.67 44.70
C VAL A 896 -10.47 -33.04 44.82
N GLU A 897 -11.79 -33.06 44.79
CA GLU A 897 -12.54 -34.29 44.97
C GLU A 897 -13.18 -34.76 43.67
N ASP A 898 -13.05 -36.05 43.38
CA ASP A 898 -13.70 -36.64 42.21
C ASP A 898 -15.06 -37.25 42.57
N SER A 899 -15.63 -37.99 41.62
CA SER A 899 -16.95 -38.59 41.81
C SER A 899 -16.91 -39.70 42.87
N TYR A 900 -15.73 -40.25 43.09
CA TYR A 900 -15.55 -41.35 44.03
C TYR A 900 -15.05 -40.86 45.38
N GLY A 901 -15.03 -39.54 45.56
CA GLY A 901 -14.65 -38.96 46.84
C GLY A 901 -13.16 -39.01 47.13
N GLN A 902 -12.34 -39.08 46.09
CA GLN A 902 -10.89 -39.06 46.27
C GLN A 902 -10.30 -37.66 46.18
N GLN A 903 -9.33 -37.37 47.06
CA GLN A 903 -8.65 -36.09 47.04
C GLN A 903 -7.35 -36.18 46.27
N TRP A 904 -7.24 -35.38 45.21
CA TRP A 904 -6.08 -35.44 44.35
C TRP A 904 -5.16 -34.25 44.61
N THR A 905 -3.85 -34.48 44.53
CA THR A 905 -2.89 -33.39 44.63
C THR A 905 -2.74 -32.72 43.26
N TYR A 906 -2.14 -31.53 43.25
CA TYR A 906 -1.95 -30.79 42.02
C TYR A 906 -1.19 -31.65 41.05
N GLU A 907 0.01 -32.08 41.43
CA GLU A 907 0.87 -32.85 40.53
C GLU A 907 0.28 -34.19 40.11
N GLN A 908 -0.57 -34.77 40.95
CA GLN A 908 -1.25 -36.01 40.59
C GLN A 908 -2.29 -35.79 39.49
N ARG A 909 -3.20 -34.86 39.73
CA ARG A 909 -4.23 -34.58 38.74
C ARG A 909 -3.64 -33.97 37.46
N LYS A 910 -2.47 -33.36 37.57
CA LYS A 910 -1.72 -32.87 36.41
C LYS A 910 -1.10 -34.03 35.64
N ILE A 911 -0.59 -35.03 36.36
CA ILE A 911 -0.12 -36.24 35.70
C ILE A 911 -1.28 -36.86 34.92
N VAL A 912 -2.45 -36.95 35.57
CA VAL A 912 -3.65 -37.42 34.90
C VAL A 912 -3.92 -36.59 33.65
N GLU A 913 -3.77 -35.29 33.79
CA GLU A 913 -4.01 -34.37 32.70
C GLU A 913 -3.13 -34.66 31.49
N PHE A 914 -1.81 -34.69 31.70
CA PHE A 914 -0.86 -34.97 30.62
C PHE A 914 -1.04 -36.38 30.08
N THR A 915 -1.66 -37.24 30.89
CA THR A 915 -2.03 -38.57 30.44
C THR A 915 -3.40 -38.49 29.74
N CYS A 916 -3.96 -37.30 29.64
CA CYS A 916 -5.14 -37.12 28.79
C CYS A 916 -4.72 -36.43 27.51
N HIS A 917 -3.66 -35.63 27.62
CA HIS A 917 -3.08 -34.94 26.48
C HIS A 917 -2.46 -35.98 25.59
N THR A 918 -1.59 -36.80 26.19
CA THR A 918 -0.85 -37.81 25.45
C THR A 918 -1.70 -38.68 24.51
N PRO A 919 -2.84 -39.20 24.98
CA PRO A 919 -3.66 -40.01 24.05
C PRO A 919 -4.28 -39.18 22.95
N PHE A 920 -4.74 -37.96 23.25
CA PHE A 920 -5.36 -37.10 22.23
C PHE A 920 -4.46 -37.02 21.01
N PHE A 921 -3.16 -36.87 21.28
CA PHE A 921 -2.13 -37.01 20.25
C PHE A 921 -2.20 -38.38 19.59
N VAL A 922 -1.92 -39.44 20.37
CA VAL A 922 -2.02 -40.84 19.90
C VAL A 922 -3.34 -41.11 19.17
N THR A 923 -4.45 -40.72 19.79
CA THR A 923 -5.76 -41.05 19.24
C THR A 923 -5.97 -40.39 17.88
N ILE A 924 -5.64 -39.11 17.77
CA ILE A 924 -5.76 -38.46 16.47
C ILE A 924 -4.83 -39.11 15.45
N VAL A 925 -3.66 -39.56 15.91
CA VAL A 925 -2.78 -40.36 15.06
C VAL A 925 -3.54 -41.58 14.55
N VAL A 926 -4.33 -42.19 15.42
CA VAL A 926 -5.14 -43.35 15.06
C VAL A 926 -6.23 -42.98 14.06
N VAL A 927 -6.82 -41.80 14.24
CA VAL A 927 -7.89 -41.39 13.37
C VAL A 927 -7.31 -40.81 12.08
N GLN A 928 -6.06 -40.36 12.14
CA GLN A 928 -5.39 -39.81 10.96
C GLN A 928 -5.10 -40.88 9.90
N TRP A 929 -5.04 -42.15 10.34
CA TRP A 929 -4.94 -43.27 9.42
C TRP A 929 -6.06 -43.14 8.39
N ALA A 930 -7.29 -43.15 8.88
CA ALA A 930 -8.47 -43.06 8.04
C ALA A 930 -8.38 -41.95 7.02
N ASP A 931 -8.07 -40.74 7.48
CA ASP A 931 -7.96 -39.58 6.61
C ASP A 931 -6.93 -39.78 5.50
N LEU A 932 -5.84 -40.47 5.82
CA LEU A 932 -4.76 -40.70 4.85
C LEU A 932 -5.18 -41.52 3.64
N VAL A 933 -5.91 -42.60 3.90
CA VAL A 933 -6.38 -43.49 2.83
C VAL A 933 -7.66 -42.94 2.21
N ILE A 934 -8.29 -42.02 2.93
CA ILE A 934 -9.47 -41.34 2.43
C ILE A 934 -9.06 -40.27 1.42
N CYS A 935 -8.05 -39.49 1.78
CA CYS A 935 -7.54 -38.46 0.89
C CYS A 935 -6.73 -39.12 -0.25
N LYS A 936 -6.27 -40.34 0.01
CA LYS A 936 -5.55 -41.14 -0.98
C LYS A 936 -6.33 -41.24 -2.28
N THR A 937 -7.65 -41.30 -2.16
CA THR A 937 -8.52 -41.45 -3.33
C THR A 937 -9.62 -40.40 -3.32
N ARG A 938 -9.80 -39.72 -4.44
CA ARG A 938 -10.91 -38.78 -4.56
C ARG A 938 -12.14 -39.44 -5.19
N ARG A 939 -11.91 -40.33 -6.15
CA ARG A 939 -13.01 -40.86 -6.95
C ARG A 939 -13.52 -42.24 -6.53
N ASN A 940 -12.84 -43.28 -7.02
CA ASN A 940 -13.22 -44.67 -6.75
C ASN A 940 -12.78 -45.11 -5.37
N SER A 941 -13.57 -45.98 -4.74
CA SER A 941 -13.27 -46.44 -3.38
C SER A 941 -11.84 -46.92 -3.22
N VAL A 942 -11.34 -46.88 -2.00
CA VAL A 942 -9.90 -47.08 -1.76
C VAL A 942 -9.42 -48.44 -2.18
N PHE A 943 -10.37 -49.30 -2.56
CA PHE A 943 -10.04 -50.63 -3.03
C PHE A 943 -9.69 -50.62 -4.50
N GLN A 944 -10.32 -49.72 -5.26
CA GLN A 944 -10.06 -49.62 -6.70
C GLN A 944 -8.75 -48.90 -6.98
N GLN A 945 -8.33 -48.07 -6.04
CA GLN A 945 -7.06 -47.38 -6.15
C GLN A 945 -5.90 -48.35 -5.97
N GLY A 946 -5.96 -49.14 -4.91
CA GLY A 946 -4.87 -50.04 -4.56
C GLY A 946 -4.07 -49.42 -3.43
N MET A 947 -3.16 -50.18 -2.84
CA MET A 947 -2.33 -49.61 -1.77
C MET A 947 -1.22 -48.74 -2.37
N LYS A 948 -0.58 -49.25 -3.41
CA LYS A 948 0.36 -48.47 -4.21
C LYS A 948 1.51 -47.83 -3.43
N ASN A 949 1.27 -46.60 -2.98
CA ASN A 949 2.32 -45.76 -2.39
C ASN A 949 2.97 -46.34 -1.14
N LYS A 950 4.29 -46.47 -1.20
CA LYS A 950 5.09 -46.93 -0.07
C LYS A 950 5.34 -45.81 0.93
N ILE A 951 5.27 -44.57 0.45
CA ILE A 951 5.45 -43.41 1.31
C ILE A 951 4.20 -43.22 2.16
N LEU A 952 3.05 -43.66 1.66
CA LEU A 952 1.81 -43.51 2.41
C LEU A 952 1.83 -44.50 3.56
N ILE A 953 2.10 -45.76 3.25
CA ILE A 953 2.20 -46.78 4.28
C ILE A 953 3.28 -46.37 5.26
N PHE A 954 4.40 -45.90 4.71
CA PHE A 954 5.50 -45.42 5.53
C PHE A 954 5.01 -44.34 6.49
N GLY A 955 4.09 -43.52 6.01
CA GLY A 955 3.50 -42.46 6.80
C GLY A 955 2.67 -42.98 7.95
N LEU A 956 1.83 -43.98 7.68
CA LEU A 956 1.05 -44.63 8.73
C LEU A 956 1.95 -45.21 9.81
N PHE A 957 2.84 -46.10 9.38
CA PHE A 957 3.70 -46.82 10.31
C PHE A 957 4.63 -45.92 11.11
N GLU A 958 5.22 -44.91 10.46
CA GLU A 958 6.12 -44.03 11.18
C GLU A 958 5.38 -42.98 12.00
N GLU A 959 4.11 -42.74 11.67
CA GLU A 959 3.24 -41.89 12.48
C GLU A 959 2.95 -42.61 13.80
N THR A 960 2.61 -43.88 13.66
CA THR A 960 2.35 -44.73 14.81
C THR A 960 3.62 -44.94 15.66
N ALA A 961 4.75 -45.15 14.99
CA ALA A 961 6.03 -45.35 15.67
C ALA A 961 6.47 -44.09 16.39
N LEU A 962 6.17 -42.92 15.81
CA LEU A 962 6.47 -41.65 16.47
C LEU A 962 5.57 -41.46 17.68
N ALA A 963 4.31 -41.85 17.56
CA ALA A 963 3.38 -41.81 18.69
C ALA A 963 3.92 -42.63 19.85
N ALA A 964 4.14 -43.91 19.56
CA ALA A 964 4.69 -44.84 20.53
C ALA A 964 5.96 -44.31 21.20
N PHE A 965 6.96 -44.04 20.36
CA PHE A 965 8.28 -43.59 20.80
C PHE A 965 8.18 -42.32 21.64
N LEU A 966 7.15 -41.52 21.37
CA LEU A 966 6.91 -40.30 22.12
C LEU A 966 6.32 -40.65 23.49
N SER A 967 5.53 -41.71 23.55
CA SER A 967 4.83 -42.02 24.78
C SER A 967 5.60 -42.91 25.76
N TYR A 968 6.55 -43.70 25.28
CA TYR A 968 7.16 -44.70 26.16
C TYR A 968 8.65 -44.54 26.45
N CYS A 969 9.27 -43.54 25.85
CA CYS A 969 10.65 -43.26 26.16
C CYS A 969 10.69 -42.65 27.55
N PRO A 970 11.76 -42.95 28.30
CA PRO A 970 11.91 -42.37 29.64
C PRO A 970 12.12 -40.85 29.59
N GLY A 971 11.80 -40.17 30.69
CA GLY A 971 11.98 -38.74 30.79
C GLY A 971 11.01 -37.92 29.96
N MET A 972 10.17 -38.61 29.20
CA MET A 972 9.17 -37.94 28.37
C MET A 972 8.11 -37.26 29.23
N GLY A 973 7.79 -37.86 30.37
CA GLY A 973 6.86 -37.24 31.31
C GLY A 973 7.40 -35.91 31.80
N VAL A 974 8.72 -35.78 31.80
CA VAL A 974 9.37 -34.55 32.22
C VAL A 974 9.68 -33.65 31.02
N ALA A 975 10.20 -34.26 29.95
CA ALA A 975 10.63 -33.51 28.78
C ALA A 975 9.48 -32.81 28.04
N LEU A 976 8.57 -33.62 27.52
CA LEU A 976 7.44 -33.10 26.75
C LEU A 976 6.13 -33.36 27.47
N ARG A 977 6.23 -33.68 28.76
CA ARG A 977 5.07 -33.94 29.60
C ARG A 977 4.25 -35.14 29.12
N MET A 978 4.81 -35.93 28.22
CA MET A 978 4.14 -37.11 27.67
C MET A 978 4.21 -38.31 28.61
N TYR A 979 3.17 -38.52 29.41
CA TYR A 979 3.13 -39.68 30.29
C TYR A 979 2.63 -40.91 29.54
N PRO A 980 3.30 -42.06 29.74
CA PRO A 980 2.99 -43.31 29.02
C PRO A 980 1.53 -43.72 29.04
N LEU A 981 1.16 -44.60 28.12
CA LEU A 981 -0.23 -44.96 27.88
C LEU A 981 -0.62 -46.36 28.37
N LYS A 982 -1.78 -46.42 29.02
CA LYS A 982 -2.42 -47.68 29.35
C LYS A 982 -2.97 -48.29 28.07
N PRO A 983 -2.73 -49.59 27.85
CA PRO A 983 -3.01 -50.31 26.60
C PRO A 983 -4.37 -49.98 25.98
N THR A 984 -5.40 -49.92 26.81
CA THR A 984 -6.76 -49.63 26.38
C THR A 984 -6.89 -48.29 25.62
N TRP A 985 -6.08 -47.32 26.04
CA TRP A 985 -6.14 -45.95 25.52
C TRP A 985 -5.94 -45.87 24.00
N TRP A 986 -5.23 -46.85 23.44
CA TRP A 986 -4.95 -46.89 22.00
C TRP A 986 -6.19 -47.31 21.26
N PHE A 987 -6.89 -48.24 21.88
CA PHE A 987 -8.10 -48.82 21.33
C PHE A 987 -9.27 -47.87 21.40
N CYS A 988 -9.28 -47.01 22.42
CA CYS A 988 -10.35 -46.03 22.55
C CYS A 988 -10.69 -45.30 21.24
N ALA A 989 -9.66 -44.98 20.46
CA ALA A 989 -9.80 -44.12 19.28
C ALA A 989 -10.50 -44.75 18.06
N PHE A 990 -10.38 -46.07 17.92
CA PHE A 990 -10.84 -46.81 16.73
C PHE A 990 -12.21 -46.45 16.11
N PRO A 991 -13.30 -46.45 16.93
CA PRO A 991 -14.65 -46.31 16.37
C PRO A 991 -14.77 -45.14 15.41
N TYR A 992 -14.27 -43.99 15.84
CA TYR A 992 -14.40 -42.77 15.07
C TYR A 992 -13.68 -42.87 13.73
N SER A 993 -12.44 -43.33 13.75
CA SER A 993 -11.67 -43.56 12.53
C SER A 993 -12.43 -44.46 11.55
N LEU A 994 -13.06 -45.50 12.08
CA LEU A 994 -13.91 -46.35 11.24
C LEU A 994 -15.11 -45.59 10.68
N LEU A 995 -15.66 -44.65 11.45
CA LEU A 995 -16.79 -43.86 10.95
C LEU A 995 -16.33 -43.02 9.77
N ILE A 996 -15.10 -42.51 9.86
CA ILE A 996 -14.51 -41.79 8.73
C ILE A 996 -14.43 -42.70 7.50
N PHE A 997 -13.78 -43.85 7.68
CA PHE A 997 -13.56 -44.81 6.60
C PHE A 997 -14.86 -45.15 5.89
N VAL A 998 -15.85 -45.56 6.67
CA VAL A 998 -17.15 -45.93 6.14
C VAL A 998 -17.78 -44.75 5.42
N TYR A 999 -17.90 -43.62 6.11
CA TYR A 999 -18.61 -42.49 5.50
C TYR A 999 -18.00 -42.12 4.15
N ASP A 1000 -16.69 -41.93 4.07
CA ASP A 1000 -16.16 -41.41 2.81
C ASP A 1000 -16.32 -42.40 1.66
N GLU A 1001 -16.54 -43.67 1.95
CA GLU A 1001 -16.72 -44.63 0.87
C GLU A 1001 -18.19 -44.92 0.57
N VAL A 1002 -19.07 -44.59 1.51
CA VAL A 1002 -20.50 -44.49 1.24
C VAL A 1002 -20.65 -43.35 0.24
N ARG A 1003 -19.98 -42.26 0.56
CA ARG A 1003 -19.76 -41.12 -0.32
C ARG A 1003 -19.34 -41.62 -1.71
N LYS A 1004 -18.12 -42.15 -1.80
CA LYS A 1004 -17.52 -42.54 -3.07
C LYS A 1004 -18.40 -43.52 -3.86
N LEU A 1005 -19.17 -44.33 -3.14
CA LEU A 1005 -20.16 -45.19 -3.79
C LEU A 1005 -21.34 -44.37 -4.33
N ILE A 1006 -21.65 -43.24 -3.69
CA ILE A 1006 -22.70 -42.36 -4.20
C ILE A 1006 -22.25 -41.59 -5.43
N ILE A 1007 -20.97 -41.23 -5.48
CA ILE A 1007 -20.38 -40.70 -6.70
C ILE A 1007 -20.55 -41.75 -7.78
N ARG A 1008 -20.07 -42.95 -7.48
CA ARG A 1008 -20.14 -44.09 -8.39
C ARG A 1008 -21.52 -44.23 -9.03
N ARG A 1009 -22.54 -44.39 -8.20
CA ARG A 1009 -23.89 -44.67 -8.67
C ARG A 1009 -24.55 -43.49 -9.38
N ARG A 1010 -24.34 -42.29 -8.86
CA ARG A 1010 -24.96 -41.12 -9.46
C ARG A 1010 -23.95 -40.01 -9.71
N PRO A 1011 -24.05 -39.37 -10.89
CA PRO A 1011 -23.28 -38.17 -11.24
C PRO A 1011 -24.11 -36.90 -11.05
N GLY A 1012 -25.43 -37.05 -10.90
CA GLY A 1012 -26.30 -35.93 -10.60
C GLY A 1012 -25.78 -35.18 -9.39
N GLY A 1013 -25.40 -35.95 -8.37
CA GLY A 1013 -24.68 -35.43 -7.23
C GLY A 1013 -25.48 -34.53 -6.32
N TRP A 1014 -25.49 -34.86 -5.05
CA TRP A 1014 -26.06 -33.93 -4.09
C TRP A 1014 -24.87 -33.48 -3.29
N VAL A 1015 -24.08 -34.48 -2.93
CA VAL A 1015 -22.86 -34.27 -2.19
C VAL A 1015 -21.74 -34.08 -3.20
N GLU A 1016 -21.95 -34.59 -4.41
CA GLU A 1016 -20.97 -34.36 -5.46
C GLU A 1016 -20.89 -32.85 -5.61
N LYS A 1017 -22.04 -32.20 -5.51
CA LYS A 1017 -22.09 -30.74 -5.57
C LYS A 1017 -21.83 -30.06 -4.22
N GLU A 1018 -21.74 -30.85 -3.15
CA GLU A 1018 -21.47 -30.26 -1.84
C GLU A 1018 -20.16 -30.77 -1.24
N THR A 1019 -19.93 -32.07 -1.29
CA THR A 1019 -18.73 -32.65 -0.67
C THR A 1019 -17.78 -33.31 -1.66
N TYR A 1020 -17.51 -32.62 -2.77
CA TYR A 1020 -16.47 -33.06 -3.67
C TYR A 1020 -15.20 -32.24 -3.41
N TYR A 1021 -14.06 -32.94 -3.30
CA TYR A 1021 -12.78 -32.28 -3.12
C TYR A 1021 -12.39 -31.50 -4.37
N SER B 19 -19.05 -7.25 -3.48
CA SER B 19 -20.26 -7.12 -2.68
C SER B 19 -21.27 -8.22 -2.99
N GLU B 20 -21.89 -8.78 -1.95
CA GLU B 20 -22.91 -9.81 -2.09
C GLU B 20 -24.11 -9.29 -2.87
N LYS B 21 -24.25 -9.71 -4.13
CA LYS B 21 -25.37 -9.26 -4.95
C LYS B 21 -26.66 -9.89 -4.41
N LYS B 22 -27.81 -9.27 -4.69
CA LYS B 22 -29.02 -9.79 -4.07
C LYS B 22 -30.03 -10.28 -5.06
N GLU B 23 -31.18 -10.69 -4.56
CA GLU B 23 -32.35 -11.00 -5.38
C GLU B 23 -32.08 -11.99 -6.51
N PHE B 24 -31.47 -11.50 -7.60
CA PHE B 24 -31.09 -12.32 -8.74
C PHE B 24 -30.25 -13.50 -8.28
N LEU B 25 -29.48 -13.28 -7.22
CA LEU B 25 -28.68 -14.32 -6.59
C LEU B 25 -29.42 -14.89 -5.38
N GLY B 26 -30.17 -14.04 -4.69
CA GLY B 26 -30.78 -14.41 -3.42
C GLY B 26 -29.68 -14.82 -2.44
N ARG B 27 -28.84 -13.85 -2.06
CA ARG B 27 -27.66 -14.10 -1.25
C ARG B 27 -26.73 -15.07 -1.96
N THR B 28 -26.07 -15.92 -1.20
CA THR B 28 -25.11 -16.87 -1.80
C THR B 28 -25.78 -18.11 -2.39
N GLY B 29 -27.10 -18.08 -2.48
CA GLY B 29 -27.86 -19.16 -3.07
C GLY B 29 -29.25 -19.29 -2.47
N GLY B 30 -30.22 -19.66 -3.29
CA GLY B 30 -31.58 -19.91 -2.81
C GLY B 30 -31.69 -21.30 -2.21
N SER B 31 -32.58 -21.44 -1.22
CA SER B 31 -32.90 -22.69 -0.51
C SER B 31 -32.28 -24.00 -1.05
N TRP B 32 -31.11 -24.47 -0.58
CA TRP B 32 -30.29 -23.98 0.55
C TRP B 32 -30.90 -24.23 1.94
N PHE B 33 -31.89 -25.10 1.99
CA PHE B 33 -32.48 -25.52 3.25
C PHE B 33 -31.95 -26.91 3.57
N LYS B 34 -31.78 -27.70 2.51
CA LYS B 34 -31.36 -29.08 2.64
C LYS B 34 -29.88 -29.20 3.00
N ILE B 35 -29.16 -28.10 2.87
CA ILE B 35 -27.76 -28.06 3.32
C ILE B 35 -27.73 -28.01 4.84
N LEU B 36 -28.46 -27.05 5.39
CA LEU B 36 -28.66 -26.93 6.83
C LEU B 36 -29.26 -28.22 7.43
N LEU B 37 -30.17 -28.84 6.68
CA LEU B 37 -30.81 -30.08 7.10
C LEU B 37 -29.83 -31.24 7.11
N PHE B 38 -29.04 -31.36 6.05
CA PHE B 38 -28.01 -32.39 5.96
C PHE B 38 -26.98 -32.24 7.08
N TYR B 39 -26.77 -30.99 7.49
CA TYR B 39 -25.85 -30.74 8.59
C TYR B 39 -26.41 -30.99 10.00
N VAL B 40 -27.65 -30.58 10.27
CA VAL B 40 -28.24 -30.88 11.58
C VAL B 40 -28.50 -32.37 11.72
N ILE B 41 -28.80 -33.01 10.60
CA ILE B 41 -28.93 -34.45 10.54
C ILE B 41 -27.59 -35.13 10.78
N PHE B 42 -26.56 -34.76 10.02
CA PHE B 42 -25.28 -35.42 10.22
C PHE B 42 -24.66 -35.17 11.59
N TYR B 43 -24.79 -33.94 12.08
CA TYR B 43 -24.25 -33.58 13.39
C TYR B 43 -25.04 -34.20 14.53
N GLY B 44 -26.35 -34.36 14.35
CA GLY B 44 -27.17 -35.06 15.32
C GLY B 44 -26.83 -36.55 15.32
N CYS B 45 -26.38 -37.03 14.17
CA CYS B 45 -25.91 -38.40 14.04
C CYS B 45 -24.57 -38.60 14.74
N LEU B 46 -23.65 -37.67 14.48
CA LEU B 46 -22.33 -37.72 15.08
C LEU B 46 -22.41 -37.53 16.58
N ALA B 47 -23.39 -36.76 17.03
CA ALA B 47 -23.63 -36.57 18.45
C ALA B 47 -24.29 -37.81 19.05
N GLY B 48 -25.11 -38.48 18.25
CA GLY B 48 -25.67 -39.76 18.64
C GLY B 48 -24.58 -40.81 18.82
N ILE B 49 -23.54 -40.70 18.00
CA ILE B 49 -22.37 -41.57 18.09
C ILE B 49 -21.48 -41.18 19.28
N PHE B 50 -21.44 -39.90 19.59
CA PHE B 50 -20.63 -39.41 20.70
C PHE B 50 -21.23 -39.81 22.05
N ILE B 51 -22.53 -39.59 22.21
CA ILE B 51 -23.24 -39.96 23.43
C ILE B 51 -23.38 -41.47 23.51
N GLY B 52 -23.56 -42.11 22.36
CA GLY B 52 -23.59 -43.55 22.31
C GLY B 52 -22.30 -44.12 22.86
N THR B 53 -21.18 -43.70 22.27
CA THR B 53 -19.87 -44.15 22.74
C THR B 53 -19.64 -43.77 24.20
N ILE B 54 -20.18 -42.62 24.62
CA ILE B 54 -20.01 -42.16 26.00
C ILE B 54 -20.81 -43.01 26.99
N GLN B 55 -21.88 -43.65 26.51
CA GLN B 55 -22.71 -44.47 27.37
C GLN B 55 -22.37 -45.96 27.34
N VAL B 56 -21.78 -46.42 26.25
CA VAL B 56 -21.29 -47.79 26.23
C VAL B 56 -20.04 -47.87 27.10
N MET B 57 -19.24 -46.80 27.11
CA MET B 57 -18.06 -46.72 27.96
C MET B 57 -18.56 -46.45 29.36
N LEU B 58 -19.76 -45.89 29.42
CA LEU B 58 -20.51 -45.93 30.65
C LEU B 58 -21.08 -47.35 30.80
N LEU B 59 -20.24 -48.34 30.49
CA LEU B 59 -20.54 -49.74 30.75
C LEU B 59 -20.90 -50.10 32.20
N THR B 60 -20.30 -49.50 33.24
CA THR B 60 -19.21 -48.50 33.19
C THR B 60 -17.99 -48.97 33.97
N ILE B 61 -17.80 -48.35 35.12
CA ILE B 61 -16.86 -48.79 36.13
C ILE B 61 -17.72 -48.88 37.38
N SER B 62 -17.52 -49.94 38.19
CA SER B 62 -18.36 -50.15 39.37
C SER B 62 -18.43 -48.90 40.25
N GLU B 63 -19.63 -48.56 40.67
CA GLU B 63 -19.88 -47.34 41.43
C GLU B 63 -19.18 -47.42 42.76
N PHE B 64 -18.59 -48.58 43.01
CA PHE B 64 -17.99 -48.87 44.29
C PHE B 64 -16.49 -48.56 44.26
N LYS B 65 -15.88 -48.55 43.08
CA LYS B 65 -14.45 -48.24 42.98
C LYS B 65 -14.02 -47.59 41.66
N PRO B 66 -12.99 -46.72 41.73
CA PRO B 66 -12.39 -46.12 40.53
C PRO B 66 -11.73 -47.19 39.74
N THR B 67 -11.72 -47.07 38.43
CA THR B 67 -11.09 -48.08 37.61
C THR B 67 -9.63 -48.18 37.97
N TYR B 68 -9.00 -47.05 38.20
CA TYR B 68 -7.58 -47.05 38.50
C TYR B 68 -7.21 -46.14 39.67
N GLN B 69 -6.68 -46.76 40.72
CA GLN B 69 -6.25 -46.05 41.89
C GLN B 69 -4.77 -45.70 41.77
N ASP B 70 -4.05 -46.46 40.94
CA ASP B 70 -2.60 -46.33 40.81
C ASP B 70 -2.13 -44.89 40.67
N ARG B 71 -2.97 -44.07 40.04
CA ARG B 71 -2.65 -42.67 39.81
C ARG B 71 -2.78 -41.81 41.08
N VAL B 72 -3.63 -42.25 42.01
CA VAL B 72 -3.79 -41.51 43.26
C VAL B 72 -2.56 -41.71 44.13
N ALA B 73 -1.80 -42.78 43.84
CA ALA B 73 -0.50 -43.02 44.47
C ALA B 73 -0.60 -43.04 46.00
N PRO B 74 0.54 -43.11 46.71
CA PRO B 74 0.39 -42.83 48.13
C PRO B 74 -0.16 -41.42 48.36
N PRO B 75 -1.20 -41.28 49.21
CA PRO B 75 -1.91 -40.02 49.43
C PRO B 75 -0.98 -38.90 49.89
N GLY B 76 -1.29 -37.66 49.48
CA GLY B 76 -0.53 -36.51 49.92
C GLY B 76 -1.08 -35.99 51.23
N LEU B 77 -0.29 -35.19 51.94
CA LEU B 77 -0.68 -34.69 53.26
C LEU B 77 -1.30 -33.29 53.22
N THR B 78 -2.59 -33.20 53.55
CA THR B 78 -3.34 -31.94 53.43
C THR B 78 -3.45 -31.12 54.73
N GLN B 79 -3.95 -29.91 54.61
CA GLN B 79 -4.05 -28.96 55.73
C GLN B 79 -5.36 -28.18 55.69
N ILE B 80 -5.85 -27.75 56.84
CA ILE B 80 -7.16 -27.09 56.90
C ILE B 80 -7.18 -25.54 56.85
N PRO B 81 -6.31 -24.85 57.63
CA PRO B 81 -6.28 -23.40 57.43
C PRO B 81 -5.88 -23.09 55.99
N GLN B 82 -6.86 -22.79 55.14
CA GLN B 82 -6.71 -22.78 53.69
C GLN B 82 -5.55 -21.95 53.15
N SER B 83 -4.57 -22.63 52.56
CA SER B 83 -3.35 -22.01 52.06
C SER B 83 -3.62 -21.00 50.97
N GLN B 84 -2.84 -19.93 50.96
CA GLN B 84 -2.97 -18.94 49.91
C GLN B 84 -1.95 -19.30 48.83
N LYS B 85 -0.71 -19.45 49.25
CA LYS B 85 0.39 -19.85 48.40
C LYS B 85 1.19 -20.78 49.28
N THR B 86 0.47 -21.63 50.00
CA THR B 86 1.04 -22.50 51.02
C THR B 86 1.71 -21.68 52.11
N GLU B 87 1.10 -20.55 52.45
CA GLU B 87 1.69 -19.66 53.45
C GLU B 87 0.63 -19.02 54.35
N ILE B 88 1.07 -18.56 55.52
CA ILE B 88 0.19 -17.92 56.49
C ILE B 88 0.88 -16.72 57.11
N SER B 89 0.37 -15.53 56.78
CA SER B 89 0.94 -14.28 57.27
C SER B 89 -0.18 -13.36 57.73
N PHE B 90 -0.08 -12.88 58.96
CA PHE B 90 -1.12 -12.04 59.52
C PHE B 90 -0.69 -11.39 60.83
N ARG B 91 -1.57 -10.51 61.31
CA ARG B 91 -1.35 -9.76 62.54
C ARG B 91 -2.49 -10.05 63.53
N PRO B 92 -2.20 -9.94 64.82
CA PRO B 92 -3.22 -10.18 65.85
C PRO B 92 -4.28 -9.10 65.84
N ASN B 93 -3.82 -7.85 65.73
CA ASN B 93 -4.65 -6.67 65.93
C ASN B 93 -5.90 -6.59 65.05
N ASP B 94 -5.78 -6.97 63.78
CA ASP B 94 -6.94 -6.95 62.89
C ASP B 94 -7.69 -8.28 62.86
N PRO B 95 -8.98 -8.22 63.21
CA PRO B 95 -9.87 -9.37 63.05
C PRO B 95 -9.88 -9.74 61.58
N GLN B 96 -9.92 -8.73 60.71
CA GLN B 96 -9.94 -9.00 59.28
C GLN B 96 -8.67 -9.72 58.84
N SER B 97 -7.55 -9.43 59.50
CA SER B 97 -6.28 -10.06 59.16
C SER B 97 -6.35 -11.58 59.24
N TYR B 98 -7.09 -12.08 60.23
CA TYR B 98 -7.20 -13.53 60.41
C TYR B 98 -8.51 -14.15 59.90
N GLU B 99 -9.52 -13.31 59.64
CA GLU B 99 -10.83 -13.80 59.16
C GLU B 99 -10.66 -14.64 57.89
N SER B 100 -9.64 -14.32 57.11
CA SER B 100 -9.35 -15.06 55.89
C SER B 100 -9.09 -16.54 56.16
N TYR B 101 -8.51 -16.86 57.31
CA TYR B 101 -8.24 -18.24 57.69
C TYR B 101 -9.36 -18.79 58.56
N VAL B 102 -9.97 -17.88 59.33
CA VAL B 102 -11.05 -18.23 60.25
C VAL B 102 -12.26 -18.77 59.52
N VAL B 103 -12.73 -18.03 58.50
CA VAL B 103 -13.92 -18.41 57.76
C VAL B 103 -13.75 -19.77 57.08
N SER B 104 -12.52 -20.06 56.65
CA SER B 104 -12.22 -21.35 56.03
C SER B 104 -12.17 -22.47 57.06
N ILE B 105 -11.53 -22.21 58.20
CA ILE B 105 -11.43 -23.22 59.23
C ILE B 105 -12.81 -23.57 59.80
N VAL B 106 -13.64 -22.55 59.99
CA VAL B 106 -15.02 -22.71 60.41
C VAL B 106 -15.88 -23.40 59.35
N ARG B 107 -15.66 -23.02 58.08
CA ARG B 107 -16.39 -23.65 56.97
C ARG B 107 -16.12 -25.15 56.94
N PHE B 108 -14.84 -25.52 56.98
CA PHE B 108 -14.49 -26.93 56.91
C PHE B 108 -15.02 -27.66 58.12
N LEU B 109 -14.78 -27.10 59.30
CA LEU B 109 -15.19 -27.75 60.53
C LEU B 109 -16.69 -27.63 60.82
N GLU B 110 -17.45 -27.09 59.87
CA GLU B 110 -18.90 -27.01 60.02
C GLU B 110 -19.51 -28.41 59.90
N LYS B 111 -18.89 -29.24 59.08
CA LYS B 111 -19.33 -30.63 58.87
C LYS B 111 -18.99 -31.50 60.08
N TYR B 112 -18.14 -30.98 60.95
CA TYR B 112 -17.71 -31.71 62.13
C TYR B 112 -18.45 -31.27 63.40
N LYS B 113 -19.46 -30.43 63.23
CA LYS B 113 -20.29 -29.98 64.35
C LYS B 113 -20.90 -31.17 65.08
N ASP B 114 -21.04 -31.06 66.39
CA ASP B 114 -21.59 -32.16 67.18
C ASP B 114 -23.07 -32.37 66.92
N LEU B 115 -23.72 -31.33 66.43
CA LEU B 115 -25.13 -31.42 66.06
C LEU B 115 -25.28 -32.11 64.69
N ALA B 116 -24.23 -32.02 63.88
CA ALA B 116 -24.23 -32.64 62.54
C ALA B 116 -24.08 -34.16 62.60
N GLN B 117 -23.15 -34.63 63.43
CA GLN B 117 -23.06 -36.05 63.73
C GLN B 117 -24.27 -36.42 64.58
N LYS B 118 -25.07 -37.37 64.10
CA LYS B 118 -26.31 -37.74 64.76
C LYS B 118 -26.45 -39.26 64.90
N ASP B 119 -27.30 -39.68 65.83
CA ASP B 119 -27.65 -41.09 65.96
C ASP B 119 -28.53 -41.53 64.79
N ASP B 120 -29.18 -42.68 64.96
CA ASP B 120 -30.03 -43.27 63.91
C ASP B 120 -29.32 -43.28 62.57
N MET B 121 -28.10 -43.80 62.57
CA MET B 121 -27.32 -43.98 61.35
C MET B 121 -26.90 -42.63 60.74
N ILE B 122 -25.79 -42.60 60.00
CA ILE B 122 -24.94 -43.78 59.82
C ILE B 122 -23.78 -43.75 60.79
N PHE B 123 -23.89 -42.89 61.80
CA PHE B 123 -22.82 -42.73 62.77
C PHE B 123 -22.98 -43.67 63.96
N GLU B 124 -21.85 -44.22 64.40
CA GLU B 124 -21.80 -44.99 65.62
C GLU B 124 -20.51 -44.63 66.36
N ASP B 125 -20.61 -44.38 67.65
CA ASP B 125 -19.45 -44.02 68.46
C ASP B 125 -18.32 -45.04 68.27
N CYS B 126 -17.10 -44.54 68.21
CA CYS B 126 -15.93 -45.40 68.17
C CYS B 126 -15.03 -44.99 69.31
N GLY B 127 -13.99 -45.79 69.58
CA GLY B 127 -13.20 -45.60 70.77
C GLY B 127 -12.44 -44.29 70.87
N ASN B 128 -12.51 -43.65 72.03
CA ASN B 128 -11.65 -42.51 72.35
C ASN B 128 -10.21 -42.94 72.18
N VAL B 129 -9.92 -44.12 72.71
CA VAL B 129 -8.67 -44.80 72.42
C VAL B 129 -8.71 -45.30 70.98
N PRO B 130 -7.59 -45.17 70.26
CA PRO B 130 -7.55 -45.47 68.82
C PRO B 130 -7.59 -46.98 68.52
N SER B 131 -8.54 -47.38 67.68
CA SER B 131 -8.92 -48.78 67.53
C SER B 131 -8.26 -49.55 66.39
N GLU B 132 -8.78 -50.74 66.13
CA GLU B 132 -8.27 -51.65 65.11
C GLU B 132 -8.87 -51.30 63.74
N LEU B 133 -8.24 -51.79 62.69
CA LEU B 133 -8.70 -51.59 61.31
C LEU B 133 -10.17 -51.99 61.15
N LYS B 134 -11.04 -51.02 60.91
CA LYS B 134 -12.47 -51.28 60.81
C LYS B 134 -12.96 -51.35 59.37
N GLU B 135 -13.21 -52.57 58.90
CA GLU B 135 -13.75 -52.77 57.54
C GLU B 135 -15.25 -53.04 57.53
N ARG B 136 -16.01 -52.09 56.99
CA ARG B 136 -17.47 -52.13 56.99
C ARG B 136 -18.04 -53.31 56.19
N GLY B 137 -17.23 -53.84 55.28
CA GLY B 137 -17.62 -54.99 54.50
C GLY B 137 -17.11 -54.96 53.06
N GLU B 138 -17.75 -55.76 52.21
CA GLU B 138 -17.37 -55.81 50.80
C GLU B 138 -17.81 -54.54 50.10
N TYR B 139 -17.26 -54.31 48.92
CA TYR B 139 -17.52 -53.07 48.20
C TYR B 139 -18.85 -53.13 47.47
N ASN B 140 -19.35 -54.35 47.28
CA ASN B 140 -20.66 -54.57 46.70
C ASN B 140 -21.75 -53.83 47.47
N ASN B 141 -22.92 -53.69 46.87
CA ASN B 141 -24.02 -52.98 47.50
C ASN B 141 -25.09 -53.91 48.07
N GLU B 142 -24.62 -54.99 48.70
CA GLU B 142 -25.51 -55.92 49.38
C GLU B 142 -26.04 -55.30 50.68
N ARG B 143 -25.20 -54.45 51.26
CA ARG B 143 -25.61 -53.66 52.41
C ARG B 143 -25.94 -52.24 51.96
N GLY B 144 -26.74 -51.54 52.74
CA GLY B 144 -27.13 -50.18 52.42
C GLY B 144 -26.01 -49.19 52.68
N GLU B 145 -26.39 -47.97 53.05
CA GLU B 145 -25.43 -46.92 53.38
C GLU B 145 -24.64 -47.32 54.62
N ARG B 146 -23.36 -47.64 54.44
CA ARG B 146 -22.55 -48.23 55.50
C ARG B 146 -22.17 -47.29 56.63
N LYS B 147 -21.86 -47.88 57.78
CA LYS B 147 -21.60 -47.14 59.02
C LYS B 147 -20.33 -46.30 58.97
N VAL B 148 -20.38 -45.12 59.59
CA VAL B 148 -19.26 -44.19 59.57
C VAL B 148 -18.90 -43.77 60.98
N CYS B 149 -17.65 -44.00 61.36
CA CYS B 149 -17.16 -43.56 62.65
C CYS B 149 -17.08 -42.04 62.66
N ARG B 150 -17.51 -41.44 63.77
CA ARG B 150 -17.51 -40.00 63.88
C ARG B 150 -16.39 -39.48 64.78
N SER B 151 -15.97 -38.24 64.51
CA SER B 151 -14.88 -37.61 65.22
C SER B 151 -15.36 -36.32 65.85
N ARG B 152 -15.43 -36.32 67.19
CA ARG B 152 -15.85 -35.14 67.95
C ARG B 152 -14.79 -34.06 67.90
N LEU B 153 -15.21 -32.81 68.00
CA LEU B 153 -14.28 -31.69 67.97
C LEU B 153 -13.42 -31.67 69.23
N GLU B 154 -13.88 -32.34 70.27
CA GLU B 154 -13.18 -32.35 71.54
C GLU B 154 -11.83 -33.08 71.47
N TRP B 155 -11.63 -33.90 70.45
CA TRP B 155 -10.42 -34.71 70.37
C TRP B 155 -9.18 -33.82 70.30
N LEU B 156 -9.08 -33.02 69.23
CA LEU B 156 -7.96 -32.08 69.14
C LEU B 156 -8.18 -30.99 70.17
N GLY B 157 -7.12 -30.66 70.90
CA GLY B 157 -7.25 -29.70 71.97
C GLY B 157 -5.98 -29.21 72.64
N ASN B 158 -5.81 -29.58 73.91
CA ASN B 158 -4.67 -29.21 74.77
C ASN B 158 -4.20 -27.75 74.65
N CYS B 159 -2.95 -27.49 75.00
CA CYS B 159 -2.41 -26.11 75.01
C CYS B 159 -3.22 -25.23 75.96
N SER B 160 -2.95 -25.38 77.26
CA SER B 160 -3.72 -24.74 78.33
C SER B 160 -5.22 -25.09 78.30
N GLY B 161 -6.05 -24.14 77.88
CA GLY B 161 -7.50 -24.28 77.94
C GLY B 161 -8.19 -25.13 76.87
N LEU B 162 -8.19 -24.64 75.63
CA LEU B 162 -8.94 -25.28 74.54
C LEU B 162 -8.20 -25.16 73.20
N ASN B 163 -8.57 -26.02 72.26
CA ASN B 163 -8.27 -25.80 70.84
C ASN B 163 -9.58 -25.89 70.08
N ASP B 164 -9.64 -25.26 68.91
CA ASP B 164 -10.85 -25.16 68.08
C ASP B 164 -11.99 -24.37 68.73
N GLU B 165 -12.78 -23.63 67.95
CA GLU B 165 -12.76 -23.64 66.49
C GLU B 165 -12.27 -22.34 65.76
N THR B 166 -11.40 -21.48 66.33
CA THR B 166 -9.97 -21.69 66.56
C THR B 166 -9.34 -21.06 67.83
N TYR B 167 -8.83 -19.83 67.82
CA TYR B 167 -9.59 -18.61 67.69
C TYR B 167 -8.72 -17.64 66.93
N GLY B 168 -7.51 -17.44 67.44
CA GLY B 168 -6.51 -16.74 66.67
C GLY B 168 -5.59 -15.77 67.38
N TYR B 169 -5.64 -15.77 68.71
CA TYR B 169 -4.68 -15.05 69.54
C TYR B 169 -3.25 -15.16 69.02
N LYS B 170 -2.50 -14.08 69.15
CA LYS B 170 -1.13 -14.03 68.65
C LYS B 170 -0.19 -14.86 69.50
N ASP B 171 -0.31 -14.75 70.83
CA ASP B 171 0.56 -15.40 71.80
C ASP B 171 0.95 -16.83 71.39
N GLY B 172 1.79 -16.91 70.35
CA GLY B 172 2.23 -18.18 69.81
C GLY B 172 1.80 -18.30 68.36
N LYS B 173 0.54 -18.62 68.16
CA LYS B 173 0.03 -19.02 66.86
C LYS B 173 -1.43 -19.44 67.02
N PRO B 174 -2.22 -19.32 65.94
CA PRO B 174 -3.49 -20.06 65.92
C PRO B 174 -3.28 -21.46 65.33
N CYS B 175 -3.91 -22.46 65.95
CA CYS B 175 -3.79 -23.88 65.59
C CYS B 175 -3.85 -24.20 64.08
N VAL B 176 -2.88 -24.97 63.58
CA VAL B 176 -2.84 -25.40 62.17
C VAL B 176 -3.28 -26.85 61.97
N ILE B 177 -4.55 -27.04 61.63
CA ILE B 177 -5.12 -28.38 61.58
C ILE B 177 -4.72 -29.13 60.31
N ILE B 178 -4.34 -30.40 60.50
CA ILE B 178 -3.78 -31.24 59.45
C ILE B 178 -4.65 -32.46 59.15
N LYS B 179 -4.71 -32.84 57.85
CA LYS B 179 -5.63 -33.85 57.32
C LYS B 179 -4.94 -34.82 56.36
N LEU B 180 -5.53 -36.00 56.16
CA LEU B 180 -5.05 -36.95 55.16
C LEU B 180 -6.08 -37.16 54.05
N ASN B 181 -5.59 -37.31 52.82
CA ASN B 181 -6.43 -37.59 51.64
C ASN B 181 -7.28 -38.84 51.84
N ARG B 182 -8.52 -38.80 51.37
CA ARG B 182 -9.38 -39.97 51.49
C ARG B 182 -9.43 -40.77 50.19
N VAL B 183 -8.44 -41.65 50.03
CA VAL B 183 -8.38 -42.54 48.88
C VAL B 183 -9.32 -43.72 49.08
N LEU B 184 -10.03 -44.09 48.02
CA LEU B 184 -11.01 -45.16 48.10
C LEU B 184 -10.41 -46.46 48.59
N GLY B 185 -11.04 -47.04 49.61
CA GLY B 185 -10.66 -48.33 50.15
C GLY B 185 -9.21 -48.43 50.57
N PHE B 186 -8.61 -47.32 50.99
CA PHE B 186 -7.21 -47.35 51.38
C PHE B 186 -7.01 -47.69 52.84
N LYS B 187 -6.08 -48.61 53.11
CA LYS B 187 -5.77 -49.00 54.47
C LYS B 187 -4.37 -48.56 54.86
N PRO B 188 -4.28 -47.61 55.81
CA PRO B 188 -3.04 -47.01 56.32
C PRO B 188 -2.17 -47.97 57.12
N LYS B 189 -0.92 -48.16 56.68
CA LYS B 189 0.00 -49.07 57.37
C LYS B 189 1.13 -48.34 58.11
N PRO B 190 1.10 -48.38 59.46
CA PRO B 190 2.17 -47.88 60.34
C PRO B 190 3.39 -48.81 60.32
N PRO B 191 4.59 -48.23 60.18
CA PRO B 191 5.84 -49.00 60.02
C PRO B 191 6.40 -49.59 61.33
N LYS B 192 6.91 -50.81 61.28
CA LYS B 192 7.59 -51.41 62.43
C LYS B 192 9.11 -51.37 62.21
N ASN B 193 9.88 -51.49 63.27
CA ASN B 193 11.23 -50.92 63.29
C ASN B 193 12.13 -51.45 64.40
N GLU B 194 13.09 -50.61 64.76
CA GLU B 194 13.49 -50.38 66.16
C GLU B 194 14.30 -49.08 66.32
N SER B 195 13.56 -47.97 66.38
CA SER B 195 14.04 -46.56 66.38
C SER B 195 14.21 -45.96 64.97
N LEU B 196 13.07 -45.67 64.33
CA LEU B 196 13.02 -45.19 62.92
C LEU B 196 13.75 -43.87 62.73
N GLU B 197 13.92 -43.45 61.48
CA GLU B 197 14.56 -42.16 61.25
C GLU B 197 13.81 -41.02 61.95
N THR B 198 12.51 -41.20 62.19
CA THR B 198 11.72 -40.23 62.96
C THR B 198 11.62 -40.60 64.44
N TYR B 199 11.40 -39.61 65.29
CA TYR B 199 11.20 -39.84 66.72
C TYR B 199 9.82 -39.36 67.17
N PRO B 200 8.74 -39.99 66.66
CA PRO B 200 7.41 -39.55 67.06
C PRO B 200 7.14 -39.91 68.51
N VAL B 201 6.90 -38.88 69.33
CA VAL B 201 6.77 -39.03 70.78
C VAL B 201 5.63 -39.97 71.24
N MET B 202 4.46 -39.39 71.46
CA MET B 202 3.28 -40.08 71.97
C MET B 202 2.58 -40.94 70.89
N LYS B 203 3.38 -41.67 70.12
CA LYS B 203 2.89 -42.58 69.08
C LYS B 203 2.90 -44.02 69.58
N TYR B 204 1.73 -44.65 69.60
CA TYR B 204 1.64 -46.07 69.92
C TYR B 204 1.89 -46.89 68.65
N ASN B 205 2.56 -48.03 68.80
CA ASN B 205 2.99 -48.84 67.65
C ASN B 205 1.89 -49.23 66.64
N PRO B 206 0.79 -49.84 67.11
CA PRO B 206 -0.18 -50.26 66.11
C PRO B 206 -1.24 -49.19 65.84
N TYR B 207 -1.92 -49.32 64.71
CA TYR B 207 -3.08 -48.50 64.36
C TYR B 207 -2.79 -46.99 64.34
N VAL B 208 -1.53 -46.62 64.15
CA VAL B 208 -1.13 -45.21 64.15
C VAL B 208 -0.72 -44.73 62.77
N LEU B 209 -0.95 -43.45 62.50
CA LEU B 209 -0.43 -42.86 61.29
C LEU B 209 0.35 -41.64 61.71
N PRO B 210 1.68 -41.80 61.83
CA PRO B 210 2.57 -40.77 62.37
C PRO B 210 2.67 -39.49 61.51
N VAL B 211 2.69 -38.33 62.17
CA VAL B 211 2.96 -37.03 61.54
C VAL B 211 3.86 -36.14 62.42
N HIS B 212 5.03 -35.78 61.90
CA HIS B 212 6.00 -35.00 62.67
C HIS B 212 6.57 -33.84 61.85
N CYS B 213 6.89 -32.72 62.50
CA CYS B 213 7.28 -31.49 61.80
C CYS B 213 8.70 -31.02 62.08
N THR B 214 9.49 -30.89 61.01
CA THR B 214 10.83 -30.32 61.12
C THR B 214 10.97 -29.21 60.10
N GLY B 215 11.69 -28.15 60.45
CA GLY B 215 11.67 -26.95 59.64
C GLY B 215 12.99 -26.47 59.06
N LYS B 216 12.93 -26.03 57.80
CA LYS B 216 14.05 -25.40 57.13
C LYS B 216 15.33 -26.24 57.14
N ARG B 217 15.40 -27.19 56.21
CA ARG B 217 16.58 -28.04 55.98
C ARG B 217 17.11 -28.80 57.20
N ASP B 218 18.40 -29.16 57.14
CA ASP B 218 19.04 -29.96 58.19
C ASP B 218 20.21 -29.23 58.86
N GLU B 219 21.10 -28.66 58.05
CA GLU B 219 22.27 -27.95 58.56
C GLU B 219 21.89 -26.69 59.36
N ASP B 220 20.79 -26.06 58.96
CA ASP B 220 20.31 -24.84 59.64
C ASP B 220 18.88 -25.02 60.15
N LYS B 221 18.70 -25.99 61.04
CA LYS B 221 17.40 -26.27 61.63
C LYS B 221 16.71 -25.00 62.12
N GLU B 222 17.46 -24.21 62.88
CA GLU B 222 17.00 -22.97 63.50
C GLU B 222 15.99 -23.20 64.62
N LYS B 223 15.44 -24.41 64.67
CA LYS B 223 14.51 -24.88 65.70
C LYS B 223 13.53 -23.80 66.11
N VAL B 224 12.95 -23.13 65.13
CA VAL B 224 12.14 -21.95 65.42
C VAL B 224 10.73 -22.29 65.91
N GLY B 225 10.28 -23.51 65.64
CA GLY B 225 8.98 -23.96 66.10
C GLY B 225 9.04 -25.08 67.14
N THR B 226 8.27 -24.94 68.22
CA THR B 226 8.19 -25.97 69.25
C THR B 226 7.25 -27.09 68.80
N MET B 227 7.61 -28.33 69.15
CA MET B 227 6.84 -29.49 68.73
C MET B 227 5.65 -29.84 69.64
N GLU B 228 4.46 -29.40 69.24
CA GLU B 228 3.22 -29.78 69.92
C GLU B 228 2.10 -30.07 68.93
N TYR B 229 1.50 -31.25 69.06
CA TYR B 229 0.38 -31.63 68.22
C TYR B 229 -0.67 -32.31 69.09
N PHE B 230 -1.88 -32.41 68.57
CA PHE B 230 -2.97 -33.07 69.30
C PHE B 230 -4.15 -33.49 68.43
N GLY B 231 -4.89 -34.49 68.91
CA GLY B 231 -6.02 -35.08 68.22
C GLY B 231 -6.71 -36.22 68.97
N LEU B 232 -7.20 -37.21 68.23
CA LEU B 232 -7.92 -38.34 68.82
C LEU B 232 -7.00 -39.15 69.72
N GLY B 233 -7.44 -39.32 70.97
CA GLY B 233 -6.61 -39.96 71.97
C GLY B 233 -5.43 -39.10 72.36
N GLY B 234 -5.42 -37.85 71.88
CA GLY B 234 -4.31 -36.96 72.12
C GLY B 234 -3.07 -37.41 71.37
N TYR B 235 -3.22 -38.43 70.53
CA TYR B 235 -2.13 -38.97 69.74
C TYR B 235 -1.97 -38.15 68.46
N PRO B 236 -0.74 -37.73 68.16
CA PRO B 236 -0.43 -36.88 67.00
C PRO B 236 -0.41 -37.61 65.65
N GLY B 237 -1.49 -38.33 65.34
CA GLY B 237 -1.55 -39.11 64.12
C GLY B 237 -2.93 -39.67 63.88
N PHE B 238 -3.11 -40.44 62.81
CA PHE B 238 -4.44 -40.90 62.47
C PHE B 238 -4.67 -42.31 62.97
N PRO B 239 -5.85 -42.56 63.54
CA PRO B 239 -6.29 -43.87 64.06
C PRO B 239 -6.88 -44.71 62.93
N LEU B 240 -6.61 -46.01 62.96
CA LEU B 240 -7.02 -46.89 61.86
C LEU B 240 -8.47 -47.33 61.97
N GLN B 241 -9.22 -46.71 62.88
CA GLN B 241 -10.60 -47.12 63.10
C GLN B 241 -11.58 -46.51 62.09
N TYR B 242 -11.19 -45.41 61.48
CA TYR B 242 -12.06 -44.75 60.52
C TYR B 242 -11.91 -45.36 59.13
N TYR B 243 -10.68 -45.42 58.65
CA TYR B 243 -10.37 -46.00 57.35
C TYR B 243 -10.68 -47.51 57.34
N PRO B 244 -10.94 -48.10 56.16
CA PRO B 244 -10.93 -47.52 54.81
C PRO B 244 -12.22 -46.81 54.44
N TYR B 245 -12.10 -45.92 53.46
CA TYR B 245 -13.22 -45.17 52.94
C TYR B 245 -13.97 -46.10 51.99
N TYR B 246 -15.29 -46.01 51.97
CA TYR B 246 -16.08 -46.81 51.05
C TYR B 246 -16.73 -45.95 49.97
N GLY B 247 -16.14 -44.80 49.70
CA GLY B 247 -16.59 -43.98 48.59
C GLY B 247 -17.77 -43.10 48.92
N LYS B 248 -17.79 -41.90 48.32
CA LYS B 248 -18.85 -40.91 48.53
C LYS B 248 -20.22 -41.48 48.10
N LEU B 249 -20.18 -42.55 47.32
CA LEU B 249 -21.39 -43.22 46.84
C LEU B 249 -21.92 -44.21 47.88
N LEU B 250 -21.07 -45.14 48.31
CA LEU B 250 -21.49 -46.15 49.25
C LEU B 250 -21.55 -45.58 50.66
N GLN B 251 -20.78 -44.54 50.91
CA GLN B 251 -20.78 -43.88 52.23
C GLN B 251 -20.92 -42.35 52.22
N PRO B 252 -22.06 -41.82 51.74
CA PRO B 252 -22.29 -40.37 51.84
C PRO B 252 -22.23 -39.94 53.29
N LYS B 253 -21.95 -38.67 53.53
CA LYS B 253 -21.87 -38.14 54.89
C LYS B 253 -20.82 -38.85 55.74
N TYR B 254 -19.91 -39.58 55.11
CA TYR B 254 -18.74 -40.10 55.80
C TYR B 254 -17.99 -38.92 56.38
N LEU B 255 -17.19 -39.15 57.42
CA LEU B 255 -16.31 -38.10 57.93
C LEU B 255 -14.88 -38.60 58.08
N GLN B 256 -13.94 -37.76 57.64
CA GLN B 256 -12.53 -38.15 57.55
C GLN B 256 -11.75 -37.82 58.81
N PRO B 257 -10.80 -38.69 59.17
CA PRO B 257 -9.90 -38.47 60.32
C PRO B 257 -9.28 -37.08 60.35
N LEU B 258 -9.08 -36.56 61.56
CA LEU B 258 -8.68 -35.17 61.75
C LEU B 258 -7.57 -35.03 62.79
N MET B 259 -6.53 -34.29 62.43
CA MET B 259 -5.40 -34.09 63.33
C MET B 259 -5.14 -32.60 63.46
N ALA B 260 -4.39 -32.18 64.49
CA ALA B 260 -4.09 -30.76 64.66
C ALA B 260 -2.63 -30.46 65.07
N VAL B 261 -1.98 -29.53 64.35
CA VAL B 261 -0.60 -29.13 64.62
C VAL B 261 -0.46 -27.70 65.15
N GLN B 262 0.06 -27.55 66.35
CA GLN B 262 0.08 -26.25 67.03
C GLN B 262 1.48 -25.85 67.52
N PHE B 263 2.00 -24.76 66.97
CA PHE B 263 3.30 -24.22 67.35
C PHE B 263 3.15 -23.18 68.45
N THR B 264 3.47 -23.58 69.68
CA THR B 264 3.39 -22.71 70.83
C THR B 264 4.27 -21.45 70.68
N ASN B 265 5.43 -21.62 70.06
CA ASN B 265 6.31 -20.49 69.76
C ASN B 265 6.58 -20.42 68.27
N LEU B 266 6.78 -19.21 67.75
CA LEU B 266 6.92 -19.03 66.32
C LEU B 266 7.59 -17.70 66.05
N THR B 267 8.68 -17.43 66.78
CA THR B 267 9.44 -16.16 66.76
C THR B 267 8.92 -15.06 65.84
N MET B 268 8.31 -14.04 66.44
CA MET B 268 7.61 -12.99 65.71
C MET B 268 8.39 -12.38 64.54
N ASP B 269 7.64 -11.85 63.57
CA ASP B 269 8.23 -11.08 62.47
C ASP B 269 9.27 -11.87 61.68
N THR B 270 8.98 -13.12 61.38
CA THR B 270 9.86 -13.94 60.56
C THR B 270 9.06 -15.03 59.86
N GLU B 271 9.42 -15.31 58.62
CA GLU B 271 8.86 -16.42 57.87
C GLU B 271 9.78 -17.61 58.12
N ILE B 272 9.21 -18.81 58.19
CA ILE B 272 10.02 -20.01 58.41
C ILE B 272 9.37 -21.26 57.85
N ARG B 273 10.05 -21.87 56.87
CA ARG B 273 9.51 -23.05 56.22
C ARG B 273 9.49 -24.22 57.19
N ILE B 274 8.39 -24.95 57.18
CA ILE B 274 8.26 -26.12 58.02
C ILE B 274 7.66 -27.27 57.20
N GLU B 275 8.15 -28.48 57.47
CA GLU B 275 7.74 -29.67 56.74
C GLU B 275 7.15 -30.70 57.69
N CYS B 276 5.90 -31.08 57.43
CA CYS B 276 5.21 -32.11 58.18
C CYS B 276 5.22 -33.44 57.42
N LYS B 277 6.19 -34.29 57.70
CA LYS B 277 6.26 -35.60 57.07
C LYS B 277 5.33 -36.58 57.77
N ALA B 278 4.71 -37.46 56.99
CA ALA B 278 3.88 -38.50 57.55
C ALA B 278 4.51 -39.85 57.21
N TYR B 279 5.33 -40.36 58.12
CA TYR B 279 6.13 -41.55 57.85
C TYR B 279 5.30 -42.86 57.88
N GLY B 280 5.71 -43.81 57.05
CA GLY B 280 5.03 -45.08 56.93
C GLY B 280 5.35 -45.82 55.63
N GLU B 281 4.98 -47.11 55.58
CA GLU B 281 5.17 -47.91 54.38
C GLU B 281 4.13 -47.56 53.33
N ASN B 282 2.91 -47.33 53.79
CA ASN B 282 1.81 -47.01 52.90
C ASN B 282 1.93 -45.62 52.27
N ILE B 283 2.66 -44.75 52.94
CA ILE B 283 2.83 -43.38 52.49
C ILE B 283 4.15 -43.22 51.73
N GLY B 284 4.15 -42.34 50.74
CA GLY B 284 5.32 -42.13 49.91
C GLY B 284 5.60 -40.68 49.61
N TYR B 285 6.88 -40.32 49.65
CA TYR B 285 7.30 -38.97 49.32
C TYR B 285 7.54 -38.84 47.83
N SER B 286 7.18 -37.69 47.26
CA SER B 286 7.49 -37.38 45.86
C SER B 286 8.45 -36.21 45.78
N GLU B 287 9.35 -36.28 44.80
CA GLU B 287 10.32 -35.23 44.63
C GLU B 287 9.61 -33.94 44.21
N LYS B 288 9.07 -33.93 43.00
CA LYS B 288 8.48 -32.70 42.44
C LYS B 288 7.14 -32.34 43.06
N ASP B 289 6.40 -33.33 43.54
CA ASP B 289 5.18 -33.04 44.29
C ASP B 289 5.57 -32.89 45.75
N ARG B 290 5.58 -31.65 46.23
CA ARG B 290 5.92 -31.37 47.62
C ARG B 290 4.72 -31.62 48.50
N PHE B 291 3.57 -31.83 47.86
CA PHE B 291 2.34 -32.07 48.60
C PHE B 291 2.07 -33.55 48.86
N GLN B 292 2.83 -34.43 48.21
CA GLN B 292 2.60 -35.87 48.30
C GLN B 292 3.37 -36.58 49.41
N GLY B 293 2.65 -37.23 50.31
CA GLY B 293 3.27 -37.96 51.40
C GLY B 293 3.83 -37.06 52.48
N ARG B 294 3.72 -35.76 52.27
CA ARG B 294 4.18 -34.78 53.25
C ARG B 294 3.40 -33.47 53.10
N PHE B 295 3.60 -32.56 54.05
CA PHE B 295 2.89 -31.29 54.03
C PHE B 295 3.81 -30.10 54.38
N ASP B 296 4.21 -29.34 53.36
CA ASP B 296 5.08 -28.18 53.54
C ASP B 296 4.29 -26.89 53.68
N VAL B 297 4.70 -26.03 54.60
CA VAL B 297 4.05 -24.73 54.76
C VAL B 297 4.96 -23.65 55.34
N LYS B 298 4.72 -22.42 54.87
CA LYS B 298 5.46 -21.26 55.31
C LYS B 298 4.65 -20.51 56.37
N ILE B 299 5.23 -20.41 57.57
CA ILE B 299 4.56 -19.79 58.69
C ILE B 299 5.23 -18.48 59.09
N GLU B 300 4.43 -17.42 59.17
CA GLU B 300 4.94 -16.12 59.59
C GLU B 300 3.88 -15.27 60.28
N VAL B 301 4.06 -15.04 61.56
CA VAL B 301 3.16 -14.15 62.29
C VAL B 301 3.87 -12.86 62.62
N LYS B 302 3.14 -11.75 62.56
CA LYS B 302 3.75 -10.43 62.70
C LYS B 302 2.88 -9.48 63.50
N SER B 303 3.49 -8.43 64.04
CA SER B 303 2.74 -7.37 64.71
C SER B 303 3.32 -6.02 64.33
N TYR C 21 -0.90 -47.48 35.36
CA TYR C 21 -0.86 -48.94 35.46
C TYR C 21 -0.42 -49.53 34.12
N ASP C 22 0.44 -50.55 34.14
CA ASP C 22 1.21 -50.92 35.31
C ASP C 22 2.43 -50.05 35.20
N TYR C 23 3.62 -50.64 35.22
CA TYR C 23 4.73 -49.91 34.63
C TYR C 23 5.47 -50.79 33.66
N GLU C 24 6.77 -50.94 33.89
CA GLU C 24 7.71 -51.72 33.07
C GLU C 24 7.13 -52.52 31.89
N THR C 25 6.02 -53.20 32.13
CA THR C 25 5.41 -54.08 31.14
C THR C 25 4.94 -53.37 29.88
N VAL C 26 4.04 -52.40 30.04
CA VAL C 26 3.54 -51.69 28.86
C VAL C 26 4.59 -50.78 28.26
N ARG C 27 5.53 -50.32 29.07
CA ARG C 27 6.66 -49.56 28.57
C ARG C 27 7.48 -50.42 27.61
N ASN C 28 7.76 -51.65 28.03
CA ASN C 28 8.50 -52.62 27.22
C ASN C 28 7.73 -52.96 25.94
N GLY C 29 6.44 -53.23 26.09
CA GLY C 29 5.59 -53.60 24.96
C GLY C 29 5.52 -52.49 23.93
N GLY C 30 5.27 -51.29 24.41
CA GLY C 30 5.32 -50.12 23.57
C GLY C 30 6.67 -49.95 22.93
N LEU C 31 7.75 -50.26 23.66
CA LEU C 31 9.10 -50.09 23.14
C LEU C 31 9.42 -51.04 21.99
N ILE C 32 9.20 -52.32 22.21
CA ILE C 32 9.36 -53.33 21.17
C ILE C 32 8.44 -53.02 19.99
N PHE C 33 7.27 -52.47 20.30
CA PHE C 33 6.32 -52.09 19.25
C PHE C 33 6.82 -50.95 18.37
N ALA C 34 7.29 -49.89 19.01
CA ALA C 34 7.85 -48.75 18.30
C ALA C 34 8.95 -49.27 17.40
N ALA C 35 9.77 -50.14 17.96
CA ALA C 35 10.87 -50.75 17.22
C ALA C 35 10.39 -51.51 15.97
N LEU C 36 9.37 -52.35 16.13
CA LEU C 36 8.84 -53.12 15.01
C LEU C 36 8.17 -52.21 13.98
N ALA C 37 7.38 -51.26 14.44
CA ALA C 37 6.71 -50.29 13.58
C ALA C 37 7.74 -49.58 12.71
N PHE C 38 8.81 -49.11 13.36
CA PHE C 38 9.88 -48.37 12.69
C PHE C 38 10.68 -49.23 11.71
N ILE C 39 10.98 -50.47 12.10
CA ILE C 39 11.66 -51.39 11.21
C ILE C 39 10.79 -51.65 9.98
N VAL C 40 9.50 -51.83 10.21
CA VAL C 40 8.51 -51.97 9.14
C VAL C 40 8.51 -50.77 8.20
N GLY C 41 8.58 -49.58 8.79
CA GLY C 41 8.69 -48.34 8.04
C GLY C 41 9.90 -48.36 7.10
N LEU C 42 11.08 -48.63 7.65
CA LEU C 42 12.28 -48.71 6.81
C LEU C 42 12.17 -49.78 5.72
N ILE C 43 11.65 -50.95 6.12
CA ILE C 43 11.49 -52.08 5.22
C ILE C 43 10.60 -51.76 4.01
N ILE C 44 9.44 -51.17 4.28
CA ILE C 44 8.50 -50.78 3.23
C ILE C 44 9.07 -49.63 2.41
N LEU C 45 9.85 -48.79 3.08
CA LEU C 45 10.45 -47.64 2.42
C LEU C 45 11.55 -48.04 1.43
N LEU C 46 12.27 -49.11 1.76
CA LEU C 46 13.41 -49.56 0.96
C LEU C 46 13.01 -50.55 -0.15
N SER C 47 11.72 -50.88 -0.20
CA SER C 47 11.19 -51.83 -1.20
C SER C 47 11.36 -51.37 -2.66
N LYS D 35 -10.22 -1.89 -22.79
CA LYS D 35 -9.44 -1.48 -23.95
C LYS D 35 -10.06 -2.02 -25.25
N GLU D 36 -11.11 -2.80 -25.11
CA GLU D 36 -11.73 -3.49 -26.24
C GLU D 36 -13.13 -2.96 -26.55
N VAL D 37 -13.92 -3.79 -27.23
CA VAL D 37 -15.33 -3.53 -27.51
C VAL D 37 -15.64 -2.43 -28.54
N SER D 38 -14.61 -1.67 -28.92
CA SER D 38 -14.74 -0.58 -29.90
C SER D 38 -15.09 -1.07 -31.31
N MET D 39 -16.00 -0.37 -31.99
CA MET D 39 -16.32 -0.70 -33.37
C MET D 39 -15.97 0.47 -34.29
N ASP D 40 -15.90 0.21 -35.61
CA ASP D 40 -15.49 1.24 -36.55
C ASP D 40 -15.86 0.95 -38.02
N ASP D 41 -15.78 2.01 -38.84
CA ASP D 41 -16.07 1.93 -40.26
C ASP D 41 -14.94 2.54 -41.08
N HIS D 42 -13.73 2.48 -40.53
CA HIS D 42 -12.54 3.04 -41.15
C HIS D 42 -12.15 2.26 -42.39
N LYS D 43 -12.54 0.99 -42.43
CA LYS D 43 -12.24 0.12 -43.56
C LYS D 43 -12.96 0.63 -44.81
N LEU D 44 -14.04 1.40 -44.59
CA LEU D 44 -14.89 1.88 -45.69
C LEU D 44 -14.21 2.93 -46.57
N SER D 45 -14.28 2.74 -47.88
CA SER D 45 -13.63 3.63 -48.84
C SER D 45 -14.20 5.05 -48.78
N LEU D 46 -13.45 6.02 -49.32
CA LEU D 46 -13.84 7.43 -49.27
C LEU D 46 -15.11 7.72 -50.04
N ASP D 47 -15.40 6.87 -51.02
CA ASP D 47 -16.65 6.96 -51.77
C ASP D 47 -17.79 6.26 -51.02
N GLU D 48 -17.43 5.24 -50.25
CA GLU D 48 -18.37 4.57 -49.36
C GLU D 48 -18.56 5.43 -48.11
N LEU D 49 -17.52 6.19 -47.79
CA LEU D 49 -17.58 7.22 -46.76
C LEU D 49 -18.52 8.32 -47.23
N HIS D 50 -18.42 8.64 -48.51
CA HIS D 50 -19.27 9.62 -49.18
C HIS D 50 -20.74 9.23 -49.06
N ARG D 51 -21.06 8.03 -49.54
CA ARG D 51 -22.43 7.52 -49.48
C ARG D 51 -22.95 7.42 -48.04
N LYS D 52 -22.08 6.99 -47.13
CA LYS D 52 -22.52 6.75 -45.74
C LYS D 52 -22.76 8.06 -45.00
N TYR D 53 -21.86 9.01 -45.16
CA TYR D 53 -21.92 10.26 -44.41
C TYR D 53 -22.41 11.42 -45.26
N GLY D 54 -22.86 11.11 -46.47
CA GLY D 54 -23.57 12.04 -47.34
C GLY D 54 -22.98 13.43 -47.45
N THR D 55 -21.68 13.52 -47.18
CA THR D 55 -20.98 14.79 -47.13
C THR D 55 -20.24 15.02 -48.45
N ASP D 56 -19.09 15.67 -48.40
CA ASP D 56 -18.33 15.95 -49.60
C ASP D 56 -16.83 15.85 -49.31
N LEU D 57 -16.09 15.35 -50.29
CA LEU D 57 -14.64 15.20 -50.16
C LEU D 57 -13.96 16.54 -49.87
N SER D 58 -14.45 17.61 -50.48
CA SER D 58 -13.80 18.91 -50.36
C SER D 58 -14.76 20.08 -50.23
N ARG D 59 -15.98 19.92 -50.77
CA ARG D 59 -16.97 20.98 -50.69
C ARG D 59 -17.59 21.05 -49.30
N GLY D 60 -17.28 20.06 -48.46
CA GLY D 60 -17.75 20.04 -47.09
C GLY D 60 -19.22 19.75 -46.96
N LEU D 61 -19.90 20.36 -45.99
CA LEU D 61 -21.30 20.03 -45.73
C LEU D 61 -22.23 21.25 -45.82
N THR D 62 -23.53 20.99 -45.97
CA THR D 62 -24.53 22.05 -46.05
C THR D 62 -24.72 22.68 -44.68
N PRO D 63 -24.77 24.03 -44.62
CA PRO D 63 -25.09 24.74 -43.38
C PRO D 63 -26.44 24.30 -42.82
N ALA D 64 -27.46 24.26 -43.67
CA ALA D 64 -28.77 23.78 -43.28
C ALA D 64 -28.71 22.38 -42.65
N ARG D 65 -27.93 21.51 -43.28
CA ARG D 65 -27.73 20.14 -42.82
C ARG D 65 -26.99 20.08 -41.49
N ALA D 66 -25.97 20.93 -41.36
CA ALA D 66 -25.18 21.04 -40.14
C ALA D 66 -26.03 21.48 -38.95
N ALA D 67 -26.96 22.40 -39.19
CA ALA D 67 -27.89 22.80 -38.13
C ALA D 67 -28.89 21.70 -37.84
N GLU D 68 -29.25 20.92 -38.86
CA GLU D 68 -30.15 19.80 -38.66
C GLU D 68 -29.53 18.70 -37.77
N ILE D 69 -28.26 18.38 -38.05
CA ILE D 69 -27.52 17.40 -37.26
C ILE D 69 -27.19 17.95 -35.87
N LEU D 70 -26.95 19.25 -35.78
CA LEU D 70 -26.72 19.87 -34.48
C LEU D 70 -27.99 19.72 -33.65
N ALA D 71 -29.13 19.91 -34.30
CA ALA D 71 -30.41 19.76 -33.62
C ALA D 71 -30.72 18.28 -33.32
N ARG D 72 -30.06 17.38 -34.04
CA ARG D 72 -30.31 15.95 -33.87
C ARG D 72 -29.47 15.30 -32.76
N ASP D 73 -28.16 15.52 -32.81
CA ASP D 73 -27.21 14.88 -31.90
C ASP D 73 -26.86 15.74 -30.68
N GLY D 74 -27.04 17.05 -30.81
CA GLY D 74 -26.69 17.95 -29.73
C GLY D 74 -25.20 18.19 -29.67
N PRO D 75 -24.79 19.24 -28.93
CA PRO D 75 -23.40 19.74 -28.87
C PRO D 75 -22.40 18.62 -28.70
N ASN D 76 -21.25 18.73 -29.33
CA ASN D 76 -20.25 17.67 -29.24
C ASN D 76 -19.26 17.88 -28.11
N ALA D 77 -19.78 18.06 -26.91
CA ALA D 77 -18.97 17.99 -25.71
C ALA D 77 -19.48 16.81 -24.89
N LEU D 78 -18.57 16.12 -24.21
CA LEU D 78 -18.97 14.95 -23.44
C LEU D 78 -19.87 15.39 -22.30
N THR D 79 -21.05 14.77 -22.19
CA THR D 79 -21.94 15.01 -21.06
C THR D 79 -21.19 14.77 -19.75
N PRO D 80 -21.04 15.81 -18.91
CA PRO D 80 -20.16 15.79 -17.72
C PRO D 80 -20.64 14.76 -16.70
N PRO D 81 -19.78 14.37 -15.72
CA PRO D 81 -20.17 13.48 -14.60
C PRO D 81 -21.37 14.02 -13.80
N PRO D 82 -21.66 13.47 -12.60
CA PRO D 82 -22.68 14.19 -11.83
C PRO D 82 -22.24 15.63 -11.51
N THR D 83 -21.65 15.84 -10.34
CA THR D 83 -20.84 17.03 -10.08
C THR D 83 -19.60 16.52 -9.35
N THR D 84 -19.32 15.26 -9.65
CA THR D 84 -19.66 14.16 -8.74
C THR D 84 -20.09 14.48 -7.29
N PRO D 85 -19.17 14.49 -6.32
CA PRO D 85 -19.75 14.57 -4.98
C PRO D 85 -20.33 15.94 -4.58
N GLU D 86 -21.62 16.06 -4.29
CA GLU D 86 -22.13 17.36 -3.83
C GLU D 86 -21.63 17.81 -2.46
N TRP D 87 -22.42 18.68 -1.82
CA TRP D 87 -22.06 19.38 -0.58
C TRP D 87 -21.78 18.44 0.60
N VAL D 88 -22.19 17.19 0.47
CA VAL D 88 -21.87 16.18 1.45
C VAL D 88 -20.36 15.97 1.50
N LYS D 89 -19.65 16.37 0.45
CA LYS D 89 -18.19 16.31 0.44
C LYS D 89 -17.63 17.13 1.60
N PHE D 90 -18.34 18.19 1.95
CA PHE D 90 -17.88 19.08 3.02
C PHE D 90 -17.72 18.27 4.31
N CYS D 91 -18.57 17.25 4.47
CA CYS D 91 -18.49 16.35 5.62
C CYS D 91 -17.11 15.77 5.81
N ARG D 92 -16.52 15.31 4.72
CA ARG D 92 -15.19 14.72 4.78
C ARG D 92 -14.19 15.74 5.28
N GLN D 93 -14.36 16.95 4.78
CA GLN D 93 -13.49 18.04 5.16
C GLN D 93 -13.76 18.39 6.60
N LEU D 94 -15.01 18.20 7.01
CA LEU D 94 -15.39 18.41 8.40
C LEU D 94 -14.77 17.33 9.27
N PHE D 95 -14.60 16.14 8.69
CA PHE D 95 -14.02 15.01 9.41
C PHE D 95 -12.49 15.12 9.44
N GLY D 96 -11.90 15.37 8.28
CA GLY D 96 -10.46 15.31 8.10
C GLY D 96 -9.63 16.16 9.04
N GLY D 97 -8.35 15.86 9.11
CA GLY D 97 -7.40 16.68 9.85
C GLY D 97 -7.32 18.06 9.23
N PHE D 98 -6.70 19.03 9.92
CA PHE D 98 -6.04 18.82 11.21
C PHE D 98 -7.06 18.66 12.32
N SER D 99 -8.31 18.95 11.97
CA SER D 99 -9.45 18.83 12.87
C SER D 99 -9.67 17.40 13.33
N MET D 100 -9.05 16.44 12.67
CA MET D 100 -9.17 15.04 13.04
C MET D 100 -8.70 14.87 14.48
N LEU D 101 -7.57 15.48 14.79
CA LEU D 101 -7.04 15.41 16.15
C LEU D 101 -7.96 16.11 17.13
N LEU D 102 -8.63 17.16 16.65
CA LEU D 102 -9.61 17.84 17.48
C LEU D 102 -10.79 16.93 17.78
N TRP D 103 -11.09 16.05 16.82
CA TRP D 103 -12.22 15.12 16.92
C TRP D 103 -11.88 13.97 17.88
N ILE D 104 -10.67 13.46 17.77
CA ILE D 104 -10.17 12.43 18.67
C ILE D 104 -10.10 12.97 20.10
N GLY D 105 -9.63 14.21 20.24
CA GLY D 105 -9.57 14.84 21.55
C GLY D 105 -10.95 15.08 22.13
N ALA D 106 -11.88 15.54 21.30
CA ALA D 106 -13.25 15.80 21.76
C ALA D 106 -13.96 14.51 22.19
N ILE D 107 -13.93 13.48 21.35
CA ILE D 107 -14.57 12.22 21.74
C ILE D 107 -13.88 11.62 22.97
N LEU D 108 -12.58 11.86 23.11
CA LEU D 108 -11.87 11.43 24.32
C LEU D 108 -12.33 12.22 25.54
N CYS D 109 -12.75 13.47 25.32
CA CYS D 109 -13.28 14.29 26.40
C CYS D 109 -14.64 13.78 26.86
N PHE D 110 -15.54 13.54 25.91
CA PHE D 110 -16.86 13.03 26.23
C PHE D 110 -16.74 11.66 26.92
N LEU D 111 -15.82 10.85 26.41
CA LEU D 111 -15.49 9.57 27.04
C LEU D 111 -15.05 9.78 28.49
N ALA D 112 -14.16 10.75 28.69
CA ALA D 112 -13.63 11.05 30.01
C ALA D 112 -14.75 11.45 30.98
N TYR D 113 -15.69 12.24 30.48
CA TYR D 113 -16.79 12.74 31.29
C TYR D 113 -17.75 11.61 31.66
N GLY D 114 -17.99 10.70 30.72
CA GLY D 114 -18.77 9.51 31.01
C GLY D 114 -18.12 8.66 32.10
N ILE D 115 -16.82 8.44 31.97
CA ILE D 115 -16.06 7.69 32.96
C ILE D 115 -16.07 8.39 34.34
N GLN D 116 -16.10 9.72 34.33
CA GLN D 116 -16.14 10.51 35.58
C GLN D 116 -17.53 10.48 36.23
N ALA D 117 -18.57 10.36 35.42
CA ALA D 117 -19.92 10.21 35.93
C ALA D 117 -20.09 8.84 36.57
N ALA D 118 -19.54 7.82 35.91
CA ALA D 118 -19.60 6.46 36.44
C ALA D 118 -18.81 6.29 37.75
N THR D 119 -17.51 6.54 37.70
CA THR D 119 -16.67 6.45 38.89
C THR D 119 -16.83 7.68 39.78
N GLU D 120 -17.00 7.44 41.08
CA GLU D 120 -17.14 8.51 42.07
C GLU D 120 -18.34 9.41 41.76
N GLU D 121 -18.54 10.43 42.58
CA GLU D 121 -19.56 11.45 42.32
C GLU D 121 -18.90 12.76 41.95
N GLU D 122 -19.15 13.23 40.73
CA GLU D 122 -18.44 14.40 40.25
C GLU D 122 -19.36 15.51 39.73
N PRO D 123 -19.60 16.53 40.57
CA PRO D 123 -20.38 17.72 40.18
C PRO D 123 -19.70 18.55 39.07
N GLN D 124 -18.38 18.46 38.96
CA GLN D 124 -17.65 19.29 38.00
C GLN D 124 -18.00 19.01 36.55
N ASN D 125 -18.06 20.08 35.77
CA ASN D 125 -18.33 19.97 34.34
C ASN D 125 -17.10 19.45 33.60
N ASP D 126 -15.93 19.95 34.00
CA ASP D 126 -14.63 19.42 33.54
C ASP D 126 -14.45 19.42 32.03
N ASN D 127 -14.35 18.21 31.47
CA ASN D 127 -14.36 18.03 30.02
C ASN D 127 -15.70 18.49 29.48
N LEU D 128 -16.55 17.55 29.09
CA LEU D 128 -17.91 17.84 28.61
C LEU D 128 -18.02 19.14 27.81
N TYR D 129 -17.94 20.24 28.54
CA TYR D 129 -17.82 21.59 27.99
C TYR D 129 -16.68 21.64 26.97
N LEU D 130 -15.54 21.05 27.35
CA LEU D 130 -14.35 21.03 26.52
C LEU D 130 -14.63 20.37 25.18
N GLY D 131 -15.19 19.16 25.20
CA GLY D 131 -15.51 18.44 23.99
C GLY D 131 -16.49 19.18 23.11
N VAL D 132 -17.42 19.87 23.75
CA VAL D 132 -18.36 20.75 23.06
C VAL D 132 -17.60 21.82 22.30
N VAL D 133 -16.75 22.55 23.01
CA VAL D 133 -15.99 23.63 22.39
C VAL D 133 -15.13 23.13 21.24
N LEU D 134 -14.51 21.97 21.43
CA LEU D 134 -13.69 21.37 20.38
C LEU D 134 -14.52 21.05 19.13
N SER D 135 -15.65 20.39 19.34
CA SER D 135 -16.54 20.03 18.25
C SER D 135 -17.02 21.28 17.49
N ALA D 136 -17.37 22.31 18.24
CA ALA D 136 -17.80 23.57 17.66
C ALA D 136 -16.69 24.20 16.84
N VAL D 137 -15.45 24.12 17.34
CA VAL D 137 -14.28 24.59 16.61
C VAL D 137 -14.17 23.87 15.28
N VAL D 138 -14.30 22.55 15.31
CA VAL D 138 -14.23 21.76 14.09
C VAL D 138 -15.32 22.17 13.10
N ILE D 139 -16.55 22.29 13.58
CA ILE D 139 -17.66 22.71 12.73
C ILE D 139 -17.42 24.10 12.09
N ILE D 140 -17.00 25.06 12.89
CA ILE D 140 -16.72 26.40 12.39
C ILE D 140 -15.62 26.36 11.33
N THR D 141 -14.56 25.61 11.63
CA THR D 141 -13.47 25.38 10.68
C THR D 141 -14.02 24.88 9.36
N GLY D 142 -14.93 23.90 9.45
CA GLY D 142 -15.53 23.30 8.27
C GLY D 142 -16.32 24.32 7.47
N CYS D 143 -17.04 25.19 8.17
CA CYS D 143 -17.77 26.25 7.50
C CYS D 143 -16.80 27.14 6.72
N PHE D 144 -15.69 27.52 7.36
CA PHE D 144 -14.67 28.33 6.69
C PHE D 144 -14.18 27.63 5.42
N SER D 145 -13.59 26.45 5.59
CA SER D 145 -13.01 25.71 4.47
C SER D 145 -14.03 25.47 3.35
N TYR D 146 -15.29 25.27 3.72
CA TYR D 146 -16.31 25.04 2.72
C TYR D 146 -16.65 26.32 1.97
N TYR D 147 -16.65 27.45 2.68
CA TYR D 147 -16.94 28.74 2.06
C TYR D 147 -15.87 29.09 1.03
N GLN D 148 -14.61 28.96 1.44
CA GLN D 148 -13.49 29.27 0.54
C GLN D 148 -13.41 28.24 -0.60
N GLU D 149 -13.84 27.01 -0.32
CA GLU D 149 -13.97 25.99 -1.36
C GLU D 149 -15.04 26.40 -2.38
N ALA D 150 -16.11 27.00 -1.89
CA ALA D 150 -17.20 27.48 -2.74
C ALA D 150 -16.74 28.58 -3.68
N LYS D 151 -16.16 29.64 -3.13
CA LYS D 151 -15.63 30.72 -3.96
C LYS D 151 -14.63 30.20 -5.00
N SER D 152 -13.65 29.42 -4.53
CA SER D 152 -12.63 28.89 -5.42
C SER D 152 -13.20 28.02 -6.56
N SER D 153 -14.15 27.15 -6.24
CA SER D 153 -14.77 26.31 -7.26
C SER D 153 -15.68 27.08 -8.24
N LYS D 154 -16.30 28.16 -7.76
CA LYS D 154 -17.09 29.04 -8.64
C LYS D 154 -16.19 29.71 -9.66
N ILE D 155 -15.06 30.24 -9.17
CA ILE D 155 -14.06 30.83 -10.06
C ILE D 155 -13.54 29.82 -11.08
N MET D 156 -13.07 28.67 -10.58
CA MET D 156 -12.49 27.64 -11.44
C MET D 156 -13.50 27.04 -12.44
N GLU D 157 -14.78 27.11 -12.11
CA GLU D 157 -15.83 26.72 -13.05
C GLU D 157 -16.08 27.79 -14.11
N SER D 158 -16.05 29.07 -13.71
CA SER D 158 -16.19 30.16 -14.67
C SER D 158 -15.05 30.16 -15.69
N PHE D 159 -13.85 29.82 -15.22
CA PHE D 159 -12.67 29.76 -16.08
C PHE D 159 -12.75 28.72 -17.22
N LYS D 160 -13.53 27.66 -17.03
CA LYS D 160 -13.66 26.62 -18.06
C LYS D 160 -14.50 27.10 -19.25
N ASN D 161 -15.46 27.97 -18.98
CA ASN D 161 -16.37 28.49 -20.00
C ASN D 161 -15.97 29.87 -20.54
N MET D 162 -15.00 30.52 -19.89
CA MET D 162 -14.50 31.81 -20.38
C MET D 162 -13.95 31.76 -21.81
N VAL D 163 -13.33 30.64 -22.17
CA VAL D 163 -12.71 30.49 -23.49
C VAL D 163 -13.00 29.14 -24.16
N PRO D 164 -13.97 29.12 -25.09
CA PRO D 164 -14.37 27.89 -25.78
C PRO D 164 -13.40 27.54 -26.91
N GLN D 165 -13.17 26.24 -27.12
CA GLN D 165 -12.26 25.80 -28.18
C GLN D 165 -12.97 25.93 -29.51
N GLN D 166 -12.20 25.87 -30.59
CA GLN D 166 -12.81 26.02 -31.90
C GLN D 166 -12.22 25.09 -32.96
N ALA D 167 -13.09 24.75 -33.91
CA ALA D 167 -12.77 23.81 -34.98
C ALA D 167 -12.95 24.45 -36.35
N LEU D 168 -12.08 24.06 -37.28
CA LEU D 168 -12.08 24.62 -38.62
C LEU D 168 -12.80 23.67 -39.58
N VAL D 169 -14.12 23.84 -39.71
CA VAL D 169 -14.92 22.98 -40.56
C VAL D 169 -15.02 23.50 -41.98
N ILE D 170 -15.46 22.64 -42.88
CA ILE D 170 -15.62 23.02 -44.28
C ILE D 170 -17.06 22.84 -44.69
N ARG D 171 -17.66 23.93 -45.13
CA ARG D 171 -19.06 23.96 -45.50
C ARG D 171 -19.25 24.95 -46.65
N ASN D 172 -20.14 24.61 -47.58
CA ASN D 172 -20.35 25.40 -48.80
C ASN D 172 -19.07 25.64 -49.60
N GLY D 173 -18.11 24.72 -49.46
CA GLY D 173 -16.85 24.82 -50.17
C GLY D 173 -15.86 25.75 -49.50
N GLU D 174 -16.31 26.39 -48.41
CA GLU D 174 -15.51 27.37 -47.72
C GLU D 174 -15.28 26.99 -46.25
N LYS D 175 -14.19 27.48 -45.67
CA LYS D 175 -13.85 27.13 -44.30
C LYS D 175 -14.41 28.10 -43.26
N MET D 176 -14.77 27.54 -42.12
CA MET D 176 -15.41 28.24 -41.02
C MET D 176 -14.67 27.88 -39.75
N SER D 177 -14.32 28.86 -38.94
CA SER D 177 -13.78 28.56 -37.62
C SER D 177 -14.91 28.64 -36.60
N ILE D 178 -15.66 27.54 -36.49
CA ILE D 178 -16.83 27.52 -35.62
C ILE D 178 -16.47 27.01 -34.24
N ASN D 179 -17.41 27.13 -33.30
CA ASN D 179 -17.24 26.61 -31.96
C ASN D 179 -17.03 25.10 -31.96
N ALA D 180 -16.21 24.61 -31.05
CA ALA D 180 -15.89 23.19 -30.98
C ALA D 180 -17.10 22.35 -30.61
N GLU D 181 -18.12 22.98 -30.03
CA GLU D 181 -19.32 22.26 -29.62
C GLU D 181 -20.34 22.17 -30.75
N GLU D 182 -20.06 22.84 -31.86
CA GLU D 182 -21.03 22.93 -32.94
C GLU D 182 -20.68 22.05 -34.16
N VAL D 183 -19.53 21.37 -34.10
CA VAL D 183 -19.16 20.41 -35.12
C VAL D 183 -20.17 19.28 -35.12
N VAL D 184 -20.62 18.87 -36.29
CA VAL D 184 -21.59 17.79 -36.34
C VAL D 184 -20.94 16.49 -36.82
N VAL D 185 -21.65 15.38 -36.69
CA VAL D 185 -21.16 14.12 -37.23
C VAL D 185 -21.08 14.23 -38.74
N GLY D 186 -19.92 13.93 -39.31
CA GLY D 186 -19.83 13.76 -40.75
C GLY D 186 -19.52 14.97 -41.59
N ASP D 187 -19.29 16.12 -40.96
CA ASP D 187 -18.82 17.27 -41.73
C ASP D 187 -17.30 17.25 -41.82
N LEU D 188 -16.77 17.91 -42.84
CA LEU D 188 -15.33 17.93 -43.06
C LEU D 188 -14.68 18.81 -42.00
N VAL D 189 -13.52 18.41 -41.52
CA VAL D 189 -12.83 19.14 -40.47
C VAL D 189 -11.34 19.17 -40.74
N GLU D 190 -10.75 20.36 -40.75
CA GLU D 190 -9.31 20.48 -40.92
C GLU D 190 -8.64 20.65 -39.58
N VAL D 191 -7.40 20.17 -39.48
CA VAL D 191 -6.68 20.17 -38.22
C VAL D 191 -5.19 20.33 -38.41
N LYS D 192 -4.74 21.56 -38.65
CA LYS D 192 -3.32 21.85 -38.75
C LYS D 192 -2.61 21.50 -37.42
N GLY D 193 -1.29 21.42 -37.45
CA GLY D 193 -0.51 21.14 -36.26
C GLY D 193 -0.71 22.18 -35.16
N GLY D 194 -0.73 21.72 -33.92
CA GLY D 194 -0.91 22.61 -32.78
C GLY D 194 -2.33 22.68 -32.29
N ASP D 195 -3.24 21.96 -32.95
CA ASP D 195 -4.65 22.00 -32.60
C ASP D 195 -5.16 20.71 -31.99
N ARG D 196 -6.16 20.83 -31.11
CA ARG D 196 -6.85 19.67 -30.58
C ARG D 196 -7.87 19.16 -31.59
N ILE D 197 -7.93 17.84 -31.73
CA ILE D 197 -8.84 17.20 -32.67
C ILE D 197 -10.26 17.23 -32.12
N PRO D 198 -11.10 18.12 -32.67
CA PRO D 198 -12.42 18.49 -32.16
C PRO D 198 -13.46 17.36 -32.11
N ALA D 199 -13.15 16.21 -32.71
CA ALA D 199 -14.05 15.05 -32.71
C ALA D 199 -13.34 13.91 -33.42
N ASP D 200 -13.99 12.76 -33.52
CA ASP D 200 -13.33 11.62 -34.15
C ASP D 200 -13.52 11.64 -35.68
N LEU D 201 -12.39 11.74 -36.38
CA LEU D 201 -12.38 11.97 -37.82
C LEU D 201 -11.78 10.79 -38.58
N ARG D 202 -12.19 10.66 -39.83
CA ARG D 202 -11.64 9.65 -40.70
C ARG D 202 -10.83 10.41 -41.74
N ILE D 203 -9.52 10.39 -41.59
CA ILE D 203 -8.65 11.15 -42.49
C ILE D 203 -8.80 10.80 -43.96
N ILE D 204 -9.29 11.74 -44.75
CA ILE D 204 -9.40 11.57 -46.19
C ILE D 204 -8.28 12.31 -46.92
N SER D 205 -7.58 13.18 -46.19
CA SER D 205 -6.49 13.95 -46.79
C SER D 205 -5.57 14.55 -45.72
N ALA D 206 -4.27 14.33 -45.89
CA ALA D 206 -3.30 14.80 -44.92
C ALA D 206 -1.90 14.86 -45.51
N ASN D 207 -1.12 15.83 -45.05
CA ASN D 207 0.28 15.94 -45.45
C ASN D 207 1.17 16.12 -44.24
N GLY D 208 2.13 15.20 -44.09
CA GLY D 208 3.10 15.24 -43.01
C GLY D 208 2.47 15.33 -41.63
N CYS D 209 1.21 14.90 -41.53
CA CYS D 209 0.45 15.05 -40.30
C CYS D 209 0.84 14.04 -39.24
N LYS D 210 1.68 14.46 -38.30
CA LYS D 210 1.96 13.65 -37.12
C LYS D 210 1.12 14.19 -35.97
N VAL D 211 0.16 13.40 -35.53
CA VAL D 211 -0.70 13.78 -34.41
C VAL D 211 -0.10 13.20 -33.13
N ASP D 212 -0.45 13.77 -31.99
CA ASP D 212 -0.10 13.16 -30.71
C ASP D 212 -1.31 12.46 -30.12
N ASN D 213 -1.22 11.15 -29.96
CA ASN D 213 -2.28 10.39 -29.32
C ASN D 213 -2.35 10.72 -27.83
N SER D 214 -1.18 10.88 -27.21
CA SER D 214 -1.08 11.15 -25.79
C SER D 214 -1.87 10.15 -24.95
N SER D 215 -3.07 10.56 -24.55
CA SER D 215 -3.86 9.84 -23.56
C SER D 215 -4.39 8.49 -24.03
N LEU D 216 -4.72 8.40 -25.32
CA LEU D 216 -5.27 7.16 -25.86
C LEU D 216 -4.21 6.06 -25.89
N THR D 217 -2.96 6.43 -26.13
CA THR D 217 -1.89 5.44 -26.19
C THR D 217 -1.05 5.46 -24.94
N GLY D 218 -1.05 6.58 -24.23
CA GLY D 218 -0.19 6.76 -23.08
C GLY D 218 1.21 7.09 -23.55
N GLU D 219 1.36 7.21 -24.86
CA GLU D 219 2.66 7.47 -25.47
C GLU D 219 2.84 8.95 -25.87
N SER D 220 3.99 9.49 -25.48
CA SER D 220 4.33 10.87 -25.80
C SER D 220 4.75 10.98 -27.25
N GLU D 221 5.20 9.86 -27.83
CA GLU D 221 5.65 9.85 -29.21
C GLU D 221 4.51 10.12 -30.19
N PRO D 222 4.74 11.03 -31.14
CA PRO D 222 3.72 11.37 -32.13
C PRO D 222 3.48 10.18 -33.02
N GLN D 223 2.30 10.10 -33.61
CA GLN D 223 2.01 9.02 -34.55
C GLN D 223 1.53 9.62 -35.86
N THR D 224 2.12 9.15 -36.96
CA THR D 224 1.79 9.68 -38.28
C THR D 224 0.32 9.42 -38.61
N ARG D 225 -0.18 10.18 -39.59
CA ARG D 225 -1.59 10.11 -39.93
C ARG D 225 -1.81 10.28 -41.44
N SER D 226 -2.22 9.19 -42.07
CA SER D 226 -2.48 9.17 -43.50
C SER D 226 -3.90 8.67 -43.78
N PRO D 227 -4.44 8.97 -44.96
CA PRO D 227 -5.75 8.44 -45.35
C PRO D 227 -5.83 6.90 -45.42
N ASP D 228 -4.72 6.22 -45.69
CA ASP D 228 -4.73 4.76 -45.77
C ASP D 228 -4.90 4.12 -44.39
N PHE D 229 -5.74 3.10 -44.30
CA PHE D 229 -5.85 2.36 -43.05
C PHE D 229 -4.71 1.36 -42.95
N THR D 230 -4.26 1.07 -41.72
CA THR D 230 -3.14 0.17 -41.53
C THR D 230 -3.47 -1.04 -40.66
N ASN D 231 -4.39 -0.86 -39.70
CA ASN D 231 -4.80 -1.95 -38.82
C ASN D 231 -6.31 -2.10 -38.74
N GLU D 232 -6.77 -3.33 -38.48
CA GLU D 232 -8.19 -3.56 -38.25
C GLU D 232 -8.60 -2.81 -36.99
N ASN D 233 -7.65 -2.71 -36.06
CA ASN D 233 -7.88 -1.98 -34.83
C ASN D 233 -7.91 -0.47 -35.06
N PRO D 234 -9.04 0.16 -34.70
CA PRO D 234 -9.25 1.59 -34.92
C PRO D 234 -8.25 2.46 -34.16
N LEU D 235 -7.73 1.94 -33.04
CA LEU D 235 -6.82 2.71 -32.19
C LEU D 235 -5.43 2.85 -32.81
N GLU D 236 -5.04 1.86 -33.62
CA GLU D 236 -3.68 1.80 -34.14
C GLU D 236 -3.58 2.24 -35.61
N THR D 237 -4.72 2.29 -36.29
CA THR D 237 -4.74 2.71 -37.69
C THR D 237 -4.45 4.21 -37.83
N ARG D 238 -4.00 4.62 -39.01
CA ARG D 238 -3.57 6.00 -39.24
C ARG D 238 -4.63 6.89 -39.91
N ASN D 239 -5.78 6.31 -40.24
CA ASN D 239 -6.84 7.06 -40.91
C ASN D 239 -7.88 7.59 -39.93
N ILE D 240 -7.63 7.37 -38.64
CA ILE D 240 -8.60 7.70 -37.60
C ILE D 240 -8.04 8.64 -36.54
N ALA D 241 -8.48 9.89 -36.57
CA ALA D 241 -8.17 10.84 -35.50
C ALA D 241 -9.27 10.73 -34.45
N PHE D 242 -8.93 11.00 -33.19
CA PHE D 242 -9.89 10.90 -32.11
C PHE D 242 -9.87 12.10 -31.17
N PHE D 243 -10.93 12.21 -30.37
CA PHE D 243 -11.10 13.32 -29.46
C PHE D 243 -9.95 13.40 -28.49
N SER D 244 -9.75 14.59 -27.92
CA SER D 244 -8.79 14.80 -26.83
C SER D 244 -7.36 14.44 -27.17
N THR D 245 -7.04 14.43 -28.46
CA THR D 245 -5.66 14.30 -28.89
C THR D 245 -5.36 15.55 -29.71
N ASN D 246 -4.08 15.82 -29.95
CA ASN D 246 -3.73 17.01 -30.71
C ASN D 246 -2.64 16.79 -31.75
N CYS D 247 -2.80 17.48 -32.88
CA CYS D 247 -1.86 17.37 -33.97
C CYS D 247 -0.56 18.12 -33.66
N VAL D 248 0.51 17.38 -33.41
CA VAL D 248 1.81 17.99 -33.18
C VAL D 248 2.32 18.76 -34.40
N GLU D 249 2.34 18.11 -35.56
CA GLU D 249 2.85 18.77 -36.76
C GLU D 249 2.18 18.31 -38.05
N GLY D 250 2.44 19.02 -39.14
CA GLY D 250 1.83 18.71 -40.42
C GLY D 250 0.36 19.11 -40.43
N THR D 251 -0.33 18.77 -41.52
CA THR D 251 -1.73 19.12 -41.67
C THR D 251 -2.57 17.91 -42.03
N ALA D 252 -3.87 18.01 -41.77
CA ALA D 252 -4.79 16.94 -42.11
C ALA D 252 -6.20 17.48 -42.26
N ARG D 253 -7.06 16.67 -42.87
CA ARG D 253 -8.46 17.00 -43.01
C ARG D 253 -9.23 15.68 -43.05
N GLY D 254 -10.33 15.62 -42.31
CA GLY D 254 -11.09 14.38 -42.20
C GLY D 254 -12.56 14.60 -41.90
N ILE D 255 -13.37 13.61 -42.26
CA ILE D 255 -14.80 13.65 -42.01
C ILE D 255 -15.05 13.14 -40.59
N VAL D 256 -15.95 13.81 -39.88
CA VAL D 256 -16.24 13.44 -38.49
C VAL D 256 -17.09 12.18 -38.39
N VAL D 257 -16.44 11.06 -38.08
CA VAL D 257 -17.17 9.79 -37.91
C VAL D 257 -17.88 9.73 -36.58
N TYR D 258 -17.27 10.30 -35.54
CA TYR D 258 -17.89 10.28 -34.21
C TYR D 258 -17.95 11.65 -33.55
N THR D 259 -19.17 12.09 -33.22
CA THR D 259 -19.36 13.34 -32.47
C THR D 259 -19.92 13.15 -31.07
N GLY D 260 -19.47 14.01 -30.17
CA GLY D 260 -20.01 14.09 -28.84
C GLY D 260 -19.68 12.92 -27.95
N ASP D 261 -20.70 12.46 -27.23
CA ASP D 261 -20.55 11.46 -26.18
C ASP D 261 -19.93 10.17 -26.71
N ARG D 262 -20.47 9.68 -27.82
CA ARG D 262 -20.08 8.37 -28.33
C ARG D 262 -18.84 8.39 -29.23
N THR D 263 -17.72 8.86 -28.70
CA THR D 263 -16.45 8.79 -29.42
C THR D 263 -15.46 7.92 -28.66
N VAL D 264 -14.18 8.22 -28.86
CA VAL D 264 -13.12 7.75 -27.99
C VAL D 264 -13.29 8.31 -26.56
N MET D 265 -14.20 9.28 -26.42
CA MET D 265 -14.55 9.83 -25.11
C MET D 265 -15.53 8.96 -24.33
N GLY D 266 -15.85 7.78 -24.88
CA GLY D 266 -16.50 6.75 -24.10
C GLY D 266 -15.57 6.55 -22.91
N ARG D 267 -14.27 6.55 -23.21
CA ARG D 267 -13.23 6.78 -22.23
C ARG D 267 -12.89 8.28 -22.18
N ILE D 268 -12.99 8.85 -20.99
CA ILE D 268 -13.25 8.04 -19.81
C ILE D 268 -14.66 8.24 -19.28
N ALA D 269 -15.19 7.23 -18.58
CA ALA D 269 -16.47 7.32 -17.92
C ALA D 269 -16.42 6.65 -16.54
N THR D 270 -15.97 7.36 -15.50
CA THR D 270 -15.57 8.78 -15.57
C THR D 270 -14.21 9.10 -14.89
N LEU D 271 -13.20 9.45 -15.69
CA LEU D 271 -11.95 10.02 -15.15
C LEU D 271 -11.93 11.53 -15.37
N ALA D 272 -11.78 12.28 -14.27
CA ALA D 272 -11.79 13.74 -14.35
C ALA D 272 -10.84 14.36 -13.31
N SER D 273 -10.84 15.69 -13.26
CA SER D 273 -9.97 16.46 -12.38
C SER D 273 -8.50 16.03 -12.45
N GLY D 274 -7.76 16.27 -11.38
CA GLY D 274 -6.34 16.00 -11.35
C GLY D 274 -5.58 17.15 -11.98
N LEU D 275 -4.37 17.38 -11.49
CA LEU D 275 -3.53 18.43 -12.02
C LEU D 275 -2.23 17.84 -12.58
N GLU D 276 -1.74 16.81 -11.91
CA GLU D 276 -0.44 16.17 -12.21
C GLU D 276 0.82 17.07 -12.29
N GLY D 277 1.06 17.95 -11.32
CA GLY D 277 0.17 18.24 -10.21
C GLY D 277 0.31 17.31 -9.02
N GLY D 278 1.01 16.20 -9.24
CA GLY D 278 1.43 15.32 -8.16
C GLY D 278 1.89 16.12 -6.95
N GLN D 279 2.95 16.90 -7.11
CA GLN D 279 3.45 17.72 -6.02
C GLN D 279 3.49 19.18 -6.42
N THR D 280 3.38 20.05 -5.42
CA THR D 280 3.48 21.48 -5.61
C THR D 280 4.34 22.08 -4.49
N PRO D 281 5.38 22.84 -4.87
CA PRO D 281 6.42 23.36 -3.97
C PRO D 281 5.88 23.93 -2.66
N ILE D 282 5.08 24.98 -2.78
CA ILE D 282 4.51 25.64 -1.62
C ILE D 282 3.71 24.65 -0.77
N ALA D 283 2.91 23.81 -1.43
CA ALA D 283 2.12 22.79 -0.73
C ALA D 283 3.02 21.75 -0.07
N ALA D 284 4.18 21.49 -0.67
CA ALA D 284 5.10 20.49 -0.14
C ALA D 284 5.76 20.97 1.15
N GLU D 285 6.13 22.25 1.19
CA GLU D 285 6.67 22.83 2.40
C GLU D 285 5.57 22.94 3.45
N ILE D 286 4.34 23.12 2.98
CA ILE D 286 3.16 23.07 3.86
C ILE D 286 3.05 21.72 4.59
N GLU D 287 3.10 20.63 3.83
CA GLU D 287 3.03 19.29 4.40
C GLU D 287 4.22 18.98 5.28
N HIS D 288 5.40 19.45 4.86
CA HIS D 288 6.60 19.26 5.66
C HIS D 288 6.45 19.92 7.03
N PHE D 289 5.88 21.12 7.02
CA PHE D 289 5.58 21.81 8.26
C PHE D 289 4.62 21.00 9.08
N ILE D 290 3.61 20.46 8.42
CA ILE D 290 2.64 19.64 9.13
C ILE D 290 3.26 18.43 9.84
N HIS D 291 4.15 17.71 9.15
CA HIS D 291 4.85 16.57 9.77
C HIS D 291 5.71 17.02 10.95
N ILE D 292 6.44 18.11 10.76
CA ILE D 292 7.25 18.68 11.83
C ILE D 292 6.41 18.97 13.08
N ILE D 293 5.37 19.77 12.88
CA ILE D 293 4.48 20.18 13.96
C ILE D 293 3.85 19.01 14.68
N THR D 294 3.33 18.06 13.90
CA THR D 294 2.79 16.84 14.48
C THR D 294 3.82 16.20 15.38
N GLY D 295 5.05 16.07 14.86
CA GLY D 295 6.14 15.48 15.61
C GLY D 295 6.38 16.15 16.95
N VAL D 296 6.51 17.48 16.94
CA VAL D 296 6.77 18.19 18.18
C VAL D 296 5.60 18.11 19.16
N ALA D 297 4.38 18.17 18.63
CA ALA D 297 3.18 18.18 19.47
C ALA D 297 2.98 16.82 20.15
N VAL D 298 3.33 15.76 19.44
CA VAL D 298 3.20 14.43 20.04
C VAL D 298 4.36 14.14 20.99
N PHE D 299 5.56 14.63 20.67
CA PHE D 299 6.69 14.45 21.58
C PHE D 299 6.37 15.12 22.90
N LEU D 300 5.99 16.39 22.80
CA LEU D 300 5.56 17.13 23.98
C LEU D 300 4.37 16.45 24.66
N GLY D 301 3.50 15.83 23.86
CA GLY D 301 2.34 15.14 24.39
C GLY D 301 2.64 13.96 25.30
N VAL D 302 3.33 12.96 24.77
CA VAL D 302 3.68 11.80 25.59
C VAL D 302 4.64 12.17 26.71
N SER D 303 5.55 13.11 26.43
CA SER D 303 6.49 13.58 27.43
C SER D 303 5.73 14.14 28.62
N PHE D 304 4.73 14.97 28.32
CA PHE D 304 3.91 15.59 29.37
C PHE D 304 2.93 14.59 29.98
N PHE D 305 2.74 13.45 29.34
CA PHE D 305 1.92 12.40 29.94
C PHE D 305 2.71 11.61 30.98
N ILE D 306 3.98 11.33 30.69
CA ILE D 306 4.85 10.74 31.70
C ILE D 306 5.08 11.75 32.83
N LEU D 307 5.13 13.03 32.48
CA LEU D 307 5.21 14.06 33.49
C LEU D 307 3.93 14.07 34.30
N SER D 308 2.82 13.77 33.65
CA SER D 308 1.54 13.72 34.34
C SER D 308 1.53 12.58 35.36
N LEU D 309 2.03 11.42 34.93
CA LEU D 309 2.10 10.25 35.82
C LEU D 309 3.07 10.49 36.98
N ILE D 310 4.15 11.22 36.73
CA ILE D 310 5.06 11.62 37.80
C ILE D 310 4.39 12.67 38.68
N LEU D 311 3.51 13.47 38.10
CA LEU D 311 2.77 14.46 38.86
C LEU D 311 1.63 13.78 39.61
N GLU D 312 1.42 12.51 39.32
CA GLU D 312 0.37 11.72 39.98
C GLU D 312 -1.02 12.26 39.66
N TYR D 313 -1.18 12.88 38.49
CA TYR D 313 -2.50 13.30 38.03
C TYR D 313 -3.33 12.07 37.65
N THR D 314 -4.65 12.17 37.77
CA THR D 314 -5.52 11.06 37.39
C THR D 314 -5.51 10.86 35.88
N TRP D 315 -5.71 9.61 35.43
CA TRP D 315 -5.73 9.30 34.01
C TRP D 315 -6.79 10.12 33.30
N LEU D 316 -7.93 10.27 33.95
CA LEU D 316 -9.02 11.11 33.47
C LEU D 316 -8.53 12.53 33.20
N GLU D 317 -7.50 12.94 33.93
CA GLU D 317 -6.92 14.27 33.76
C GLU D 317 -5.68 14.21 32.88
N ALA D 318 -4.99 13.07 32.91
CA ALA D 318 -3.76 12.91 32.14
C ALA D 318 -4.04 12.88 30.63
N VAL D 319 -5.13 12.22 30.24
CA VAL D 319 -5.51 12.19 28.83
C VAL D 319 -6.02 13.55 28.36
N ILE D 320 -6.73 14.26 29.23
CA ILE D 320 -7.25 15.57 28.88
C ILE D 320 -6.09 16.54 28.74
N PHE D 321 -5.06 16.32 29.54
CA PHE D 321 -3.84 17.12 29.46
C PHE D 321 -3.14 16.84 28.13
N LEU D 322 -3.10 15.56 27.77
CA LEU D 322 -2.50 15.14 26.51
C LEU D 322 -3.18 15.81 25.32
N ILE D 323 -4.50 15.69 25.28
CA ILE D 323 -5.32 16.34 24.27
C ILE D 323 -5.03 17.83 24.25
N GLY D 324 -4.95 18.41 25.44
CA GLY D 324 -4.66 19.83 25.58
C GLY D 324 -3.38 20.22 24.86
N ILE D 325 -2.28 19.53 25.18
CA ILE D 325 -0.97 19.81 24.61
C ILE D 325 -0.97 19.62 23.08
N ILE D 326 -1.51 18.50 22.64
CA ILE D 326 -1.58 18.23 21.21
C ILE D 326 -2.34 19.33 20.45
N VAL D 327 -3.57 19.60 20.87
CA VAL D 327 -4.41 20.62 20.23
C VAL D 327 -3.73 21.99 20.27
N ALA D 328 -2.99 22.21 21.36
CA ALA D 328 -2.13 23.37 21.48
C ALA D 328 -1.13 23.41 20.31
N ASN D 329 -0.04 22.66 20.41
CA ASN D 329 1.04 22.78 19.42
C ASN D 329 0.70 22.58 17.93
N VAL D 330 -0.50 22.08 17.67
CA VAL D 330 -0.97 21.85 16.31
C VAL D 330 -1.91 22.95 15.79
N PRO D 331 -1.47 23.71 14.76
CA PRO D 331 -2.31 24.75 14.17
C PRO D 331 -3.46 24.16 13.36
N GLU D 332 -4.66 24.29 13.92
CA GLU D 332 -5.88 23.95 13.21
C GLU D 332 -5.90 24.88 12.02
N GLY D 333 -5.63 26.15 12.33
CA GLY D 333 -5.85 27.26 11.41
C GLY D 333 -5.03 27.29 10.14
N LEU D 334 -3.89 26.62 10.13
CA LEU D 334 -3.03 26.64 8.95
C LEU D 334 -3.82 26.22 7.71
N LEU D 335 -4.68 25.22 7.88
CA LEU D 335 -5.44 24.65 6.78
C LEU D 335 -6.45 25.63 6.19
N ALA D 336 -7.37 26.08 7.03
CA ALA D 336 -8.36 27.06 6.62
C ALA D 336 -7.68 28.32 6.09
N THR D 337 -6.55 28.67 6.69
CA THR D 337 -5.76 29.83 6.26
C THR D 337 -5.32 29.65 4.81
N VAL D 338 -4.71 28.50 4.54
CA VAL D 338 -4.26 28.17 3.21
C VAL D 338 -5.42 28.30 2.25
N THR D 339 -6.55 27.67 2.59
CA THR D 339 -7.73 27.69 1.72
C THR D 339 -8.14 29.13 1.45
N VAL D 340 -8.01 29.98 2.46
CA VAL D 340 -8.30 31.39 2.34
C VAL D 340 -7.37 32.01 1.31
N CYS D 341 -6.07 31.83 1.48
CA CYS D 341 -5.08 32.35 0.54
C CYS D 341 -5.40 31.95 -0.89
N LEU D 342 -5.57 30.64 -1.11
CA LEU D 342 -5.90 30.09 -2.42
C LEU D 342 -7.10 30.80 -3.01
N THR D 343 -8.19 30.84 -2.25
CA THR D 343 -9.42 31.47 -2.73
C THR D 343 -9.20 32.94 -3.11
N LEU D 344 -8.49 33.66 -2.26
CA LEU D 344 -8.19 35.07 -2.49
C LEU D 344 -7.48 35.24 -3.82
N THR D 345 -6.33 34.58 -3.96
CA THR D 345 -5.54 34.65 -5.16
C THR D 345 -6.41 34.30 -6.36
N ALA D 346 -7.32 33.35 -6.18
CA ALA D 346 -8.22 32.95 -7.25
C ALA D 346 -9.15 34.10 -7.67
N LYS D 347 -9.69 34.82 -6.69
CA LYS D 347 -10.54 35.97 -6.98
C LYS D 347 -9.74 37.03 -7.73
N ARG D 348 -8.54 37.28 -7.23
CA ARG D 348 -7.68 38.31 -7.80
C ARG D 348 -7.23 37.97 -9.23
N MET D 349 -7.01 36.69 -9.51
CA MET D 349 -6.67 36.27 -10.87
C MET D 349 -7.90 36.34 -11.75
N ALA D 350 -9.06 36.11 -11.15
CA ALA D 350 -10.31 36.21 -11.89
C ALA D 350 -10.53 37.65 -12.34
N ARG D 351 -10.11 38.61 -11.52
CA ARG D 351 -10.34 40.01 -11.86
C ARG D 351 -9.48 40.55 -13.00
N LYS D 352 -8.29 39.98 -13.19
CA LYS D 352 -7.43 40.41 -14.30
C LYS D 352 -7.35 39.33 -15.37
N ASN D 353 -8.41 38.53 -15.46
CA ASN D 353 -8.62 37.60 -16.56
C ASN D 353 -7.64 36.45 -16.76
N CYS D 354 -6.50 36.49 -16.10
CA CYS D 354 -5.57 35.37 -16.22
C CYS D 354 -6.06 34.14 -15.46
N LEU D 355 -6.35 33.06 -16.18
CA LEU D 355 -6.73 31.79 -15.56
C LEU D 355 -5.50 31.06 -15.03
N VAL D 356 -5.61 30.49 -13.83
CA VAL D 356 -4.61 29.54 -13.36
C VAL D 356 -5.30 28.21 -13.17
N LYS D 357 -4.72 27.15 -13.71
CA LYS D 357 -5.29 25.81 -13.52
C LYS D 357 -5.04 25.36 -12.10
N ASN D 358 -3.81 25.51 -11.65
CA ASN D 358 -3.40 25.06 -10.32
C ASN D 358 -3.13 26.28 -9.45
N LEU D 359 -3.89 26.44 -8.39
CA LEU D 359 -3.79 27.67 -7.61
C LEU D 359 -2.41 27.83 -6.99
N GLU D 360 -1.90 26.77 -6.37
CA GLU D 360 -0.59 26.75 -5.73
C GLU D 360 0.51 27.23 -6.67
N ALA D 361 0.34 26.96 -7.96
CA ALA D 361 1.36 27.27 -8.96
C ALA D 361 1.61 28.76 -9.03
N VAL D 362 0.62 29.54 -8.62
CA VAL D 362 0.80 30.99 -8.58
C VAL D 362 2.00 31.35 -7.71
N GLU D 363 2.12 30.68 -6.58
CA GLU D 363 3.26 30.91 -5.69
C GLU D 363 4.53 30.59 -6.45
N THR D 364 4.49 29.47 -7.16
CA THR D 364 5.62 29.04 -7.95
C THR D 364 6.02 30.17 -8.87
N LEU D 365 5.02 30.82 -9.45
CA LEU D 365 5.23 31.91 -10.40
C LEU D 365 6.00 33.06 -9.76
N GLY D 366 5.72 33.32 -8.50
CA GLY D 366 6.43 34.37 -7.80
C GLY D 366 7.89 34.00 -7.68
N SER D 367 8.14 32.75 -7.33
CA SER D 367 9.48 32.27 -7.05
C SER D 367 10.37 32.30 -8.29
N THR D 368 9.77 32.65 -9.43
CA THR D 368 10.49 32.72 -10.70
C THR D 368 11.61 33.73 -10.68
N SER D 369 12.82 33.26 -11.01
CA SER D 369 14.00 34.11 -11.07
C SER D 369 14.48 34.21 -12.50
N THR D 370 13.69 33.69 -13.43
CA THR D 370 14.00 33.76 -14.86
C THR D 370 12.78 33.47 -15.73
N ILE D 371 12.28 34.50 -16.38
CA ILE D 371 11.25 34.32 -17.39
C ILE D 371 11.87 34.13 -18.77
N CYS D 372 11.52 33.01 -19.40
CA CYS D 372 11.87 32.76 -20.78
C CYS D 372 10.67 33.03 -21.66
N SER D 373 10.86 33.96 -22.60
CA SER D 373 9.75 34.40 -23.43
C SER D 373 10.01 34.13 -24.91
N ASP D 374 8.98 33.62 -25.58
CA ASP D 374 8.96 33.54 -27.03
C ASP D 374 8.78 34.97 -27.54
N LYS D 375 9.12 35.23 -28.81
CA LYS D 375 8.99 36.58 -29.35
C LYS D 375 7.64 36.80 -30.02
N THR D 376 7.48 36.20 -31.19
CA THR D 376 6.27 36.38 -31.97
C THR D 376 5.06 35.76 -31.29
N GLY D 377 3.99 36.54 -31.18
CA GLY D 377 2.77 36.07 -30.57
C GLY D 377 2.76 36.25 -29.07
N THR D 378 3.95 36.44 -28.52
CA THR D 378 4.15 36.47 -27.07
C THR D 378 4.47 37.88 -26.61
N LEU D 379 5.69 38.33 -26.88
CA LEU D 379 6.02 39.71 -26.62
C LEU D 379 5.25 40.59 -27.60
N THR D 380 5.12 40.13 -28.84
CA THR D 380 4.35 40.87 -29.84
C THR D 380 2.90 40.41 -29.87
N GLN D 381 2.08 41.13 -30.62
CA GLN D 381 0.65 40.85 -30.66
C GLN D 381 0.25 39.88 -31.77
N ASN D 382 1.24 39.42 -32.53
CA ASN D 382 1.02 38.45 -33.59
C ASN D 382 0.01 38.98 -34.60
N ARG D 383 -0.06 40.30 -34.72
CA ARG D 383 -0.92 40.94 -35.69
C ARG D 383 0.01 41.71 -36.63
N MET D 384 -0.20 41.56 -37.94
CA MET D 384 0.79 42.04 -38.90
C MET D 384 0.20 42.53 -40.22
N THR D 385 0.87 43.51 -40.83
CA THR D 385 0.57 43.95 -42.18
C THR D 385 1.87 44.32 -42.87
N VAL D 386 2.02 43.90 -44.13
CA VAL D 386 3.28 44.09 -44.85
C VAL D 386 3.63 45.55 -45.12
N ALA D 387 4.84 45.93 -44.74
CA ALA D 387 5.29 47.30 -44.92
C ALA D 387 6.39 47.42 -45.96
N HIS D 388 7.39 46.54 -45.88
CA HIS D 388 8.54 46.64 -46.76
C HIS D 388 8.84 45.37 -47.55
N MET D 389 9.51 45.53 -48.69
CA MET D 389 9.95 44.42 -49.52
C MET D 389 11.35 44.69 -50.07
N TRP D 390 11.97 43.67 -50.65
CA TRP D 390 13.28 43.85 -51.28
C TRP D 390 13.48 42.95 -52.49
N SER D 391 13.55 43.54 -53.68
CA SER D 391 13.83 42.75 -54.88
C SER D 391 14.69 43.56 -55.83
N ASP D 392 15.45 42.87 -56.67
CA ASP D 392 16.31 43.54 -57.65
C ASP D 392 17.27 44.54 -57.00
N ASN D 393 17.89 44.15 -55.89
CA ASN D 393 18.79 45.03 -55.13
C ASN D 393 18.13 46.37 -54.79
N GLN D 394 16.83 46.34 -54.53
CA GLN D 394 16.09 47.55 -54.26
C GLN D 394 15.13 47.38 -53.11
N ILE D 395 15.04 48.42 -52.28
CA ILE D 395 14.13 48.48 -51.16
C ILE D 395 12.80 49.10 -51.58
N HIS D 396 11.73 48.33 -51.47
CA HIS D 396 10.40 48.84 -51.80
C HIS D 396 9.57 48.97 -50.53
N GLU D 397 8.53 49.79 -50.58
CA GLU D 397 7.59 49.88 -49.47
C GLU D 397 6.12 49.68 -49.88
N ALA D 398 5.28 49.31 -48.92
CA ALA D 398 3.85 49.14 -49.15
C ALA D 398 3.02 50.00 -48.19
N ASP D 399 2.18 50.88 -48.76
CA ASP D 399 1.35 51.80 -47.95
C ASP D 399 0.44 51.02 -47.01
N THR D 400 0.42 51.40 -45.74
CA THR D 400 -0.33 50.66 -44.72
C THR D 400 -1.70 51.27 -44.37
N THR D 401 -1.93 52.51 -44.84
CA THR D 401 -3.20 53.21 -44.55
C THR D 401 -4.40 52.66 -45.36
N GLU D 402 -5.37 53.53 -45.65
CA GLU D 402 -6.55 53.14 -46.43
C GLU D 402 -6.95 54.16 -47.51
N ASN D 403 -7.60 53.66 -48.55
CA ASN D 403 -7.99 54.41 -49.76
C ASN D 403 -6.82 54.46 -50.73
N GLN D 404 -6.33 53.27 -51.07
CA GLN D 404 -5.21 53.07 -51.98
C GLN D 404 -5.37 53.83 -53.29
N SER D 405 -4.30 54.50 -53.72
CA SER D 405 -4.36 55.32 -54.92
C SER D 405 -3.03 55.40 -55.65
N GLY D 406 -1.97 55.81 -54.95
CA GLY D 406 -0.67 55.99 -55.56
C GLY D 406 0.19 54.73 -55.57
N VAL D 407 0.83 54.48 -56.72
CA VAL D 407 1.72 53.33 -56.86
C VAL D 407 2.92 53.48 -55.91
N SER D 408 3.37 52.38 -55.32
CA SER D 408 4.43 52.50 -54.31
C SER D 408 5.79 51.87 -54.67
N PHE D 409 5.89 51.21 -55.81
CA PHE D 409 7.21 50.85 -56.36
C PHE D 409 7.20 50.60 -57.88
N ASP D 410 6.38 49.64 -58.32
CA ASP D 410 6.25 49.31 -59.73
C ASP D 410 5.26 48.16 -59.87
N LYS D 411 4.02 48.46 -60.21
CA LYS D 411 3.02 47.42 -60.33
C LYS D 411 3.29 46.54 -61.56
N THR D 412 4.06 47.07 -62.51
CA THR D 412 4.29 46.35 -63.76
C THR D 412 5.50 45.39 -63.74
N SER D 413 6.42 45.56 -62.80
CA SER D 413 7.64 44.76 -62.78
C SER D 413 7.33 43.26 -62.66
N ALA D 414 8.14 42.45 -63.34
CA ALA D 414 7.89 41.01 -63.41
C ALA D 414 8.35 40.30 -62.15
N THR D 415 9.44 40.79 -61.57
CA THR D 415 9.96 40.24 -60.34
C THR D 415 8.91 40.34 -59.21
N TRP D 416 8.07 41.38 -59.26
CA TRP D 416 6.95 41.51 -58.32
C TRP D 416 5.86 40.51 -58.64
N LEU D 417 5.70 40.18 -59.91
CA LEU D 417 4.72 39.18 -60.30
C LEU D 417 5.14 37.82 -59.77
N ALA D 418 6.43 37.53 -59.79
CA ALA D 418 6.95 36.27 -59.26
C ALA D 418 6.87 36.25 -57.75
N LEU D 419 7.25 37.37 -57.14
CA LEU D 419 7.19 37.53 -55.69
C LEU D 419 5.78 37.30 -55.20
N SER D 420 4.84 38.01 -55.81
CA SER D 420 3.42 37.92 -55.50
C SER D 420 2.90 36.51 -55.78
N ARG D 421 3.44 35.88 -56.82
CA ARG D 421 3.04 34.52 -57.17
C ARG D 421 3.42 33.54 -56.07
N ILE D 422 4.65 33.64 -55.57
CA ILE D 422 5.10 32.80 -54.47
C ILE D 422 4.26 33.07 -53.24
N ALA D 423 4.21 34.35 -52.87
CA ALA D 423 3.50 34.79 -51.67
C ALA D 423 2.05 34.31 -51.67
N GLY D 424 1.45 34.21 -52.85
CA GLY D 424 0.08 33.75 -52.95
C GLY D 424 -0.06 32.24 -52.95
N LEU D 425 0.79 31.59 -53.73
CA LEU D 425 0.70 30.15 -53.93
C LEU D 425 1.24 29.40 -52.73
N CYS D 426 2.36 29.87 -52.21
CA CYS D 426 3.00 29.22 -51.09
C CYS D 426 2.21 29.42 -49.80
N ASN D 427 1.31 30.40 -49.82
CA ASN D 427 0.46 30.70 -48.68
C ASN D 427 -0.68 29.71 -48.51
N ARG D 428 -0.82 29.17 -47.29
CA ARG D 428 -1.82 28.15 -47.02
C ARG D 428 -3.12 28.71 -46.44
N ALA D 429 -3.10 29.96 -46.00
CA ALA D 429 -4.29 30.54 -45.40
C ALA D 429 -5.24 31.06 -46.47
N VAL D 430 -6.53 31.02 -46.16
CA VAL D 430 -7.54 31.63 -47.02
C VAL D 430 -8.56 32.37 -46.18
N PHE D 431 -9.33 33.24 -46.81
CA PHE D 431 -10.35 34.00 -46.11
C PHE D 431 -11.50 33.11 -45.68
N GLN D 432 -12.09 33.42 -44.53
CA GLN D 432 -13.18 32.61 -44.01
C GLN D 432 -14.46 32.91 -44.76
N ALA D 433 -15.43 32.01 -44.64
CA ALA D 433 -16.66 32.13 -45.41
C ALA D 433 -17.43 33.40 -45.06
N ASN D 434 -18.19 33.89 -46.04
CA ASN D 434 -19.06 35.06 -45.88
C ASN D 434 -18.32 36.30 -45.43
N GLN D 435 -17.10 36.46 -45.92
CA GLN D 435 -16.23 37.55 -45.55
C GLN D 435 -15.88 38.44 -46.75
N GLU D 436 -16.49 38.17 -47.89
CA GLU D 436 -16.02 38.81 -49.13
C GLU D 436 -16.39 40.29 -49.26
N ASN D 437 -17.50 40.70 -48.65
CA ASN D 437 -17.94 42.08 -48.76
C ASN D 437 -17.15 43.05 -47.88
N LEU D 438 -16.32 42.51 -46.99
CA LEU D 438 -15.53 43.35 -46.08
C LEU D 438 -14.17 43.73 -46.69
N PRO D 439 -13.62 44.88 -46.27
CA PRO D 439 -12.27 45.31 -46.66
C PRO D 439 -11.24 44.23 -46.37
N ILE D 440 -10.28 44.07 -47.27
CA ILE D 440 -9.28 43.01 -47.17
C ILE D 440 -8.56 43.05 -45.83
N LEU D 441 -8.23 44.25 -45.38
CA LEU D 441 -7.54 44.41 -44.11
C LEU D 441 -8.42 43.98 -42.94
N LYS D 442 -9.73 44.18 -43.09
CA LYS D 442 -10.66 43.99 -41.97
C LYS D 442 -11.40 42.64 -41.96
N ARG D 443 -11.10 41.76 -42.91
CA ARG D 443 -11.78 40.47 -42.98
C ARG D 443 -11.05 39.37 -42.22
N ALA D 444 -11.80 38.36 -41.80
CA ALA D 444 -11.27 37.29 -40.97
C ALA D 444 -10.55 36.22 -41.78
N VAL D 445 -9.36 35.85 -41.32
CA VAL D 445 -8.47 34.97 -42.05
C VAL D 445 -8.18 33.72 -41.23
N ALA D 446 -8.11 32.56 -41.87
CA ALA D 446 -7.72 31.34 -41.18
C ALA D 446 -6.31 30.92 -41.56
N GLY D 447 -5.33 31.32 -40.74
CA GLY D 447 -3.94 30.99 -40.97
C GLY D 447 -3.05 31.74 -40.01
N ASP D 448 -1.75 31.47 -40.01
CA ASP D 448 -0.85 32.17 -39.08
C ASP D 448 -0.55 33.60 -39.56
N ALA D 449 -0.05 34.43 -38.65
CA ALA D 449 0.10 35.87 -38.86
C ALA D 449 0.87 36.26 -40.11
N SER D 450 1.95 35.53 -40.37
CA SER D 450 2.79 35.75 -41.52
C SER D 450 1.99 35.53 -42.81
N GLU D 451 1.43 34.34 -42.94
CA GLU D 451 0.67 33.99 -44.13
C GLU D 451 -0.60 34.84 -44.26
N SER D 452 -1.15 35.28 -43.13
CA SER D 452 -2.32 36.14 -43.16
C SER D 452 -1.97 37.50 -43.73
N ALA D 453 -0.85 38.05 -43.27
CA ALA D 453 -0.34 39.33 -43.77
C ALA D 453 -0.06 39.24 -45.26
N LEU D 454 0.60 38.17 -45.67
CA LEU D 454 0.85 37.94 -47.10
C LEU D 454 -0.47 37.93 -47.85
N LEU D 455 -1.42 37.16 -47.34
CA LEU D 455 -2.72 36.99 -47.97
C LEU D 455 -3.37 38.34 -48.23
N LYS D 456 -3.49 39.14 -47.19
CA LYS D 456 -4.10 40.45 -47.30
C LYS D 456 -3.34 41.32 -48.30
N CYS D 457 -2.01 41.22 -48.23
CA CYS D 457 -1.17 42.11 -49.02
C CYS D 457 -1.24 41.81 -50.52
N ILE D 458 -1.32 40.54 -50.89
CA ILE D 458 -1.45 40.19 -52.31
C ILE D 458 -2.88 40.44 -52.78
N GLU D 459 -3.85 40.01 -51.99
CA GLU D 459 -5.26 40.18 -52.34
C GLU D 459 -5.58 41.65 -52.53
N LEU D 460 -4.82 42.51 -51.87
CA LEU D 460 -5.06 43.93 -52.01
C LEU D 460 -4.16 44.61 -53.06
N CYS D 461 -2.85 44.33 -53.02
CA CYS D 461 -1.88 45.02 -53.86
C CYS D 461 -1.83 44.53 -55.32
N CYS D 462 -2.13 43.25 -55.51
CA CYS D 462 -2.06 42.66 -56.85
C CYS D 462 -3.44 42.26 -57.37
N GLY D 463 -4.00 41.20 -56.81
CA GLY D 463 -5.29 40.69 -57.25
C GLY D 463 -5.79 39.59 -56.34
N SER D 464 -6.90 38.96 -56.71
CA SER D 464 -7.53 37.92 -55.89
C SER D 464 -6.65 36.67 -55.74
N VAL D 465 -6.23 36.40 -54.50
CA VAL D 465 -5.36 35.27 -54.20
C VAL D 465 -6.02 33.94 -54.49
N LYS D 466 -7.28 33.81 -54.09
CA LYS D 466 -8.03 32.58 -54.33
C LYS D 466 -8.07 32.28 -55.83
N GLU D 467 -8.23 33.32 -56.63
CA GLU D 467 -8.23 33.16 -58.07
C GLU D 467 -6.89 32.65 -58.60
N MET D 468 -5.80 33.08 -57.98
CA MET D 468 -4.47 32.63 -58.40
C MET D 468 -4.10 31.28 -57.78
N ARG D 469 -4.90 30.86 -56.81
CA ARG D 469 -4.76 29.53 -56.24
C ARG D 469 -5.37 28.59 -57.25
N GLU D 470 -6.55 28.96 -57.73
CA GLU D 470 -7.26 28.16 -58.71
C GLU D 470 -6.57 28.15 -60.06
N ARG D 471 -5.90 29.25 -60.39
CA ARG D 471 -5.17 29.35 -61.65
C ARG D 471 -3.98 28.40 -61.62
N TYR D 472 -3.15 28.57 -60.59
CA TYR D 472 -2.01 27.70 -60.38
C TYR D 472 -2.40 26.53 -59.48
N THR D 473 -2.86 25.45 -60.09
CA THR D 473 -3.33 24.27 -59.36
C THR D 473 -2.17 23.62 -58.59
N LYS D 474 -2.39 23.41 -57.30
CA LYS D 474 -1.36 22.88 -56.42
C LYS D 474 -1.35 21.36 -56.53
N ILE D 475 -0.30 20.82 -57.12
CA ILE D 475 -0.21 19.37 -57.28
C ILE D 475 0.33 18.66 -56.04
N VAL D 476 1.38 19.19 -55.45
CA VAL D 476 1.85 18.59 -54.20
C VAL D 476 2.32 19.66 -53.23
N GLU D 477 2.28 19.34 -51.94
CA GLU D 477 2.55 20.33 -50.90
C GLU D 477 3.49 19.85 -49.81
N ILE D 478 4.30 20.77 -49.29
CA ILE D 478 5.02 20.50 -48.06
C ILE D 478 4.48 21.37 -46.95
N PRO D 479 4.05 20.74 -45.86
CA PRO D 479 3.52 21.41 -44.66
C PRO D 479 4.56 22.36 -44.09
N PHE D 480 4.13 23.27 -43.22
CA PHE D 480 5.11 24.13 -42.55
C PHE D 480 5.48 23.56 -41.19
N ASN D 481 6.78 23.47 -40.96
CA ASN D 481 7.29 23.06 -39.67
C ASN D 481 8.32 24.04 -39.13
N SER D 482 8.17 24.38 -37.85
CA SER D 482 9.15 25.21 -37.14
C SER D 482 10.50 24.52 -37.20
N THR D 483 10.50 23.23 -36.89
CA THR D 483 11.71 22.43 -36.95
C THR D 483 12.36 22.58 -38.34
N ASN D 484 11.56 22.44 -39.39
CA ASN D 484 12.05 22.55 -40.76
C ASN D 484 12.48 23.97 -41.13
N LYS D 485 11.80 24.95 -40.53
CA LYS D 485 12.10 26.39 -40.69
C LYS D 485 11.67 26.96 -42.05
N TYR D 486 10.97 26.18 -42.86
CA TYR D 486 10.56 26.61 -44.19
C TYR D 486 9.22 26.03 -44.65
N GLN D 487 8.66 26.59 -45.72
CA GLN D 487 7.44 26.03 -46.28
C GLN D 487 7.43 26.19 -47.79
N LEU D 488 6.99 25.14 -48.49
CA LEU D 488 7.01 25.15 -49.96
C LEU D 488 5.86 24.38 -50.63
N SER D 489 5.53 24.81 -51.85
CA SER D 489 4.44 24.21 -52.62
C SER D 489 4.90 23.94 -54.05
N ILE D 490 4.43 22.85 -54.63
CA ILE D 490 4.64 22.60 -56.06
C ILE D 490 3.30 22.63 -56.78
N HIS D 491 3.19 23.59 -57.71
CA HIS D 491 1.96 23.85 -58.46
C HIS D 491 2.15 23.59 -59.93
N LYS D 492 1.04 23.43 -60.66
CA LYS D 492 1.11 23.11 -62.08
C LYS D 492 1.60 24.30 -62.93
N ASN D 493 1.66 24.09 -64.23
CA ASN D 493 2.03 25.14 -65.17
C ASN D 493 0.85 25.63 -65.98
N PRO D 494 0.04 26.53 -65.40
CA PRO D 494 -1.05 27.11 -66.21
C PRO D 494 -0.47 28.00 -67.29
N ASN D 495 0.64 28.69 -66.98
CA ASN D 495 1.35 29.50 -67.96
C ASN D 495 1.76 28.69 -69.18
N THR D 496 1.68 29.31 -70.36
CA THR D 496 2.02 28.60 -71.58
C THR D 496 3.53 28.42 -71.72
N ALA D 497 4.30 29.36 -71.18
CA ALA D 497 5.75 29.34 -71.32
C ALA D 497 6.45 29.09 -69.98
N GLU D 498 6.00 28.05 -69.30
CA GLU D 498 6.66 27.59 -68.09
C GLU D 498 6.81 26.09 -68.22
N PRO D 499 7.24 25.61 -69.41
CA PRO D 499 6.95 24.24 -69.85
C PRO D 499 7.18 23.11 -68.85
N ARG D 500 6.67 23.27 -67.64
CA ARG D 500 6.88 22.30 -66.58
C ARG D 500 6.25 22.76 -65.26
N HIS D 501 6.19 21.87 -64.29
CA HIS D 501 5.69 22.24 -62.98
C HIS D 501 6.55 23.34 -62.36
N LEU D 502 5.93 24.13 -61.47
CA LEU D 502 6.65 25.20 -60.76
C LEU D 502 6.71 24.98 -59.24
N LEU D 503 7.93 25.02 -58.71
CA LEU D 503 8.14 24.97 -57.26
C LEU D 503 8.19 26.40 -56.72
N VAL D 504 7.58 26.62 -55.56
CA VAL D 504 7.73 27.90 -54.85
C VAL D 504 8.04 27.61 -53.39
N MET D 505 8.81 28.50 -52.76
CA MET D 505 9.26 28.27 -51.39
C MET D 505 9.57 29.55 -50.66
N LYS D 506 8.97 29.69 -49.48
CA LYS D 506 9.28 30.83 -48.63
C LYS D 506 9.70 30.35 -47.25
N GLY D 507 10.44 31.20 -46.55
CA GLY D 507 10.83 30.86 -45.19
C GLY D 507 11.92 31.75 -44.67
N ALA D 508 12.67 31.22 -43.72
CA ALA D 508 13.80 31.93 -43.15
C ALA D 508 14.74 32.32 -44.28
N PRO D 509 14.88 33.63 -44.50
CA PRO D 509 15.63 34.22 -45.61
C PRO D 509 17.02 33.62 -45.79
N GLU D 510 17.65 33.20 -44.71
CA GLU D 510 18.99 32.63 -44.82
C GLU D 510 18.99 31.22 -45.44
N ARG D 511 18.01 30.39 -45.06
CA ARG D 511 17.92 29.04 -45.61
C ARG D 511 17.66 29.14 -47.10
N ILE D 512 16.84 30.12 -47.46
CA ILE D 512 16.53 30.38 -48.84
C ILE D 512 17.77 30.85 -49.61
N LEU D 513 18.51 31.78 -49.04
CA LEU D 513 19.76 32.27 -49.63
C LEU D 513 20.76 31.13 -49.85
N ASP D 514 20.79 30.19 -48.90
CA ASP D 514 21.64 29.00 -49.00
C ASP D 514 21.22 28.10 -50.15
N ARG D 515 19.92 27.81 -50.18
CA ARG D 515 19.37 26.86 -51.13
C ARG D 515 19.41 27.31 -52.58
N CYS D 516 19.50 28.62 -52.81
CA CYS D 516 19.47 29.17 -54.16
C CYS D 516 20.83 29.13 -54.87
N SER D 517 20.78 29.29 -56.20
CA SER D 517 21.97 29.38 -57.03
C SER D 517 21.85 30.56 -57.99
N SER D 518 20.70 31.21 -57.99
CA SER D 518 20.46 32.39 -58.81
C SER D 518 19.31 33.23 -58.30
N ILE D 519 19.26 34.49 -58.75
CA ILE D 519 18.26 35.44 -58.31
C ILE D 519 17.63 36.12 -59.53
N LEU D 520 16.33 36.40 -59.46
CA LEU D 520 15.67 37.13 -60.52
C LEU D 520 15.99 38.61 -60.44
N ILE D 521 16.49 39.16 -61.54
CA ILE D 521 16.74 40.59 -61.65
C ILE D 521 15.94 41.15 -62.82
N HIS D 522 14.95 41.98 -62.50
CA HIS D 522 14.02 42.53 -63.49
C HIS D 522 13.38 41.44 -64.35
N GLY D 523 13.17 40.26 -63.76
CA GLY D 523 12.56 39.16 -64.47
C GLY D 523 13.54 38.21 -65.16
N LYS D 524 14.81 38.60 -65.25
CA LYS D 524 15.82 37.73 -65.85
C LYS D 524 16.78 37.13 -64.82
N GLU D 525 16.94 35.81 -64.84
CA GLU D 525 17.77 35.12 -63.86
C GLU D 525 19.23 35.55 -63.92
N GLN D 526 19.92 35.42 -62.78
CA GLN D 526 21.31 35.85 -62.66
C GLN D 526 21.91 35.26 -61.38
N PRO D 527 22.95 34.40 -61.49
CA PRO D 527 23.53 33.67 -60.37
C PRO D 527 23.87 34.55 -59.15
N LEU D 528 23.96 33.97 -57.95
CA LEU D 528 24.23 34.76 -56.74
C LEU D 528 25.64 35.36 -56.75
N ASP D 529 25.74 36.67 -56.52
CA ASP D 529 27.04 37.32 -56.42
C ASP D 529 27.43 37.47 -54.97
N GLU D 530 28.64 37.96 -54.74
CA GLU D 530 28.99 38.48 -53.43
C GLU D 530 28.17 39.74 -53.24
N GLU D 531 27.98 40.47 -54.32
CA GLU D 531 27.22 41.72 -54.30
C GLU D 531 25.79 41.46 -53.88
N LEU D 532 25.18 40.42 -54.45
CA LEU D 532 23.80 40.10 -54.15
C LEU D 532 23.60 39.63 -52.71
N LYS D 533 24.52 38.81 -52.21
CA LYS D 533 24.45 38.34 -50.82
C LYS D 533 24.69 39.47 -49.84
N ASP D 534 25.58 40.39 -50.20
CA ASP D 534 25.86 41.57 -49.37
C ASP D 534 24.65 42.52 -49.32
N ALA D 535 23.99 42.69 -50.46
CA ALA D 535 22.80 43.53 -50.53
C ALA D 535 21.67 42.88 -49.76
N PHE D 536 21.64 41.56 -49.79
CA PHE D 536 20.68 40.76 -49.05
C PHE D 536 20.86 41.01 -47.56
N GLN D 537 22.09 40.87 -47.10
CA GLN D 537 22.39 41.08 -45.68
C GLN D 537 22.12 42.52 -45.26
N ASN D 538 22.55 43.47 -46.08
CA ASN D 538 22.36 44.87 -45.76
C ASN D 538 20.89 45.27 -45.70
N ALA D 539 20.10 44.70 -46.60
CA ALA D 539 18.66 44.95 -46.61
C ALA D 539 17.99 44.28 -45.43
N TYR D 540 18.52 43.12 -45.06
CA TYR D 540 18.01 42.37 -43.91
C TYR D 540 18.26 43.14 -42.63
N LEU D 541 19.42 43.78 -42.55
CA LEU D 541 19.74 44.62 -41.41
C LEU D 541 18.82 45.82 -41.41
N GLU D 542 18.64 46.41 -42.60
CA GLU D 542 17.87 47.64 -42.72
C GLU D 542 16.40 47.46 -42.35
N LEU D 543 15.83 46.32 -42.71
CA LEU D 543 14.42 46.08 -42.46
C LEU D 543 14.17 45.36 -41.13
N GLY D 544 15.11 44.51 -40.75
CA GLY D 544 15.03 43.80 -39.49
C GLY D 544 15.24 44.79 -38.36
N GLY D 545 16.04 45.82 -38.64
CA GLY D 545 16.35 46.85 -37.66
C GLY D 545 15.11 47.60 -37.22
N LEU D 546 14.10 47.62 -38.08
CA LEU D 546 12.81 48.20 -37.71
C LEU D 546 11.95 47.16 -37.03
N GLY D 547 12.55 46.02 -36.70
CA GLY D 547 11.86 44.96 -35.99
C GLY D 547 10.79 44.30 -36.83
N GLU D 548 11.02 44.28 -38.14
CA GLU D 548 10.08 43.66 -39.06
C GLU D 548 10.53 42.23 -39.38
N ARG D 549 9.58 41.31 -39.40
CA ARG D 549 9.89 39.92 -39.76
C ARG D 549 10.20 39.86 -41.25
N VAL D 550 11.31 39.23 -41.59
CA VAL D 550 11.81 39.23 -42.95
C VAL D 550 11.63 37.87 -43.62
N LEU D 551 10.51 37.66 -44.29
CA LEU D 551 10.28 36.43 -45.03
C LEU D 551 11.04 36.41 -46.35
N GLY D 552 11.81 35.35 -46.56
CA GLY D 552 12.51 35.13 -47.81
C GLY D 552 11.69 34.32 -48.80
N PHE D 553 11.80 34.67 -50.09
CA PHE D 553 11.00 34.07 -51.15
C PHE D 553 11.85 33.64 -52.34
N CYS D 554 11.57 32.43 -52.84
CA CYS D 554 12.25 31.89 -54.02
C CYS D 554 11.35 30.91 -54.77
N HIS D 555 11.74 30.55 -55.98
CA HIS D 555 10.99 29.57 -56.79
C HIS D 555 11.88 28.80 -57.76
N LEU D 556 11.32 27.82 -58.43
CA LEU D 556 12.08 27.00 -59.36
C LEU D 556 11.22 26.46 -60.49
N PHE D 557 11.48 26.97 -61.68
CA PHE D 557 10.92 26.42 -62.90
C PHE D 557 11.71 25.15 -63.14
N LEU D 558 11.13 24.01 -62.79
CA LEU D 558 11.82 22.72 -62.90
C LEU D 558 12.23 22.33 -64.32
N PRO D 559 13.40 21.68 -64.45
CA PRO D 559 13.83 21.21 -65.77
C PRO D 559 12.83 20.24 -66.38
N ASP D 560 12.52 20.45 -67.65
CA ASP D 560 11.51 19.67 -68.35
C ASP D 560 11.93 18.22 -68.58
N GLU D 561 13.10 18.03 -69.18
CA GLU D 561 13.62 16.71 -69.52
C GLU D 561 13.71 15.75 -68.33
N GLN D 562 13.76 16.31 -67.14
CA GLN D 562 14.01 15.54 -65.92
C GLN D 562 12.80 14.72 -65.50
N PHE D 563 11.60 15.24 -65.75
CA PHE D 563 10.39 14.57 -65.35
C PHE D 563 9.28 14.74 -66.42
N PRO D 564 8.39 13.76 -66.56
CA PRO D 564 7.21 13.94 -67.44
C PRO D 564 6.10 14.64 -66.68
N GLU D 565 4.92 14.80 -67.29
CA GLU D 565 3.82 15.52 -66.63
C GLU D 565 3.15 14.75 -65.50
N GLY D 566 3.02 13.44 -65.66
CA GLY D 566 2.40 12.62 -64.63
C GLY D 566 3.41 11.98 -63.70
N PHE D 567 4.50 12.69 -63.45
CA PHE D 567 5.53 12.21 -62.54
C PHE D 567 4.98 12.16 -61.13
N GLN D 568 5.24 11.05 -60.44
CA GLN D 568 4.80 10.88 -59.06
C GLN D 568 5.69 11.69 -58.11
N PHE D 569 5.07 12.42 -57.19
CA PHE D 569 5.82 13.26 -56.28
C PHE D 569 5.84 12.65 -54.89
N ASP D 570 6.94 12.82 -54.18
CA ASP D 570 7.09 12.21 -52.86
C ASP D 570 7.37 13.21 -51.74
N THR D 571 6.47 13.27 -50.76
CA THR D 571 6.62 14.15 -49.60
C THR D 571 7.45 13.46 -48.50
N ASP D 572 7.24 12.17 -48.29
CA ASP D 572 8.01 11.42 -47.30
C ASP D 572 9.47 11.24 -47.74
N ASP D 573 9.67 10.71 -48.93
CA ASP D 573 11.00 10.66 -49.52
C ASP D 573 11.23 11.94 -50.33
N VAL D 574 12.41 12.52 -50.19
CA VAL D 574 12.73 13.77 -50.89
C VAL D 574 13.17 13.51 -52.33
N ASN D 575 12.20 13.32 -53.22
CA ASN D 575 12.50 13.13 -54.64
C ASN D 575 12.78 14.44 -55.36
N PHE D 576 12.38 15.53 -54.71
CA PHE D 576 12.48 16.86 -55.29
C PHE D 576 13.64 17.65 -54.71
N PRO D 577 14.54 18.12 -55.58
CA PRO D 577 15.70 18.92 -55.16
C PRO D 577 15.31 20.29 -54.60
N LEU D 578 15.84 20.58 -53.41
CA LEU D 578 15.55 21.83 -52.73
C LEU D 578 16.68 22.81 -52.96
N ASP D 579 17.63 22.40 -53.79
CA ASP D 579 18.83 23.19 -53.99
C ASP D 579 18.80 23.95 -55.29
N ASN D 580 19.75 24.87 -55.44
CA ASN D 580 19.93 25.62 -56.67
C ASN D 580 18.73 26.47 -57.09
N LEU D 581 17.88 26.81 -56.14
CA LEU D 581 16.65 27.55 -56.44
C LEU D 581 16.93 28.91 -57.09
N CYS D 582 15.85 29.60 -57.46
CA CYS D 582 15.94 30.96 -57.98
C CYS D 582 15.41 31.92 -56.93
N PHE D 583 16.30 32.72 -56.35
CA PHE D 583 15.88 33.68 -55.35
C PHE D 583 15.00 34.71 -56.05
N VAL D 584 14.00 35.21 -55.34
CA VAL D 584 13.14 36.26 -55.87
C VAL D 584 13.32 37.55 -55.06
N GLY D 585 13.16 37.45 -53.74
CA GLY D 585 13.33 38.62 -52.90
C GLY D 585 12.85 38.45 -51.48
N LEU D 586 12.63 39.58 -50.80
CA LEU D 586 12.25 39.59 -49.40
C LEU D 586 10.98 40.38 -49.19
N ILE D 587 10.25 40.03 -48.13
CA ILE D 587 9.07 40.78 -47.71
C ILE D 587 9.04 40.92 -46.20
N SER D 588 8.82 42.13 -45.72
CA SER D 588 8.77 42.37 -44.28
C SER D 588 7.50 43.10 -43.85
N MET D 589 7.01 42.75 -42.66
CA MET D 589 5.85 43.39 -42.08
C MET D 589 6.17 43.90 -40.67
N ILE D 590 5.55 45.01 -40.29
CA ILE D 590 5.80 45.57 -38.98
C ILE D 590 5.14 44.70 -37.92
N ASP D 591 5.88 44.44 -36.84
CA ASP D 591 5.37 43.68 -35.71
C ASP D 591 5.39 44.51 -34.43
N PRO D 592 4.19 44.94 -33.99
CA PRO D 592 4.02 45.78 -32.81
C PRO D 592 3.85 44.96 -31.54
N PRO D 593 4.73 45.18 -30.56
CA PRO D 593 4.55 44.56 -29.25
C PRO D 593 3.23 45.03 -28.64
N ARG D 594 2.67 44.24 -27.74
CA ARG D 594 1.52 44.65 -26.96
C ARG D 594 1.96 45.79 -26.04
N ALA D 595 1.05 46.71 -25.76
CA ALA D 595 1.38 47.91 -25.01
C ALA D 595 2.00 47.58 -23.67
N ALA D 596 1.39 46.63 -22.97
CA ALA D 596 1.78 46.31 -21.61
C ALA D 596 3.16 45.68 -21.51
N VAL D 597 3.66 45.11 -22.61
CA VAL D 597 4.88 44.30 -22.58
C VAL D 597 6.15 45.02 -22.10
N PRO D 598 6.46 46.19 -22.66
CA PRO D 598 7.70 46.83 -22.21
C PRO D 598 7.63 47.14 -20.72
N ASP D 599 6.43 47.47 -20.25
CA ASP D 599 6.20 47.78 -18.85
C ASP D 599 6.35 46.50 -18.01
N ALA D 600 5.85 45.39 -18.55
CA ALA D 600 5.88 44.10 -17.86
C ALA D 600 7.31 43.66 -17.66
N VAL D 601 8.06 43.59 -18.76
CA VAL D 601 9.49 43.31 -18.72
C VAL D 601 10.19 44.27 -17.77
N GLY D 602 9.75 45.51 -17.79
CA GLY D 602 10.29 46.51 -16.88
C GLY D 602 10.10 46.13 -15.42
N LYS D 603 8.92 45.63 -15.10
CA LYS D 603 8.56 45.29 -13.73
C LYS D 603 9.30 44.04 -13.28
N CYS D 604 9.39 43.07 -14.18
CA CYS D 604 10.06 41.81 -13.89
C CYS D 604 11.55 42.00 -13.73
N ARG D 605 12.13 42.89 -14.52
CA ARG D 605 13.55 43.17 -14.42
C ARG D 605 13.78 44.08 -13.21
N SER D 606 12.72 44.78 -12.83
CA SER D 606 12.68 45.50 -11.57
C SER D 606 12.44 44.49 -10.45
N ALA D 607 12.01 43.29 -10.82
CA ALA D 607 11.70 42.25 -9.85
C ALA D 607 12.88 41.32 -9.54
N GLY D 608 14.00 41.55 -10.22
CA GLY D 608 15.17 40.70 -10.06
C GLY D 608 14.98 39.38 -10.78
N ILE D 609 13.96 39.35 -11.64
CA ILE D 609 13.68 38.22 -12.51
C ILE D 609 14.36 38.44 -13.84
N LYS D 610 15.27 37.54 -14.21
CA LYS D 610 16.00 37.66 -15.47
C LYS D 610 15.07 37.42 -16.64
N VAL D 611 15.02 38.34 -17.59
CA VAL D 611 14.17 38.16 -18.76
C VAL D 611 14.99 37.75 -19.98
N ILE D 612 14.67 36.59 -20.53
CA ILE D 612 15.42 36.01 -21.64
C ILE D 612 14.51 35.61 -22.80
N MET D 613 14.71 36.27 -23.94
CA MET D 613 13.92 35.99 -25.13
C MET D 613 14.40 34.73 -25.82
N VAL D 614 13.47 33.83 -26.11
CA VAL D 614 13.79 32.60 -26.83
C VAL D 614 12.88 32.42 -28.04
N THR D 615 13.42 32.75 -29.20
CA THR D 615 12.68 32.74 -30.44
C THR D 615 13.44 32.03 -31.56
N GLY D 616 12.70 31.58 -32.56
CA GLY D 616 13.29 30.93 -33.71
C GLY D 616 13.20 31.87 -34.89
N ASP D 617 12.90 33.13 -34.57
CA ASP D 617 12.81 34.19 -35.55
C ASP D 617 14.20 34.79 -35.78
N HIS D 618 14.22 35.82 -36.60
CA HIS D 618 15.43 36.46 -37.10
C HIS D 618 16.30 37.03 -36.00
N PRO D 619 17.62 36.83 -36.10
CA PRO D 619 18.54 37.28 -35.05
C PRO D 619 18.51 38.80 -34.90
N ILE D 620 18.44 39.48 -36.04
CA ILE D 620 18.37 40.92 -36.07
C ILE D 620 17.04 41.41 -35.53
N THR D 621 15.96 40.79 -36.01
CA THR D 621 14.60 41.11 -35.54
C THR D 621 14.45 40.92 -34.03
N ALA D 622 14.91 39.79 -33.51
CA ALA D 622 14.82 39.52 -32.07
C ALA D 622 15.70 40.47 -31.29
N LYS D 623 16.84 40.86 -31.85
CA LYS D 623 17.67 41.88 -31.20
C LYS D 623 16.91 43.21 -31.10
N ALA D 624 16.29 43.62 -32.20
CA ALA D 624 15.56 44.89 -32.25
C ALA D 624 14.36 44.92 -31.31
N ILE D 625 13.54 43.89 -31.40
CA ILE D 625 12.42 43.71 -30.49
C ILE D 625 12.91 43.72 -29.04
N ALA D 626 14.03 43.06 -28.78
CA ALA D 626 14.60 43.03 -27.44
C ALA D 626 14.96 44.41 -26.91
N LYS D 627 15.64 45.21 -27.72
CA LYS D 627 15.96 46.57 -27.35
C LYS D 627 14.66 47.33 -27.08
N GLY D 628 13.67 47.06 -27.91
CA GLY D 628 12.40 47.76 -27.85
C GLY D 628 11.61 47.55 -26.58
N VAL D 629 11.38 46.30 -26.21
CA VAL D 629 10.55 46.00 -25.05
C VAL D 629 11.38 45.91 -23.78
N GLY D 630 12.69 46.11 -23.91
CA GLY D 630 13.56 46.21 -22.75
C GLY D 630 14.18 44.92 -22.26
N ILE D 631 14.30 43.91 -23.13
CA ILE D 631 15.03 42.72 -22.73
C ILE D 631 16.51 43.07 -22.77
N ILE D 632 16.87 43.94 -23.70
CA ILE D 632 18.22 44.47 -23.80
C ILE D 632 18.20 45.98 -23.77
N SER D 633 18.83 46.55 -22.74
CA SER D 633 18.86 48.00 -22.55
C SER D 633 20.08 48.64 -23.20
N GLU D 634 19.91 49.90 -23.60
CA GLU D 634 20.98 50.67 -24.23
C GLU D 634 22.11 50.89 -23.24
N GLY D 635 23.34 50.91 -23.76
CA GLY D 635 24.51 51.02 -22.91
C GLY D 635 25.08 49.65 -22.57
N ASN D 636 24.29 48.62 -22.85
CA ASN D 636 24.74 47.23 -22.70
C ASN D 636 24.98 46.59 -24.06
N GLU D 637 26.13 46.90 -24.66
CA GLU D 637 26.44 46.43 -26.00
C GLU D 637 26.73 44.92 -26.04
N THR D 638 26.34 44.27 -27.14
CA THR D 638 26.69 42.89 -27.38
C THR D 638 28.14 42.85 -27.86
N VAL D 639 28.68 41.66 -28.09
CA VAL D 639 30.07 41.54 -28.54
C VAL D 639 30.25 42.22 -29.90
N GLU D 640 29.25 42.07 -30.77
CA GLU D 640 29.30 42.63 -32.13
C GLU D 640 29.20 44.15 -32.14
N ASP D 641 28.38 44.69 -31.25
CA ASP D 641 28.24 46.14 -31.13
C ASP D 641 29.60 46.70 -30.75
N ILE D 642 30.30 45.98 -29.87
CA ILE D 642 31.64 46.33 -29.43
C ILE D 642 32.62 46.23 -30.59
N ALA D 643 32.45 45.22 -31.43
CA ALA D 643 33.29 45.04 -32.61
C ALA D 643 33.10 46.17 -33.62
N ALA D 644 31.89 46.72 -33.65
CA ALA D 644 31.56 47.85 -34.52
C ALA D 644 32.23 49.11 -33.99
N ARG D 645 31.92 49.42 -32.74
CA ARG D 645 32.44 50.60 -32.06
C ARG D 645 33.96 50.65 -32.11
N LEU D 646 34.59 49.49 -31.96
CA LEU D 646 36.05 49.45 -31.85
C LEU D 646 36.74 49.11 -33.16
N ASN D 647 35.95 48.88 -34.21
CA ASN D 647 36.47 48.55 -35.54
C ASN D 647 37.47 47.39 -35.51
N ILE D 648 37.14 46.36 -34.74
CA ILE D 648 37.97 45.17 -34.65
C ILE D 648 37.08 43.95 -34.90
N PRO D 649 37.69 42.81 -35.31
CA PRO D 649 36.89 41.62 -35.57
C PRO D 649 36.18 41.15 -34.30
N VAL D 650 35.02 40.52 -34.47
CA VAL D 650 34.20 40.09 -33.35
C VAL D 650 35.00 39.15 -32.43
N SER D 651 35.82 38.29 -33.01
CA SER D 651 36.58 37.30 -32.25
C SER D 651 37.65 37.92 -31.34
N GLN D 652 38.06 39.13 -31.67
CA GLN D 652 39.10 39.84 -30.92
C GLN D 652 38.55 40.38 -29.60
N VAL D 653 37.26 40.70 -29.62
CA VAL D 653 36.57 41.26 -28.47
C VAL D 653 36.41 40.24 -27.35
N ASN D 654 36.83 40.60 -26.14
CA ASN D 654 36.64 39.78 -24.94
C ASN D 654 35.17 39.53 -24.63
N PRO D 655 34.74 38.25 -24.64
CA PRO D 655 33.32 37.90 -24.43
C PRO D 655 32.82 38.22 -23.03
N ARG D 656 33.75 38.42 -22.10
CA ARG D 656 33.40 38.79 -20.74
C ARG D 656 33.24 40.32 -20.65
N ASP D 657 33.95 41.03 -21.53
CA ASP D 657 33.81 42.47 -21.66
C ASP D 657 32.36 42.82 -22.00
N ALA D 658 31.66 41.85 -22.60
CA ALA D 658 30.30 42.05 -23.11
C ALA D 658 29.22 41.78 -22.07
N LYS D 659 28.24 42.69 -22.03
CA LYS D 659 27.12 42.59 -21.11
C LYS D 659 26.03 41.71 -21.68
N ALA D 660 25.45 42.17 -22.78
CA ALA D 660 24.36 41.45 -23.42
C ALA D 660 24.88 40.48 -24.46
N CYS D 661 23.96 39.69 -25.00
CA CYS D 661 24.31 38.74 -26.04
C CYS D 661 23.09 38.15 -26.74
N VAL D 662 23.28 37.79 -28.00
CA VAL D 662 22.28 37.09 -28.79
C VAL D 662 22.89 35.80 -29.33
N VAL D 663 22.17 34.70 -29.18
CA VAL D 663 22.69 33.42 -29.60
C VAL D 663 21.94 32.88 -30.81
N HIS D 664 22.67 32.61 -31.89
CA HIS D 664 22.09 32.04 -33.10
C HIS D 664 21.79 30.58 -32.83
N GLY D 665 20.65 30.11 -33.32
CA GLY D 665 20.24 28.73 -33.14
C GLY D 665 21.29 27.71 -33.55
N SER D 666 22.01 28.01 -34.63
CA SER D 666 23.08 27.13 -35.11
C SER D 666 24.15 26.95 -34.05
N ASP D 667 24.53 28.05 -33.40
CA ASP D 667 25.52 28.00 -32.33
C ASP D 667 24.98 27.14 -31.20
N LEU D 668 23.69 27.31 -30.92
CA LEU D 668 23.01 26.58 -29.85
C LEU D 668 23.04 25.08 -30.10
N LYS D 669 22.89 24.69 -31.36
CA LYS D 669 22.87 23.28 -31.75
C LYS D 669 24.20 22.60 -31.43
N ASP D 670 25.28 23.36 -31.53
CA ASP D 670 26.61 22.82 -31.28
C ASP D 670 27.09 23.13 -29.86
N MET D 671 26.16 23.56 -29.01
CA MET D 671 26.47 23.85 -27.62
C MET D 671 26.55 22.61 -26.74
N THR D 672 27.65 22.48 -26.00
CA THR D 672 27.75 21.52 -24.92
C THR D 672 26.95 22.10 -23.75
N SER D 673 26.61 21.28 -22.77
CA SER D 673 25.84 21.76 -21.62
C SER D 673 26.63 22.86 -20.88
N GLU D 674 27.94 22.70 -20.88
CA GLU D 674 28.83 23.63 -20.21
C GLU D 674 28.83 25.04 -20.82
N GLN D 675 28.84 25.10 -22.15
CA GLN D 675 28.90 26.37 -22.88
C GLN D 675 27.60 27.18 -22.75
N LEU D 676 26.47 26.48 -22.78
CA LEU D 676 25.18 27.11 -22.48
C LEU D 676 25.19 27.59 -21.03
N ASP D 677 25.72 26.77 -20.13
CA ASP D 677 25.88 27.19 -18.74
C ASP D 677 26.64 28.53 -18.66
N ASP D 678 27.70 28.65 -19.45
CA ASP D 678 28.50 29.89 -19.50
C ASP D 678 27.73 31.09 -20.02
N ILE D 679 27.18 30.97 -21.22
CA ILE D 679 26.38 32.04 -21.83
C ILE D 679 25.33 32.53 -20.84
N LEU D 680 24.58 31.58 -20.30
CA LEU D 680 23.50 31.89 -19.38
C LEU D 680 24.01 32.56 -18.11
N LYS D 681 25.13 32.10 -17.59
CA LYS D 681 25.60 32.57 -16.30
C LYS D 681 26.24 33.97 -16.40
N TYR D 682 27.01 34.21 -17.47
CA TYR D 682 27.90 35.37 -17.51
C TYR D 682 27.37 36.57 -18.28
N HIS D 683 26.16 36.43 -18.81
CA HIS D 683 25.55 37.50 -19.57
C HIS D 683 24.22 37.92 -18.97
N THR D 684 24.07 39.22 -18.78
CA THR D 684 22.91 39.78 -18.09
C THR D 684 21.65 39.78 -18.93
N GLU D 685 21.77 40.17 -20.19
CA GLU D 685 20.63 40.23 -21.10
C GLU D 685 20.85 39.28 -22.26
N ILE D 686 19.97 38.29 -22.36
CA ILE D 686 20.18 37.20 -23.30
C ILE D 686 19.02 37.03 -24.27
N VAL D 687 19.32 36.97 -25.57
CA VAL D 687 18.29 36.72 -26.58
C VAL D 687 18.68 35.54 -27.47
N PHE D 688 17.93 34.45 -27.35
CA PHE D 688 18.15 33.31 -28.23
C PHE D 688 17.34 33.44 -29.52
N ALA D 689 18.02 33.28 -30.67
CA ALA D 689 17.36 33.39 -31.96
C ALA D 689 17.64 32.17 -32.83
N ARG D 690 16.74 31.93 -33.77
CA ARG D 690 16.86 30.81 -34.71
C ARG D 690 16.82 29.48 -33.97
N THR D 691 16.16 29.45 -32.83
CA THR D 691 16.12 28.24 -32.00
C THR D 691 15.07 27.22 -32.40
N SER D 692 15.44 25.95 -32.37
CA SER D 692 14.49 24.87 -32.59
C SER D 692 13.70 24.69 -31.30
N PRO D 693 12.56 24.01 -31.35
CA PRO D 693 11.75 23.87 -30.13
C PRO D 693 12.52 23.15 -29.02
N GLN D 694 13.29 22.14 -29.42
CA GLN D 694 14.10 21.38 -28.49
C GLN D 694 15.20 22.25 -27.91
N GLN D 695 15.56 23.30 -28.64
CA GLN D 695 16.56 24.25 -28.15
C GLN D 695 15.95 25.17 -27.10
N LYS D 696 14.66 25.50 -27.26
CA LYS D 696 13.91 26.16 -26.21
C LYS D 696 13.98 25.28 -24.97
N LEU D 697 13.60 24.02 -25.16
CA LEU D 697 13.65 23.03 -24.09
C LEU D 697 15.00 23.00 -23.36
N ILE D 698 16.09 22.85 -24.11
CA ILE D 698 17.42 22.77 -23.51
C ILE D 698 17.82 24.06 -22.83
N ILE D 699 17.33 25.18 -23.36
CA ILE D 699 17.57 26.50 -22.74
C ILE D 699 16.95 26.55 -21.35
N VAL D 700 15.66 26.22 -21.28
CA VAL D 700 14.96 26.20 -20.01
C VAL D 700 15.65 25.24 -19.05
N GLU D 701 16.04 24.07 -19.56
CA GLU D 701 16.71 23.07 -18.73
C GLU D 701 18.08 23.54 -18.25
N GLY D 702 18.67 24.46 -19.00
CA GLY D 702 19.93 25.07 -18.62
C GLY D 702 19.69 26.08 -17.51
N CYS D 703 18.54 26.74 -17.57
CA CYS D 703 18.16 27.67 -16.52
C CYS D 703 17.82 26.91 -15.25
N GLN D 704 17.35 25.68 -15.42
CA GLN D 704 17.07 24.80 -14.30
C GLN D 704 18.36 24.14 -13.84
N ARG D 705 19.39 24.22 -14.67
CA ARG D 705 20.70 23.66 -14.30
C ARG D 705 21.42 24.62 -13.37
N GLN D 706 20.93 25.86 -13.30
CA GLN D 706 21.53 26.87 -12.42
C GLN D 706 20.92 26.85 -11.03
N GLY D 707 19.89 26.03 -10.84
CA GLY D 707 19.18 25.95 -9.58
C GLY D 707 17.98 26.89 -9.56
N ALA D 708 17.81 27.63 -10.64
CA ALA D 708 16.81 28.70 -10.72
C ALA D 708 15.41 28.24 -11.16
N ILE D 709 14.41 28.89 -10.58
CA ILE D 709 13.02 28.66 -10.95
C ILE D 709 12.70 29.46 -12.18
N VAL D 710 12.07 28.84 -13.16
CA VAL D 710 11.83 29.52 -14.42
C VAL D 710 10.38 29.50 -14.89
N ALA D 711 9.98 30.60 -15.51
CA ALA D 711 8.66 30.70 -16.11
C ALA D 711 8.84 30.68 -17.61
N VAL D 712 7.81 30.25 -18.33
CA VAL D 712 7.87 30.28 -19.79
C VAL D 712 6.59 30.85 -20.37
N THR D 713 6.76 31.89 -21.19
CA THR D 713 5.62 32.56 -21.80
C THR D 713 5.68 32.39 -23.31
N GLY D 714 4.54 32.06 -23.92
CA GLY D 714 4.50 31.79 -25.35
C GLY D 714 3.15 31.89 -26.04
N ASP D 715 3.07 31.31 -27.25
CA ASP D 715 1.85 31.30 -28.04
C ASP D 715 1.83 30.05 -28.93
N GLY D 716 2.98 29.75 -29.52
CA GLY D 716 3.04 28.80 -30.61
C GLY D 716 2.95 27.38 -30.14
N VAL D 717 2.71 26.48 -31.09
CA VAL D 717 2.73 25.06 -30.80
C VAL D 717 4.14 24.68 -30.36
N ASN D 718 5.13 25.26 -31.04
CA ASN D 718 6.55 25.03 -30.77
C ASN D 718 7.05 25.55 -29.43
N ASP D 719 6.18 26.28 -28.72
CA ASP D 719 6.50 26.74 -27.37
C ASP D 719 6.26 25.61 -26.38
N SER D 720 5.31 24.73 -26.71
CA SER D 720 4.89 23.65 -25.81
C SER D 720 6.01 22.83 -25.12
N PRO D 721 7.09 22.48 -25.85
CA PRO D 721 8.09 21.69 -25.13
C PRO D 721 8.79 22.57 -24.11
N ALA D 722 8.95 23.84 -24.45
CA ALA D 722 9.59 24.78 -23.56
C ALA D 722 8.68 25.04 -22.36
N SER D 723 7.40 25.28 -22.62
CA SER D 723 6.48 25.64 -21.54
C SER D 723 6.00 24.44 -20.73
N LYS D 724 6.45 23.25 -21.10
CA LYS D 724 6.14 22.05 -20.32
C LYS D 724 7.17 21.88 -19.20
N LYS D 725 8.44 21.80 -19.58
CA LYS D 725 9.54 21.57 -18.65
C LYS D 725 9.61 22.67 -17.60
N ALA D 726 8.93 23.78 -17.86
CA ALA D 726 8.99 24.95 -16.99
C ALA D 726 8.39 24.71 -15.61
N ASP D 727 8.93 25.42 -14.62
CA ASP D 727 8.44 25.41 -13.24
C ASP D 727 7.06 26.05 -13.20
N ILE D 728 6.78 26.85 -14.22
CA ILE D 728 5.49 27.50 -14.38
C ILE D 728 5.34 27.95 -15.84
N GLY D 729 4.23 27.56 -16.48
CA GLY D 729 4.02 27.88 -17.88
C GLY D 729 2.91 28.89 -18.07
N VAL D 730 3.12 29.84 -18.98
CA VAL D 730 2.10 30.83 -19.34
C VAL D 730 1.92 30.93 -20.85
N ALA D 731 0.67 31.09 -21.29
CA ALA D 731 0.36 31.09 -22.71
C ALA D 731 -0.80 32.01 -23.05
N MET D 732 -0.80 32.50 -24.28
CA MET D 732 -1.91 33.29 -24.81
C MET D 732 -3.13 32.40 -25.01
N GLY D 733 -4.29 32.87 -24.58
CA GLY D 733 -5.51 32.12 -24.74
C GLY D 733 -6.09 32.38 -26.11
N ILE D 734 -5.78 33.57 -26.64
CA ILE D 734 -6.25 33.90 -27.97
C ILE D 734 -5.20 33.50 -28.99
N ALA D 735 -4.02 34.12 -28.91
CA ALA D 735 -2.95 33.92 -29.88
C ALA D 735 -2.33 32.52 -29.81
N GLY D 736 -2.45 31.89 -28.65
CA GLY D 736 -1.86 30.59 -28.42
C GLY D 736 -2.45 29.44 -29.21
N SER D 737 -1.67 28.36 -29.34
CA SER D 737 -2.16 27.12 -29.93
C SER D 737 -2.94 26.35 -28.88
N ASP D 738 -3.64 25.31 -29.32
CA ASP D 738 -4.37 24.46 -28.40
C ASP D 738 -3.38 23.62 -27.57
N VAL D 739 -2.30 23.14 -28.18
CA VAL D 739 -1.31 22.36 -27.45
C VAL D 739 -0.59 23.15 -26.36
N SER D 740 -0.09 24.33 -26.71
CA SER D 740 0.67 25.13 -25.74
C SER D 740 -0.22 25.80 -24.68
N LYS D 741 -1.49 26.02 -25.01
CA LYS D 741 -2.42 26.54 -24.01
C LYS D 741 -2.91 25.40 -23.12
N GLN D 742 -2.82 24.18 -23.63
CA GLN D 742 -3.10 22.99 -22.84
C GLN D 742 -2.00 22.89 -21.80
N ALA D 743 -0.78 22.70 -22.32
CA ALA D 743 0.42 22.47 -21.51
C ALA D 743 0.68 23.50 -20.40
N ALA D 744 0.25 24.74 -20.63
CA ALA D 744 0.56 25.83 -19.71
C ALA D 744 -0.21 25.74 -18.38
N ASP D 745 0.34 26.37 -17.33
CA ASP D 745 -0.29 26.40 -16.02
C ASP D 745 -1.16 27.63 -15.87
N MET D 746 -0.92 28.61 -16.74
CA MET D 746 -1.62 29.88 -16.72
C MET D 746 -1.98 30.39 -18.12
N ILE D 747 -3.25 30.70 -18.33
CA ILE D 747 -3.72 31.14 -19.63
C ILE D 747 -4.26 32.54 -19.59
N LEU D 748 -3.73 33.40 -20.45
CA LEU D 748 -4.20 34.77 -20.50
C LEU D 748 -5.35 34.86 -21.48
N LEU D 749 -6.57 34.95 -20.96
CA LEU D 749 -7.77 34.98 -21.79
C LEU D 749 -7.90 36.34 -22.46
N ASP D 750 -7.15 37.31 -21.96
CA ASP D 750 -7.15 38.64 -22.53
C ASP D 750 -5.86 38.86 -23.29
N ASP D 751 -5.02 37.82 -23.32
CA ASP D 751 -3.73 37.87 -24.01
C ASP D 751 -2.83 38.97 -23.46
N ASN D 752 -3.16 39.49 -22.27
CA ASN D 752 -2.39 40.58 -21.70
C ASN D 752 -1.14 40.08 -21.00
N PHE D 753 0.03 40.47 -21.52
CA PHE D 753 1.29 40.00 -20.98
C PHE D 753 1.49 40.45 -19.54
N ALA D 754 1.06 41.66 -19.22
CA ALA D 754 1.25 42.23 -17.89
C ALA D 754 0.67 41.35 -16.78
N SER D 755 -0.33 40.54 -17.12
CA SER D 755 -0.93 39.63 -16.16
C SER D 755 0.09 38.70 -15.52
N ILE D 756 1.19 38.42 -16.22
CA ILE D 756 2.22 37.58 -15.64
C ILE D 756 2.73 38.24 -14.38
N VAL D 757 3.05 39.53 -14.52
CA VAL D 757 3.59 40.31 -13.41
C VAL D 757 2.76 40.24 -12.14
N THR D 758 1.51 40.71 -12.18
CA THR D 758 0.63 40.62 -11.02
C THR D 758 0.58 39.19 -10.55
N GLY D 759 0.55 38.28 -11.51
CA GLY D 759 0.66 36.86 -11.23
C GLY D 759 1.75 36.58 -10.21
N VAL D 760 3.01 36.85 -10.58
CA VAL D 760 4.13 36.58 -9.67
C VAL D 760 3.97 37.35 -8.37
N GLU D 761 3.46 38.57 -8.47
CA GLU D 761 3.24 39.38 -7.29
C GLU D 761 2.36 38.60 -6.31
N GLU D 762 1.24 38.07 -6.80
CA GLU D 762 0.35 37.26 -5.99
C GLU D 762 1.09 36.13 -5.32
N GLY D 763 1.93 35.47 -6.11
CA GLY D 763 2.70 34.33 -5.66
C GLY D 763 3.64 34.69 -4.53
N ARG D 764 4.12 35.93 -4.54
CA ARG D 764 4.94 36.40 -3.44
C ARG D 764 4.04 36.47 -2.21
N LEU D 765 2.90 37.16 -2.36
CA LEU D 765 1.98 37.40 -1.25
C LEU D 765 1.58 36.12 -0.56
N ILE D 766 1.20 35.12 -1.35
CA ILE D 766 0.91 33.80 -0.81
C ILE D 766 2.07 33.34 0.06
N PHE D 767 3.23 33.16 -0.58
CA PHE D 767 4.47 32.74 0.08
C PHE D 767 4.75 33.65 1.26
N ASP D 768 4.29 34.90 1.16
CA ASP D 768 4.50 35.90 2.19
C ASP D 768 3.49 35.77 3.30
N ASN D 769 2.22 35.70 2.94
CA ASN D 769 1.17 35.75 3.94
C ASN D 769 1.22 34.50 4.78
N LEU D 770 1.20 33.35 4.12
CA LEU D 770 1.27 32.07 4.81
C LEU D 770 2.34 32.09 5.88
N LYS D 771 3.58 32.37 5.48
CA LYS D 771 4.71 32.43 6.41
C LYS D 771 4.40 33.30 7.64
N LYS D 772 3.88 34.50 7.39
CA LYS D 772 3.48 35.41 8.46
C LYS D 772 2.64 34.68 9.51
N SER D 773 1.53 34.09 9.08
CA SER D 773 0.62 33.44 10.02
C SER D 773 1.35 32.38 10.82
N ILE D 774 2.19 31.63 10.12
CA ILE D 774 2.95 30.55 10.75
C ILE D 774 3.68 31.12 11.94
N ALA D 775 4.43 32.20 11.69
CA ALA D 775 5.18 32.87 12.73
C ALA D 775 4.28 33.06 13.94
N TYR D 776 3.15 33.76 13.72
CA TYR D 776 2.23 34.05 14.82
C TYR D 776 1.89 32.80 15.65
N THR D 777 1.50 31.73 14.96
CA THR D 777 0.98 30.58 15.68
C THR D 777 2.05 29.98 16.58
N LEU D 778 3.29 29.96 16.10
CA LEU D 778 4.37 29.37 16.88
C LEU D 778 4.60 30.11 18.19
N THR D 779 4.37 31.42 18.14
CA THR D 779 4.66 32.27 19.29
C THR D 779 3.68 31.93 20.39
N SER D 780 2.52 31.40 19.99
CA SER D 780 1.52 30.96 20.96
C SER D 780 2.02 29.74 21.73
N ASN D 781 2.87 28.94 21.09
CA ASN D 781 3.28 27.65 21.66
C ASN D 781 4.12 27.74 22.95
N ILE D 782 5.30 28.37 22.89
CA ILE D 782 6.22 28.44 24.03
C ILE D 782 5.56 28.75 25.38
N PRO D 783 4.80 29.86 25.47
CA PRO D 783 4.22 30.17 26.78
C PRO D 783 3.12 29.20 27.20
N GLU D 784 2.69 28.32 26.31
CA GLU D 784 1.74 27.28 26.67
C GLU D 784 2.46 26.07 27.27
N ILE D 785 3.67 25.81 26.79
CA ILE D 785 4.42 24.62 27.19
C ILE D 785 5.28 24.85 28.42
N THR D 786 5.90 26.03 28.50
CA THR D 786 6.82 26.36 29.59
C THR D 786 6.31 26.19 31.04
N PRO D 787 5.07 26.62 31.35
CA PRO D 787 4.59 26.48 32.72
C PRO D 787 4.65 25.06 33.33
N PHE D 788 4.31 24.04 32.56
CA PHE D 788 4.37 22.66 33.06
C PHE D 788 5.82 22.25 33.31
N LEU D 789 6.74 22.85 32.56
CA LEU D 789 8.16 22.53 32.73
C LEU D 789 8.74 23.25 33.94
N ILE D 790 8.33 24.51 34.14
CA ILE D 790 8.75 25.28 35.31
C ILE D 790 8.07 24.67 36.53
N PHE D 791 6.96 23.99 36.27
CA PHE D 791 6.24 23.26 37.29
C PHE D 791 7.16 22.27 37.97
N ILE D 792 7.94 21.55 37.16
CA ILE D 792 8.88 20.56 37.68
C ILE D 792 10.00 21.21 38.48
N ILE D 793 10.56 22.29 37.93
CA ILE D 793 11.76 22.92 38.49
C ILE D 793 11.64 23.31 39.97
N ALA D 794 10.55 23.97 40.33
CA ALA D 794 10.27 24.23 41.75
C ALA D 794 8.77 24.05 41.94
N ASN D 795 8.36 23.60 43.11
CA ASN D 795 6.94 23.38 43.36
C ASN D 795 6.15 24.69 43.38
N ILE D 796 6.13 25.35 42.24
CA ILE D 796 5.39 26.58 42.03
C ILE D 796 3.97 26.23 41.69
N PRO D 797 3.00 26.89 42.33
CA PRO D 797 1.58 26.68 42.07
C PRO D 797 1.26 26.80 40.59
N LEU D 798 0.28 26.04 40.12
CA LEU D 798 -0.04 25.97 38.69
C LEU D 798 -0.41 27.34 38.17
N PRO D 799 0.34 27.81 37.17
CA PRO D 799 0.17 29.14 36.58
C PRO D 799 -0.93 29.15 35.53
N LEU D 800 -1.18 28.00 34.92
CA LEU D 800 -2.31 27.83 34.03
C LEU D 800 -2.84 26.40 34.09
N GLY D 801 -4.06 26.22 33.59
CA GLY D 801 -4.67 24.90 33.54
C GLY D 801 -4.82 24.43 32.11
N THR D 802 -5.23 23.18 31.95
CA THR D 802 -5.47 22.61 30.64
C THR D 802 -6.55 23.41 29.94
N VAL D 803 -7.63 23.66 30.67
CA VAL D 803 -8.74 24.44 30.14
C VAL D 803 -8.27 25.82 29.75
N THR D 804 -7.38 26.41 30.56
CA THR D 804 -6.82 27.72 30.27
C THR D 804 -5.97 27.68 28.99
N ILE D 805 -5.21 26.60 28.85
CA ILE D 805 -4.38 26.39 27.66
C ILE D 805 -5.22 26.32 26.39
N LEU D 806 -6.27 25.50 26.41
CA LEU D 806 -7.15 25.40 25.24
C LEU D 806 -7.89 26.71 25.00
N CYS D 807 -8.18 27.42 26.08
CA CYS D 807 -8.78 28.75 26.00
C CYS D 807 -7.89 29.63 25.16
N ILE D 808 -6.60 29.65 25.50
CA ILE D 808 -5.65 30.43 24.73
C ILE D 808 -5.58 29.94 23.28
N ASP D 809 -5.29 28.66 23.08
CA ASP D 809 -5.06 28.12 21.77
C ASP D 809 -6.27 28.25 20.84
N LEU D 810 -7.45 28.44 21.40
CA LEU D 810 -8.64 28.54 20.56
C LEU D 810 -9.11 29.98 20.35
N GLY D 811 -9.01 30.82 21.38
CA GLY D 811 -9.44 32.20 21.22
C GLY D 811 -8.41 33.03 20.51
N THR D 812 -7.15 32.61 20.64
CA THR D 812 -6.03 33.43 20.23
C THR D 812 -5.39 32.95 18.92
N ASP D 813 -5.79 31.78 18.44
CA ASP D 813 -5.25 31.22 17.19
C ASP D 813 -6.28 30.96 16.06
N MET D 814 -7.57 30.85 16.41
CA MET D 814 -8.61 30.68 15.40
C MET D 814 -8.73 31.93 14.55
N VAL D 815 -9.24 33.01 15.13
CA VAL D 815 -9.42 34.25 14.41
C VAL D 815 -8.10 34.81 13.83
N PRO D 816 -7.09 35.06 14.69
CA PRO D 816 -5.90 35.77 14.22
C PRO D 816 -5.12 35.07 13.12
N ALA D 817 -4.86 33.77 13.28
CA ALA D 817 -4.11 33.03 12.27
C ALA D 817 -4.77 33.17 10.90
N ILE D 818 -6.10 33.14 10.87
CA ILE D 818 -6.84 33.34 9.63
C ILE D 818 -6.70 34.80 9.16
N SER D 819 -6.77 35.74 10.09
CA SER D 819 -6.75 37.17 9.75
C SER D 819 -5.46 37.57 9.05
N LEU D 820 -4.37 36.91 9.45
CA LEU D 820 -3.08 37.16 8.82
C LEU D 820 -3.17 37.00 7.30
N ALA D 821 -4.05 36.11 6.85
CA ALA D 821 -4.18 35.82 5.42
C ALA D 821 -4.62 37.03 4.62
N TYR D 822 -5.27 37.96 5.29
CA TYR D 822 -5.94 39.05 4.59
C TYR D 822 -5.06 40.27 4.36
N GLU D 823 -3.83 40.23 4.87
CA GLU D 823 -2.94 41.38 4.74
C GLU D 823 -2.33 41.46 3.36
N GLN D 824 -2.21 42.68 2.87
CA GLN D 824 -1.60 42.93 1.57
C GLN D 824 -0.07 42.98 1.70
N ALA D 825 0.64 42.81 0.58
CA ALA D 825 2.09 42.78 0.59
C ALA D 825 2.65 44.15 0.90
N GLU D 826 3.43 44.21 1.99
CA GLU D 826 3.86 45.48 2.58
C GLU D 826 4.44 46.44 1.56
N SER D 827 5.74 46.32 1.31
CA SER D 827 6.36 47.23 0.38
C SER D 827 5.94 46.94 -1.03
N ASP D 828 6.91 46.38 -1.75
CA ASP D 828 6.86 46.13 -3.16
C ASP D 828 7.80 44.95 -3.24
N ILE D 829 7.32 43.83 -2.76
CA ILE D 829 8.07 42.59 -2.70
C ILE D 829 8.99 42.28 -3.92
N MET D 830 8.69 42.86 -5.08
CA MET D 830 9.54 42.67 -6.25
C MET D 830 10.89 43.41 -6.17
N LYS D 831 10.98 44.42 -5.31
CA LYS D 831 12.23 45.15 -5.07
C LYS D 831 13.37 44.17 -4.72
N ARG D 832 13.06 43.26 -3.80
CA ARG D 832 13.95 42.17 -3.38
C ARG D 832 13.76 40.87 -4.19
N GLN D 833 14.75 40.52 -5.00
CA GLN D 833 14.72 39.36 -5.89
C GLN D 833 14.19 38.12 -5.19
N PRO D 834 13.42 37.30 -5.92
CA PRO D 834 12.82 36.05 -5.44
C PRO D 834 13.82 35.11 -4.73
N ARG D 835 13.45 34.61 -3.55
CA ARG D 835 14.34 33.77 -2.75
C ARG D 835 14.33 32.29 -3.15
N ASN D 836 15.52 31.72 -3.26
CA ASN D 836 15.68 30.30 -3.56
C ASN D 836 14.92 29.48 -2.54
N PRO D 837 14.21 28.44 -3.00
CA PRO D 837 13.53 27.52 -2.08
C PRO D 837 14.56 26.83 -1.20
N LYS D 838 15.79 26.73 -1.70
CA LYS D 838 16.90 26.15 -0.95
C LYS D 838 17.39 27.15 0.10
N THR D 839 17.36 28.44 -0.24
CA THR D 839 17.83 29.49 0.66
C THR D 839 16.90 29.68 1.85
N ASP D 840 15.60 29.83 1.57
CA ASP D 840 14.60 29.90 2.62
C ASP D 840 13.20 29.46 2.15
N LYS D 841 12.48 28.81 3.06
CA LYS D 841 11.20 28.19 2.75
C LYS D 841 10.03 28.97 3.36
N LEU D 842 8.93 28.26 3.58
CA LEU D 842 7.76 28.85 4.22
C LEU D 842 7.94 28.66 5.71
N VAL D 843 8.74 27.66 6.07
CA VAL D 843 9.09 27.43 7.46
C VAL D 843 10.58 27.43 7.59
N ASN D 844 11.14 28.64 7.63
CA ASN D 844 12.56 28.81 7.86
C ASN D 844 12.94 28.33 9.25
N GLU D 845 14.09 27.68 9.35
CA GLU D 845 14.64 27.31 10.65
C GLU D 845 14.98 28.59 11.45
N GLN D 846 15.26 29.67 10.72
CA GLN D 846 15.52 30.97 11.33
C GLN D 846 14.25 31.61 11.90
N LEU D 847 13.12 31.41 11.21
CA LEU D 847 11.84 31.95 11.68
C LEU D 847 11.56 31.45 13.09
N ILE D 848 11.87 30.18 13.35
CA ILE D 848 11.58 29.59 14.65
C ILE D 848 12.45 30.15 15.77
N SER D 849 13.59 30.75 15.41
CA SER D 849 14.48 31.33 16.41
C SER D 849 13.99 32.66 17.01
N MET D 850 13.34 33.49 16.19
CA MET D 850 12.76 34.73 16.71
C MET D 850 11.29 34.51 17.06
N ALA D 851 10.75 33.34 16.68
CA ALA D 851 9.39 32.98 17.06
C ALA D 851 9.32 32.31 18.45
N TYR D 852 10.33 31.50 18.75
CA TYR D 852 10.41 30.85 20.05
C TYR D 852 11.39 31.57 20.96
N GLY D 853 12.57 31.88 20.44
CA GLY D 853 13.61 32.50 21.23
C GLY D 853 13.37 33.97 21.52
N GLN D 854 12.52 34.59 20.71
CA GLN D 854 12.22 36.01 20.87
C GLN D 854 10.80 36.25 21.38
N ILE D 855 9.81 36.17 20.50
CA ILE D 855 8.45 36.59 20.86
C ILE D 855 7.84 35.70 21.95
N GLY D 856 7.74 34.40 21.66
CA GLY D 856 7.21 33.43 22.62
C GLY D 856 7.74 33.59 24.02
N MET D 857 9.05 33.79 24.14
CA MET D 857 9.69 34.01 25.44
C MET D 857 9.12 35.23 26.13
N ILE D 858 8.95 36.31 25.38
CA ILE D 858 8.37 37.51 25.96
C ILE D 858 6.94 37.27 26.46
N GLN D 859 6.07 36.73 25.59
CA GLN D 859 4.70 36.43 25.99
C GLN D 859 4.68 35.58 27.28
N ALA D 860 5.65 34.68 27.35
CA ALA D 860 5.81 33.81 28.50
C ALA D 860 6.16 34.57 29.80
N LEU D 861 7.26 35.34 29.77
CA LEU D 861 7.69 36.08 30.97
C LEU D 861 6.63 37.08 31.42
N GLY D 862 5.86 37.56 30.47
CA GLY D 862 4.71 38.39 30.78
C GLY D 862 3.70 37.60 31.59
N GLY D 863 3.29 36.45 31.07
CA GLY D 863 2.39 35.56 31.79
C GLY D 863 2.83 35.24 33.21
N PHE D 864 4.08 34.78 33.36
CA PHE D 864 4.64 34.50 34.69
C PHE D 864 4.62 35.73 35.60
N PHE D 865 4.95 36.90 35.06
CA PHE D 865 4.91 38.14 35.85
C PHE D 865 3.51 38.42 36.39
N THR D 866 2.52 38.45 35.49
CA THR D 866 1.14 38.74 35.91
C THR D 866 0.69 37.73 36.96
N TYR D 867 0.97 36.44 36.73
CA TYR D 867 0.65 35.40 37.69
C TYR D 867 1.27 35.63 39.08
N PHE D 868 2.55 36.03 39.08
CA PHE D 868 3.23 36.36 40.31
C PHE D 868 2.61 37.55 41.02
N VAL D 869 2.09 38.50 40.25
CA VAL D 869 1.40 39.65 40.84
C VAL D 869 0.07 39.24 41.46
N ILE D 870 -0.67 38.36 40.78
CA ILE D 870 -1.92 37.85 41.36
C ILE D 870 -1.57 37.22 42.69
N LEU D 871 -0.73 36.19 42.63
CA LEU D 871 -0.41 35.42 43.84
C LEU D 871 0.22 36.29 44.92
N ALA D 872 0.96 37.32 44.52
CA ALA D 872 1.51 38.25 45.49
C ALA D 872 0.39 39.09 46.09
N GLU D 873 -0.59 39.45 45.27
CA GLU D 873 -1.69 40.30 45.74
C GLU D 873 -2.65 39.51 46.65
N ASN D 874 -2.37 38.23 46.85
CA ASN D 874 -3.17 37.44 47.75
C ASN D 874 -2.39 36.91 48.93
N GLY D 875 -1.29 37.58 49.26
CA GLY D 875 -0.53 37.24 50.46
C GLY D 875 0.68 36.35 50.24
N PHE D 876 0.73 35.74 49.06
CA PHE D 876 1.82 34.82 48.71
C PHE D 876 2.90 35.53 47.88
N LEU D 877 3.95 36.01 48.55
CA LEU D 877 5.08 36.62 47.86
C LEU D 877 5.66 35.65 46.86
N PRO D 878 6.23 36.16 45.76
CA PRO D 878 6.80 35.30 44.73
C PRO D 878 7.90 34.37 45.26
N ILE D 879 8.70 34.86 46.21
CA ILE D 879 9.81 34.10 46.77
C ILE D 879 9.30 32.92 47.62
N HIS D 880 8.11 33.10 48.18
CA HIS D 880 7.47 32.13 49.07
C HIS D 880 6.82 31.03 48.27
N LEU D 881 6.64 31.29 46.98
CA LEU D 881 5.80 30.47 46.11
C LEU D 881 6.42 29.14 45.68
N LEU D 882 7.74 29.06 45.65
CA LEU D 882 8.40 27.81 45.27
C LEU D 882 8.38 26.83 46.44
N GLY D 883 8.03 25.57 46.16
CA GLY D 883 8.00 24.52 47.16
C GLY D 883 6.61 24.27 47.72
N LEU D 884 5.60 24.89 47.11
CA LEU D 884 4.25 24.94 47.67
C LEU D 884 3.35 23.74 47.33
N ARG D 885 3.53 23.15 46.15
CA ARG D 885 2.64 22.07 45.67
C ARG D 885 2.55 20.92 46.66
N VAL D 886 3.67 20.69 47.35
CA VAL D 886 3.76 19.75 48.45
C VAL D 886 2.49 19.76 49.32
N ASN D 887 1.97 20.96 49.57
CA ASN D 887 0.73 21.10 50.33
C ASN D 887 -0.32 21.87 49.52
N TRP D 888 0.15 22.65 48.55
CA TRP D 888 -0.76 23.47 47.74
C TRP D 888 -1.79 22.59 47.08
N ASP D 889 -1.35 21.64 46.26
CA ASP D 889 -2.28 20.74 45.57
C ASP D 889 -2.87 19.68 46.52
N ASP D 890 -2.37 19.63 47.75
CA ASP D 890 -2.90 18.70 48.76
C ASP D 890 -4.31 19.11 49.20
N ARG D 891 -5.26 18.19 49.08
CA ARG D 891 -6.68 18.49 49.26
C ARG D 891 -7.13 18.55 50.72
N TRP D 892 -6.47 17.76 51.57
CA TRP D 892 -6.90 17.68 52.96
C TRP D 892 -6.07 18.54 53.92
N ILE D 893 -5.02 19.17 53.38
CA ILE D 893 -4.21 20.10 54.15
C ILE D 893 -4.66 21.54 53.90
N ASN D 894 -5.37 22.10 54.88
CA ASN D 894 -5.93 23.45 54.76
C ASN D 894 -5.19 24.42 55.68
N ASP D 895 -4.02 24.00 56.15
CA ASP D 895 -3.22 24.82 57.07
C ASP D 895 -2.13 25.59 56.34
N VAL D 896 -2.26 25.71 55.02
CA VAL D 896 -1.25 26.39 54.20
C VAL D 896 -1.06 27.85 54.60
N GLU D 897 0.19 28.21 54.89
CA GLU D 897 0.52 29.54 55.38
C GLU D 897 1.24 30.37 54.32
N ASP D 898 0.82 31.62 54.14
CA ASP D 898 1.50 32.52 53.22
C ASP D 898 2.54 33.38 53.95
N SER D 899 3.06 34.39 53.26
CA SER D 899 4.08 35.28 53.81
C SER D 899 3.53 36.15 54.93
N TYR D 900 2.21 36.33 54.92
CA TYR D 900 1.54 37.18 55.88
C TYR D 900 0.93 36.36 57.01
N GLY D 901 1.24 35.07 57.03
CA GLY D 901 0.81 34.20 58.11
C GLY D 901 -0.65 33.83 58.07
N GLN D 902 -1.25 33.89 56.89
CA GLN D 902 -2.65 33.48 56.73
C GLN D 902 -2.78 32.00 56.38
N GLN D 903 -3.76 31.34 56.97
CA GLN D 903 -4.05 29.94 56.66
C GLN D 903 -5.15 29.83 55.61
N TRP D 904 -4.82 29.21 54.49
CA TRP D 904 -5.75 29.10 53.38
C TRP D 904 -6.32 27.69 53.29
N THR D 905 -7.60 27.59 52.94
CA THR D 905 -8.21 26.29 52.70
C THR D 905 -7.91 25.84 51.28
N TYR D 906 -8.13 24.55 51.01
CA TYR D 906 -7.86 23.99 49.70
C TYR D 906 -8.62 24.78 48.65
N GLU D 907 -9.94 24.83 48.78
CA GLU D 907 -10.78 25.49 47.79
C GLU D 907 -10.53 27.00 47.65
N GLN D 908 -10.05 27.62 48.72
CA GLN D 908 -9.69 29.03 48.67
C GLN D 908 -8.45 29.25 47.83
N ARG D 909 -7.37 28.56 48.18
CA ARG D 909 -6.12 28.72 47.43
C ARG D 909 -6.25 28.20 46.00
N LYS D 910 -7.22 27.30 45.78
CA LYS D 910 -7.54 26.83 44.43
C LYS D 910 -8.29 27.90 43.66
N ILE D 911 -9.21 28.60 44.32
CA ILE D 911 -9.87 29.74 43.70
C ILE D 911 -8.79 30.75 43.27
N VAL D 912 -7.85 31.02 44.17
CA VAL D 912 -6.72 31.88 43.87
C VAL D 912 -5.99 31.37 42.63
N GLU D 913 -5.78 30.06 42.60
CA GLU D 913 -5.08 29.41 41.52
C GLU D 913 -5.75 29.67 40.19
N PHE D 914 -7.03 29.34 40.08
CA PHE D 914 -7.78 29.54 38.85
C PHE D 914 -7.90 31.03 38.50
N THR D 915 -7.74 31.88 39.51
CA THR D 915 -7.67 33.32 39.30
C THR D 915 -6.24 33.70 38.96
N CYS D 916 -5.35 32.71 38.86
CA CYS D 916 -4.03 32.97 38.29
C CYS D 916 -3.98 32.40 36.88
N HIS D 917 -4.77 31.37 36.66
CA HIS D 917 -4.89 30.75 35.36
C HIS D 917 -5.59 31.74 34.44
N THR D 918 -6.76 32.17 34.88
CA THR D 918 -7.59 33.07 34.09
C THR D 918 -6.84 34.26 33.47
N PRO D 919 -6.00 34.98 34.26
CA PRO D 919 -5.29 36.10 33.64
C PRO D 919 -4.25 35.65 32.63
N PHE D 920 -3.55 34.55 32.90
CA PHE D 920 -2.51 34.07 32.00
C PHE D 920 -3.09 33.94 30.59
N PHE D 921 -4.32 33.45 30.53
CA PHE D 921 -5.11 33.49 29.31
C PHE D 921 -5.31 34.94 28.83
N VAL D 922 -6.02 35.74 29.62
CA VAL D 922 -6.23 37.16 29.35
C VAL D 922 -4.94 37.89 28.98
N THR D 923 -3.91 37.69 29.80
CA THR D 923 -2.67 38.43 29.61
C THR D 923 -2.00 38.07 28.28
N ILE D 924 -1.94 36.78 27.95
CA ILE D 924 -1.37 36.41 26.66
C ILE D 924 -2.22 36.95 25.50
N VAL D 925 -3.54 37.01 25.73
CA VAL D 925 -4.43 37.68 24.79
C VAL D 925 -3.95 39.11 24.58
N VAL D 926 -3.58 39.78 25.68
CA VAL D 926 -3.07 41.15 25.63
C VAL D 926 -1.74 41.24 24.88
N VAL D 927 -0.91 40.23 25.06
CA VAL D 927 0.40 40.24 24.44
C VAL D 927 0.29 39.73 23.00
N GLN D 928 -0.78 39.00 22.72
CA GLN D 928 -1.04 38.49 21.37
C GLN D 928 -1.40 39.61 20.40
N TRP D 929 -1.89 40.73 20.94
CA TRP D 929 -2.11 41.93 20.13
C TRP D 929 -0.81 42.25 19.38
N ALA D 930 0.24 42.50 20.16
CA ALA D 930 1.54 42.85 19.61
C ALA D 930 1.98 41.93 18.47
N ASP D 931 1.94 40.63 18.73
CA ASP D 931 2.33 39.63 17.75
C ASP D 931 1.52 39.75 16.46
N LEU D 932 0.24 40.09 16.60
CA LEU D 932 -0.65 40.19 15.45
C LEU D 932 -0.25 41.27 14.46
N VAL D 933 0.09 42.45 14.98
CA VAL D 933 0.50 43.57 14.15
C VAL D 933 1.99 43.47 13.81
N ILE D 934 2.69 42.63 14.54
CA ILE D 934 4.09 42.34 14.25
C ILE D 934 4.21 41.38 13.07
N CYS D 935 3.40 40.33 13.09
CA CYS D 935 3.38 39.36 12.00
C CYS D 935 2.65 39.96 10.79
N LYS D 936 1.84 40.98 11.04
CA LYS D 936 1.14 41.73 10.00
C LYS D 936 2.08 42.25 8.93
N THR D 937 3.29 42.63 9.35
CA THR D 937 4.30 43.16 8.45
C THR D 937 5.62 42.44 8.62
N ARG D 938 6.21 42.02 7.51
CA ARG D 938 7.52 41.41 7.56
C ARG D 938 8.61 42.46 7.33
N ARG D 939 8.35 43.40 6.45
CA ARG D 939 9.40 44.30 5.99
C ARG D 939 9.39 45.67 6.65
N ASN D 940 8.58 46.58 6.10
CA ASN D 940 8.49 47.95 6.60
C ASN D 940 7.67 48.03 7.88
N SER D 941 8.02 48.98 8.75
CA SER D 941 7.35 49.13 10.05
C SER D 941 5.84 49.20 9.92
N VAL D 942 5.13 48.84 10.98
CA VAL D 942 3.70 48.63 10.91
C VAL D 942 2.94 49.89 10.53
N PHE D 943 3.65 50.99 10.45
CA PHE D 943 3.06 52.26 10.05
C PHE D 943 3.03 52.40 8.54
N GLN D 944 4.02 51.82 7.86
CA GLN D 944 4.09 51.88 6.40
C GLN D 944 3.12 50.91 5.75
N GLN D 945 2.78 49.87 6.48
CA GLN D 945 1.80 48.90 6.02
C GLN D 945 0.40 49.51 6.01
N GLY D 946 0.03 50.14 7.12
CA GLY D 946 -1.32 50.65 7.30
C GLY D 946 -2.12 49.66 8.12
N MET D 947 -3.30 50.05 8.59
CA MET D 947 -4.12 49.13 9.37
C MET D 947 -4.81 48.10 8.44
N LYS D 948 -5.34 48.60 7.33
CA LYS D 948 -5.84 47.75 6.26
C LYS D 948 -6.90 46.71 6.69
N ASN D 949 -6.42 45.52 7.04
CA ASN D 949 -7.29 44.37 7.28
C ASN D 949 -8.30 44.57 8.38
N LYS D 950 -9.56 44.36 8.03
CA LYS D 950 -10.66 44.43 8.98
C LYS D 950 -10.78 43.12 9.76
N ILE D 951 -10.28 42.04 9.19
CA ILE D 951 -10.29 40.75 9.86
C ILE D 951 -9.25 40.76 10.96
N LEU D 952 -8.17 41.52 10.79
CA LEU D 952 -7.14 41.58 11.80
C LEU D 952 -7.65 42.33 13.01
N ILE D 953 -8.19 43.51 12.77
CA ILE D 953 -8.79 44.30 13.84
C ILE D 953 -9.88 43.47 14.50
N PHE D 954 -10.67 42.81 13.66
CA PHE D 954 -11.73 41.95 14.14
C PHE D 954 -11.17 40.89 15.07
N GLY D 955 -9.96 40.43 14.75
CA GLY D 955 -9.27 39.44 15.54
C GLY D 955 -8.89 39.97 16.90
N LEU D 956 -8.31 41.18 16.94
CA LEU D 956 -7.97 41.81 18.21
C LEU D 956 -9.20 41.97 19.09
N PHE D 957 -10.19 42.68 18.56
CA PHE D 957 -11.39 42.98 19.32
C PHE D 957 -12.18 41.77 19.79
N GLU D 958 -12.30 40.76 18.93
CA GLU D 958 -13.05 39.58 19.32
C GLU D 958 -12.22 38.62 20.19
N GLU D 959 -10.90 38.77 20.15
CA GLU D 959 -10.01 38.05 21.03
C GLU D 959 -10.21 38.58 22.44
N THR D 960 -10.21 39.92 22.53
CA THR D 960 -10.43 40.62 23.79
C THR D 960 -11.84 40.36 24.34
N ALA D 961 -12.84 40.39 23.44
CA ALA D 961 -14.22 40.13 23.82
C ALA D 961 -14.42 38.69 24.29
N LEU D 962 -13.69 37.76 23.68
CA LEU D 962 -13.75 36.36 24.10
C LEU D 962 -13.12 36.19 25.48
N ALA D 963 -12.01 36.91 25.70
CA ALA D 963 -11.35 36.91 27.00
C ALA D 963 -12.32 37.38 28.08
N ALA D 964 -12.83 38.59 27.89
CA ALA D 964 -13.79 39.18 28.80
C ALA D 964 -14.97 38.26 29.06
N PHE D 965 -15.65 37.86 27.99
CA PHE D 965 -16.85 37.03 28.06
C PHE D 965 -16.57 35.70 28.74
N LEU D 966 -15.33 35.26 28.67
CA LEU D 966 -14.92 34.04 29.33
C LEU D 966 -14.74 34.30 30.82
N SER D 967 -14.29 35.50 31.17
CA SER D 967 -13.97 35.78 32.57
C SER D 967 -15.14 36.28 33.43
N TYR D 968 -16.16 36.87 32.82
CA TYR D 968 -17.18 37.53 33.63
C TYR D 968 -18.59 36.95 33.53
N CYS D 969 -18.77 35.94 32.70
CA CYS D 969 -20.06 35.27 32.65
C CYS D 969 -20.20 34.47 33.92
N PRO D 970 -21.44 34.34 34.42
CA PRO D 970 -21.69 33.54 35.63
C PRO D 970 -21.46 32.06 35.38
N GLY D 971 -21.17 31.32 36.45
CA GLY D 971 -20.96 29.87 36.37
C GLY D 971 -19.64 29.47 35.71
N MET D 972 -18.89 30.46 35.24
CA MET D 972 -17.61 30.20 34.60
C MET D 972 -16.58 29.68 35.60
N GLY D 973 -16.68 30.13 36.86
CA GLY D 973 -15.81 29.63 37.91
C GLY D 973 -16.04 28.15 38.15
N VAL D 974 -17.24 27.70 37.81
CA VAL D 974 -17.60 26.30 37.95
C VAL D 974 -17.39 25.57 36.61
N ALA D 975 -17.85 26.17 35.53
CA ALA D 975 -17.82 25.54 34.21
C ALA D 975 -16.40 25.30 33.70
N LEU D 976 -15.66 26.38 33.50
CA LEU D 976 -14.30 26.29 32.97
C LEU D 976 -13.29 26.77 34.00
N ARG D 977 -13.72 26.82 35.25
CA ARG D 977 -12.87 27.24 36.36
C ARG D 977 -12.34 28.66 36.19
N MET D 978 -12.94 29.43 35.29
CA MET D 978 -12.50 30.80 35.03
C MET D 978 -13.09 31.79 36.03
N TYR D 979 -12.34 32.12 37.08
CA TYR D 979 -12.81 33.09 38.06
C TYR D 979 -12.53 34.51 37.56
N PRO D 980 -13.51 35.41 37.69
CA PRO D 980 -13.45 36.78 37.20
C PRO D 980 -12.18 37.55 37.60
N LEU D 981 -11.92 38.64 36.89
CA LEU D 981 -10.66 39.36 37.04
C LEU D 981 -10.77 40.72 37.73
N LYS D 982 -9.84 40.97 38.63
CA LYS D 982 -9.66 42.28 39.24
C LYS D 982 -9.06 43.22 38.20
N PRO D 983 -9.64 44.43 38.06
CA PRO D 983 -9.32 45.39 36.99
C PRO D 983 -7.82 45.52 36.69
N THR D 984 -7.01 45.57 37.73
CA THR D 984 -5.55 45.71 37.60
C THR D 984 -4.90 44.59 36.77
N TRP D 985 -5.47 43.38 36.89
CA TRP D 985 -4.92 42.18 36.25
C TRP D 985 -4.78 42.30 34.72
N TRP D 986 -5.60 43.15 34.11
CA TRP D 986 -5.60 43.35 32.66
C TRP D 986 -4.42 44.20 32.28
N PHE D 987 -4.15 45.16 33.15
CA PHE D 987 -3.07 46.11 32.96
C PHE D 987 -1.72 45.47 33.21
N CYS D 988 -1.67 44.48 34.10
CA CYS D 988 -0.41 43.78 34.37
C CYS D 988 0.37 43.40 33.11
N ALA D 989 -0.34 42.96 32.08
CA ALA D 989 0.26 42.36 30.90
C ALA D 989 0.99 43.33 29.95
N PHE D 990 0.52 44.58 29.91
CA PHE D 990 0.98 45.59 28.94
C PHE D 990 2.49 45.71 28.63
N PRO D 991 3.34 45.86 29.67
CA PRO D 991 4.76 46.17 29.44
C PRO D 991 5.41 45.22 28.42
N TYR D 992 5.17 43.93 28.61
CA TYR D 992 5.78 42.92 27.77
C TYR D 992 5.35 43.06 26.32
N SER D 993 4.05 43.17 26.09
CA SER D 993 3.52 43.39 24.75
C SER D 993 4.15 44.61 24.07
N LEU D 994 4.35 45.67 24.84
CA LEU D 994 5.08 46.82 24.31
C LEU D 994 6.54 46.50 23.97
N LEU D 995 7.17 45.63 24.75
CA LEU D 995 8.55 45.23 24.46
C LEU D 995 8.59 44.50 23.12
N ILE D 996 7.56 43.69 22.87
CA ILE D 996 7.42 43.05 21.57
C ILE D 996 7.34 44.08 20.45
N PHE D 997 6.37 44.99 20.59
CA PHE D 997 6.10 46.03 19.60
C PHE D 997 7.37 46.80 19.25
N VAL D 998 8.03 47.31 20.28
CA VAL D 998 9.25 48.06 20.11
C VAL D 998 10.32 47.22 19.43
N TYR D 999 10.62 46.05 20.00
CA TYR D 999 11.72 45.26 19.47
C TYR D 999 11.53 44.98 17.98
N ASP D 1000 10.36 44.47 17.58
CA ASP D 1000 10.26 44.04 16.19
C ASP D 1000 10.37 45.21 15.20
N GLU D 1001 10.15 46.43 15.67
CA GLU D 1001 10.27 47.57 14.76
C GLU D 1001 11.62 48.26 14.84
N VAL D 1002 12.34 48.03 15.93
CA VAL D 1002 13.77 48.35 16.00
C VAL D 1002 14.44 47.47 14.95
N ARG D 1003 14.04 46.19 15.00
CA ARG D 1003 14.34 45.20 13.98
C ARG D 1003 14.07 45.80 12.60
N LYS D 1004 12.79 46.00 12.28
CA LYS D 1004 12.38 46.44 10.95
C LYS D 1004 13.09 47.72 10.48
N LEU D 1005 13.45 48.57 11.45
CA LEU D 1005 14.26 49.74 11.13
C LEU D 1005 15.71 49.34 10.81
N ILE D 1006 16.19 48.24 11.39
CA ILE D 1006 17.53 47.76 11.05
C ILE D 1006 17.55 47.13 9.67
N ILE D 1007 16.46 46.46 9.29
CA ILE D 1007 16.29 46.00 7.92
C ILE D 1007 16.37 47.19 7.00
N ARG D 1008 15.52 48.17 7.31
CA ARG D 1008 15.44 49.42 6.56
C ARG D 1008 16.82 50.00 6.29
N ARG D 1009 17.57 50.28 7.36
CA ARG D 1009 18.85 50.96 7.23
C ARG D 1009 19.95 50.12 6.59
N ARG D 1010 19.98 48.83 6.92
CA ARG D 1010 21.02 47.97 6.37
C ARG D 1010 20.44 46.69 5.75
N PRO D 1011 20.96 46.31 4.58
CA PRO D 1011 20.64 45.04 3.96
C PRO D 1011 21.73 44.00 4.22
N GLY D 1012 22.90 44.45 4.68
CA GLY D 1012 23.98 43.57 5.08
C GLY D 1012 23.45 42.53 6.04
N GLY D 1013 22.67 43.00 7.01
CA GLY D 1013 21.92 42.13 7.89
C GLY D 1013 22.76 41.33 8.86
N TRP D 1014 22.42 41.44 10.13
CA TRP D 1014 23.02 40.53 11.09
C TRP D 1014 21.88 39.68 11.53
N VAL D 1015 20.79 40.37 11.81
CA VAL D 1015 19.55 39.74 12.21
C VAL D 1015 18.74 39.44 10.96
N GLU D 1016 19.03 40.17 9.89
CA GLU D 1016 18.41 39.86 8.62
C GLU D 1016 18.79 38.43 8.31
N LYS D 1017 20.04 38.09 8.61
CA LYS D 1017 20.52 36.72 8.42
C LYS D 1017 20.20 35.80 9.59
N GLU D 1018 19.68 36.35 10.68
CA GLU D 1018 19.33 35.51 11.82
C GLU D 1018 17.83 35.57 12.16
N THR D 1019 17.25 36.76 12.17
CA THR D 1019 15.84 36.92 12.54
C THR D 1019 14.96 37.46 11.43
N TYR D 1020 15.11 36.91 10.23
CA TYR D 1020 14.18 37.21 9.16
C TYR D 1020 13.17 36.07 9.03
N TYR D 1021 11.90 36.43 8.92
CA TYR D 1021 10.83 35.45 8.74
C TYR D 1021 10.93 34.79 7.36
N SER E 19 25.67 11.67 5.67
CA SER E 19 27.09 11.95 5.67
C SER E 19 27.35 13.45 5.70
N GLU E 20 26.91 14.08 6.79
CA GLU E 20 26.96 15.53 6.91
C GLU E 20 28.34 16.06 7.32
N LYS E 21 28.83 15.57 8.47
CA LYS E 21 30.12 15.96 9.06
C LYS E 21 31.12 16.26 7.94
N LYS E 22 31.87 17.37 7.96
CA LYS E 22 32.41 18.12 9.09
C LYS E 22 33.44 19.04 8.43
N GLU E 23 34.34 19.62 9.24
CA GLU E 23 35.51 20.34 8.75
C GLU E 23 35.22 21.42 7.70
N PHE E 24 35.01 21.00 6.46
CA PHE E 24 34.65 21.89 5.35
C PHE E 24 33.43 22.72 5.72
N LEU E 25 32.56 22.12 6.52
CA LEU E 25 31.40 22.81 7.06
C LEU E 25 31.69 23.33 8.47
N GLY E 26 32.50 22.58 9.22
CA GLY E 26 32.71 22.85 10.63
C GLY E 26 31.38 22.82 11.38
N ARG E 27 30.78 21.63 11.43
CA ARG E 27 29.44 21.44 11.97
C ARG E 27 28.43 22.27 11.15
N THR E 28 27.41 22.79 11.82
CA THR E 28 26.35 23.51 11.13
C THR E 28 26.75 24.97 10.87
N GLY E 29 28.03 25.29 11.08
CA GLY E 29 28.55 26.62 10.80
C GLY E 29 29.69 26.99 11.74
N GLY E 30 30.67 27.74 11.21
CA GLY E 30 31.77 28.22 12.02
C GLY E 30 31.37 29.47 12.79
N SER E 31 31.97 29.66 13.97
CA SER E 31 31.77 30.81 14.88
C SER E 31 30.94 31.99 14.34
N TRP E 32 29.61 32.07 14.58
CA TRP E 32 28.75 31.20 15.41
C TRP E 32 28.99 31.35 16.92
N PHE E 33 29.66 32.41 17.30
CA PHE E 33 29.84 32.74 18.71
C PHE E 33 28.89 33.88 19.05
N LYS E 34 28.71 34.77 18.07
CA LYS E 34 27.90 35.96 18.25
C LYS E 34 26.41 35.65 18.26
N ILE E 35 26.06 34.44 17.83
CA ILE E 35 24.68 33.98 17.94
C ILE E 35 24.37 33.66 19.40
N LEU E 36 25.23 32.83 20.00
CA LEU E 36 25.15 32.52 21.43
C LEU E 36 25.23 33.79 22.28
N LEU E 37 26.05 34.74 21.85
CA LEU E 37 26.22 36.01 22.55
C LEU E 37 24.97 36.88 22.45
N PHE E 38 24.41 37.00 21.25
CA PHE E 38 23.16 37.73 21.04
C PHE E 38 22.04 37.12 21.86
N TYR E 39 22.10 35.81 22.06
CA TYR E 39 21.09 35.15 22.87
C TYR E 39 21.26 35.29 24.38
N VAL E 40 22.48 35.16 24.90
CA VAL E 40 22.69 35.36 26.35
C VAL E 40 22.48 36.82 26.71
N ILE E 41 22.80 37.70 25.75
CA ILE E 41 22.54 39.12 25.89
C ILE E 41 21.04 39.38 25.89
N PHE E 42 20.32 38.91 24.88
CA PHE E 42 18.89 39.18 24.83
C PHE E 42 18.11 38.56 25.98
N TYR E 43 18.47 37.34 26.35
CA TYR E 43 17.82 36.63 27.45
C TYR E 43 18.16 37.21 28.81
N GLY E 44 19.39 37.72 28.96
CA GLY E 44 19.77 38.43 30.17
C GLY E 44 19.02 39.76 30.26
N CYS E 45 18.70 40.30 29.09
CA CYS E 45 17.90 41.52 29.01
C CYS E 45 16.45 41.25 29.38
N LEU E 46 15.89 40.20 28.79
CA LEU E 46 14.51 39.82 29.07
C LEU E 46 14.34 39.39 30.52
N ALA E 47 15.39 38.82 31.09
CA ALA E 47 15.39 38.45 32.51
C ALA E 47 15.53 39.69 33.38
N GLY E 48 16.27 40.69 32.87
CA GLY E 48 16.36 41.98 33.53
C GLY E 48 15.01 42.67 33.57
N ILE E 49 14.22 42.45 32.52
CA ILE E 49 12.87 42.98 32.44
C ILE E 49 11.91 42.18 33.33
N PHE E 50 12.19 40.89 33.48
CA PHE E 50 11.35 40.02 34.29
C PHE E 50 11.50 40.32 35.78
N ILE E 51 12.75 40.41 36.20
CA ILE E 51 13.07 40.72 37.60
C ILE E 51 12.77 42.19 37.88
N GLY E 52 12.98 43.03 36.88
CA GLY E 52 12.61 44.42 36.99
C GLY E 52 11.13 44.56 37.27
N THR E 53 10.31 43.99 36.40
CA THR E 53 8.86 44.01 36.59
C THR E 53 8.48 43.35 37.91
N ILE E 54 9.21 42.31 38.29
CA ILE E 54 8.91 41.58 39.53
C ILE E 54 9.22 42.41 40.77
N GLN E 55 10.13 43.37 40.64
CA GLN E 55 10.51 44.21 41.78
C GLN E 55 9.78 45.55 41.82
N VAL E 56 9.30 46.04 40.68
CA VAL E 56 8.45 47.22 40.70
C VAL E 56 7.08 46.83 41.26
N MET E 57 6.64 45.61 40.95
CA MET E 57 5.38 45.11 41.49
C MET E 57 5.65 44.72 42.92
N LEU E 58 6.93 44.47 43.20
CA LEU E 58 7.39 44.49 44.57
C LEU E 58 7.49 45.95 45.00
N LEU E 59 6.49 46.74 44.62
CA LEU E 59 6.31 48.11 45.11
C LEU E 59 6.27 48.29 46.64
N THR E 60 5.66 47.40 47.43
CA THR E 60 4.93 46.19 47.01
C THR E 60 3.51 46.19 47.53
N ILE E 61 3.27 45.34 48.52
CA ILE E 61 2.07 45.36 49.32
C ILE E 61 2.60 45.45 50.74
N SER E 62 1.96 46.26 51.59
CA SER E 62 2.44 46.47 52.95
C SER E 62 2.69 45.15 53.67
N GLU E 63 3.84 45.06 54.32
CA GLU E 63 4.25 43.83 54.98
C GLU E 63 3.32 43.51 56.11
N PHE E 64 2.38 44.41 56.34
CA PHE E 64 1.47 44.32 57.46
C PHE E 64 0.16 43.66 57.05
N LYS E 65 -0.18 43.70 55.76
CA LYS E 65 -1.41 43.06 55.29
C LYS E 65 -1.38 42.55 53.84
N PRO E 66 -2.11 41.45 53.56
CA PRO E 66 -2.26 40.94 52.20
C PRO E 66 -3.04 41.95 51.40
N THR E 67 -2.74 42.06 50.12
CA THR E 67 -3.45 43.02 49.29
C THR E 67 -4.92 42.68 49.30
N TYR E 68 -5.23 41.39 49.25
CA TYR E 68 -6.63 40.99 49.21
C TYR E 68 -6.94 39.83 50.14
N GLN E 69 -7.83 40.10 51.09
CA GLN E 69 -8.28 39.09 52.04
C GLN E 69 -9.54 38.42 51.54
N ASP E 70 -10.27 39.10 50.65
CA ASP E 70 -11.57 38.64 50.15
C ASP E 70 -11.56 37.18 49.74
N ARG E 71 -10.42 36.71 49.25
CA ARG E 71 -10.28 35.34 48.79
C ARG E 71 -10.16 34.35 49.95
N VAL E 72 -9.67 34.82 51.10
CA VAL E 72 -9.56 33.94 52.27
C VAL E 72 -10.95 33.68 52.85
N ALA E 73 -11.90 34.55 52.50
CA ALA E 73 -13.31 34.34 52.82
C ALA E 73 -13.53 34.12 54.33
N PRO E 74 -14.76 33.79 54.74
CA PRO E 74 -14.82 33.29 56.12
C PRO E 74 -13.94 32.06 56.30
N PRO E 75 -13.11 32.04 57.35
CA PRO E 75 -12.13 30.97 57.58
C PRO E 75 -12.78 29.60 57.69
N GLY E 76 -12.07 28.57 57.23
CA GLY E 76 -12.55 27.20 57.35
C GLY E 76 -12.14 26.62 58.68
N LEU E 77 -12.79 25.54 59.09
CA LEU E 77 -12.54 24.94 60.41
C LEU E 77 -11.56 23.77 60.35
N THR E 78 -10.39 23.94 60.97
CA THR E 78 -9.30 22.96 60.89
C THR E 78 -9.23 21.98 62.08
N GLN E 79 -8.39 20.95 61.94
CA GLN E 79 -8.26 19.89 62.94
C GLN E 79 -6.81 19.48 63.13
N ILE E 80 -6.45 18.99 64.32
CA ILE E 80 -5.05 18.68 64.62
C ILE E 80 -4.59 17.22 64.41
N PRO E 81 -5.36 16.22 64.87
CA PRO E 81 -4.94 14.85 64.51
C PRO E 81 -4.95 14.70 62.99
N GLN E 82 -3.76 14.79 62.39
CA GLN E 82 -3.60 15.00 60.94
C GLN E 82 -4.36 14.01 60.05
N SER E 83 -5.36 14.51 59.33
CA SER E 83 -6.22 13.69 58.48
C SER E 83 -5.46 13.00 57.37
N GLN E 84 -5.88 11.79 57.05
CA GLN E 84 -5.28 11.06 55.96
C GLN E 84 -6.12 11.34 54.72
N LYS E 85 -7.41 11.09 54.85
CA LYS E 85 -8.39 11.36 53.81
C LYS E 85 -9.59 11.89 54.58
N THR E 86 -9.30 12.77 55.53
CA THR E 86 -10.28 13.28 56.49
C THR E 86 -10.89 12.14 57.28
N GLU E 87 -10.08 11.15 57.63
CA GLU E 87 -10.57 9.99 58.36
C GLU E 87 -9.57 9.48 59.41
N ILE E 88 -10.10 8.73 60.37
CA ILE E 88 -9.28 8.18 61.43
C ILE E 88 -9.71 6.75 61.74
N SER E 89 -8.82 5.82 61.41
CA SER E 89 -9.09 4.39 61.60
C SER E 89 -7.87 3.72 62.22
N PHE E 90 -8.08 3.03 63.33
CA PHE E 90 -6.98 2.39 64.03
C PHE E 90 -7.46 1.45 65.13
N ARG E 91 -6.49 0.73 65.69
CA ARG E 91 -6.74 -0.24 66.75
C ARG E 91 -5.94 0.14 68.00
N PRO E 92 -6.44 -0.26 69.17
CA PRO E 92 -5.77 0.06 70.43
C PRO E 92 -4.46 -0.72 70.54
N ASN E 93 -4.51 -2.00 70.18
CA ASN E 93 -3.44 -2.96 70.45
C ASN E 93 -2.07 -2.55 69.90
N ASP E 94 -2.04 -2.01 68.69
CA ASP E 94 -0.77 -1.59 68.10
C ASP E 94 -0.43 -0.14 68.41
N PRO E 95 0.73 0.08 69.04
CA PRO E 95 1.27 1.42 69.22
C PRO E 95 1.48 2.03 67.85
N GLN E 96 1.97 1.22 66.90
CA GLN E 96 2.19 1.73 65.56
C GLN E 96 0.88 2.18 64.91
N SER E 97 -0.21 1.50 65.26
CA SER E 97 -1.53 1.85 64.69
C SER E 97 -1.91 3.30 64.96
N TYR E 98 -1.54 3.81 66.14
CA TYR E 98 -1.89 5.18 66.49
C TYR E 98 -0.72 6.18 66.40
N GLU E 99 0.52 5.68 66.30
CA GLU E 99 1.69 6.55 66.19
C GLU E 99 1.55 7.54 65.02
N SER E 100 0.84 7.11 63.99
CA SER E 100 0.61 7.94 62.82
C SER E 100 -0.10 9.25 63.18
N TYR E 101 -0.96 9.20 64.19
CA TYR E 101 -1.69 10.38 64.65
C TYR E 101 -0.97 11.04 65.83
N VAL E 102 -0.29 10.20 66.61
CA VAL E 102 0.45 10.63 67.79
C VAL E 102 1.58 11.58 67.43
N VAL E 103 2.42 11.16 66.49
CA VAL E 103 3.58 11.95 66.09
C VAL E 103 3.16 13.33 65.54
N SER E 104 2.02 13.38 64.87
CA SER E 104 1.49 14.63 64.33
C SER E 104 0.92 15.50 65.44
N ILE E 105 0.17 14.91 66.37
CA ILE E 105 -0.42 15.68 67.46
C ILE E 105 0.67 16.26 68.38
N VAL E 106 1.70 15.45 68.64
CA VAL E 106 2.87 15.89 69.39
C VAL E 106 3.69 16.94 68.65
N ARG E 107 3.86 16.74 67.34
CA ARG E 107 4.58 17.70 66.51
C ARG E 107 3.91 19.07 66.57
N PHE E 108 2.60 19.10 66.37
CA PHE E 108 1.88 20.36 66.37
C PHE E 108 1.92 20.98 67.74
N LEU E 109 1.62 20.17 68.76
CA LEU E 109 1.58 20.69 70.12
C LEU E 109 2.96 20.90 70.75
N GLU E 110 4.01 20.74 69.95
CA GLU E 110 5.37 21.01 70.42
C GLU E 110 5.58 22.51 70.61
N LYS E 111 4.92 23.30 69.75
CA LYS E 111 4.99 24.75 69.82
C LYS E 111 4.19 25.30 71.00
N TYR E 112 3.36 24.45 71.59
CA TYR E 112 2.50 24.84 72.70
C TYR E 112 3.07 24.38 74.04
N LYS E 113 4.30 23.86 74.02
CA LYS E 113 4.97 23.44 75.24
C LYS E 113 5.07 24.60 76.22
N ASP E 114 4.98 24.31 77.52
CA ASP E 114 5.02 25.36 78.53
C ASP E 114 6.41 25.97 78.67
N LEU E 115 7.42 25.22 78.23
CA LEU E 115 8.77 25.74 78.23
C LEU E 115 8.98 26.67 77.03
N ALA E 116 8.19 26.46 75.98
CA ALA E 116 8.28 27.26 74.76
C ALA E 116 7.70 28.66 74.94
N GLN E 117 6.53 28.73 75.59
CA GLN E 117 5.99 30.01 76.01
C GLN E 117 6.86 30.52 77.15
N LYS E 118 7.42 31.73 76.99
CA LYS E 118 8.35 32.29 77.96
C LYS E 118 8.03 33.73 78.30
N ASP E 119 8.53 34.19 79.45
CA ASP E 119 8.43 35.59 79.80
C ASP E 119 9.35 36.43 78.93
N ASP E 120 9.63 37.66 79.37
CA ASP E 120 10.46 38.60 78.63
C ASP E 120 10.05 38.67 77.16
N MET E 121 8.76 38.86 76.93
CA MET E 121 8.22 39.05 75.58
C MET E 121 8.33 37.76 74.75
N ILE E 122 7.44 37.60 73.78
CA ILE E 122 6.35 38.53 73.53
C ILE E 122 5.07 38.04 74.19
N PHE E 123 5.22 37.09 75.10
CA PHE E 123 4.07 36.50 75.76
C PHE E 123 3.72 37.23 77.04
N GLU E 124 2.42 37.40 77.26
CA GLU E 124 1.89 37.90 78.51
C GLU E 124 0.65 37.11 78.87
N ASP E 125 0.56 36.66 80.12
CA ASP E 125 -0.60 35.90 80.57
C ASP E 125 -1.90 36.62 80.24
N CYS E 126 -2.91 35.86 79.84
CA CYS E 126 -4.23 36.39 79.62
C CYS E 126 -5.19 35.58 80.46
N GLY E 127 -6.43 36.03 80.55
CA GLY E 127 -7.38 35.45 81.49
C GLY E 127 -7.73 33.99 81.25
N ASN E 128 -7.70 33.20 82.31
CA ASN E 128 -8.25 31.85 82.30
C ASN E 128 -9.70 31.93 81.84
N VAL E 129 -10.42 32.89 82.41
CA VAL E 129 -11.72 33.27 81.92
C VAL E 129 -11.52 34.00 80.59
N PRO E 130 -12.40 33.72 79.62
CA PRO E 130 -12.25 34.25 78.26
C PRO E 130 -12.57 35.75 78.16
N SER E 131 -11.63 36.51 77.61
CA SER E 131 -11.64 37.97 77.71
C SER E 131 -12.25 38.73 76.53
N GLU E 132 -12.05 40.05 76.55
CA GLU E 132 -12.58 40.95 75.54
C GLU E 132 -11.65 41.01 74.33
N LEU E 133 -12.16 41.50 73.21
CA LEU E 133 -11.39 41.65 71.97
C LEU E 133 -10.09 42.43 72.22
N LYS E 134 -8.96 41.76 72.06
CA LYS E 134 -7.66 42.38 72.34
C LYS E 134 -6.94 42.82 71.08
N GLU E 135 -6.95 44.13 70.81
CA GLU E 135 -6.23 44.68 69.66
C GLU E 135 -4.90 45.32 70.05
N ARG E 136 -3.81 44.71 69.59
CA ARG E 136 -2.45 45.11 69.94
C ARG E 136 -2.09 46.51 69.44
N GLY E 137 -2.83 46.97 68.44
CA GLY E 137 -2.62 48.31 67.92
C GLY E 137 -2.81 48.40 66.41
N GLU E 138 -2.27 49.47 65.82
CA GLU E 138 -2.35 49.66 64.38
C GLU E 138 -1.44 48.67 63.66
N TYR E 139 -1.66 48.51 62.37
CA TYR E 139 -0.93 47.51 61.60
C TYR E 139 0.45 48.03 61.20
N ASN E 140 0.61 49.35 61.27
CA ASN E 140 1.90 49.98 61.05
C ASN E 140 2.98 49.41 61.97
N ASN E 141 4.24 49.70 61.65
CA ASN E 141 5.34 49.18 62.44
C ASN E 141 5.96 50.24 63.36
N GLU E 142 5.10 51.05 63.98
CA GLU E 142 5.54 52.05 64.95
C GLU E 142 5.94 51.37 66.25
N ARG E 143 5.30 50.24 66.52
CA ARG E 143 5.67 49.39 67.63
C ARG E 143 6.46 48.20 67.11
N GLY E 144 7.27 47.60 67.98
CA GLY E 144 8.07 46.46 67.62
C GLY E 144 7.25 45.18 67.50
N GLU E 145 7.87 44.05 67.82
CA GLU E 145 7.20 42.76 67.78
C GLU E 145 6.10 42.71 68.84
N ARG E 146 4.84 42.75 68.39
CA ARG E 146 3.70 42.92 69.28
C ARG E 146 3.40 41.74 70.19
N LYS E 147 2.70 42.02 71.29
CA LYS E 147 2.42 41.04 72.33
C LYS E 147 1.48 39.92 71.88
N VAL E 148 1.74 38.71 72.37
CA VAL E 148 0.95 37.55 71.99
C VAL E 148 0.45 36.81 73.20
N CYS E 149 -0.86 36.67 73.30
CA CYS E 149 -1.45 35.89 74.38
C CYS E 149 -1.11 34.42 74.20
N ARG E 150 -0.76 33.78 75.31
CA ARG E 150 -0.37 32.38 75.27
C ARG E 150 -1.45 31.45 75.81
N SER E 151 -1.45 30.21 75.30
CA SER E 151 -2.44 29.21 75.67
C SER E 151 -1.75 27.99 76.26
N ARG E 152 -1.93 27.78 77.55
CA ARG E 152 -1.36 26.64 78.24
C ARG E 152 -2.04 25.35 77.82
N LEU E 153 -1.31 24.24 77.91
CA LEU E 153 -1.87 22.96 77.53
C LEU E 153 -2.92 22.49 78.53
N GLU E 154 -2.90 23.09 79.72
CA GLU E 154 -3.82 22.70 80.78
C GLU E 154 -5.27 23.06 80.48
N TRP E 155 -5.48 23.97 79.53
CA TRP E 155 -6.83 24.45 79.25
C TRP E 155 -7.73 23.30 78.79
N LEU E 156 -7.39 22.70 77.65
CA LEU E 156 -8.14 21.54 77.17
C LEU E 156 -7.84 20.38 78.09
N GLY E 157 -8.88 19.67 78.52
CA GLY E 157 -8.70 18.60 79.48
C GLY E 157 -9.89 17.70 79.76
N ASN E 158 -10.40 17.79 80.99
CA ASN E 158 -11.54 17.01 81.50
C ASN E 158 -11.54 15.53 81.10
N CYS E 159 -12.72 14.91 81.12
CA CYS E 159 -12.84 13.46 80.85
C CYS E 159 -12.03 12.66 81.86
N SER E 160 -12.58 12.51 83.07
CA SER E 160 -11.89 11.90 84.20
C SER E 160 -10.58 12.62 84.59
N GLY E 161 -9.44 12.00 84.26
CA GLY E 161 -8.14 12.49 84.68
C GLY E 161 -7.51 13.64 83.91
N LEU E 162 -7.11 13.40 82.66
CA LEU E 162 -6.37 14.37 81.85
C LEU E 162 -6.76 14.31 80.38
N ASN E 163 -6.47 15.38 79.65
CA ASN E 163 -6.41 15.33 78.19
C ASN E 163 -5.05 15.87 77.78
N ASP E 164 -4.59 15.49 76.59
CA ASP E 164 -3.26 15.84 76.06
C ASP E 164 -2.09 15.29 76.90
N GLU E 165 -0.96 14.95 76.28
CA GLU E 165 -0.64 15.23 74.85
C GLU E 165 -0.89 14.07 73.85
N THR E 166 -1.58 13.06 74.36
CA THR E 166 -2.96 12.62 73.96
C THR E 166 -3.36 11.54 74.96
N TYR E 167 -3.47 10.33 74.42
CA TYR E 167 -2.54 9.23 74.66
C TYR E 167 -2.81 8.21 73.59
N GLY E 168 -3.57 7.18 73.91
CA GLY E 168 -3.83 6.14 72.94
C GLY E 168 -4.52 5.02 73.67
N TYR E 169 -5.64 5.38 74.30
CA TYR E 169 -6.50 4.38 74.88
C TYR E 169 -7.75 4.25 74.04
N LYS E 170 -8.19 3.01 73.87
CA LYS E 170 -9.37 2.71 73.07
C LYS E 170 -10.65 3.13 73.76
N ASP E 171 -10.76 2.83 75.05
CA ASP E 171 -11.96 3.06 75.86
C ASP E 171 -12.65 4.39 75.51
N GLY E 172 -13.25 4.43 74.34
CA GLY E 172 -13.91 5.62 73.84
C GLY E 172 -13.26 6.09 72.55
N LYS E 173 -12.13 6.76 72.70
CA LYS E 173 -11.49 7.49 71.61
C LYS E 173 -10.29 8.23 72.16
N PRO E 174 -9.29 8.49 71.31
CA PRO E 174 -8.30 9.52 71.66
C PRO E 174 -8.78 10.91 71.20
N CYS E 175 -8.58 11.91 72.06
CA CYS E 175 -9.02 13.29 71.84
C CYS E 175 -8.76 13.88 70.43
N VAL E 176 -9.79 14.45 69.81
CA VAL E 176 -9.67 15.09 68.49
C VAL E 176 -9.63 16.63 68.55
N ILE E 177 -8.43 17.18 68.55
CA ILE E 177 -8.27 18.60 68.80
C ILE E 177 -8.60 19.43 67.57
N ILE E 178 -9.35 20.52 67.79
CA ILE E 178 -9.90 21.36 66.73
C ILE E 178 -9.36 22.80 66.78
N LYS E 179 -9.15 23.38 65.59
CA LYS E 179 -8.47 24.67 65.41
C LYS E 179 -9.20 25.59 64.43
N LEU E 180 -8.92 26.89 64.51
CA LEU E 180 -9.45 27.84 63.53
C LEU E 180 -8.34 28.49 62.72
N ASN E 181 -8.60 28.73 61.44
CA ASN E 181 -7.66 29.41 60.55
C ASN E 181 -7.24 30.78 61.07
N ARG E 182 -5.97 31.13 60.91
CA ARG E 182 -5.52 32.45 61.36
C ARG E 182 -5.43 33.44 60.20
N VAL E 183 -6.57 34.06 59.91
CA VAL E 183 -6.66 35.09 58.88
C VAL E 183 -6.16 36.42 59.44
N LEU E 184 -5.38 37.14 58.63
CA LEU E 184 -4.78 38.38 59.07
C LEU E 184 -5.82 39.38 59.54
N GLY E 185 -5.59 39.93 60.73
CA GLY E 185 -6.42 40.96 61.32
C GLY E 185 -7.89 40.63 61.39
N PHE E 186 -8.22 39.34 61.50
CA PHE E 186 -9.62 38.94 61.55
C PHE E 186 -10.19 38.97 62.96
N LYS E 187 -11.37 39.58 63.09
CA LYS E 187 -12.05 39.63 64.37
C LYS E 187 -13.33 38.79 64.37
N PRO E 188 -13.32 37.70 65.16
CA PRO E 188 -14.42 36.73 65.29
C PRO E 188 -15.67 37.28 65.97
N LYS E 189 -16.81 37.23 65.27
CA LYS E 189 -18.07 37.75 65.83
C LYS E 189 -19.06 36.64 66.19
N PRO E 190 -19.31 36.46 67.49
CA PRO E 190 -20.36 35.58 68.05
C PRO E 190 -21.77 36.15 67.83
N PRO E 191 -22.71 35.32 67.35
CA PRO E 191 -24.06 35.76 66.99
C PRO E 191 -25.00 35.96 68.17
N LYS E 192 -25.83 37.01 68.14
CA LYS E 192 -26.86 37.22 69.15
C LYS E 192 -28.21 36.81 68.56
N ASN E 193 -29.19 36.55 69.41
CA ASN E 193 -30.30 35.67 69.03
C ASN E 193 -31.66 35.97 69.68
N GLU E 194 -32.80 35.53 69.11
CA GLU E 194 -33.00 34.67 67.91
C GLU E 194 -32.49 35.16 66.53
N SER E 195 -32.21 34.26 65.56
CA SER E 195 -32.36 32.78 65.64
C SER E 195 -31.20 32.02 64.97
N LEU E 196 -30.53 31.14 65.72
CA LEU E 196 -29.30 30.51 65.23
C LEU E 196 -29.24 28.96 65.26
N GLU E 197 -30.32 28.31 65.66
CA GLU E 197 -30.54 26.90 65.31
C GLU E 197 -29.67 25.87 66.06
N THR E 198 -28.55 26.32 66.63
CA THR E 198 -27.68 25.45 67.43
C THR E 198 -27.98 25.58 68.93
N TYR E 199 -27.66 24.53 69.68
CA TYR E 199 -27.83 24.57 71.14
C TYR E 199 -26.49 24.37 71.84
N PRO E 200 -25.56 25.32 71.68
CA PRO E 200 -24.25 25.17 72.33
C PRO E 200 -24.39 25.32 73.83
N VAL E 201 -24.04 24.27 74.56
CA VAL E 201 -24.25 24.19 76.01
C VAL E 201 -23.53 25.28 76.83
N MET E 202 -22.31 24.98 77.26
CA MET E 202 -21.51 25.87 78.11
C MET E 202 -20.89 27.04 77.33
N LYS E 203 -21.69 27.66 76.47
CA LYS E 203 -21.27 28.83 75.70
C LYS E 203 -21.79 30.12 76.32
N TYR E 204 -20.87 31.01 76.70
CA TYR E 204 -21.26 32.33 77.19
C TYR E 204 -21.47 33.26 76.00
N ASN E 205 -22.45 34.15 76.10
CA ASN E 205 -22.85 35.02 74.98
C ASN E 205 -21.73 35.84 74.33
N PRO E 206 -20.97 36.62 75.11
CA PRO E 206 -19.97 37.43 74.42
C PRO E 206 -18.62 36.73 74.29
N TYR E 207 -17.79 37.22 73.38
CA TYR E 207 -16.40 36.79 73.22
C TYR E 207 -16.24 35.28 72.97
N VAL E 208 -17.29 34.64 72.46
CA VAL E 208 -17.26 33.20 72.21
C VAL E 208 -17.24 32.86 70.71
N LEU E 209 -16.61 31.75 70.37
CA LEU E 209 -16.69 31.26 69.01
C LEU E 209 -17.16 29.84 69.08
N PRO E 210 -18.47 29.64 68.91
CA PRO E 210 -19.13 28.34 69.10
C PRO E 210 -18.68 27.25 68.11
N VAL E 211 -18.52 26.02 68.61
CA VAL E 211 -18.27 24.83 67.78
C VAL E 211 -19.04 23.61 68.32
N HIS E 212 -19.94 23.06 67.50
CA HIS E 212 -20.78 21.94 67.93
C HIS E 212 -20.82 20.83 66.87
N CYS E 213 -20.92 19.58 67.30
CA CYS E 213 -20.80 18.43 66.40
C CYS E 213 -22.07 17.58 66.28
N THR E 214 -22.55 17.44 65.05
CA THR E 214 -23.68 16.55 64.75
C THR E 214 -23.28 15.62 63.61
N GLY E 215 -23.73 14.37 63.66
CA GLY E 215 -23.22 13.38 62.74
C GLY E 215 -24.21 12.70 61.82
N LYS E 216 -23.78 12.51 60.58
CA LYS E 216 -24.52 11.73 59.59
C LYS E 216 -25.96 12.20 59.39
N ARG E 217 -26.10 13.26 58.59
CA ARG E 217 -27.41 13.81 58.17
C ARG E 217 -28.37 14.19 59.31
N ASP E 218 -29.65 14.22 59.00
CA ASP E 218 -30.69 14.64 59.95
C ASP E 218 -31.72 13.54 60.23
N GLU E 219 -32.24 12.91 59.17
CA GLU E 219 -33.24 11.86 59.32
C GLU E 219 -32.69 10.62 60.02
N ASP E 220 -31.41 10.35 59.84
CA ASP E 220 -30.75 9.21 60.46
C ASP E 220 -29.55 9.65 61.31
N LYS E 221 -29.84 10.44 62.34
CA LYS E 221 -28.81 10.96 63.24
C LYS E 221 -27.91 9.82 63.74
N GLU E 222 -28.54 8.75 64.19
CA GLU E 222 -27.87 7.58 64.76
C GLU E 222 -27.21 7.86 66.12
N LYS E 223 -27.05 9.16 66.43
CA LYS E 223 -26.51 9.65 67.69
C LYS E 223 -25.36 8.79 68.21
N VAL E 224 -24.43 8.46 67.32
CA VAL E 224 -23.40 7.49 67.65
C VAL E 224 -22.27 8.09 68.51
N GLY E 225 -22.14 9.41 68.48
CA GLY E 225 -21.14 10.09 69.30
C GLY E 225 -21.72 10.95 70.41
N THR E 226 -21.17 10.83 71.63
CA THR E 226 -21.59 11.66 72.75
C THR E 226 -20.94 13.03 72.66
N MET E 227 -21.69 14.07 73.06
CA MET E 227 -21.22 15.45 72.96
C MET E 227 -20.38 15.92 74.17
N GLU E 228 -19.06 15.87 74.03
CA GLU E 228 -18.15 16.42 75.03
C GLU E 228 -16.98 17.16 74.37
N TYR E 229 -16.79 18.41 74.76
CA TYR E 229 -15.67 19.18 74.25
C TYR E 229 -15.05 19.94 75.41
N PHE E 230 -13.83 20.43 75.21
CA PHE E 230 -13.15 21.21 76.26
C PHE E 230 -11.98 22.06 75.74
N GLY E 231 -11.67 23.12 76.51
CA GLY E 231 -10.63 24.07 76.16
C GLY E 231 -10.45 25.20 77.17
N LEU E 232 -10.13 26.39 76.68
CA LEU E 232 -9.89 27.55 77.53
C LEU E 232 -11.15 27.93 78.29
N GLY E 233 -11.04 27.99 79.61
CA GLY E 233 -12.19 28.22 80.46
C GLY E 233 -13.14 27.03 80.45
N GLY E 234 -12.69 25.93 79.87
CA GLY E 234 -13.53 24.76 79.72
C GLY E 234 -14.69 25.00 78.76
N TYR E 235 -14.65 26.16 78.10
CA TYR E 235 -15.68 26.54 77.13
C TYR E 235 -15.33 25.95 75.77
N PRO E 236 -16.31 25.29 75.13
CA PRO E 236 -16.13 24.58 73.84
C PRO E 236 -16.09 25.51 72.63
N GLY E 237 -15.23 26.53 72.67
CA GLY E 237 -15.15 27.49 71.59
C GLY E 237 -13.96 28.42 71.76
N PHE E 238 -13.80 29.36 70.85
CA PHE E 238 -12.61 30.20 70.88
C PHE E 238 -12.90 31.53 71.59
N PRO E 239 -11.96 31.97 72.45
CA PRO E 239 -12.02 33.23 73.18
C PRO E 239 -11.48 34.37 72.34
N LEU E 240 -12.11 35.54 72.44
CA LEU E 240 -11.75 36.66 71.58
C LEU E 240 -10.53 37.43 72.08
N GLN E 241 -9.85 36.88 73.07
CA GLN E 241 -8.71 37.57 73.65
C GLN E 241 -7.42 37.40 72.85
N TYR E 242 -7.36 36.36 72.03
CA TYR E 242 -6.16 36.10 71.24
C TYR E 242 -6.19 36.89 69.94
N TYR E 243 -7.28 36.73 69.19
CA TYR E 243 -7.46 37.44 67.94
C TYR E 243 -7.60 38.95 68.16
N PRO E 244 -7.28 39.78 67.15
CA PRO E 244 -6.84 39.48 65.77
C PRO E 244 -5.36 39.17 65.65
N TYR E 245 -5.03 38.45 64.58
CA TYR E 245 -3.66 38.11 64.27
C TYR E 245 -3.06 39.34 63.63
N TYR E 246 -1.78 39.59 63.91
CA TYR E 246 -1.08 40.70 63.31
C TYR E 246 -0.01 40.23 62.32
N GLY E 247 -0.18 39.04 61.79
CA GLY E 247 0.68 38.55 60.74
C GLY E 247 1.98 37.94 61.25
N LYS E 248 2.47 36.92 60.54
CA LYS E 248 3.69 36.22 60.88
C LYS E 248 4.89 37.17 60.85
N LEU E 249 4.70 38.33 60.20
CA LEU E 249 5.75 39.34 60.10
C LEU E 249 5.76 40.23 61.34
N LEU E 250 4.63 40.83 61.67
CA LEU E 250 4.54 41.76 62.79
C LEU E 250 4.48 40.99 64.10
N GLN E 251 4.00 39.75 64.05
CA GLN E 251 3.91 38.89 65.24
C GLN E 251 4.48 37.47 65.10
N PRO E 252 5.79 37.34 64.84
CA PRO E 252 6.40 36.00 64.82
C PRO E 252 6.19 35.33 66.16
N LYS E 253 6.24 34.01 66.19
CA LYS E 253 6.05 33.26 67.41
C LYS E 253 4.68 33.50 68.06
N TYR E 254 3.75 34.09 67.31
CA TYR E 254 2.37 34.17 67.76
C TYR E 254 1.88 32.74 68.01
N LEU E 255 0.86 32.59 68.84
CA LEU E 255 0.24 31.28 69.01
C LEU E 255 -1.28 31.37 68.86
N GLN E 256 -1.85 30.43 68.13
CA GLN E 256 -3.25 30.46 67.74
C GLN E 256 -4.16 29.73 68.72
N PRO E 257 -5.38 30.26 68.93
CA PRO E 257 -6.37 29.63 69.80
C PRO E 257 -6.58 28.13 69.54
N LEU E 258 -6.84 27.38 70.60
CA LEU E 258 -6.85 25.93 70.55
C LEU E 258 -8.07 25.33 71.27
N MET E 259 -8.76 24.42 70.60
CA MET E 259 -9.95 23.80 71.17
C MET E 259 -9.79 22.29 71.08
N ALA E 260 -10.59 21.54 71.84
CA ALA E 260 -10.51 20.08 71.77
C ALA E 260 -11.88 19.35 71.79
N VAL E 261 -12.08 18.44 70.84
CA VAL E 261 -13.33 17.66 70.73
C VAL E 261 -13.15 16.17 71.04
N GLN E 262 -13.84 15.70 72.07
CA GLN E 262 -13.62 14.33 72.56
C GLN E 262 -14.92 13.51 72.67
N PHE E 263 -14.99 12.44 71.88
CA PHE E 263 -16.14 11.55 71.90
C PHE E 263 -15.92 10.40 72.88
N THR E 264 -16.58 10.50 74.02
CA THR E 264 -16.49 9.47 75.06
C THR E 264 -16.93 8.10 74.57
N ASN E 265 -17.94 8.07 73.70
CA ASN E 265 -18.38 6.82 73.07
C ASN E 265 -18.33 6.95 71.56
N LEU E 266 -18.06 5.85 70.88
CA LEU E 266 -17.87 5.87 69.45
C LEU E 266 -18.06 4.48 68.87
N THR E 267 -19.15 3.83 69.30
CA THR E 267 -19.50 2.44 68.96
C THR E 267 -18.53 1.67 68.06
N MET E 268 -17.78 0.75 68.67
CA MET E 268 -16.68 0.05 68.02
C MET E 268 -17.00 -0.52 66.64
N ASP E 269 -15.96 -0.69 65.83
CA ASP E 269 -16.07 -1.36 64.54
C ASP E 269 -17.12 -0.74 63.61
N THR E 270 -17.13 0.58 63.53
CA THR E 270 -18.03 1.26 62.62
C THR E 270 -17.46 2.63 62.27
N GLU E 271 -17.61 3.02 61.01
CA GLU E 271 -17.25 4.35 60.55
C GLU E 271 -18.50 5.21 60.70
N ILE E 272 -18.32 6.49 61.04
CA ILE E 272 -19.46 7.39 61.20
C ILE E 272 -19.09 8.84 60.93
N ARG E 273 -19.71 9.42 59.91
CA ARG E 273 -19.42 10.78 59.55
C ARG E 273 -19.92 11.73 60.61
N ILE E 274 -19.09 12.70 60.95
CA ILE E 274 -19.46 13.71 61.91
C ILE E 274 -19.07 15.10 61.39
N GLU E 275 -19.92 16.08 61.67
CA GLU E 275 -19.73 17.45 61.20
C GLU E 275 -19.66 18.42 62.37
N CYS E 276 -18.53 19.12 62.46
CA CYS E 276 -18.33 20.15 63.46
C CYS E 276 -18.54 21.55 62.89
N LYS E 277 -19.77 22.07 63.02
CA LYS E 277 -20.09 23.41 62.54
C LYS E 277 -19.61 24.46 63.53
N ALA E 278 -19.13 25.57 63.03
CA ALA E 278 -18.76 26.70 63.87
C ALA E 278 -19.67 27.87 63.55
N TYR E 279 -20.77 27.99 64.28
CA TYR E 279 -21.79 28.98 63.97
C TYR E 279 -21.39 30.42 64.35
N GLY E 280 -21.87 31.37 63.55
CA GLY E 280 -21.57 32.78 63.75
C GLY E 280 -21.82 33.63 62.51
N GLU E 281 -21.82 34.95 62.69
CA GLU E 281 -21.99 35.88 61.57
C GLU E 281 -20.71 35.98 60.77
N ASN E 282 -19.58 35.98 61.48
CA ASN E 282 -18.28 36.11 60.83
C ASN E 282 -17.89 34.87 60.05
N ILE E 283 -18.46 33.74 60.43
CA ILE E 283 -18.14 32.46 59.80
C ILE E 283 -19.18 32.11 58.75
N GLY E 284 -18.75 31.43 57.69
CA GLY E 284 -19.62 31.09 56.59
C GLY E 284 -19.41 29.69 56.07
N TYR E 285 -20.51 29.02 55.75
CA TYR E 285 -20.45 27.69 55.18
C TYR E 285 -20.35 27.76 53.67
N SER E 286 -19.58 26.86 53.08
CA SER E 286 -19.51 26.73 51.63
C SER E 286 -20.06 25.38 51.18
N GLU E 287 -20.73 25.40 50.03
CA GLU E 287 -21.31 24.17 49.52
C GLU E 287 -20.20 23.20 49.15
N LYS E 288 -19.44 23.53 48.10
CA LYS E 288 -18.43 22.61 47.57
C LYS E 288 -17.20 22.49 48.46
N ASP E 289 -16.87 23.54 49.20
CA ASP E 289 -15.80 23.43 50.18
C ASP E 289 -16.41 22.93 51.48
N ARG E 290 -16.17 21.67 51.80
CA ARG E 290 -16.69 21.08 53.03
C ARG E 290 -15.80 21.48 54.20
N PHE E 291 -14.65 22.06 53.88
CA PHE E 291 -13.71 22.48 54.89
C PHE E 291 -13.94 23.91 55.39
N GLN E 292 -14.77 24.67 54.68
CA GLN E 292 -14.97 26.10 54.98
C GLN E 292 -16.12 26.38 55.94
N GLY E 293 -15.80 27.03 57.06
CA GLY E 293 -16.81 27.39 58.03
C GLY E 293 -17.29 26.20 58.85
N ARG E 294 -16.77 25.03 58.52
CA ARG E 294 -17.12 23.80 59.23
C ARG E 294 -15.99 22.78 59.15
N PHE E 295 -16.11 21.70 59.91
CA PHE E 295 -15.09 20.66 59.92
C PHE E 295 -15.68 19.24 59.90
N ASP E 296 -15.64 18.59 58.74
CA ASP E 296 -16.17 17.24 58.59
C ASP E 296 -15.10 16.18 58.76
N VAL E 297 -15.43 15.10 59.46
CA VAL E 297 -14.48 14.00 59.62
C VAL E 297 -15.14 12.64 59.83
N LYS E 298 -14.48 11.62 59.31
CA LYS E 298 -14.92 10.25 59.43
C LYS E 298 -14.17 9.55 60.56
N ILE E 299 -14.92 9.10 61.56
CA ILE E 299 -14.34 8.50 62.73
C ILE E 299 -14.67 7.01 62.81
N GLU E 300 -13.64 6.19 62.95
CA GLU E 300 -13.84 4.75 63.11
C GLU E 300 -12.74 4.08 63.92
N VAL E 301 -13.10 3.59 65.09
CA VAL E 301 -12.16 2.86 65.91
C VAL E 301 -12.52 1.38 65.92
N LYS E 302 -11.50 0.52 65.92
CA LYS E 302 -11.75 -0.91 65.76
C LYS E 302 -10.82 -1.73 66.64
N SER E 303 -11.18 -2.98 66.88
CA SER E 303 -10.34 -3.90 67.61
C SER E 303 -10.43 -5.28 66.96
N PHE F 19 -12.94 43.15 54.69
CA PHE F 19 -13.50 41.79 54.70
C PHE F 19 -14.82 41.71 53.92
N TYR F 20 -14.74 41.92 52.61
CA TYR F 20 -15.91 41.88 51.72
C TYR F 20 -15.45 41.90 50.25
N TYR F 21 -16.27 41.38 49.34
CA TYR F 21 -15.96 41.54 47.91
C TYR F 21 -17.11 42.20 47.14
N ASP F 22 -16.75 43.16 46.28
CA ASP F 22 -17.74 43.86 45.47
C ASP F 22 -18.22 43.03 44.28
N TYR F 23 -17.32 42.28 43.64
CA TYR F 23 -17.74 41.31 42.63
C TYR F 23 -18.61 41.97 41.58
N GLU F 24 -19.88 41.56 41.56
CA GLU F 24 -20.93 42.04 40.65
C GLU F 24 -20.57 43.21 39.72
N THR F 25 -19.93 44.24 40.28
CA THR F 25 -19.62 45.47 39.57
C THR F 25 -18.70 45.27 38.38
N VAL F 26 -17.52 44.73 38.63
CA VAL F 26 -16.52 44.46 37.61
C VAL F 26 -17.03 43.43 36.61
N ARG F 27 -17.80 42.47 37.12
CA ARG F 27 -18.39 41.45 36.28
C ARG F 27 -19.33 42.08 35.28
N ASN F 28 -20.17 42.99 35.76
CA ASN F 28 -21.10 43.73 34.91
C ASN F 28 -20.36 44.60 33.89
N GLY F 29 -19.36 45.33 34.37
CA GLY F 29 -18.58 46.21 33.52
C GLY F 29 -17.88 45.46 32.43
N GLY F 30 -17.20 44.37 32.80
CA GLY F 30 -16.61 43.48 31.84
C GLY F 30 -17.65 42.93 30.88
N LEU F 31 -18.84 42.64 31.38
CA LEU F 31 -19.90 42.04 30.55
C LEU F 31 -20.40 43.02 29.49
N ILE F 32 -20.79 44.22 29.90
CA ILE F 32 -21.21 45.26 28.96
C ILE F 32 -20.07 45.57 27.99
N PHE F 33 -18.84 45.48 28.48
CA PHE F 33 -17.67 45.74 27.65
C PHE F 33 -17.50 44.70 26.55
N ALA F 34 -17.54 43.43 26.94
CA ALA F 34 -17.44 42.33 25.99
C ALA F 34 -18.49 42.54 24.91
N ALA F 35 -19.70 42.88 25.36
CA ALA F 35 -20.82 43.15 24.47
C ALA F 35 -20.52 44.27 23.48
N LEU F 36 -20.01 45.39 23.98
CA LEU F 36 -19.68 46.51 23.11
C LEU F 36 -18.53 46.18 22.16
N ALA F 37 -17.50 45.53 22.69
CA ALA F 37 -16.35 45.10 21.88
C ALA F 37 -16.83 44.25 20.72
N PHE F 38 -17.68 43.29 21.04
CA PHE F 38 -18.22 42.34 20.08
C PHE F 38 -19.12 42.98 19.04
N ILE F 39 -19.99 43.89 19.48
CA ILE F 39 -20.85 44.63 18.56
C ILE F 39 -19.97 45.45 17.61
N VAL F 40 -18.94 46.08 18.17
CA VAL F 40 -17.95 46.81 17.37
C VAL F 40 -17.30 45.92 16.33
N GLY F 41 -16.94 44.71 16.74
CA GLY F 41 -16.39 43.72 15.83
C GLY F 41 -17.31 43.45 14.66
N LEU F 42 -18.57 43.12 14.93
CA LEU F 42 -19.54 42.88 13.86
C LEU F 42 -19.72 44.10 12.98
N ILE F 43 -19.82 45.27 13.61
CA ILE F 43 -20.02 46.54 12.92
C ILE F 43 -18.89 46.84 11.93
N ILE F 44 -17.64 46.71 12.39
CA ILE F 44 -16.48 46.95 11.53
C ILE F 44 -16.37 45.87 10.47
N LEU F 45 -16.81 44.66 10.82
CA LEU F 45 -16.75 43.53 9.91
C LEU F 45 -17.74 43.67 8.77
N LEU F 46 -18.89 44.26 9.04
CA LEU F 46 -19.97 44.39 8.05
C LEU F 46 -19.85 45.65 7.20
N SER F 47 -18.84 46.47 7.47
CA SER F 47 -18.62 47.72 6.75
C SER F 47 -18.38 47.54 5.26
#